data_7V23
#
_entry.id   7V23
#
_cell.length_a   1.00
_cell.length_b   1.00
_cell.length_c   1.00
_cell.angle_alpha   90.00
_cell.angle_beta   90.00
_cell.angle_gamma   90.00
#
_symmetry.space_group_name_H-M   'P 1'
#
loop_
_entity.id
_entity.type
_entity.pdbx_description
1 polymer 'Spike glycoprotein'
2 polymer 'the heavy chain of N12-9 Fab'
3 polymer 'the light chain of N12-9 Fab'
4 branched 2-acetamido-2-deoxy-beta-D-glucopyranose-(1-4)-2-acetamido-2-deoxy-beta-D-glucopyranose
5 non-polymer 2-acetamido-2-deoxy-beta-D-glucopyranose
#
loop_
_entity_poly.entity_id
_entity_poly.type
_entity_poly.pdbx_seq_one_letter_code
_entity_poly.pdbx_strand_id
1 'polypeptide(L)'
;MFVFLVLLPLVSSQCVNLTTRTQLPPAYTNSFTRGVYYPDKVFRSSVLHSTQDLFLPFFSNVTWFHAKRFDNPVLPFNDG
VYFASTEKSNIIRGWIFGTTLDSKTQSLLIVNNATNVVIKVCEFQFCNDPFLGVYYHKNNKSWMESEFRVYSSANNCTFE
YVSQPFLMDLEGKQGNFKNLREFVFKNIDGYFKIYSKHTPINLVRDLPQGFSALEPLVDLPIGINITRFQTLLALHRSYL
TPGDSSSGWTAGAAAYYVGYLQPRTFLLKYNENGTITDAVDCALDPLSETKCTLKSFTVEKGIYQTSNFRVQPTESIVRF
PNITNLCPFGEVFNATRFASVYAWNRKRISNCVADYSVLYNSASFSTFKCYGVSPTKLNDLCFTNVYADSFVIRGDEVRQ
IAPGQTGKIADYNYKLPDDFTGCVIAWNSNNLDSKVGGNYNYLYRLFRKSNLKPFERDISTEIYQAGSTPCNGVEGFNCY
FPLQSYGFQPTNGVGYQPYRVVVLSFELLHAPATVCGPKKSTNLVKNKCVNFNFNGLTGTGVLTESNKKFLPFQQFGRDI
ADTTDAVRDPQTLEILDITPCSFGGVSVITPGTNTSNQVAVLYQDVNCTEVPVAIHADQLTPTWRVYSTGSNVFQTRAGC
LIGAEHVNNSYECDIPIGAGICASYQTQTSQSIIAYTMSLGAENSVAYSNNSIAIPTNFTISVTTEILPVSMTKTSVDCT
MYICGDSTECSNLLLQYGSFCTQLNRALTGIAVEQDKNTQEVFAQVKQIYKTPPIKDFGGFNFSQILPDPSKPSKRSPIE
DLLFNKVTLADAGFIKQYGDCLGDIAARDLICAQKFNGLTVLPPLLTDEMIAQYTSALLAGTITSGWTFGAGPALQIPFP
MQMAYRFNGIGVTQNVLYENQKLIANQFNSAIGKIQDSLSSTPSALGKLQDVVNQNAQALNTLVKQLSSNFGAISSVLND
ILSRLDPPEAEVQIDRLITGRLQSLQTYVTQQLIRAAEIRASANLAATKMSECVLGQSKRVDFCGKGYHLMSFPQSAPHG
VVFLHVTYVPAQEKNFTTAPAICHDGKAHFPREGVFVSNGTHWFVTQRNFYEPQIITTDNTFVSGNCDVVIGIVNNTVYD
PLQPELDSFKEELDKYFKNHTSPDVDLGDISGINASVVNIQKEIDRLNEVAKNLNESLIDLQELGKYEQGSGYIPEAPRD
GQAYVRKDGEWVLLSTFLGRSLEVLFQGPGHHHHHHHHSAWSHPQFEKGGGSGGGGSGGSAWSHPQFEK
;
A,B,C
2 'polypeptide(L)'
;EVQLVESGGGLVKPGGSLRLSCAASEFTFSSYSMNWVRQAPGKGLEWVSSISSSGSQIYYADSVKGRFTISRDNAKKSLY
LQMNSLRVEDTAVYYCATNGGAHSSTWSFYGMDVWGQGTTVTVSS
;
O,Q,S
3 'polypeptide(L)'
;SYELTQPPSVSVSPGQTATITCSGDKLGDKYACWYQQRPGQSPVLVIYQDSKRPSGIPERFSGSNSGNTATLTIGGTQAM
DEAAYFCQAWDSNTGVFGGGTKLTVL
;
P,R,T
#
# COMPACT_ATOMS: atom_id res chain seq x y z
N GLN A 14 14.07 -54.23 41.42
CA GLN A 14 14.83 -53.42 42.38
C GLN A 14 13.86 -52.66 43.27
N CYS A 15 13.99 -51.35 43.15
CA CYS A 15 12.97 -50.40 43.55
C CYS A 15 12.83 -50.35 45.07
N VAL A 16 13.91 -49.96 45.72
CA VAL A 16 13.86 -49.63 47.14
C VAL A 16 13.41 -48.19 47.32
N ASN A 17 12.41 -47.98 48.17
CA ASN A 17 11.86 -46.65 48.40
C ASN A 17 12.45 -46.07 49.68
N LEU A 18 12.91 -44.82 49.59
CA LEU A 18 13.55 -44.14 50.71
C LEU A 18 12.69 -43.06 51.35
N THR A 19 11.73 -42.51 50.63
CA THR A 19 10.99 -41.36 51.12
C THR A 19 10.06 -41.79 52.25
N THR A 20 10.65 -42.04 53.43
CA THR A 20 9.90 -42.54 54.57
C THR A 20 8.86 -41.52 55.04
N ARG A 21 9.32 -40.38 55.56
CA ARG A 21 8.40 -39.34 56.01
C ARG A 21 8.85 -37.92 55.70
N THR A 22 10.10 -37.70 55.29
CA THR A 22 10.67 -36.37 55.17
C THR A 22 9.77 -35.44 54.37
N GLN A 23 9.25 -34.41 55.03
CA GLN A 23 8.24 -33.54 54.44
C GLN A 23 8.49 -32.08 54.82
N LEU A 24 9.74 -31.64 54.73
CA LEU A 24 10.04 -30.24 55.00
C LEU A 24 9.42 -29.34 53.94
N PRO A 25 8.99 -28.14 54.30
CA PRO A 25 8.51 -27.18 53.30
C PRO A 25 9.65 -26.70 52.43
N PRO A 26 9.38 -26.39 51.16
CA PRO A 26 10.47 -26.02 50.23
C PRO A 26 11.12 -24.70 50.63
N ALA A 27 12.41 -24.61 50.31
CA ALA A 27 13.19 -23.40 50.52
C ALA A 27 13.57 -22.81 49.17
N TYR A 28 13.59 -21.49 49.10
CA TYR A 28 13.89 -20.76 47.87
C TYR A 28 15.16 -19.96 48.04
N THR A 29 16.11 -20.15 47.12
CA THR A 29 17.21 -19.22 46.97
C THR A 29 16.87 -18.25 45.85
N ASN A 30 17.82 -17.43 45.42
CA ASN A 30 17.56 -16.39 44.44
C ASN A 30 18.47 -16.57 43.24
N SER A 31 17.89 -16.96 42.10
CA SER A 31 18.61 -17.06 40.84
C SER A 31 18.79 -15.65 40.29
N PHE A 32 19.93 -15.04 40.63
CA PHE A 32 20.15 -13.62 40.41
C PHE A 32 20.00 -13.23 38.95
N THR A 33 20.93 -13.67 38.11
CA THR A 33 20.90 -13.40 36.66
C THR A 33 21.43 -14.67 36.01
N ARG A 34 20.51 -15.56 35.66
CA ARG A 34 20.90 -16.95 35.50
C ARG A 34 19.99 -17.63 34.47
N GLY A 35 20.52 -18.67 33.85
CA GLY A 35 19.75 -19.42 32.88
C GLY A 35 19.45 -18.68 31.60
N VAL A 36 20.41 -17.94 31.08
CA VAL A 36 20.29 -17.26 29.79
C VAL A 36 21.06 -18.09 28.78
N TYR A 37 20.34 -18.77 27.91
CA TYR A 37 20.98 -19.62 26.91
C TYR A 37 21.07 -18.90 25.57
N TYR A 38 21.63 -19.61 24.59
CA TYR A 38 21.64 -19.15 23.21
C TYR A 38 20.34 -19.57 22.56
N PRO A 39 19.36 -18.68 22.44
CA PRO A 39 18.04 -19.12 21.98
C PRO A 39 17.98 -19.17 20.47
N ASP A 40 19.05 -19.65 19.85
CA ASP A 40 19.23 -19.38 18.43
C ASP A 40 20.54 -20.01 18.01
N LYS A 41 20.65 -20.29 16.71
CA LYS A 41 21.82 -20.97 16.15
C LYS A 41 22.61 -20.05 15.23
N VAL A 42 22.50 -18.76 15.44
CA VAL A 42 22.86 -17.76 14.46
C VAL A 42 23.82 -16.77 15.10
N PHE A 43 24.97 -16.58 14.48
CA PHE A 43 26.04 -15.78 15.06
C PHE A 43 25.72 -14.29 14.96
N ARG A 44 26.05 -13.54 16.01
CA ARG A 44 25.78 -12.12 16.07
C ARG A 44 27.05 -11.35 16.41
N SER A 45 27.21 -10.18 15.78
CA SER A 45 28.28 -9.26 16.11
C SER A 45 27.91 -8.46 17.34
N SER A 46 28.63 -7.37 17.62
CA SER A 46 28.32 -6.58 18.81
C SER A 46 27.00 -5.86 18.59
N VAL A 47 25.90 -6.57 18.78
CA VAL A 47 24.56 -6.03 18.57
C VAL A 47 23.72 -6.35 19.79
N LEU A 48 22.77 -5.49 20.08
CA LEU A 48 21.85 -5.68 21.20
C LEU A 48 20.57 -6.24 20.61
N HIS A 49 20.48 -7.56 20.56
CA HIS A 49 19.37 -8.25 19.90
C HIS A 49 18.30 -8.58 20.93
N SER A 50 17.05 -8.23 20.61
CA SER A 50 15.92 -8.46 21.51
C SER A 50 15.27 -9.77 21.10
N THR A 51 15.27 -10.73 22.03
CA THR A 51 14.71 -12.05 21.81
C THR A 51 13.49 -12.27 22.70
N GLN A 52 12.46 -12.90 22.15
CA GLN A 52 11.27 -13.28 22.89
C GLN A 52 11.21 -14.81 22.86
N ASP A 53 11.44 -15.43 24.00
CA ASP A 53 11.47 -16.89 24.12
C ASP A 53 11.25 -17.27 25.58
N LEU A 54 11.23 -18.58 25.84
CA LEU A 54 11.12 -19.07 27.20
C LEU A 54 12.44 -18.86 27.92
N PHE A 55 12.37 -18.22 29.09
CA PHE A 55 13.56 -17.86 29.85
C PHE A 55 13.23 -17.93 31.33
N LEU A 56 14.27 -17.94 32.14
CA LEU A 56 14.09 -17.86 33.59
C LEU A 56 14.19 -16.40 33.99
N PRO A 57 13.10 -15.78 34.43
CA PRO A 57 13.16 -14.35 34.77
C PRO A 57 14.17 -14.07 35.86
N PHE A 58 14.81 -12.91 35.75
CA PHE A 58 15.90 -12.56 36.66
C PHE A 58 15.36 -12.41 38.08
N PHE A 59 16.23 -12.69 39.05
CA PHE A 59 15.92 -12.50 40.46
C PHE A 59 14.63 -13.21 40.85
N SER A 60 14.49 -14.45 40.39
CA SER A 60 13.34 -15.27 40.67
C SER A 60 13.67 -16.27 41.77
N ASN A 61 12.63 -16.68 42.50
CA ASN A 61 12.77 -17.64 43.58
C ASN A 61 12.85 -19.04 42.98
N VAL A 62 14.03 -19.64 43.05
CA VAL A 62 14.26 -20.99 42.54
C VAL A 62 14.39 -21.93 43.72
N THR A 63 13.60 -23.00 43.71
CA THR A 63 13.54 -23.91 44.85
C THR A 63 14.88 -24.60 45.05
N TRP A 64 15.20 -24.89 46.31
CA TRP A 64 16.52 -25.39 46.68
C TRP A 64 16.36 -26.75 47.35
N PHE A 65 16.61 -27.81 46.59
CA PHE A 65 16.61 -29.17 47.10
C PHE A 65 18.03 -29.61 47.41
N HIS A 66 18.16 -30.67 48.20
CA HIS A 66 19.45 -31.06 48.78
C HIS A 66 19.76 -32.53 48.49
N ALA A 67 21.04 -32.83 48.35
CA ALA A 67 21.45 -34.23 48.18
C ALA A 67 21.06 -35.03 49.41
N LYS A 68 21.46 -34.58 50.59
CA LYS A 68 20.94 -35.13 51.83
C LYS A 68 19.45 -34.81 51.94
N ARG A 69 18.78 -35.39 52.94
CA ARG A 69 17.33 -35.26 53.12
C ARG A 69 16.57 -35.95 51.98
N PHE A 70 17.33 -36.56 51.08
CA PHE A 70 16.99 -37.40 49.94
C PHE A 70 16.32 -36.67 48.78
N ASP A 71 15.56 -35.61 49.08
CA ASP A 71 15.14 -34.56 48.13
C ASP A 71 15.09 -35.00 46.67
N ASN A 72 14.31 -36.03 46.33
CA ASN A 72 14.16 -36.29 44.91
C ASN A 72 12.70 -36.27 44.48
N PRO A 73 11.93 -35.22 44.80
CA PRO A 73 10.51 -35.23 44.44
C PRO A 73 10.32 -35.13 42.94
N VAL A 74 9.23 -35.72 42.46
CA VAL A 74 8.85 -35.53 41.08
C VAL A 74 8.25 -34.14 40.94
N LEU A 75 8.82 -33.34 40.08
CA LEU A 75 8.45 -31.94 39.97
C LEU A 75 7.74 -31.67 38.66
N PRO A 76 6.91 -30.63 38.59
CA PRO A 76 6.22 -30.32 37.32
C PRO A 76 7.17 -29.72 36.29
N PHE A 77 7.08 -30.21 35.06
CA PHE A 77 7.81 -29.69 33.92
C PHE A 77 6.89 -28.73 33.17
N ASN A 78 6.77 -27.52 33.70
CA ASN A 78 5.74 -26.59 33.25
C ASN A 78 5.90 -26.23 31.78
N ASP A 79 6.97 -25.52 31.44
CA ASP A 79 7.28 -25.19 30.06
C ASP A 79 8.71 -25.56 29.71
N GLY A 80 9.46 -26.11 30.66
CA GLY A 80 10.89 -26.22 30.55
C GLY A 80 11.51 -25.68 31.82
N VAL A 81 12.57 -26.30 32.30
CA VAL A 81 13.09 -25.98 33.61
C VAL A 81 14.55 -25.55 33.50
N TYR A 82 15.01 -24.85 34.52
CA TYR A 82 16.42 -24.56 34.70
C TYR A 82 16.93 -25.38 35.87
N PHE A 83 17.95 -26.21 35.62
CA PHE A 83 18.49 -27.11 36.62
C PHE A 83 19.93 -26.73 36.92
N ALA A 84 20.22 -26.40 38.17
CA ALA A 84 21.55 -26.04 38.62
C ALA A 84 21.97 -27.00 39.72
N SER A 85 23.27 -27.01 40.04
CA SER A 85 23.81 -28.12 40.80
C SER A 85 25.24 -27.82 41.26
N THR A 86 25.52 -28.02 42.55
CA THR A 86 26.83 -27.64 43.08
C THR A 86 27.85 -28.79 43.02
N GLU A 87 27.63 -29.84 43.82
CA GLU A 87 28.14 -31.19 43.55
C GLU A 87 29.63 -31.23 43.22
N LYS A 88 30.45 -30.99 44.25
CA LYS A 88 31.87 -31.28 44.07
C LYS A 88 32.13 -32.73 43.69
N SER A 89 31.22 -33.65 44.01
CA SER A 89 31.33 -35.05 43.59
C SER A 89 30.15 -35.40 42.69
N ASN A 90 30.39 -36.35 41.78
CA ASN A 90 29.41 -36.70 40.76
C ASN A 90 28.24 -37.47 41.35
N ILE A 91 27.27 -36.75 41.94
CA ILE A 91 26.22 -37.40 42.69
C ILE A 91 24.86 -37.26 42.00
N ILE A 92 24.68 -36.18 41.24
CA ILE A 92 23.51 -36.06 40.38
C ILE A 92 23.84 -36.74 39.06
N ARG A 93 23.04 -37.75 38.71
CA ARG A 93 23.36 -38.62 37.60
C ARG A 93 22.38 -38.51 36.45
N GLY A 94 21.28 -37.79 36.62
CA GLY A 94 20.39 -37.57 35.49
C GLY A 94 18.97 -37.28 35.94
N TRP A 95 18.05 -37.42 34.99
CA TRP A 95 16.67 -37.00 35.14
C TRP A 95 15.78 -37.99 34.40
N ILE A 96 14.52 -38.05 34.81
CA ILE A 96 13.60 -39.05 34.27
C ILE A 96 12.36 -38.42 33.63
N PHE A 97 12.55 -37.32 32.91
CA PHE A 97 11.44 -36.56 32.32
C PHE A 97 10.38 -37.50 31.75
N GLY A 98 9.11 -37.17 32.01
CA GLY A 98 8.03 -37.97 31.47
C GLY A 98 6.70 -37.38 31.84
N THR A 99 5.64 -38.10 31.48
CA THR A 99 4.28 -37.70 31.79
C THR A 99 3.74 -38.43 33.02
N THR A 100 3.71 -39.75 32.96
CA THR A 100 3.22 -40.58 34.05
C THR A 100 4.33 -41.25 34.83
N LEU A 101 5.51 -41.38 34.24
CA LEU A 101 6.64 -42.10 34.85
C LEU A 101 6.25 -43.52 35.20
N ASP A 102 5.49 -44.14 34.29
CA ASP A 102 4.91 -45.45 34.51
C ASP A 102 4.84 -46.20 33.19
N SER A 103 4.25 -47.39 33.23
CA SER A 103 3.94 -48.07 31.98
C SER A 103 2.78 -47.37 31.29
N LYS A 104 2.58 -47.74 30.02
CA LYS A 104 1.53 -47.22 29.13
C LYS A 104 1.83 -45.80 28.63
N THR A 105 2.93 -45.18 29.08
CA THR A 105 3.37 -43.87 28.62
C THR A 105 4.89 -43.84 28.48
N GLN A 106 5.38 -43.45 27.30
CA GLN A 106 6.82 -43.35 27.10
C GLN A 106 7.41 -42.26 27.97
N SER A 107 8.59 -42.52 28.53
CA SER A 107 9.29 -41.56 29.38
C SER A 107 10.75 -41.48 28.96
N LEU A 108 11.37 -40.35 29.28
CA LEU A 108 12.74 -40.06 28.88
C LEU A 108 13.67 -40.23 30.08
N LEU A 109 14.78 -40.94 29.87
CA LEU A 109 15.76 -41.21 30.92
C LEU A 109 17.12 -40.72 30.44
N ILE A 110 17.78 -39.91 31.26
CA ILE A 110 19.13 -39.41 30.97
C ILE A 110 20.02 -39.81 32.13
N VAL A 111 21.12 -40.52 31.83
CA VAL A 111 22.06 -40.99 32.84
C VAL A 111 23.45 -41.00 32.23
N ASN A 112 24.44 -40.53 32.98
CA ASN A 112 25.85 -40.60 32.57
C ASN A 112 26.65 -41.31 33.65
N ASN A 113 27.53 -42.22 33.24
CA ASN A 113 28.23 -43.01 34.26
C ASN A 113 29.46 -42.29 34.81
N ALA A 114 30.56 -42.28 34.04
CA ALA A 114 31.69 -41.42 34.34
C ALA A 114 32.37 -40.98 33.05
N THR A 115 32.10 -41.73 31.97
CA THR A 115 32.76 -41.50 30.69
C THR A 115 31.78 -41.62 29.54
N ASN A 116 30.49 -41.77 29.81
CA ASN A 116 29.49 -41.95 28.77
C ASN A 116 28.13 -41.57 29.32
N VAL A 117 27.33 -40.89 28.51
CA VAL A 117 25.95 -40.54 28.86
C VAL A 117 25.02 -41.39 28.00
N VAL A 118 23.98 -41.94 28.62
CA VAL A 118 23.00 -42.74 27.91
C VAL A 118 21.65 -42.07 28.02
N ILE A 119 20.96 -41.96 26.89
CA ILE A 119 19.62 -41.39 26.81
C ILE A 119 18.69 -42.43 26.22
N LYS A 120 17.57 -42.67 26.90
CA LYS A 120 16.62 -43.67 26.44
C LYS A 120 15.23 -43.10 26.58
N VAL A 121 14.36 -43.44 25.65
CA VAL A 121 12.95 -43.09 25.74
C VAL A 121 12.19 -44.41 25.64
N CYS A 122 11.97 -45.05 26.78
CA CYS A 122 11.24 -46.31 26.79
C CYS A 122 9.99 -46.18 27.66
N GLU A 123 9.23 -47.27 27.65
CA GLU A 123 8.02 -47.35 28.44
C GLU A 123 8.42 -47.78 29.85
N PHE A 124 9.12 -46.87 30.54
CA PHE A 124 9.78 -47.26 31.78
C PHE A 124 8.78 -47.54 32.89
N GLN A 125 9.23 -48.25 33.91
CA GLN A 125 8.41 -48.56 35.07
C GLN A 125 9.10 -47.98 36.30
N PHE A 126 9.44 -46.69 36.20
CA PHE A 126 10.24 -46.00 37.21
C PHE A 126 9.75 -46.27 38.62
N CYS A 127 10.70 -46.21 39.56
CA CYS A 127 10.36 -46.39 40.95
C CYS A 127 9.82 -45.11 41.56
N ASN A 128 9.35 -45.25 42.79
CA ASN A 128 8.97 -44.08 43.57
C ASN A 128 10.20 -43.26 43.96
N ASP A 129 11.33 -43.92 44.21
CA ASP A 129 12.57 -43.25 44.59
C ASP A 129 13.72 -43.75 43.73
N PRO A 130 13.72 -43.40 42.44
CA PRO A 130 14.77 -43.89 41.55
C PRO A 130 16.11 -43.24 41.88
N PHE A 131 17.16 -44.06 41.89
CA PHE A 131 18.51 -43.56 42.14
C PHE A 131 19.50 -44.61 41.67
N LEU A 132 20.78 -44.34 41.89
CA LEU A 132 21.86 -45.22 41.49
C LEU A 132 22.76 -45.49 42.69
N GLY A 133 22.93 -46.77 43.04
CA GLY A 133 23.91 -47.12 44.03
C GLY A 133 25.32 -46.95 43.49
N VAL A 134 26.26 -46.64 44.38
CA VAL A 134 27.64 -46.40 44.00
C VAL A 134 28.54 -47.23 44.93
N TYR A 135 29.50 -47.93 44.33
CA TYR A 135 30.40 -48.80 45.08
C TYR A 135 31.80 -48.73 44.49
N TYR A 136 32.80 -48.82 45.36
CA TYR A 136 34.20 -48.80 44.97
C TYR A 136 34.83 -50.12 45.41
N HIS A 137 35.23 -50.94 44.44
CA HIS A 137 35.91 -52.17 44.80
C HIS A 137 37.32 -51.86 45.27
N LYS A 138 37.81 -52.64 46.22
CA LYS A 138 39.10 -52.34 46.86
C LYS A 138 40.30 -52.62 45.96
N ASN A 139 40.17 -53.50 44.96
CA ASN A 139 41.30 -53.77 44.08
C ASN A 139 41.66 -52.53 43.26
N ASN A 140 40.65 -51.81 42.79
CA ASN A 140 40.83 -50.57 42.03
C ASN A 140 39.83 -49.58 42.62
N LYS A 141 40.29 -48.60 43.38
CA LYS A 141 39.31 -47.60 43.86
C LYS A 141 39.11 -46.53 42.78
N SER A 142 38.41 -46.88 41.70
CA SER A 142 38.14 -45.90 40.61
C SER A 142 36.90 -46.22 39.78
N TRP A 143 36.30 -47.41 39.92
CA TRP A 143 35.20 -47.76 38.97
C TRP A 143 33.78 -47.40 39.42
N MET A 144 33.59 -46.81 40.62
CA MET A 144 32.25 -46.35 41.08
C MET A 144 31.20 -47.28 40.48
N GLU A 145 31.24 -48.56 40.82
CA GLU A 145 30.39 -49.59 40.25
C GLU A 145 28.93 -49.21 40.48
N SER A 146 28.29 -48.67 39.45
CA SER A 146 26.96 -48.09 39.57
C SER A 146 25.89 -49.16 39.34
N GLU A 147 24.92 -49.21 40.25
CA GLU A 147 23.78 -50.10 40.13
C GLU A 147 22.52 -49.29 39.89
N PHE A 148 21.65 -49.81 39.03
CA PHE A 148 20.43 -49.11 38.64
C PHE A 148 19.28 -49.51 39.55
N ARG A 149 18.75 -48.54 40.29
CA ARG A 149 17.52 -48.70 41.06
C ARG A 149 16.48 -47.71 40.58
N VAL A 150 16.45 -47.49 39.27
CA VAL A 150 15.60 -46.48 38.67
C VAL A 150 14.28 -47.11 38.27
N TYR A 151 14.34 -48.20 37.51
CA TYR A 151 13.16 -48.82 36.94
C TYR A 151 13.17 -50.32 37.21
N SER A 152 11.98 -50.90 37.27
CA SER A 152 11.84 -52.35 37.33
C SER A 152 11.70 -52.98 35.96
N SER A 153 11.00 -52.32 35.03
CA SER A 153 10.83 -52.82 33.68
C SER A 153 11.06 -51.70 32.69
N ALA A 154 11.78 -52.00 31.61
CA ALA A 154 11.99 -51.04 30.52
C ALA A 154 12.07 -51.84 29.23
N ASN A 155 11.06 -51.66 28.38
CA ASN A 155 10.96 -52.43 27.15
C ASN A 155 10.14 -51.65 26.13
N ASN A 156 10.22 -52.07 24.88
CA ASN A 156 9.46 -51.49 23.78
C ASN A 156 9.75 -50.00 23.64
N CYS A 157 10.98 -49.70 23.23
CA CYS A 157 11.34 -48.32 23.02
C CYS A 157 12.10 -48.11 21.71
N THR A 158 12.17 -46.84 21.35
CA THR A 158 12.50 -46.39 20.00
C THR A 158 13.77 -45.56 19.92
N PHE A 159 14.07 -44.77 20.95
CA PHE A 159 15.19 -43.83 20.91
C PHE A 159 16.25 -44.26 21.91
N GLU A 160 17.50 -44.26 21.46
CA GLU A 160 18.64 -44.55 22.33
C GLU A 160 19.85 -43.81 21.77
N TYR A 161 20.31 -42.80 22.50
CA TYR A 161 21.42 -41.98 22.05
C TYR A 161 22.55 -42.06 23.06
N VAL A 162 23.79 -42.07 22.56
CA VAL A 162 24.97 -42.29 23.39
C VAL A 162 26.03 -41.27 22.99
N SER A 163 26.63 -40.60 23.98
CA SER A 163 27.66 -39.60 23.75
C SER A 163 28.53 -39.49 24.99
N GLN A 164 29.52 -38.60 24.92
CA GLN A 164 30.35 -38.21 26.04
C GLN A 164 29.46 -37.55 27.10
N PRO A 165 29.71 -37.80 28.39
CA PRO A 165 28.74 -37.37 29.41
C PRO A 165 28.56 -35.87 29.46
N PHE A 166 27.36 -35.47 29.87
CA PHE A 166 27.07 -34.06 30.11
C PHE A 166 27.94 -33.53 31.25
N LEU A 167 28.15 -34.33 32.28
CA LEU A 167 28.89 -33.92 33.45
C LEU A 167 30.29 -34.53 33.49
N LYS A 178 33.24 -25.21 42.91
CA LYS A 178 32.77 -26.53 43.30
C LYS A 178 32.18 -27.28 42.12
N ASN A 179 32.51 -26.84 40.91
CA ASN A 179 31.99 -27.42 39.67
C ASN A 179 30.46 -27.34 39.65
N LEU A 180 29.98 -26.11 39.60
CA LEU A 180 28.56 -25.86 39.39
C LEU A 180 28.19 -26.22 37.95
N ARG A 181 27.06 -26.91 37.79
CA ARG A 181 26.57 -27.28 36.48
C ARG A 181 25.15 -26.75 36.31
N GLU A 182 24.88 -26.21 35.13
CA GLU A 182 23.59 -25.60 34.84
C GLU A 182 22.98 -26.28 33.63
N PHE A 183 21.68 -26.45 33.65
CA PHE A 183 20.97 -27.08 32.54
C PHE A 183 19.69 -26.33 32.27
N VAL A 184 19.28 -26.32 31.00
CA VAL A 184 17.99 -25.80 30.59
C VAL A 184 17.38 -26.83 29.67
N PHE A 185 16.32 -27.49 30.13
CA PHE A 185 15.58 -28.44 29.33
C PHE A 185 14.31 -27.79 28.84
N LYS A 186 13.99 -27.99 27.56
CA LYS A 186 12.72 -27.51 27.04
C LYS A 186 12.23 -28.46 25.96
N ASN A 187 10.92 -28.65 25.93
CA ASN A 187 10.27 -29.59 25.03
C ASN A 187 9.44 -28.75 24.06
N ILE A 188 10.01 -28.44 22.91
CA ILE A 188 9.35 -27.68 21.86
C ILE A 188 9.16 -28.58 20.65
N ASP A 189 7.95 -28.58 20.10
CA ASP A 189 7.55 -29.20 18.83
C ASP A 189 8.30 -30.50 18.53
N GLY A 190 8.15 -31.48 19.41
CA GLY A 190 8.71 -32.79 19.18
C GLY A 190 10.20 -32.90 19.43
N TYR A 191 10.85 -31.80 19.78
CA TYR A 191 12.28 -31.79 20.04
C TYR A 191 12.53 -31.60 21.53
N PHE A 192 13.50 -32.34 22.04
CA PHE A 192 13.99 -32.14 23.40
C PHE A 192 15.33 -31.42 23.32
N LYS A 193 15.37 -30.19 23.83
CA LYS A 193 16.52 -29.33 23.71
C LYS A 193 17.19 -29.19 25.07
N ILE A 194 18.50 -29.40 25.11
CA ILE A 194 19.27 -29.33 26.34
C ILE A 194 20.39 -28.31 26.15
N TYR A 195 20.42 -27.32 27.03
CA TYR A 195 21.48 -26.33 27.07
C TYR A 195 22.21 -26.48 28.39
N SER A 196 23.53 -26.48 28.35
CA SER A 196 24.32 -26.73 29.55
C SER A 196 25.47 -25.76 29.63
N LYS A 197 25.93 -25.54 30.87
CA LYS A 197 27.10 -24.72 31.14
C LYS A 197 27.68 -25.18 32.46
N HIS A 198 28.92 -25.67 32.43
CA HIS A 198 29.59 -26.17 33.61
C HIS A 198 30.66 -25.17 34.03
N THR A 199 30.61 -24.74 35.29
CA THR A 199 31.53 -23.72 35.75
C THR A 199 32.15 -24.10 37.09
N PRO A 200 33.45 -23.88 37.27
CA PRO A 200 34.04 -24.01 38.60
C PRO A 200 33.71 -22.78 39.43
N ILE A 201 33.15 -23.01 40.62
CA ILE A 201 32.61 -21.94 41.45
C ILE A 201 33.34 -21.90 42.78
N ASN A 202 33.54 -20.69 43.30
CA ASN A 202 34.14 -20.49 44.61
C ASN A 202 33.17 -19.98 45.66
N LEU A 203 31.99 -19.51 45.24
CA LEU A 203 31.04 -18.94 46.19
C LEU A 203 30.61 -20.00 47.20
N VAL A 204 30.10 -19.53 48.35
CA VAL A 204 29.94 -20.41 49.50
C VAL A 204 28.87 -21.47 49.25
N ARG A 205 27.63 -21.06 49.04
CA ARG A 205 26.55 -22.05 49.03
C ARG A 205 25.61 -21.92 47.84
N ASP A 206 25.30 -20.71 47.40
CA ASP A 206 24.20 -20.48 46.49
C ASP A 206 24.70 -20.16 45.08
N LEU A 207 23.77 -19.81 44.21
CA LEU A 207 24.11 -19.50 42.83
C LEU A 207 25.00 -18.27 42.78
N PRO A 208 25.95 -18.20 41.84
CA PRO A 208 26.84 -17.03 41.79
C PRO A 208 26.15 -15.84 41.15
N GLN A 209 26.87 -14.73 41.01
CA GLN A 209 26.31 -13.51 40.44
C GLN A 209 26.80 -13.24 39.03
N GLY A 210 28.00 -13.70 38.67
CA GLY A 210 28.55 -13.48 37.35
C GLY A 210 27.67 -14.05 36.25
N PHE A 211 27.45 -13.26 35.21
CA PHE A 211 26.61 -13.71 34.10
C PHE A 211 27.34 -14.78 33.29
N SER A 212 26.62 -15.87 33.01
CA SER A 212 27.15 -16.95 32.17
C SER A 212 26.04 -17.43 31.25
N ALA A 213 26.40 -17.67 29.99
CA ALA A 213 25.43 -17.99 28.95
C ALA A 213 25.49 -19.47 28.63
N LEU A 214 24.38 -20.17 28.82
CA LEU A 214 24.29 -21.58 28.50
C LEU A 214 24.25 -21.77 26.98
N GLU A 215 24.88 -22.84 26.51
CA GLU A 215 24.90 -23.10 25.08
C GLU A 215 24.49 -24.54 24.81
N PRO A 216 23.81 -24.78 23.69
CA PRO A 216 23.14 -26.07 23.50
C PRO A 216 24.09 -27.25 23.48
N LEU A 217 23.62 -28.36 24.03
CA LEU A 217 24.31 -29.65 23.88
C LEU A 217 23.73 -30.45 22.72
N VAL A 218 22.46 -30.79 22.81
CA VAL A 218 21.84 -31.74 21.89
C VAL A 218 20.42 -31.28 21.60
N ASP A 219 19.83 -31.84 20.54
CA ASP A 219 18.43 -31.60 20.20
C ASP A 219 17.84 -32.95 19.79
N LEU A 220 17.32 -33.68 20.77
CA LEU A 220 16.85 -35.03 20.52
C LEU A 220 15.44 -34.99 19.93
N PRO A 221 15.20 -35.63 18.80
CA PRO A 221 13.83 -35.69 18.26
C PRO A 221 12.97 -36.69 19.00
N ILE A 222 12.74 -36.45 20.30
CA ILE A 222 12.07 -37.44 21.12
C ILE A 222 10.58 -37.46 20.80
N GLY A 223 9.95 -36.29 20.73
CA GLY A 223 8.57 -36.19 20.31
C GLY A 223 7.55 -36.75 21.26
N ILE A 224 7.83 -36.80 22.55
CA ILE A 224 6.89 -37.28 23.54
C ILE A 224 6.37 -36.10 24.35
N ASN A 225 5.34 -36.37 25.15
CA ASN A 225 4.79 -35.36 26.05
C ASN A 225 5.49 -35.48 27.41
N ILE A 226 6.03 -34.37 27.89
CA ILE A 226 6.70 -34.32 29.19
C ILE A 226 5.94 -33.32 30.05
N THR A 227 5.55 -33.77 31.25
CA THR A 227 4.85 -32.92 32.20
C THR A 227 5.43 -32.96 33.61
N ARG A 228 6.19 -34.00 33.96
CA ARG A 228 6.76 -34.14 35.29
C ARG A 228 8.20 -34.60 35.13
N PHE A 229 9.01 -34.40 36.17
CA PHE A 229 10.38 -34.85 36.11
C PHE A 229 10.94 -35.06 37.51
N GLN A 230 12.06 -35.76 37.56
CA GLN A 230 12.69 -36.16 38.81
C GLN A 230 14.17 -36.41 38.56
N THR A 231 15.01 -35.98 39.50
CA THR A 231 16.44 -36.14 39.36
C THR A 231 16.88 -37.48 39.93
N LEU A 232 18.00 -37.98 39.42
CA LEU A 232 18.52 -39.30 39.78
C LEU A 232 19.76 -39.12 40.64
N LEU A 233 19.72 -39.68 41.85
CA LEU A 233 20.78 -39.51 42.83
C LEU A 233 21.75 -40.68 42.80
N ALA A 234 22.90 -40.47 43.41
CA ALA A 234 23.92 -41.50 43.59
C ALA A 234 24.15 -41.64 45.09
N LEU A 235 23.69 -42.74 45.67
CA LEU A 235 23.74 -42.95 47.10
C LEU A 235 24.69 -44.09 47.44
N HIS A 236 25.51 -43.87 48.46
CA HIS A 236 26.37 -44.91 49.00
C HIS A 236 25.59 -45.75 50.01
N ARG A 237 26.10 -46.94 50.28
CA ARG A 237 25.56 -47.81 51.32
C ARG A 237 26.51 -47.77 52.51
N SER A 238 26.14 -47.02 53.55
CA SER A 238 26.98 -46.89 54.73
C SER A 238 26.92 -48.11 55.64
N TYR A 239 25.76 -48.74 55.76
CA TYR A 239 25.61 -49.92 56.60
C TYR A 239 24.45 -50.75 56.09
N LEU A 240 24.27 -51.92 56.69
CA LEU A 240 23.28 -52.89 56.21
C LEU A 240 22.59 -53.54 57.40
N THR A 241 21.33 -53.18 57.63
CA THR A 241 20.56 -54.03 58.53
C THR A 241 19.96 -55.20 57.75
N PRO A 242 19.78 -56.36 58.38
CA PRO A 242 19.45 -57.58 57.62
C PRO A 242 18.25 -57.45 56.68
N GLY A 243 17.05 -57.23 57.20
CA GLY A 243 15.99 -56.90 56.27
C GLY A 243 15.48 -55.48 56.43
N ASP A 244 16.01 -54.55 55.64
CA ASP A 244 15.37 -53.25 55.48
C ASP A 244 15.40 -52.80 54.03
N SER A 245 16.56 -53.01 53.39
CA SER A 245 16.89 -52.50 52.05
C SER A 245 16.98 -50.98 52.04
N SER A 246 16.65 -50.34 53.16
CA SER A 246 16.59 -48.89 53.26
C SER A 246 17.42 -48.41 54.44
N SER A 247 18.54 -49.08 54.69
CA SER A 247 19.27 -48.88 55.94
C SER A 247 20.28 -47.75 55.85
N GLY A 248 21.27 -47.89 54.99
CA GLY A 248 22.42 -46.99 55.03
C GLY A 248 22.66 -46.21 53.76
N TRP A 249 21.59 -45.75 53.11
CA TRP A 249 21.71 -45.00 51.87
C TRP A 249 22.09 -43.55 52.19
N THR A 250 23.38 -43.34 52.43
CA THR A 250 23.90 -41.98 52.57
C THR A 250 23.92 -41.30 51.21
N ALA A 251 23.63 -40.01 51.21
CA ALA A 251 23.39 -39.26 49.98
C ALA A 251 24.45 -38.19 49.73
N GLY A 252 25.70 -38.49 50.06
CA GLY A 252 26.79 -37.57 49.76
C GLY A 252 26.54 -36.19 50.33
N ALA A 253 26.94 -35.16 49.59
CA ALA A 253 26.70 -33.79 50.01
C ALA A 253 26.67 -32.92 48.75
N ALA A 254 25.51 -32.37 48.44
CA ALA A 254 25.33 -31.57 47.23
C ALA A 254 24.02 -30.81 47.34
N ALA A 255 23.66 -30.13 46.26
CA ALA A 255 22.46 -29.29 46.23
C ALA A 255 22.12 -29.00 44.79
N TYR A 256 20.83 -29.07 44.46
CA TYR A 256 20.37 -28.76 43.12
C TYR A 256 19.12 -27.88 43.19
N TYR A 257 19.01 -26.97 42.23
CA TYR A 257 17.95 -25.97 42.20
C TYR A 257 17.15 -26.13 40.93
N VAL A 258 15.84 -25.95 41.02
CA VAL A 258 14.93 -26.16 39.89
C VAL A 258 14.12 -24.89 39.68
N GLY A 259 14.42 -24.17 38.60
CA GLY A 259 13.64 -23.02 38.20
C GLY A 259 12.79 -23.33 36.98
N TYR A 260 11.86 -22.43 36.69
CA TYR A 260 10.88 -22.65 35.63
C TYR A 260 10.99 -21.55 34.59
N LEU A 261 11.00 -21.97 33.32
CA LEU A 261 11.11 -21.03 32.21
C LEU A 261 9.76 -20.38 31.94
N GLN A 262 9.76 -19.07 31.77
CA GLN A 262 8.57 -18.33 31.44
C GLN A 262 8.83 -17.56 30.15
N PRO A 263 7.84 -17.44 29.26
CA PRO A 263 8.06 -16.68 28.04
C PRO A 263 8.27 -15.21 28.32
N ARG A 264 9.52 -14.75 28.19
CA ARG A 264 9.86 -13.36 28.43
C ARG A 264 10.63 -12.85 27.22
N THR A 265 10.79 -11.54 27.16
CA THR A 265 11.59 -10.91 26.13
C THR A 265 12.90 -10.49 26.77
N PHE A 266 14.02 -10.89 26.17
CA PHE A 266 15.33 -10.48 26.65
C PHE A 266 16.01 -9.61 25.61
N LEU A 267 17.06 -8.92 26.04
CA LEU A 267 17.89 -8.13 25.13
C LEU A 267 19.30 -8.64 25.38
N LEU A 268 19.77 -9.51 24.50
CA LEU A 268 21.00 -10.27 24.71
C LEU A 268 22.16 -9.53 24.07
N LYS A 269 23.09 -9.04 24.89
CA LYS A 269 24.26 -8.36 24.35
C LYS A 269 25.24 -9.38 23.82
N TYR A 270 25.37 -9.45 22.51
CA TYR A 270 26.35 -10.32 21.90
C TYR A 270 27.71 -9.63 21.89
N ASN A 271 28.75 -10.44 21.91
CA ASN A 271 30.10 -9.90 21.99
C ASN A 271 30.57 -9.60 20.56
N GLU A 272 31.84 -9.27 20.36
CA GLU A 272 32.36 -9.28 19.00
C GLU A 272 32.39 -10.70 18.45
N ASN A 273 32.64 -11.69 19.31
CA ASN A 273 32.79 -13.07 18.91
C ASN A 273 31.49 -13.85 18.90
N GLY A 274 30.40 -13.25 19.37
CA GLY A 274 29.12 -13.92 19.42
C GLY A 274 28.73 -14.50 20.75
N THR A 275 29.49 -14.24 21.81
CA THR A 275 29.14 -14.71 23.14
C THR A 275 28.21 -13.71 23.82
N ILE A 276 27.25 -14.24 24.57
CA ILE A 276 26.25 -13.41 25.25
C ILE A 276 26.87 -12.94 26.57
N THR A 277 27.38 -11.71 26.57
CA THR A 277 28.07 -11.19 27.75
C THR A 277 27.11 -10.61 28.79
N ASP A 278 25.88 -10.31 28.42
CA ASP A 278 24.97 -9.61 29.31
C ASP A 278 23.57 -9.67 28.73
N ALA A 279 22.57 -9.39 29.58
CA ALA A 279 21.18 -9.42 29.15
C ALA A 279 20.35 -8.57 30.10
N VAL A 280 19.16 -8.20 29.64
CA VAL A 280 18.16 -7.53 30.47
C VAL A 280 16.81 -8.19 30.23
N ASP A 281 16.02 -8.32 31.29
CA ASP A 281 14.75 -9.02 31.26
C ASP A 281 13.64 -7.97 31.16
N CYS A 282 13.01 -7.88 29.99
CA CYS A 282 12.07 -6.79 29.74
C CYS A 282 10.95 -6.74 30.77
N ALA A 283 10.31 -7.87 31.03
CA ALA A 283 9.17 -7.91 31.93
C ALA A 283 9.56 -7.84 33.39
N LEU A 284 10.86 -7.80 33.69
CA LEU A 284 11.28 -7.80 35.10
C LEU A 284 10.84 -6.53 35.81
N ASP A 285 11.13 -5.36 35.25
CA ASP A 285 10.81 -4.10 35.91
C ASP A 285 10.86 -2.96 34.89
N PRO A 286 10.32 -1.78 35.24
CA PRO A 286 10.26 -0.70 34.24
C PRO A 286 11.60 -0.32 33.63
N LEU A 287 12.67 -0.30 34.42
CA LEU A 287 13.98 0.06 33.89
C LEU A 287 14.42 -0.93 32.81
N SER A 288 14.26 -2.22 33.07
CA SER A 288 14.64 -3.22 32.07
C SER A 288 13.74 -3.13 30.85
N GLU A 289 12.45 -2.85 31.05
CA GLU A 289 11.57 -2.67 29.90
C GLU A 289 12.03 -1.50 29.04
N THR A 290 12.45 -0.42 29.67
CA THR A 290 12.98 0.72 28.92
C THR A 290 14.25 0.34 28.18
N LYS A 291 15.15 -0.40 28.84
CA LYS A 291 16.37 -0.83 28.17
C LYS A 291 16.05 -1.66 26.94
N CYS A 292 15.05 -2.54 27.04
CA CYS A 292 14.63 -3.30 25.86
C CYS A 292 14.10 -2.39 24.76
N THR A 293 13.13 -1.54 25.09
CA THR A 293 12.46 -0.77 24.05
C THR A 293 13.40 0.24 23.42
N LEU A 294 14.45 0.62 24.12
CA LEU A 294 15.47 1.49 23.61
C LEU A 294 16.64 0.73 22.98
N LYS A 295 16.66 -0.59 23.15
CA LYS A 295 17.69 -1.46 22.60
C LYS A 295 19.09 -0.99 22.99
N SER A 296 19.29 -0.80 24.30
CA SER A 296 20.60 -0.45 24.82
C SER A 296 20.68 -0.85 26.28
N PHE A 297 21.90 -1.06 26.76
CA PHE A 297 22.14 -1.35 28.17
C PHE A 297 22.34 -0.10 29.00
N THR A 298 22.49 1.06 28.37
CA THR A 298 22.59 2.33 29.07
C THR A 298 21.48 3.22 28.55
N VAL A 299 20.72 3.80 29.47
CA VAL A 299 19.64 4.72 29.12
C VAL A 299 20.02 6.09 29.62
N GLU A 300 19.90 7.09 28.75
CA GLU A 300 20.22 8.45 29.13
C GLU A 300 19.07 9.06 29.93
N LYS A 301 19.38 10.12 30.66
CA LYS A 301 18.37 10.81 31.46
C LYS A 301 17.25 11.33 30.55
N GLY A 302 16.02 11.08 30.95
CA GLY A 302 14.88 11.55 30.18
C GLY A 302 13.64 10.77 30.53
N ILE A 303 12.59 11.04 29.76
CA ILE A 303 11.32 10.32 29.84
C ILE A 303 11.13 9.54 28.56
N TYR A 304 10.79 8.26 28.69
CA TYR A 304 10.62 7.39 27.54
C TYR A 304 9.27 6.72 27.63
N GLN A 305 8.65 6.48 26.48
CA GLN A 305 7.38 5.77 26.40
C GLN A 305 7.68 4.32 26.03
N THR A 306 7.22 3.39 26.85
CA THR A 306 7.55 1.99 26.65
C THR A 306 6.38 1.12 26.20
N SER A 307 5.19 1.32 26.76
CA SER A 307 4.07 0.44 26.45
C SER A 307 2.78 1.19 26.69
N ASN A 308 1.67 0.45 26.74
CA ASN A 308 0.33 1.02 26.87
C ASN A 308 -0.46 0.22 27.90
N PHE A 309 -1.13 0.92 28.80
CA PHE A 309 -2.01 0.27 29.77
C PHE A 309 -3.41 0.19 29.20
N ARG A 310 -4.04 -0.98 29.35
CA ARG A 310 -5.43 -1.23 28.96
C ARG A 310 -6.14 -2.14 29.93
N VAL A 311 -7.19 -1.63 30.55
CA VAL A 311 -8.04 -2.46 31.40
C VAL A 311 -8.77 -3.46 30.51
N GLN A 312 -8.72 -4.69 30.89
CA GLN A 312 -9.37 -5.73 30.11
C GLN A 312 -10.80 -5.94 30.59
N PRO A 313 -11.68 -6.43 29.70
CA PRO A 313 -13.04 -6.76 30.14
C PRO A 313 -13.04 -7.92 31.12
N THR A 314 -14.04 -7.92 31.99
CA THR A 314 -14.13 -8.94 33.03
C THR A 314 -15.21 -9.98 32.76
N GLU A 315 -16.29 -9.60 32.09
CA GLU A 315 -17.28 -10.58 31.65
C GLU A 315 -18.01 -10.05 30.43
N SER A 316 -18.71 -10.94 29.75
CA SER A 316 -19.49 -10.61 28.58
C SER A 316 -20.97 -10.50 28.94
N ILE A 317 -21.68 -9.62 28.24
CA ILE A 317 -23.13 -9.53 28.34
C ILE A 317 -23.70 -9.62 26.93
N VAL A 318 -24.50 -10.66 26.68
CA VAL A 318 -25.12 -10.90 25.38
C VAL A 318 -26.60 -10.66 25.57
N ARG A 319 -27.26 -10.08 24.58
CA ARG A 319 -28.61 -9.65 24.86
C ARG A 319 -29.36 -9.18 23.62
N PHE A 320 -30.60 -9.63 23.50
CA PHE A 320 -31.32 -9.79 22.24
C PHE A 320 -32.80 -9.50 22.44
N PRO A 321 -33.59 -9.50 21.36
CA PRO A 321 -35.00 -9.16 21.49
C PRO A 321 -35.76 -10.11 22.40
N ASN A 322 -36.91 -9.64 22.82
CA ASN A 322 -37.62 -10.19 23.96
C ASN A 322 -38.65 -11.18 23.44
N ILE A 323 -38.67 -12.37 24.05
CA ILE A 323 -39.24 -13.60 23.48
C ILE A 323 -40.63 -13.36 22.90
N THR A 324 -40.86 -13.94 21.72
CA THR A 324 -42.04 -13.64 20.93
C THR A 324 -42.76 -14.94 20.58
N ASN A 325 -43.70 -14.85 19.65
CA ASN A 325 -44.48 -16.00 19.24
C ASN A 325 -43.60 -17.23 19.03
N LEU A 326 -44.10 -18.38 19.47
CA LEU A 326 -43.41 -19.64 19.31
C LEU A 326 -43.95 -20.35 18.08
N CYS A 327 -43.08 -21.12 17.44
CA CYS A 327 -43.54 -21.94 16.33
C CYS A 327 -44.65 -22.86 16.83
N PRO A 328 -45.73 -23.00 16.05
CA PRO A 328 -46.75 -23.96 16.45
C PRO A 328 -46.18 -25.35 16.31
N PHE A 329 -45.02 -25.50 16.94
CA PHE A 329 -44.98 -26.75 17.61
C PHE A 329 -46.01 -26.68 18.71
N GLY A 330 -47.30 -26.78 18.30
CA GLY A 330 -48.50 -27.01 19.09
C GLY A 330 -49.57 -27.87 18.41
N GLU A 331 -49.32 -28.50 17.23
CA GLU A 331 -50.44 -28.99 16.41
C GLU A 331 -50.30 -30.36 15.70
N VAL A 332 -49.10 -30.85 15.38
CA VAL A 332 -48.95 -32.02 14.52
C VAL A 332 -48.80 -33.31 15.33
N PHE A 333 -47.73 -33.43 16.13
CA PHE A 333 -47.62 -34.64 16.96
C PHE A 333 -48.82 -34.83 17.88
N ASN A 334 -49.48 -33.76 18.29
CA ASN A 334 -50.73 -33.88 19.03
C ASN A 334 -51.85 -34.57 18.29
N ALA A 335 -51.87 -34.40 16.97
CA ALA A 335 -53.12 -34.41 16.23
C ALA A 335 -54.09 -35.41 16.82
N THR A 336 -55.25 -34.89 17.25
CA THR A 336 -56.29 -35.76 17.80
C THR A 336 -56.47 -37.00 16.96
N ARG A 337 -56.32 -36.84 15.64
CA ARG A 337 -56.14 -37.95 14.72
C ARG A 337 -55.10 -37.57 13.69
N PHE A 338 -54.26 -38.53 13.31
CA PHE A 338 -53.32 -38.36 12.21
C PHE A 338 -53.95 -38.83 10.91
N ALA A 339 -53.55 -38.19 9.81
CA ALA A 339 -53.98 -38.66 8.51
C ALA A 339 -53.26 -39.95 8.16
N SER A 340 -53.81 -40.67 7.19
CA SER A 340 -53.19 -41.90 6.74
C SER A 340 -52.05 -41.62 5.77
N VAL A 341 -51.18 -42.62 5.61
CA VAL A 341 -49.97 -42.43 4.83
C VAL A 341 -50.25 -42.29 3.34
N TYR A 342 -51.37 -42.83 2.85
CA TYR A 342 -51.71 -42.62 1.44
C TYR A 342 -52.02 -41.16 1.15
N ALA A 343 -52.48 -40.41 2.15
CA ALA A 343 -52.83 -38.99 1.99
C ALA A 343 -52.22 -38.18 3.14
N TRP A 344 -50.94 -38.42 3.42
CA TRP A 344 -50.21 -37.67 4.43
C TRP A 344 -50.37 -36.16 4.25
N ASN A 345 -50.24 -35.44 5.36
CA ASN A 345 -50.36 -33.99 5.39
C ASN A 345 -48.99 -33.33 5.27
N ARG A 346 -48.99 -32.12 4.73
CA ARG A 346 -47.76 -31.33 4.56
C ARG A 346 -48.08 -29.90 5.00
N LYS A 347 -47.77 -29.59 6.26
CA LYS A 347 -48.05 -28.28 6.82
C LYS A 347 -46.81 -27.40 6.74
N ARG A 348 -47.00 -26.17 6.29
CA ARG A 348 -45.93 -25.18 6.26
C ARG A 348 -45.90 -24.44 7.59
N ILE A 349 -44.71 -24.20 8.10
CA ILE A 349 -44.49 -23.39 9.29
C ILE A 349 -43.47 -22.31 8.94
N SER A 350 -43.80 -21.06 9.27
CA SER A 350 -42.92 -19.95 8.94
C SER A 350 -43.18 -18.79 9.88
N ASN A 351 -42.19 -17.90 9.97
CA ASN A 351 -42.26 -16.69 10.78
C ASN A 351 -42.52 -17.01 12.25
N CYS A 352 -41.59 -17.76 12.84
CA CYS A 352 -41.66 -18.09 14.26
C CYS A 352 -40.30 -18.61 14.70
N VAL A 353 -40.14 -18.78 16.00
CA VAL A 353 -38.91 -19.27 16.59
C VAL A 353 -39.07 -20.74 16.91
N ALA A 354 -38.13 -21.56 16.44
CA ALA A 354 -38.24 -23.01 16.52
C ALA A 354 -37.31 -23.52 17.61
N ASP A 355 -37.89 -23.93 18.75
CA ASP A 355 -37.13 -24.55 19.83
C ASP A 355 -37.05 -26.04 19.56
N TYR A 356 -35.94 -26.49 19.00
CA TYR A 356 -35.74 -27.92 18.80
C TYR A 356 -35.20 -28.61 20.05
N SER A 357 -34.76 -27.84 21.04
CA SER A 357 -34.22 -28.42 22.25
C SER A 357 -35.26 -29.22 23.02
N VAL A 358 -36.49 -28.71 23.10
CA VAL A 358 -37.53 -29.41 23.86
C VAL A 358 -37.83 -30.77 23.23
N LEU A 359 -38.03 -30.80 21.92
CA LEU A 359 -38.35 -32.06 21.25
C LEU A 359 -37.15 -33.00 21.26
N TYR A 360 -35.94 -32.47 21.13
CA TYR A 360 -34.75 -33.31 21.15
C TYR A 360 -34.54 -33.94 22.52
N ASN A 361 -34.80 -33.17 23.58
CA ASN A 361 -34.67 -33.69 24.94
C ASN A 361 -35.80 -34.64 25.29
N SER A 362 -36.96 -34.49 24.65
CA SER A 362 -38.10 -35.36 24.93
C SER A 362 -37.75 -36.81 24.63
N ALA A 363 -38.08 -37.70 25.56
CA ALA A 363 -37.84 -39.12 25.41
C ALA A 363 -39.00 -39.85 24.77
N SER A 364 -40.07 -39.13 24.40
CA SER A 364 -41.27 -39.76 23.85
C SER A 364 -41.08 -40.25 22.41
N PHE A 365 -39.99 -39.89 21.76
CA PHE A 365 -39.77 -40.26 20.37
C PHE A 365 -39.00 -41.57 20.29
N SER A 366 -39.56 -42.54 19.57
CA SER A 366 -38.87 -43.81 19.38
C SER A 366 -37.61 -43.66 18.55
N THR A 367 -37.67 -42.90 17.46
CA THR A 367 -36.51 -42.68 16.62
C THR A 367 -36.36 -41.20 16.34
N PHE A 368 -35.10 -40.77 16.18
CA PHE A 368 -34.79 -39.37 15.86
C PHE A 368 -33.49 -39.37 15.07
N LYS A 369 -33.60 -39.33 13.74
CA LYS A 369 -32.45 -39.31 12.85
C LYS A 369 -32.42 -37.97 12.12
N CYS A 370 -31.30 -37.27 12.23
CA CYS A 370 -31.09 -36.01 11.55
C CYS A 370 -29.91 -36.15 10.59
N TYR A 371 -30.04 -35.52 9.42
CA TYR A 371 -28.97 -35.48 8.44
C TYR A 371 -28.44 -34.06 8.33
N GLY A 372 -27.12 -33.94 8.15
CA GLY A 372 -26.48 -32.65 8.01
C GLY A 372 -25.94 -32.05 9.30
N VAL A 373 -26.82 -31.66 10.21
CA VAL A 373 -26.44 -30.88 11.38
C VAL A 373 -26.90 -31.59 12.64
N SER A 374 -26.04 -31.57 13.67
CA SER A 374 -26.38 -32.13 14.95
C SER A 374 -27.61 -31.41 15.53
N PRO A 375 -28.47 -32.14 16.24
CA PRO A 375 -29.72 -31.52 16.73
C PRO A 375 -29.51 -30.37 17.70
N THR A 376 -28.33 -30.24 18.29
CA THR A 376 -28.09 -29.19 19.27
C THR A 376 -27.63 -27.87 18.66
N LYS A 377 -27.30 -27.84 17.37
CA LYS A 377 -26.86 -26.61 16.73
C LYS A 377 -27.99 -25.88 16.02
N LEU A 378 -29.17 -26.49 15.91
CA LEU A 378 -30.29 -25.86 15.22
C LEU A 378 -30.71 -24.56 15.88
N ASN A 379 -30.42 -24.37 17.16
CA ASN A 379 -30.71 -23.11 17.83
C ASN A 379 -29.99 -21.94 17.18
N ASP A 380 -28.77 -22.14 16.70
CA ASP A 380 -27.98 -21.10 16.05
C ASP A 380 -28.33 -20.93 14.58
N LEU A 381 -28.69 -22.01 13.90
CA LEU A 381 -28.91 -21.99 12.46
C LEU A 381 -30.26 -21.38 12.12
N CYS A 382 -30.35 -20.82 10.91
CA CYS A 382 -31.56 -20.17 10.43
C CYS A 382 -32.00 -20.80 9.11
N PHE A 383 -33.30 -20.74 8.86
CA PHE A 383 -33.88 -21.29 7.64
C PHE A 383 -34.92 -20.31 7.11
N THR A 384 -35.24 -20.48 5.82
CA THR A 384 -36.28 -19.66 5.21
C THR A 384 -37.67 -20.20 5.51
N ASN A 385 -37.84 -21.53 5.47
CA ASN A 385 -39.12 -22.16 5.68
C ASN A 385 -38.88 -23.57 6.22
N VAL A 386 -39.93 -24.14 6.82
CA VAL A 386 -39.91 -25.52 7.31
C VAL A 386 -41.24 -26.18 6.97
N TYR A 387 -41.19 -27.42 6.49
CA TYR A 387 -42.38 -28.19 6.17
C TYR A 387 -42.43 -29.44 7.04
N ALA A 388 -43.63 -29.80 7.49
CA ALA A 388 -43.83 -30.95 8.36
C ALA A 388 -44.66 -31.99 7.62
N ASP A 389 -44.04 -33.12 7.28
CA ASP A 389 -44.73 -34.22 6.61
C ASP A 389 -45.19 -35.22 7.66
N SER A 390 -46.49 -35.27 7.92
CA SER A 390 -47.06 -36.07 8.99
C SER A 390 -47.90 -37.19 8.42
N PHE A 391 -47.68 -38.41 8.90
CA PHE A 391 -48.46 -39.57 8.48
C PHE A 391 -48.25 -40.68 9.50
N VAL A 392 -48.97 -41.78 9.31
CA VAL A 392 -48.89 -42.95 10.16
C VAL A 392 -48.41 -44.13 9.34
N ILE A 393 -47.38 -44.81 9.83
CA ILE A 393 -46.87 -46.02 9.18
C ILE A 393 -46.66 -47.10 10.23
N ARG A 394 -46.13 -48.23 9.82
CA ARG A 394 -45.74 -49.30 10.74
C ARG A 394 -44.25 -49.20 11.02
N GLY A 395 -43.83 -49.86 12.10
CA GLY A 395 -42.41 -49.86 12.44
C GLY A 395 -41.56 -50.54 11.39
N ASP A 396 -42.09 -51.59 10.77
CA ASP A 396 -41.37 -52.28 9.70
C ASP A 396 -41.18 -51.38 8.48
N GLU A 397 -42.03 -50.38 8.30
CA GLU A 397 -41.91 -49.43 7.20
C GLU A 397 -41.12 -48.18 7.57
N VAL A 398 -40.65 -48.08 8.81
CA VAL A 398 -39.91 -46.89 9.23
C VAL A 398 -38.59 -46.77 8.49
N ARG A 399 -38.01 -47.90 8.07
CA ARG A 399 -36.75 -47.88 7.33
C ARG A 399 -36.91 -47.21 5.97
N GLN A 400 -38.13 -47.11 5.44
CA GLN A 400 -38.35 -46.54 4.12
C GLN A 400 -38.09 -45.05 4.06
N ILE A 401 -38.05 -44.36 5.19
CA ILE A 401 -37.86 -42.90 5.22
C ILE A 401 -36.35 -42.67 5.21
N ALA A 402 -35.77 -42.70 4.01
CA ALA A 402 -34.33 -42.55 3.80
C ALA A 402 -34.07 -42.32 2.32
N PRO A 403 -33.07 -41.51 1.98
CA PRO A 403 -32.78 -41.27 0.56
C PRO A 403 -32.41 -42.56 -0.16
N GLY A 404 -32.85 -42.67 -1.41
CA GLY A 404 -32.50 -43.81 -2.25
C GLY A 404 -32.95 -45.15 -1.72
N GLN A 405 -34.17 -45.22 -1.18
CA GLN A 405 -34.71 -46.46 -0.62
C GLN A 405 -35.81 -46.99 -1.52
N THR A 406 -35.96 -48.31 -1.52
CA THR A 406 -36.96 -49.00 -2.32
C THR A 406 -37.92 -49.76 -1.42
N GLY A 407 -39.05 -50.17 -2.01
CA GLY A 407 -40.09 -50.84 -1.27
C GLY A 407 -41.46 -50.31 -1.67
N LYS A 408 -42.52 -50.90 -1.12
CA LYS A 408 -43.87 -50.49 -1.49
C LYS A 408 -44.10 -49.03 -1.15
N ILE A 409 -43.70 -48.60 0.06
CA ILE A 409 -43.93 -47.22 0.46
C ILE A 409 -43.08 -46.27 -0.37
N ALA A 410 -41.79 -46.57 -0.53
CA ALA A 410 -40.91 -45.66 -1.25
C ALA A 410 -41.23 -45.61 -2.75
N ASP A 411 -41.94 -46.61 -3.27
CA ASP A 411 -42.20 -46.69 -4.70
C ASP A 411 -43.61 -46.26 -5.09
N TYR A 412 -44.60 -46.47 -4.21
CA TYR A 412 -45.98 -46.13 -4.50
C TYR A 412 -46.54 -45.07 -3.58
N ASN A 413 -45.72 -44.54 -2.68
CA ASN A 413 -46.17 -43.67 -1.61
C ASN A 413 -45.11 -42.59 -1.41
N TYR A 414 -45.13 -41.91 -0.26
CA TYR A 414 -44.12 -40.91 0.07
C TYR A 414 -42.72 -41.42 -0.27
N LYS A 415 -42.02 -40.70 -1.14
CA LYS A 415 -40.69 -41.08 -1.60
C LYS A 415 -39.72 -39.96 -1.23
N LEU A 416 -38.60 -40.31 -0.60
CA LEU A 416 -37.65 -39.28 -0.23
C LEU A 416 -36.68 -39.02 -1.37
N PRO A 417 -36.22 -37.77 -1.52
CA PRO A 417 -35.25 -37.47 -2.58
C PRO A 417 -33.88 -38.03 -2.27
N ASP A 418 -33.07 -38.17 -3.32
CA ASP A 418 -31.71 -38.65 -3.14
C ASP A 418 -30.84 -37.61 -2.45
N ASP A 419 -31.26 -36.34 -2.47
CA ASP A 419 -30.46 -35.22 -1.98
C ASP A 419 -30.71 -34.95 -0.50
N PHE A 420 -30.27 -33.77 -0.04
CA PHE A 420 -30.30 -33.41 1.37
C PHE A 420 -31.67 -33.63 1.98
N THR A 421 -31.68 -34.27 3.15
CA THR A 421 -32.89 -34.52 3.93
C THR A 421 -32.76 -33.78 5.26
N GLY A 422 -33.90 -33.46 5.87
CA GLY A 422 -33.87 -32.79 7.14
C GLY A 422 -33.79 -33.76 8.29
N CYS A 423 -34.81 -33.78 9.15
CA CYS A 423 -34.84 -34.67 10.30
C CYS A 423 -36.12 -35.50 10.27
N VAL A 424 -36.01 -36.75 10.69
CA VAL A 424 -37.14 -37.68 10.72
C VAL A 424 -37.39 -38.07 12.18
N ILE A 425 -38.65 -38.02 12.59
CA ILE A 425 -39.07 -38.34 13.95
C ILE A 425 -40.18 -39.38 13.88
N ALA A 426 -40.08 -40.41 14.73
CA ALA A 426 -41.08 -41.45 14.77
C ALA A 426 -41.24 -41.95 16.21
N TRP A 427 -42.41 -42.53 16.49
CA TRP A 427 -42.69 -43.09 17.80
C TRP A 427 -43.90 -44.01 17.66
N ASN A 428 -43.90 -45.06 18.47
CA ASN A 428 -45.00 -46.03 18.43
C ASN A 428 -46.27 -45.40 18.98
N SER A 429 -47.37 -45.57 18.24
CA SER A 429 -48.67 -45.02 18.63
C SER A 429 -49.71 -46.11 18.80
N ASN A 430 -49.33 -47.22 19.44
CA ASN A 430 -50.29 -48.31 19.65
C ASN A 430 -51.46 -47.86 20.51
N ASN A 431 -51.18 -47.14 21.59
CA ASN A 431 -52.21 -46.75 22.55
C ASN A 431 -53.34 -45.97 21.91
N LEU A 432 -53.03 -45.12 20.93
CA LEU A 432 -54.00 -44.25 20.29
C LEU A 432 -54.54 -44.80 18.98
N ASP A 433 -53.69 -45.40 18.17
CA ASP A 433 -54.05 -45.81 16.81
C ASP A 433 -54.27 -47.30 16.65
N SER A 434 -54.28 -48.06 17.74
CA SER A 434 -54.53 -49.50 17.63
C SER A 434 -55.84 -49.87 18.33
N TYR A 440 -59.16 -50.56 11.05
CA TYR A 440 -58.78 -50.58 9.65
C TYR A 440 -58.86 -49.18 9.04
N ASN A 441 -58.93 -48.17 9.91
CA ASN A 441 -59.12 -46.80 9.43
C ASN A 441 -57.90 -46.30 8.66
N TYR A 442 -56.72 -46.84 8.93
CA TYR A 442 -55.49 -46.42 8.27
C TYR A 442 -55.19 -47.34 7.09
N LEU A 443 -55.04 -46.74 5.92
CA LEU A 443 -54.70 -47.47 4.71
C LEU A 443 -53.35 -47.00 4.19
N TYR A 444 -52.73 -47.83 3.35
CA TYR A 444 -51.49 -47.46 2.68
C TYR A 444 -51.63 -47.73 1.19
N ARG A 445 -51.12 -46.80 0.38
CA ARG A 445 -51.23 -46.90 -1.07
C ARG A 445 -50.44 -48.09 -1.61
N PRO A 482 -55.52 -51.70 -5.10
CA PRO A 482 -54.11 -51.35 -4.88
C PRO A 482 -53.85 -50.75 -3.51
N LEU A 483 -54.92 -50.43 -2.78
CA LEU A 483 -54.82 -49.89 -1.43
C LEU A 483 -55.15 -50.98 -0.42
N GLN A 484 -54.37 -51.07 0.65
CA GLN A 484 -54.53 -52.09 1.66
C GLN A 484 -54.54 -51.46 3.06
N SER A 485 -55.23 -52.12 3.97
CA SER A 485 -55.40 -51.62 5.33
C SER A 485 -54.48 -52.36 6.30
N TYR A 486 -54.06 -51.64 7.33
CA TYR A 486 -53.23 -52.22 8.38
C TYR A 486 -54.09 -53.01 9.36
N GLY A 487 -53.56 -54.14 9.82
CA GLY A 487 -54.22 -54.93 10.83
C GLY A 487 -53.81 -54.51 12.23
N PHE A 488 -54.14 -53.29 12.61
CA PHE A 488 -53.73 -52.73 13.90
C PHE A 488 -54.56 -53.36 15.00
N GLN A 489 -53.96 -54.31 15.72
CA GLN A 489 -54.63 -55.03 16.79
C GLN A 489 -54.08 -54.59 18.13
N PRO A 490 -54.90 -54.05 19.03
CA PRO A 490 -54.38 -53.57 20.32
C PRO A 490 -53.95 -54.71 21.23
N THR A 491 -52.94 -55.46 20.82
CA THR A 491 -52.42 -56.57 21.61
C THR A 491 -50.96 -56.84 21.26
N VAL A 494 -44.34 -56.67 17.61
CA VAL A 494 -44.31 -55.25 17.91
C VAL A 494 -44.27 -54.44 16.62
N GLY A 495 -43.72 -55.04 15.56
CA GLY A 495 -43.57 -54.37 14.29
C GLY A 495 -44.86 -54.09 13.55
N TYR A 496 -45.98 -54.63 14.00
CA TYR A 496 -47.27 -54.37 13.37
C TYR A 496 -48.09 -53.31 14.09
N GLN A 497 -47.58 -52.76 15.19
CA GLN A 497 -48.26 -51.67 15.85
C GLN A 497 -48.11 -50.39 15.03
N PRO A 498 -49.08 -49.47 15.11
CA PRO A 498 -48.97 -48.23 14.35
C PRO A 498 -47.84 -47.35 14.85
N TYR A 499 -47.25 -46.60 13.92
CA TYR A 499 -46.23 -45.62 14.23
C TYR A 499 -46.58 -44.31 13.56
N ARG A 500 -46.43 -43.22 14.28
CA ARG A 500 -46.65 -41.89 13.74
C ARG A 500 -45.28 -41.34 13.34
N VAL A 501 -45.20 -40.72 12.16
CA VAL A 501 -43.94 -40.25 11.62
C VAL A 501 -44.10 -38.80 11.16
N VAL A 502 -43.17 -37.95 11.57
CA VAL A 502 -43.14 -36.55 11.13
C VAL A 502 -41.75 -36.27 10.56
N VAL A 503 -41.71 -35.75 9.34
CA VAL A 503 -40.47 -35.44 8.65
C VAL A 503 -40.33 -33.92 8.58
N LEU A 504 -39.20 -33.42 9.09
CA LEU A 504 -38.91 -31.98 9.08
C LEU A 504 -38.04 -31.68 7.87
N SER A 505 -38.61 -31.02 6.87
CA SER A 505 -37.87 -30.61 5.69
C SER A 505 -37.60 -29.11 5.78
N PHE A 506 -36.35 -28.73 5.57
CA PHE A 506 -35.89 -27.36 5.75
C PHE A 506 -35.71 -26.69 4.39
N GLU A 507 -36.16 -25.45 4.29
CA GLU A 507 -35.91 -24.61 3.12
C GLU A 507 -34.94 -23.52 3.54
N LEU A 508 -33.72 -23.58 3.03
CA LEU A 508 -32.63 -22.73 3.51
C LEU A 508 -32.19 -21.67 2.51
N LEU A 509 -32.85 -21.58 1.35
CA LEU A 509 -32.42 -20.65 0.32
C LEU A 509 -33.59 -19.87 -0.28
N HIS A 510 -34.82 -20.32 -0.03
CA HIS A 510 -35.97 -19.81 -0.76
C HIS A 510 -36.23 -18.32 -0.53
N ALA A 511 -35.88 -17.78 0.64
CA ALA A 511 -36.24 -16.41 0.97
C ALA A 511 -35.37 -15.88 2.10
N PRO A 512 -35.51 -14.61 2.50
CA PRO A 512 -34.86 -14.17 3.74
C PRO A 512 -35.32 -15.00 4.93
N ALA A 513 -34.38 -15.26 5.84
CA ALA A 513 -34.66 -16.14 6.96
C ALA A 513 -35.66 -15.51 7.92
N THR A 514 -36.69 -16.29 8.28
CA THR A 514 -37.68 -15.86 9.25
C THR A 514 -37.91 -16.87 10.37
N VAL A 515 -37.46 -18.11 10.22
CA VAL A 515 -37.56 -19.11 11.27
C VAL A 515 -36.16 -19.37 11.80
N CYS A 516 -35.96 -19.10 13.09
CA CYS A 516 -34.67 -19.29 13.73
C CYS A 516 -34.90 -19.67 15.18
N GLY A 517 -33.86 -20.23 15.78
CA GLY A 517 -33.91 -20.51 17.20
C GLY A 517 -33.92 -19.23 18.00
N PRO A 518 -34.29 -19.32 19.25
CA PRO A 518 -34.26 -18.15 20.13
C PRO A 518 -32.80 -17.81 20.45
N LYS A 519 -32.62 -16.88 21.37
CA LYS A 519 -31.29 -16.38 21.68
C LYS A 519 -31.21 -16.04 23.16
N LYS A 520 -30.38 -16.79 23.88
CA LYS A 520 -30.32 -16.70 25.34
C LYS A 520 -29.76 -15.34 25.75
N SER A 521 -30.45 -14.67 26.66
CA SER A 521 -30.02 -13.40 27.21
C SER A 521 -29.30 -13.61 28.53
N THR A 522 -28.50 -12.62 28.92
CA THR A 522 -27.78 -12.65 30.18
C THR A 522 -28.01 -11.35 30.92
N ASN A 523 -27.75 -11.36 32.22
CA ASN A 523 -27.90 -10.17 33.04
C ASN A 523 -26.89 -9.12 32.62
N LEU A 524 -27.22 -7.87 32.91
CA LEU A 524 -26.39 -6.74 32.52
C LEU A 524 -25.65 -6.25 33.75
N VAL A 525 -24.42 -5.79 33.54
CA VAL A 525 -23.57 -5.26 34.58
C VAL A 525 -23.13 -3.87 34.15
N LYS A 526 -23.24 -2.91 35.06
CA LYS A 526 -22.94 -1.52 34.76
C LYS A 526 -21.66 -1.10 35.45
N ASN A 527 -21.03 -0.05 34.90
CA ASN A 527 -19.85 0.58 35.48
C ASN A 527 -18.67 -0.38 35.58
N LYS A 528 -18.47 -1.20 34.55
CA LYS A 528 -17.29 -2.04 34.44
C LYS A 528 -17.00 -2.26 32.97
N CYS A 529 -15.72 -2.27 32.60
CA CYS A 529 -15.36 -2.54 31.21
C CYS A 529 -15.78 -3.97 30.87
N VAL A 530 -16.78 -4.09 30.01
CA VAL A 530 -17.40 -5.37 29.70
C VAL A 530 -17.46 -5.56 28.21
N ASN A 531 -17.69 -6.80 27.79
CA ASN A 531 -17.77 -7.17 26.39
C ASN A 531 -19.22 -7.46 26.08
N PHE A 532 -19.85 -6.58 25.31
CA PHE A 532 -21.29 -6.65 25.14
C PHE A 532 -21.67 -7.02 23.71
N ASN A 533 -22.94 -7.38 23.54
CA ASN A 533 -23.52 -7.66 22.23
C ASN A 533 -24.99 -7.29 22.32
N PHE A 534 -25.33 -6.09 21.86
CA PHE A 534 -26.69 -5.59 21.86
C PHE A 534 -27.30 -5.83 20.49
N ASN A 535 -28.33 -6.69 20.44
CA ASN A 535 -29.11 -7.00 19.23
C ASN A 535 -28.24 -7.05 17.97
N GLY A 536 -27.06 -7.66 18.10
CA GLY A 536 -26.13 -7.78 17.00
C GLY A 536 -25.08 -6.69 16.91
N LEU A 537 -25.19 -5.64 17.73
CA LEU A 537 -24.18 -4.60 17.79
C LEU A 537 -23.19 -4.94 18.90
N THR A 538 -21.91 -5.05 18.54
CA THR A 538 -20.89 -5.55 19.43
C THR A 538 -19.88 -4.46 19.78
N GLY A 539 -19.13 -4.70 20.85
CA GLY A 539 -18.12 -3.77 21.28
C GLY A 539 -17.78 -3.98 22.75
N THR A 540 -16.81 -3.19 23.21
CA THR A 540 -16.34 -3.24 24.59
C THR A 540 -16.30 -1.85 25.19
N GLY A 541 -16.51 -1.76 26.49
CA GLY A 541 -16.54 -0.48 27.17
C GLY A 541 -17.27 -0.60 28.49
N VAL A 542 -17.55 0.56 29.08
CA VAL A 542 -18.30 0.62 30.33
C VAL A 542 -19.68 1.18 30.04
N LEU A 543 -20.70 0.57 30.64
CA LEU A 543 -22.10 0.93 30.39
C LEU A 543 -22.63 1.67 31.61
N THR A 544 -23.16 2.87 31.38
CA THR A 544 -23.70 3.70 32.46
C THR A 544 -25.05 4.24 32.05
N GLU A 545 -25.82 4.69 33.04
CA GLU A 545 -27.08 5.35 32.77
C GLU A 545 -26.84 6.68 32.05
N SER A 546 -27.78 7.06 31.20
CA SER A 546 -27.67 8.26 30.39
C SER A 546 -29.00 9.00 30.40
N ASN A 547 -28.94 10.28 30.04
CA ASN A 547 -30.11 11.16 30.06
C ASN A 547 -30.48 11.64 28.67
N LYS A 548 -30.16 10.88 27.65
CA LYS A 548 -30.49 11.23 26.28
C LYS A 548 -31.87 10.70 25.96
N LYS A 549 -32.75 11.56 25.46
CA LYS A 549 -34.12 11.17 25.16
C LYS A 549 -34.18 10.67 23.73
N PHE A 550 -33.87 9.38 23.59
CA PHE A 550 -34.01 8.69 22.33
C PHE A 550 -35.47 8.63 21.90
N LEU A 551 -35.69 8.58 20.59
CA LEU A 551 -37.03 8.43 20.05
C LEU A 551 -37.43 6.95 20.02
N PRO A 552 -38.72 6.65 20.25
CA PRO A 552 -39.14 5.26 20.47
C PRO A 552 -38.64 4.26 19.45
N PHE A 553 -38.32 4.71 18.24
CA PHE A 553 -38.03 3.80 17.13
C PHE A 553 -36.54 3.56 16.93
N GLN A 554 -35.67 4.50 17.31
CA GLN A 554 -34.24 4.29 17.19
C GLN A 554 -33.79 3.22 18.17
N GLN A 555 -32.69 2.54 17.86
CA GLN A 555 -32.20 1.47 18.71
C GLN A 555 -30.82 1.75 19.30
N PHE A 556 -29.96 2.49 18.60
CA PHE A 556 -28.68 2.82 19.16
C PHE A 556 -28.25 4.19 18.67
N GLY A 557 -27.51 4.89 19.53
CA GLY A 557 -27.05 6.24 19.24
C GLY A 557 -25.58 6.23 18.91
N ARG A 558 -25.15 7.26 18.19
CA ARG A 558 -23.80 7.34 17.67
C ARG A 558 -23.43 8.79 17.42
N ASP A 559 -22.27 9.19 17.92
CA ASP A 559 -21.89 10.59 18.01
C ASP A 559 -21.31 11.03 16.67
N ILE A 560 -20.69 12.21 16.64
CA ILE A 560 -19.95 12.64 15.48
C ILE A 560 -18.89 11.60 15.15
N ALA A 561 -18.54 11.50 13.87
CA ALA A 561 -17.42 10.68 13.42
C ALA A 561 -17.69 9.18 13.63
N ASP A 562 -18.97 8.81 13.60
CA ASP A 562 -19.39 7.41 13.46
C ASP A 562 -18.83 6.54 14.59
N THR A 563 -19.19 6.91 15.81
CA THR A 563 -18.83 6.12 16.98
C THR A 563 -20.07 5.94 17.85
N THR A 564 -20.41 4.69 18.15
CA THR A 564 -21.54 4.42 19.01
C THR A 564 -21.29 5.00 20.40
N ASP A 565 -22.20 5.86 20.87
CA ASP A 565 -22.10 6.47 22.18
C ASP A 565 -23.16 6.01 23.15
N ALA A 566 -24.31 5.57 22.66
CA ALA A 566 -25.34 5.03 23.53
C ALA A 566 -26.05 3.92 22.78
N VAL A 567 -26.63 3.01 23.55
CA VAL A 567 -27.50 1.98 23.01
C VAL A 567 -28.74 1.96 23.87
N ARG A 568 -29.88 1.63 23.28
CA ARG A 568 -31.04 1.29 24.07
C ARG A 568 -31.04 -0.21 24.17
N ASP A 569 -31.81 -0.70 25.09
CA ASP A 569 -31.46 -1.95 25.68
C ASP A 569 -32.37 -3.08 25.22
N PRO A 570 -31.78 -4.21 24.73
CA PRO A 570 -32.25 -5.55 25.09
C PRO A 570 -31.89 -5.89 26.55
N GLN A 571 -32.73 -6.79 27.14
CA GLN A 571 -33.27 -6.89 28.57
C GLN A 571 -33.19 -5.78 29.71
N THR A 572 -33.50 -4.45 29.39
CA THR A 572 -34.32 -3.48 30.21
C THR A 572 -35.01 -2.27 29.54
N LEU A 573 -34.94 -2.05 28.20
CA LEU A 573 -35.48 -0.87 27.48
C LEU A 573 -34.95 0.49 27.94
N GLU A 574 -34.02 0.52 28.88
CA GLU A 574 -33.38 1.76 29.30
C GLU A 574 -32.29 2.15 28.30
N ILE A 575 -31.81 3.38 28.38
CA ILE A 575 -30.81 3.90 27.44
C ILE A 575 -29.46 3.95 28.14
N LEU A 576 -28.53 3.12 27.68
CA LEU A 576 -27.22 3.01 28.29
C LEU A 576 -26.18 3.77 27.48
N ASP A 577 -25.49 4.68 28.14
CA ASP A 577 -24.33 5.34 27.56
C ASP A 577 -23.15 4.39 27.58
N ILE A 578 -22.32 4.45 26.55
CA ILE A 578 -21.11 3.65 26.47
C ILE A 578 -19.91 4.59 26.50
N THR A 579 -18.94 4.27 27.37
CA THR A 579 -17.70 5.01 27.50
C THR A 579 -16.54 4.03 27.36
N PRO A 580 -15.56 4.30 26.52
CA PRO A 580 -14.44 3.37 26.37
C PRO A 580 -13.70 3.20 27.69
N CYS A 581 -13.35 1.96 28.03
CA CYS A 581 -12.70 1.74 29.30
C CYS A 581 -11.25 2.19 29.23
N SER A 582 -10.73 2.59 30.39
CA SER A 582 -9.55 3.46 30.45
C SER A 582 -8.34 2.82 29.81
N PHE A 583 -7.53 3.66 29.16
CA PHE A 583 -6.29 3.24 28.54
C PHE A 583 -5.38 4.44 28.40
N GLY A 584 -4.13 4.17 28.08
CA GLY A 584 -3.15 5.23 27.91
C GLY A 584 -1.76 4.67 27.89
N GLY A 585 -0.82 5.52 27.51
CA GLY A 585 0.57 5.12 27.45
C GLY A 585 1.22 5.05 28.81
N VAL A 586 2.34 4.34 28.86
CA VAL A 586 3.14 4.20 30.07
C VAL A 586 4.52 4.77 29.77
N SER A 587 4.96 5.70 30.62
CA SER A 587 6.24 6.37 30.43
C SER A 587 7.12 6.16 31.65
N VAL A 588 8.42 6.16 31.42
CA VAL A 588 9.42 5.80 32.42
C VAL A 588 10.33 6.98 32.67
N ILE A 589 10.35 7.47 33.90
CA ILE A 589 11.23 8.56 34.32
C ILE A 589 12.50 7.93 34.85
N THR A 590 13.64 8.29 34.28
CA THR A 590 14.88 7.74 34.79
C THR A 590 15.99 8.77 34.84
N PRO A 591 16.80 8.75 35.90
CA PRO A 591 17.99 9.61 35.90
C PRO A 591 19.06 9.13 34.96
N GLY A 592 19.16 7.83 34.74
CA GLY A 592 20.18 7.24 33.89
C GLY A 592 20.88 6.11 34.63
N THR A 593 21.20 5.05 33.88
CA THR A 593 21.94 3.93 34.46
C THR A 593 23.31 4.34 34.95
N ASN A 594 23.83 5.48 34.50
CA ASN A 594 25.10 5.99 34.98
C ASN A 594 24.99 6.68 36.33
N THR A 595 23.77 6.92 36.82
CA THR A 595 23.57 7.53 38.13
C THR A 595 22.88 6.59 39.10
N SER A 596 21.69 6.09 38.76
CA SER A 596 20.98 5.20 39.65
C SER A 596 20.00 4.37 38.84
N ASN A 597 19.58 3.26 39.42
CA ASN A 597 18.55 2.41 38.83
C ASN A 597 17.16 2.78 39.29
N GLN A 598 17.03 3.86 40.07
CA GLN A 598 15.73 4.33 40.50
C GLN A 598 14.93 4.83 39.31
N VAL A 599 13.62 4.56 39.33
CA VAL A 599 12.74 4.86 38.22
C VAL A 599 11.38 5.28 38.76
N ALA A 600 10.77 6.26 38.09
CA ALA A 600 9.37 6.60 38.29
C ALA A 600 8.61 6.30 37.02
N VAL A 601 7.38 5.82 37.17
CA VAL A 601 6.55 5.41 36.05
C VAL A 601 5.33 6.33 36.00
N LEU A 602 5.02 6.82 34.82
CA LEU A 602 3.89 7.72 34.61
C LEU A 602 2.85 7.04 33.73
N TYR A 603 1.63 6.93 34.26
CA TYR A 603 0.50 6.45 33.49
C TYR A 603 -0.26 7.67 32.98
N GLN A 604 -0.40 7.79 31.67
CA GLN A 604 -0.53 9.11 31.07
C GLN A 604 -1.90 9.74 31.22
N ASP A 605 -2.99 8.97 31.20
CA ASP A 605 -4.30 9.61 31.25
C ASP A 605 -5.26 8.82 32.13
N VAL A 606 -4.80 8.37 33.29
CA VAL A 606 -5.61 7.46 34.09
C VAL A 606 -5.62 7.89 35.55
N ASN A 607 -6.79 7.73 36.17
CA ASN A 607 -7.00 8.01 37.58
C ASN A 607 -6.30 6.96 38.44
N CYS A 608 -5.89 7.36 39.65
CA CYS A 608 -5.16 6.47 40.55
C CYS A 608 -6.13 5.58 41.33
N THR A 609 -6.85 4.74 40.58
CA THR A 609 -7.78 3.79 41.17
C THR A 609 -7.61 2.40 40.59
N GLU A 610 -6.78 2.26 39.56
CA GLU A 610 -6.51 0.95 38.96
C GLU A 610 -5.01 0.77 38.83
N VAL A 611 -4.51 -0.32 39.40
CA VAL A 611 -3.09 -0.65 39.35
C VAL A 611 -2.73 -1.12 37.95
N SER A 631 6.43 3.11 45.47
CA SER A 631 5.76 2.82 46.72
C SER A 631 4.74 3.90 47.07
N ASN A 632 4.97 5.11 46.56
CA ASN A 632 4.07 6.24 46.76
C ASN A 632 3.42 6.64 45.44
N VAL A 633 2.13 6.96 45.51
CA VAL A 633 1.31 7.28 44.35
C VAL A 633 0.96 8.76 44.42
N PHE A 634 1.21 9.48 43.33
CA PHE A 634 0.90 10.90 43.25
C PHE A 634 0.04 11.18 42.03
N GLN A 635 -1.21 11.55 42.26
CA GLN A 635 -2.12 11.90 41.18
C GLN A 635 -1.80 13.32 40.71
N THR A 636 -1.47 13.46 39.43
CA THR A 636 -1.18 14.76 38.85
C THR A 636 -2.12 15.01 37.69
N ARG A 637 -2.08 16.26 37.20
CA ARG A 637 -2.97 16.67 36.11
C ARG A 637 -2.56 16.06 34.78
N ALA A 638 -1.38 15.46 34.69
CA ALA A 638 -0.96 14.77 33.48
C ALA A 638 -0.97 13.26 33.59
N GLY A 639 -1.54 12.71 34.66
CA GLY A 639 -1.68 11.28 34.80
C GLY A 639 -1.48 10.85 36.23
N CYS A 640 -1.27 9.54 36.41
CA CYS A 640 -0.96 8.98 37.72
C CYS A 640 0.52 8.64 37.74
N LEU A 641 1.26 9.24 38.67
CA LEU A 641 2.71 9.10 38.73
C LEU A 641 3.07 8.31 39.98
N ILE A 642 3.72 7.16 39.80
CA ILE A 642 4.06 6.25 40.88
C ILE A 642 5.57 6.18 40.99
N GLY A 643 6.09 6.32 42.21
CA GLY A 643 7.51 6.26 42.46
C GLY A 643 8.16 7.60 42.70
N ALA A 644 7.39 8.69 42.67
CA ALA A 644 7.92 10.03 42.79
C ALA A 644 7.35 10.72 44.03
N GLU A 645 8.22 11.24 44.87
CA GLU A 645 7.78 11.99 46.03
C GLU A 645 7.45 13.42 45.63
N HIS A 646 6.27 13.89 45.99
CA HIS A 646 5.86 15.25 45.71
C HIS A 646 6.47 16.18 46.74
N VAL A 647 7.17 17.21 46.27
CA VAL A 647 7.85 18.18 47.13
C VAL A 647 7.18 19.53 46.92
N ASN A 648 6.78 20.20 48.01
CA ASN A 648 6.21 21.54 47.85
C ASN A 648 7.17 22.54 47.21
N ASN A 649 8.44 22.54 47.58
CA ASN A 649 9.30 23.61 47.10
C ASN A 649 9.68 23.37 45.65
N SER A 650 9.81 24.46 44.89
CA SER A 650 9.95 24.40 43.45
C SER A 650 11.40 24.58 43.02
N TYR A 651 11.75 23.94 41.91
CA TYR A 651 13.07 24.04 41.33
C TYR A 651 12.94 24.29 39.84
N GLU A 652 14.09 24.50 39.19
CA GLU A 652 14.13 24.64 37.74
C GLU A 652 13.89 23.27 37.10
N CYS A 653 13.17 23.28 35.99
CA CYS A 653 12.69 22.03 35.41
C CYS A 653 13.83 21.22 34.81
N ASP A 654 13.84 19.92 35.09
CA ASP A 654 14.90 19.02 34.62
C ASP A 654 14.37 17.98 33.64
N ILE A 655 13.42 17.15 34.03
CA ILE A 655 12.80 16.19 33.13
C ILE A 655 11.32 16.55 33.04
N PRO A 656 10.82 16.93 31.87
CA PRO A 656 9.43 17.40 31.79
C PRO A 656 8.44 16.27 31.88
N ILE A 657 7.42 16.47 32.72
CA ILE A 657 6.31 15.56 32.85
C ILE A 657 5.11 16.03 32.04
N GLY A 658 4.77 17.30 32.16
CA GLY A 658 3.61 17.86 31.50
C GLY A 658 2.77 18.63 32.51
N ALA A 659 2.03 19.60 32.01
CA ALA A 659 1.14 20.42 32.83
C ALA A 659 1.91 21.21 33.88
N GLY A 660 3.17 21.49 33.61
CA GLY A 660 3.99 22.27 34.51
C GLY A 660 4.64 21.50 35.63
N ILE A 661 4.51 20.18 35.65
CA ILE A 661 5.19 19.35 36.63
C ILE A 661 6.43 18.78 35.96
N CYS A 662 7.56 18.85 36.66
CA CYS A 662 8.78 18.19 36.22
C CYS A 662 9.26 17.28 37.35
N ALA A 663 10.26 16.46 37.05
CA ALA A 663 10.74 15.50 38.03
C ALA A 663 12.18 15.13 37.73
N SER A 664 13.05 15.21 38.74
CA SER A 664 14.46 14.92 38.55
C SER A 664 14.96 14.06 39.71
N TYR A 665 16.16 13.52 39.53
CA TYR A 665 16.86 12.86 40.61
C TYR A 665 17.66 13.91 41.37
N GLN A 666 17.41 14.00 42.68
CA GLN A 666 17.89 15.16 43.42
C GLN A 666 19.37 15.03 43.75
N THR A 667 19.77 13.86 44.24
CA THR A 667 21.14 13.46 44.60
C THR A 667 21.61 14.07 45.93
N GLN A 668 20.89 15.04 46.51
CA GLN A 668 21.40 15.63 47.74
C GLN A 668 20.43 15.48 48.90
N THR A 669 19.21 16.03 48.83
CA THR A 669 18.38 15.96 50.03
C THR A 669 17.56 14.69 50.03
N SER A 670 16.74 14.50 49.00
CA SER A 670 16.09 13.22 48.79
C SER A 670 16.90 12.38 47.82
N GLN A 671 16.67 11.07 47.87
CA GLN A 671 17.40 10.11 47.05
C GLN A 671 16.47 9.37 46.10
N SER A 672 15.36 10.01 45.73
CA SER A 672 14.39 9.43 44.82
C SER A 672 14.11 10.45 43.72
N ILE A 673 13.10 10.18 42.91
CA ILE A 673 12.69 11.08 41.85
C ILE A 673 11.62 12.03 42.39
N ILE A 674 12.03 13.21 42.83
CA ILE A 674 11.06 14.18 43.34
C ILE A 674 10.28 14.76 42.17
N ALA A 675 9.04 15.18 42.43
CA ALA A 675 8.21 15.84 41.44
C ALA A 675 7.69 17.14 42.02
N TYR A 676 7.54 18.16 41.17
CA TYR A 676 7.27 19.50 41.66
C TYR A 676 6.71 20.34 40.53
N THR A 677 6.15 21.48 40.90
CA THR A 677 5.78 22.50 39.92
C THR A 677 7.02 23.33 39.60
N MET A 678 7.36 23.41 38.32
CA MET A 678 8.60 24.07 37.92
C MET A 678 8.53 25.56 38.19
N SER A 679 9.66 26.12 38.62
CA SER A 679 9.76 27.56 38.80
C SER A 679 10.20 28.21 37.50
N LEU A 680 9.77 29.44 37.31
CA LEU A 680 10.10 30.18 36.09
C LEU A 680 11.34 31.03 36.25
N GLY A 681 11.89 31.13 37.46
CA GLY A 681 13.05 31.95 37.73
C GLY A 681 12.85 32.81 38.95
N ALA A 682 13.95 33.39 39.41
CA ALA A 682 13.92 34.23 40.60
C ALA A 682 13.07 35.47 40.35
N GLU A 683 12.26 35.81 41.34
CA GLU A 683 11.47 37.02 41.30
C GLU A 683 12.29 38.19 41.84
N ASN A 684 12.35 39.27 41.07
CA ASN A 684 12.95 40.49 41.60
C ASN A 684 12.13 41.68 41.10
N SER A 685 11.74 42.54 42.03
CA SER A 685 11.09 43.78 41.67
C SER A 685 12.14 44.86 41.41
N VAL A 686 11.73 45.89 40.69
CA VAL A 686 12.57 47.05 40.43
C VAL A 686 11.85 48.27 40.99
N ALA A 687 12.49 48.96 41.94
CA ALA A 687 11.82 50.00 42.71
C ALA A 687 11.66 51.25 41.84
N TYR A 688 11.01 51.03 40.71
CA TYR A 688 10.75 52.06 39.70
C TYR A 688 10.34 53.38 40.33
N SER A 689 10.85 54.47 39.78
CA SER A 689 10.46 55.78 40.29
C SER A 689 10.37 56.79 39.17
N ASN A 690 9.59 57.81 39.47
CA ASN A 690 9.57 59.17 38.93
C ASN A 690 10.93 59.66 38.50
N ASN A 691 11.92 59.59 39.37
CA ASN A 691 13.12 60.38 39.19
C ASN A 691 14.38 59.59 39.48
N SER A 692 14.42 58.32 39.13
CA SER A 692 15.55 57.49 39.49
C SER A 692 15.94 56.59 38.33
N ILE A 693 17.19 56.70 37.88
CA ILE A 693 17.72 55.91 36.76
C ILE A 693 18.91 55.12 37.25
N ALA A 694 19.17 53.98 36.62
CA ALA A 694 20.28 53.14 36.99
C ALA A 694 21.28 52.99 35.84
N ILE A 695 22.55 53.29 36.11
CA ILE A 695 23.59 53.33 35.09
C ILE A 695 24.77 52.50 35.57
N PRO A 696 25.23 51.51 34.80
CA PRO A 696 26.27 50.60 35.29
C PRO A 696 27.65 51.24 35.35
N THR A 697 28.50 50.68 36.23
CA THR A 697 29.83 51.22 36.48
C THR A 697 30.97 50.32 36.03
N ASN A 698 30.82 49.00 36.03
CA ASN A 698 31.74 48.19 35.24
C ASN A 698 30.98 47.68 34.04
N PHE A 699 31.63 46.76 33.35
CA PHE A 699 31.05 45.92 32.34
C PHE A 699 31.74 44.57 32.45
N THR A 700 31.17 43.60 31.79
CA THR A 700 31.87 42.35 31.56
C THR A 700 31.69 41.99 30.10
N ILE A 701 32.79 41.60 29.47
CA ILE A 701 32.78 41.16 28.08
C ILE A 701 32.75 39.65 28.10
N SER A 702 31.71 39.07 27.50
CA SER A 702 31.42 37.67 27.64
C SER A 702 31.34 37.01 26.28
N VAL A 703 31.75 35.75 26.23
CA VAL A 703 31.72 34.96 25.02
C VAL A 703 30.76 33.79 25.22
N THR A 704 29.73 33.73 24.40
CA THR A 704 28.79 32.62 24.40
C THR A 704 28.99 31.83 23.12
N THR A 705 28.63 30.56 23.15
CA THR A 705 28.79 29.68 22.01
C THR A 705 27.42 29.30 21.48
N GLU A 706 27.28 29.32 20.17
CA GLU A 706 26.02 29.02 19.49
C GLU A 706 26.29 28.01 18.38
N ILE A 707 25.53 26.92 18.39
CA ILE A 707 25.84 25.75 17.56
C ILE A 707 24.68 25.53 16.61
N LEU A 708 24.95 25.48 15.31
CA LEU A 708 23.94 25.29 14.30
C LEU A 708 24.34 24.14 13.38
N PRO A 709 23.42 23.27 13.01
CA PRO A 709 23.71 22.31 11.94
C PRO A 709 23.55 22.95 10.58
N VAL A 710 24.37 22.50 9.62
CA VAL A 710 24.40 23.06 8.29
C VAL A 710 24.04 22.03 7.24
N SER A 711 24.54 20.80 7.37
CA SER A 711 24.34 19.77 6.37
C SER A 711 24.12 18.44 7.06
N MET A 712 23.79 17.43 6.27
CA MET A 712 23.65 16.06 6.76
C MET A 712 24.23 15.11 5.73
N THR A 713 24.42 13.86 6.14
CA THR A 713 25.08 12.88 5.30
C THR A 713 24.32 12.69 4.00
N LYS A 714 25.06 12.69 2.89
CA LYS A 714 24.47 12.59 1.56
C LYS A 714 24.27 11.11 1.23
N THR A 715 23.17 10.55 1.72
CA THR A 715 22.89 9.16 1.43
C THR A 715 22.28 9.02 0.04
N SER A 716 22.38 7.81 -0.50
CA SER A 716 21.77 7.50 -1.79
C SER A 716 21.35 6.04 -1.76
N VAL A 717 20.19 5.76 -2.33
CA VAL A 717 19.60 4.43 -2.29
C VAL A 717 19.27 4.03 -3.72
N ASP A 718 19.65 2.81 -4.08
CA ASP A 718 19.27 2.22 -5.36
C ASP A 718 18.04 1.36 -5.11
N CYS A 719 16.87 1.78 -5.61
CA CYS A 719 15.69 0.92 -5.38
C CYS A 719 15.91 -0.46 -5.95
N THR A 720 16.34 -0.53 -7.20
CA THR A 720 16.25 -1.82 -7.88
C THR A 720 16.94 -2.90 -7.07
N MET A 721 18.06 -2.57 -6.42
CA MET A 721 18.73 -3.58 -5.61
C MET A 721 18.21 -3.58 -4.18
N TYR A 722 17.73 -2.45 -3.66
CA TYR A 722 17.12 -2.45 -2.34
C TYR A 722 15.88 -3.33 -2.30
N ILE A 723 14.94 -3.06 -3.20
CA ILE A 723 13.69 -3.80 -3.29
C ILE A 723 13.92 -5.20 -3.81
N CYS A 724 14.77 -5.35 -4.81
CA CYS A 724 14.71 -6.51 -5.68
C CYS A 724 16.01 -7.28 -5.79
N GLY A 725 17.15 -6.63 -5.56
CA GLY A 725 18.42 -7.35 -5.53
C GLY A 725 18.83 -7.88 -6.90
N ASP A 726 19.66 -8.92 -6.87
CA ASP A 726 20.14 -9.55 -8.09
C ASP A 726 19.12 -10.51 -8.70
N SER A 727 17.92 -10.02 -8.97
CA SER A 727 16.79 -10.88 -9.33
C SER A 727 16.09 -10.33 -10.56
N THR A 728 16.36 -10.91 -11.73
CA THR A 728 15.73 -10.46 -12.96
C THR A 728 14.23 -10.73 -12.95
N GLU A 729 13.81 -11.88 -12.45
CA GLU A 729 12.39 -12.23 -12.44
C GLU A 729 11.60 -11.22 -11.62
N CYS A 730 12.11 -10.89 -10.44
CA CYS A 730 11.66 -9.76 -9.63
C CYS A 730 11.67 -8.42 -10.37
N SER A 731 12.79 -8.06 -11.01
CA SER A 731 12.87 -6.73 -11.60
C SER A 731 11.87 -6.56 -12.73
N ASN A 732 11.57 -7.65 -13.44
CA ASN A 732 10.48 -7.63 -14.41
C ASN A 732 9.18 -7.23 -13.74
N LEU A 733 8.94 -7.71 -12.51
CA LEU A 733 7.75 -7.31 -11.78
C LEU A 733 7.82 -5.87 -11.34
N LEU A 734 9.03 -5.38 -11.07
CA LEU A 734 9.17 -3.99 -10.67
C LEU A 734 8.88 -3.03 -11.80
N LEU A 735 9.23 -3.41 -13.03
CA LEU A 735 9.04 -2.49 -14.16
C LEU A 735 7.60 -2.03 -14.31
N GLN A 736 6.64 -2.82 -13.83
CA GLN A 736 5.24 -2.51 -14.02
C GLN A 736 4.75 -1.39 -13.13
N TYR A 737 5.54 -0.96 -12.15
CA TYR A 737 5.20 0.16 -11.28
C TYR A 737 5.63 1.50 -11.84
N GLY A 738 6.15 1.51 -13.06
CA GLY A 738 6.47 2.79 -13.68
C GLY A 738 7.72 3.40 -13.09
N SER A 739 7.67 4.71 -12.87
CA SER A 739 8.83 5.50 -12.50
C SER A 739 8.93 5.78 -11.01
N PHE A 740 8.36 4.89 -10.18
CA PHE A 740 8.45 5.09 -8.74
C PHE A 740 9.90 5.19 -8.29
N CYS A 741 10.81 4.55 -9.01
CA CYS A 741 12.20 4.53 -8.58
C CYS A 741 13.01 5.66 -9.18
N THR A 742 12.74 6.02 -10.42
CA THR A 742 13.35 7.23 -10.94
C THR A 742 12.99 8.42 -10.06
N GLN A 743 11.75 8.47 -9.57
CA GLN A 743 11.37 9.54 -8.65
C GLN A 743 12.18 9.53 -7.37
N LEU A 744 12.33 8.38 -6.70
CA LEU A 744 13.05 8.34 -5.44
C LEU A 744 14.53 8.67 -5.63
N ASN A 745 15.15 8.11 -6.68
CA ASN A 745 16.54 8.46 -6.96
C ASN A 745 16.68 9.95 -7.21
N ARG A 746 15.73 10.53 -7.94
CA ARG A 746 15.77 11.97 -8.22
C ARG A 746 15.66 12.79 -6.94
N ALA A 747 14.74 12.41 -6.06
CA ALA A 747 14.56 13.17 -4.83
C ALA A 747 15.77 13.09 -3.92
N LEU A 748 16.32 11.89 -3.75
CA LEU A 748 17.52 11.76 -2.92
C LEU A 748 18.71 12.47 -3.54
N THR A 749 18.83 12.45 -4.87
CA THR A 749 19.90 13.20 -5.52
C THR A 749 19.73 14.70 -5.27
N GLY A 750 18.49 15.19 -5.32
CA GLY A 750 18.27 16.59 -5.02
C GLY A 750 18.68 16.96 -3.60
N ILE A 751 18.31 16.13 -2.63
CA ILE A 751 18.73 16.37 -1.26
C ILE A 751 20.26 16.38 -1.16
N ALA A 752 20.90 15.37 -1.74
CA ALA A 752 22.35 15.26 -1.63
C ALA A 752 23.05 16.45 -2.27
N VAL A 753 22.58 16.87 -3.44
CA VAL A 753 23.18 18.03 -4.09
C VAL A 753 22.99 19.28 -3.24
N GLU A 754 21.82 19.44 -2.61
CA GLU A 754 21.63 20.62 -1.80
C GLU A 754 22.48 20.62 -0.54
N GLN A 755 22.83 19.45 -0.03
CA GLN A 755 23.67 19.43 1.17
C GLN A 755 25.01 20.09 0.94
N ASP A 756 25.52 20.05 -0.30
CA ASP A 756 26.76 20.75 -0.61
C ASP A 756 26.53 22.25 -0.76
N LYS A 757 25.37 22.64 -1.32
CA LYS A 757 25.05 24.05 -1.42
C LYS A 757 24.94 24.70 -0.05
N ASN A 758 24.41 23.97 0.93
CA ASN A 758 24.31 24.51 2.28
C ASN A 758 25.67 24.94 2.81
N THR A 759 26.65 24.03 2.73
CA THR A 759 27.99 24.36 3.21
C THR A 759 28.62 25.46 2.36
N GLN A 760 28.41 25.42 1.04
CA GLN A 760 28.98 26.45 0.19
C GLN A 760 28.45 27.83 0.58
N GLU A 761 27.17 27.91 0.89
CA GLU A 761 26.57 29.20 1.23
C GLU A 761 26.97 29.66 2.62
N VAL A 762 27.08 28.74 3.58
CA VAL A 762 27.49 29.17 4.91
C VAL A 762 28.94 29.62 4.92
N PHE A 763 29.85 28.86 4.32
CA PHE A 763 31.27 29.11 4.51
C PHE A 763 31.92 29.88 3.39
N ALA A 764 31.47 29.71 2.15
CA ALA A 764 32.10 30.38 1.01
C ALA A 764 31.57 31.80 0.85
N GLN A 765 31.95 32.64 1.81
CA GLN A 765 31.56 34.04 1.81
C GLN A 765 32.72 34.99 1.64
N VAL A 766 33.94 34.46 1.48
CA VAL A 766 35.11 35.27 1.19
C VAL A 766 35.66 34.82 -0.14
N LYS A 767 35.98 35.78 -1.01
CA LYS A 767 36.50 35.41 -2.33
C LYS A 767 37.97 35.03 -2.29
N GLN A 768 38.71 35.50 -1.31
CA GLN A 768 40.13 35.19 -1.22
C GLN A 768 40.52 34.90 0.22
N ILE A 769 41.51 34.02 0.35
CA ILE A 769 41.89 33.45 1.65
C ILE A 769 42.85 34.42 2.32
N TYR A 770 42.46 34.91 3.49
CA TYR A 770 43.30 35.82 4.24
C TYR A 770 44.20 35.05 5.19
N LYS A 771 45.37 35.63 5.47
CA LYS A 771 46.37 34.98 6.31
C LYS A 771 46.75 35.91 7.45
N THR A 772 47.07 35.31 8.60
CA THR A 772 47.46 36.06 9.77
C THR A 772 48.95 36.40 9.70
N PRO A 773 49.34 37.58 10.17
CA PRO A 773 50.76 37.96 10.14
C PRO A 773 51.60 37.05 11.02
N PRO A 774 52.89 36.92 10.73
CA PRO A 774 53.76 36.08 11.56
C PRO A 774 53.83 36.51 13.02
N ILE A 775 53.79 37.80 13.32
CA ILE A 775 53.95 38.31 14.68
C ILE A 775 52.57 38.70 15.20
N LYS A 776 52.27 38.25 16.43
CA LYS A 776 50.93 38.42 17.00
C LYS A 776 50.87 39.59 17.98
N ASP A 777 51.05 40.79 17.45
CA ASP A 777 51.00 42.00 18.28
C ASP A 777 49.60 42.61 18.23
N PHE A 778 48.65 41.91 18.85
CA PHE A 778 47.26 42.32 18.89
C PHE A 778 46.92 43.15 20.13
N GLY A 779 47.90 43.88 20.67
CA GLY A 779 47.63 44.73 21.79
C GLY A 779 47.08 44.02 23.00
N GLY A 780 47.54 42.80 23.28
CA GLY A 780 47.19 42.09 24.48
C GLY A 780 46.12 41.03 24.29
N PHE A 781 45.46 40.99 23.13
CA PHE A 781 44.42 40.00 22.88
C PHE A 781 45.04 38.68 22.49
N ASN A 782 44.61 37.60 23.13
CA ASN A 782 45.06 36.31 22.67
C ASN A 782 43.99 35.66 21.83
N PHE A 783 44.42 35.14 20.68
CA PHE A 783 43.57 34.40 19.79
C PHE A 783 44.04 32.98 19.59
N SER A 784 45.17 32.58 20.19
CA SER A 784 45.77 31.30 19.83
C SER A 784 44.83 30.14 20.07
N GLN A 785 43.74 30.34 20.79
CA GLN A 785 42.78 29.28 21.03
C GLN A 785 41.79 29.11 19.87
N ILE A 786 41.81 30.00 18.89
CA ILE A 786 40.94 29.87 17.72
C ILE A 786 41.70 29.93 16.40
N LEU A 787 42.94 30.39 16.38
CA LEU A 787 43.67 30.31 15.14
C LEU A 787 44.29 28.92 14.98
N PRO A 788 44.50 28.46 13.75
CA PRO A 788 45.12 27.16 13.54
C PRO A 788 46.54 27.13 14.09
N ASP A 789 46.97 25.94 14.50
CA ASP A 789 48.27 25.76 15.13
C ASP A 789 49.18 24.98 14.20
N PRO A 790 50.43 25.42 13.98
CA PRO A 790 51.30 24.72 13.03
C PRO A 790 51.68 23.31 13.44
N SER A 791 51.58 22.98 14.73
CA SER A 791 52.02 21.67 15.19
C SER A 791 51.00 20.56 14.91
N LYS A 792 49.80 20.91 14.42
CA LYS A 792 48.94 19.75 14.20
C LYS A 792 49.10 19.20 12.80
N PRO A 793 48.80 17.91 12.63
CA PRO A 793 48.78 17.33 11.27
C PRO A 793 47.73 17.93 10.37
N SER A 794 46.68 18.57 10.91
CA SER A 794 45.55 18.99 10.10
C SER A 794 45.26 20.48 10.19
N LYS A 795 46.05 21.25 10.93
CA LYS A 795 45.93 22.71 10.99
C LYS A 795 44.52 23.14 11.37
N ARG A 796 44.13 22.75 12.59
CA ARG A 796 42.85 23.12 13.17
C ARG A 796 43.10 23.81 14.51
N SER A 797 42.23 24.74 14.86
CA SER A 797 42.38 25.40 16.14
C SER A 797 42.09 24.44 17.29
N PRO A 798 42.59 24.75 18.49
CA PRO A 798 42.32 23.84 19.62
C PRO A 798 40.84 23.63 19.88
N ILE A 799 40.04 24.68 19.80
CA ILE A 799 38.60 24.54 20.03
C ILE A 799 37.98 23.66 18.94
N GLU A 800 38.40 23.84 17.70
CA GLU A 800 37.90 23.02 16.61
C GLU A 800 38.28 21.56 16.79
N ASP A 801 39.52 21.30 17.23
CA ASP A 801 39.91 19.93 17.52
C ASP A 801 39.04 19.32 18.61
N LEU A 802 38.79 20.07 19.68
CA LEU A 802 37.95 19.53 20.75
C LEU A 802 36.54 19.25 20.23
N LEU A 803 36.04 20.11 19.32
CA LEU A 803 34.74 19.84 18.72
C LEU A 803 34.75 18.56 17.90
N PHE A 804 35.83 18.31 17.16
CA PHE A 804 35.89 17.10 16.36
C PHE A 804 36.04 15.85 17.22
N ASN A 805 36.70 15.94 18.37
CA ASN A 805 36.78 14.82 19.28
C ASN A 805 35.54 14.66 20.13
N LYS A 806 34.51 15.48 19.92
CA LYS A 806 33.36 15.53 20.81
C LYS A 806 32.10 14.89 20.25
N VAL A 807 31.88 14.92 18.94
CA VAL A 807 30.74 14.26 18.33
C VAL A 807 31.21 12.92 17.76
N THR A 808 30.48 11.86 18.08
CA THR A 808 30.83 10.51 17.67
C THR A 808 29.77 9.96 16.74
N LEU A 809 30.20 9.23 15.72
CA LEU A 809 29.30 8.65 14.75
C LEU A 809 29.12 7.15 15.00
N GLN A 834 24.09 -0.22 7.30
CA GLN A 834 24.25 1.17 6.93
C GLN A 834 24.49 1.32 5.42
N LYS A 835 25.41 0.54 4.87
CA LYS A 835 25.79 0.70 3.47
C LYS A 835 26.04 -0.66 2.78
N PHE A 836 25.18 -1.64 3.02
CA PHE A 836 25.47 -2.97 2.50
C PHE A 836 24.56 -3.43 1.37
N ASN A 837 23.32 -2.94 1.30
CA ASN A 837 22.30 -3.50 0.41
C ASN A 837 21.64 -2.44 -0.47
N GLY A 838 22.43 -1.53 -1.03
CA GLY A 838 21.89 -0.47 -1.85
C GLY A 838 22.01 0.90 -1.25
N LEU A 839 22.28 0.99 0.04
CA LEU A 839 22.51 2.26 0.70
C LEU A 839 23.98 2.61 0.51
N THR A 840 24.24 3.81 0.03
CA THR A 840 25.60 4.29 -0.06
C THR A 840 25.63 5.73 0.41
N VAL A 841 26.80 6.16 0.87
CA VAL A 841 27.01 7.48 1.42
C VAL A 841 27.98 8.22 0.51
N LEU A 842 27.57 9.31 0.03
CA LEU A 842 28.44 10.05 -0.86
C LEU A 842 29.31 11.02 -0.07
N PRO A 843 30.56 11.21 -0.49
CA PRO A 843 31.43 12.14 0.21
C PRO A 843 30.98 13.57 -0.01
N PRO A 844 31.07 14.42 1.00
CA PRO A 844 30.76 15.83 0.81
C PRO A 844 31.80 16.48 -0.08
N LEU A 845 31.38 17.55 -0.75
CA LEU A 845 32.26 18.19 -1.72
C LEU A 845 33.42 18.90 -1.05
N LEU A 846 33.16 19.58 0.06
CA LEU A 846 34.19 20.33 0.76
C LEU A 846 34.78 19.45 1.86
N THR A 847 36.07 19.15 1.77
CA THR A 847 36.71 18.40 2.83
C THR A 847 36.93 19.28 4.06
N ASP A 848 37.09 18.62 5.21
CA ASP A 848 37.22 19.35 6.46
C ASP A 848 38.43 20.27 6.47
N GLU A 849 39.51 19.89 5.78
CA GLU A 849 40.64 20.81 5.66
C GLU A 849 40.23 22.06 4.90
N MET A 850 39.38 21.91 3.89
CA MET A 850 38.95 23.06 3.11
C MET A 850 38.00 23.95 3.90
N ILE A 851 37.12 23.35 4.70
CA ILE A 851 36.23 24.14 5.54
C ILE A 851 37.02 24.86 6.63
N ALA A 852 38.01 24.17 7.22
CA ALA A 852 38.86 24.81 8.20
C ALA A 852 39.65 25.95 7.57
N GLN A 853 40.05 25.79 6.31
CA GLN A 853 40.72 26.87 5.61
C GLN A 853 39.78 28.05 5.39
N TYR A 854 38.51 27.77 5.09
CA TYR A 854 37.51 28.84 4.99
C TYR A 854 37.38 29.60 6.29
N THR A 855 37.24 28.89 7.41
CA THR A 855 37.06 29.59 8.68
C THR A 855 38.34 30.28 9.12
N SER A 856 39.51 29.75 8.76
CA SER A 856 40.74 30.47 9.00
C SER A 856 40.78 31.76 8.20
N ALA A 857 40.31 31.71 6.95
CA ALA A 857 40.24 32.92 6.14
C ALA A 857 39.29 33.95 6.75
N LEU A 858 38.11 33.50 7.17
CA LEU A 858 37.15 34.40 7.76
C LEU A 858 37.67 35.01 9.05
N LEU A 859 38.28 34.19 9.90
CA LEU A 859 38.78 34.68 11.18
C LEU A 859 39.98 35.61 10.98
N ALA A 860 40.86 35.30 10.04
CA ALA A 860 41.99 36.18 9.76
C ALA A 860 41.52 37.51 9.18
N GLY A 861 40.56 37.45 8.26
CA GLY A 861 40.00 38.69 7.74
C GLY A 861 39.37 39.53 8.81
N THR A 862 38.61 38.90 9.71
CA THR A 862 38.02 39.64 10.82
C THR A 862 39.09 40.29 11.67
N ILE A 863 40.05 39.50 12.14
CA ILE A 863 41.07 40.02 13.05
C ILE A 863 41.82 41.18 12.41
N THR A 864 42.25 41.03 11.16
CA THR A 864 43.11 42.03 10.57
C THR A 864 42.37 43.19 9.92
N SER A 865 41.06 43.08 9.68
CA SER A 865 40.40 44.12 8.90
C SER A 865 38.99 44.47 9.35
N GLY A 866 38.53 44.04 10.53
CA GLY A 866 37.20 44.43 10.95
C GLY A 866 36.12 43.84 10.06
N TRP A 867 35.11 44.65 9.74
CA TRP A 867 34.05 44.27 8.83
C TRP A 867 34.32 44.71 7.40
N THR A 868 35.41 45.43 7.16
CA THR A 868 35.62 46.06 5.86
C THR A 868 35.75 45.02 4.75
N PHE A 869 36.25 43.83 5.08
CA PHE A 869 36.50 42.82 4.06
C PHE A 869 35.23 42.14 3.61
N GLY A 870 34.12 42.34 4.32
CA GLY A 870 32.86 41.80 3.87
C GLY A 870 32.24 42.69 2.80
N ALA A 871 32.54 43.99 2.88
CA ALA A 871 31.98 44.94 1.92
C ALA A 871 32.86 45.10 0.69
N GLY A 872 34.17 45.23 0.89
CA GLY A 872 35.06 45.45 -0.22
C GLY A 872 36.44 44.88 -0.01
N PRO A 873 37.46 45.63 -0.41
CA PRO A 873 38.83 45.23 -0.09
C PRO A 873 39.07 45.26 1.42
N ALA A 874 39.82 44.27 1.89
CA ALA A 874 40.16 44.22 3.31
C ALA A 874 41.10 45.37 3.62
N LEU A 875 40.78 46.14 4.65
CA LEU A 875 41.55 47.30 5.05
C LEU A 875 42.14 47.01 6.41
N GLN A 876 43.45 46.90 6.49
CA GLN A 876 44.08 46.59 7.76
C GLN A 876 43.79 47.70 8.76
N ILE A 877 43.60 47.29 10.02
CA ILE A 877 43.26 48.23 11.08
C ILE A 877 43.78 47.67 12.40
N PRO A 878 44.46 48.46 13.22
CA PRO A 878 44.92 47.95 14.51
C PRO A 878 43.73 47.40 15.29
N PHE A 879 43.90 46.20 15.82
CA PHE A 879 42.79 45.55 16.51
C PHE A 879 42.25 46.31 17.70
N PRO A 880 43.08 46.89 18.58
CA PRO A 880 42.48 47.74 19.62
C PRO A 880 41.64 48.86 19.06
N MET A 881 42.07 49.46 17.94
CA MET A 881 41.29 50.52 17.32
C MET A 881 39.97 49.99 16.77
N GLN A 882 40.00 48.79 16.17
CA GLN A 882 38.78 48.19 15.67
C GLN A 882 37.79 47.90 16.79
N MET A 883 38.28 47.33 17.89
CA MET A 883 37.41 47.13 19.04
C MET A 883 36.89 48.45 19.58
N ALA A 884 37.69 49.51 19.50
CA ALA A 884 37.20 50.81 19.93
C ALA A 884 36.03 51.24 19.09
N TYR A 885 36.09 51.01 17.79
CA TYR A 885 34.97 51.46 16.97
C TYR A 885 33.76 50.56 17.15
N ARG A 886 33.96 49.27 17.43
CA ARG A 886 32.81 48.42 17.76
C ARG A 886 32.15 48.83 19.06
N PHE A 887 32.96 49.19 20.07
CA PHE A 887 32.39 49.81 21.26
C PHE A 887 31.60 51.06 20.89
N ASN A 888 32.18 51.90 20.03
CA ASN A 888 31.49 53.09 19.56
C ASN A 888 30.19 52.72 18.85
N GLY A 889 30.10 51.47 18.37
CA GLY A 889 28.90 51.01 17.71
C GLY A 889 27.80 50.57 18.66
N ILE A 890 27.99 50.76 19.96
CA ILE A 890 26.97 50.46 20.96
C ILE A 890 26.67 51.67 21.83
N GLY A 891 27.34 52.78 21.57
CA GLY A 891 27.14 53.95 22.41
C GLY A 891 28.00 53.98 23.64
N VAL A 892 29.25 53.55 23.55
CA VAL A 892 30.24 53.77 24.58
C VAL A 892 31.44 54.44 23.93
N THR A 893 31.76 55.64 24.40
CA THR A 893 32.84 56.40 23.79
C THR A 893 34.15 55.63 23.85
N GLN A 894 34.91 55.72 22.75
CA GLN A 894 36.16 54.99 22.61
C GLN A 894 37.07 55.12 23.81
N ASN A 895 37.06 56.27 24.49
CA ASN A 895 38.00 56.49 25.58
C ASN A 895 37.88 55.41 26.63
N VAL A 896 36.73 54.76 26.71
CA VAL A 896 36.55 53.64 27.61
C VAL A 896 37.53 52.52 27.29
N LEU A 897 37.47 51.99 26.07
CA LEU A 897 38.34 50.89 25.69
C LEU A 897 39.80 51.26 25.90
N TYR A 898 40.18 52.48 25.54
CA TYR A 898 41.58 52.84 25.68
C TYR A 898 41.99 52.96 27.14
N GLU A 899 41.12 53.50 27.99
CA GLU A 899 41.50 53.67 29.38
C GLU A 899 41.55 52.35 30.12
N ASN A 900 40.84 51.32 29.62
CA ASN A 900 40.89 50.02 30.29
C ASN A 900 41.13 48.86 29.33
N GLN A 901 41.99 49.06 28.33
CA GLN A 901 42.32 48.02 27.37
C GLN A 901 42.98 46.82 28.00
N LYS A 902 43.92 47.04 28.93
CA LYS A 902 44.58 45.91 29.59
C LYS A 902 43.54 45.01 30.25
N LEU A 903 42.62 45.62 31.00
CA LEU A 903 41.57 44.87 31.69
C LEU A 903 40.69 44.14 30.68
N ILE A 904 40.28 44.82 29.62
CA ILE A 904 39.37 44.20 28.66
C ILE A 904 40.04 43.01 27.98
N ALA A 905 41.31 43.16 27.59
CA ALA A 905 42.01 42.06 26.94
C ALA A 905 42.19 40.88 27.88
N ASN A 906 42.55 41.14 29.14
CA ASN A 906 42.65 40.06 30.11
C ASN A 906 41.33 39.32 30.24
N GLN A 907 40.24 40.08 30.36
CA GLN A 907 38.92 39.48 30.54
C GLN A 907 38.51 38.69 29.31
N PHE A 908 38.83 39.18 28.12
CA PHE A 908 38.50 38.46 26.89
C PHE A 908 39.29 37.16 26.78
N ASN A 909 40.58 37.21 27.11
CA ASN A 909 41.36 35.98 27.10
C ASN A 909 40.78 34.97 28.06
N SER A 910 40.41 35.41 29.27
CA SER A 910 39.81 34.50 30.25
C SER A 910 38.50 33.92 29.74
N ALA A 911 37.67 34.75 29.09
CA ALA A 911 36.38 34.28 28.61
C ALA A 911 36.54 33.28 27.48
N ILE A 912 37.54 33.48 26.62
CA ILE A 912 37.82 32.49 25.59
C ILE A 912 38.33 31.20 26.21
N GLY A 913 39.20 31.31 27.22
CA GLY A 913 39.71 30.12 27.87
C GLY A 913 38.61 29.31 28.52
N LYS A 914 37.61 29.98 29.10
CA LYS A 914 36.52 29.25 29.74
C LYS A 914 35.70 28.44 28.73
N ILE A 915 35.68 28.85 27.47
CA ILE A 915 34.93 28.09 26.47
C ILE A 915 35.53 26.71 26.29
N GLN A 916 36.86 26.63 26.28
CA GLN A 916 37.53 25.34 26.16
C GLN A 916 37.12 24.40 27.29
N ASP A 917 37.22 24.87 28.53
CA ASP A 917 36.85 24.04 29.68
C ASP A 917 35.36 23.69 29.65
N SER A 918 34.52 24.65 29.28
CA SER A 918 33.09 24.38 29.20
C SER A 918 32.80 23.25 28.23
N LEU A 919 33.34 23.35 27.01
CA LEU A 919 33.11 22.30 26.02
C LEU A 919 33.70 20.97 26.46
N SER A 920 34.85 21.02 27.15
CA SER A 920 35.49 19.78 27.59
C SER A 920 34.81 19.14 28.78
N SER A 921 34.00 19.88 29.55
CA SER A 921 33.41 19.35 30.76
C SER A 921 31.90 19.17 30.73
N THR A 922 31.16 19.94 29.94
CA THR A 922 29.72 19.73 29.93
C THR A 922 29.36 18.79 28.79
N PRO A 923 28.72 17.65 29.06
CA PRO A 923 28.21 16.82 27.98
C PRO A 923 26.93 17.40 27.41
N SER A 924 26.48 16.82 26.30
CA SER A 924 25.28 17.25 25.61
C SER A 924 25.38 18.67 25.10
N ALA A 925 26.59 19.24 25.15
CA ALA A 925 26.78 20.60 24.62
C ALA A 925 26.66 20.62 23.11
N LEU A 926 27.09 19.55 22.44
CA LEU A 926 26.99 19.42 21.00
C LEU A 926 25.74 18.65 20.59
N GLY A 927 24.70 18.69 21.42
CA GLY A 927 23.53 17.87 21.18
C GLY A 927 22.83 18.18 19.88
N LYS A 928 22.80 19.44 19.47
CA LYS A 928 22.11 19.80 18.25
C LYS A 928 22.74 19.15 17.03
N LEU A 929 24.06 18.99 17.04
CA LEU A 929 24.74 18.29 15.97
C LEU A 929 24.69 16.78 16.12
N GLN A 930 24.79 16.27 17.36
CA GLN A 930 24.68 14.82 17.55
C GLN A 930 23.30 14.32 17.15
N ASP A 931 22.27 15.15 17.28
CA ASP A 931 20.92 14.69 17.02
C ASP A 931 20.67 14.43 15.54
N VAL A 932 21.29 15.21 14.65
CA VAL A 932 21.05 14.98 13.24
C VAL A 932 21.69 13.66 12.79
N VAL A 933 22.91 13.39 13.24
CA VAL A 933 23.53 12.11 12.88
C VAL A 933 22.77 10.96 13.51
N ASN A 934 22.24 11.16 14.73
CA ASN A 934 21.45 10.12 15.35
C ASN A 934 20.17 9.84 14.56
N GLN A 935 19.50 10.90 14.11
CA GLN A 935 18.26 10.73 13.36
C GLN A 935 18.51 10.05 12.01
N ASN A 936 19.56 10.46 11.31
CA ASN A 936 19.86 9.81 10.05
C ASN A 936 20.26 8.36 10.24
N ALA A 937 21.04 8.07 11.30
CA ALA A 937 21.39 6.69 11.58
C ALA A 937 20.16 5.86 11.90
N GLN A 938 19.22 6.43 12.66
CA GLN A 938 18.00 5.68 12.98
C GLN A 938 17.16 5.44 11.74
N ALA A 939 17.06 6.44 10.86
CA ALA A 939 16.31 6.26 9.63
C ALA A 939 16.91 5.16 8.77
N LEU A 940 18.25 5.17 8.61
CA LEU A 940 18.88 4.12 7.84
C LEU A 940 18.74 2.76 8.51
N ASN A 941 18.83 2.72 9.83
CA ASN A 941 18.71 1.44 10.51
C ASN A 941 17.33 0.84 10.32
N THR A 942 16.28 1.65 10.44
CA THR A 942 14.94 1.10 10.23
C THR A 942 14.72 0.75 8.77
N LEU A 943 15.29 1.52 7.84
CA LEU A 943 15.17 1.19 6.44
C LEU A 943 15.82 -0.16 6.14
N VAL A 944 16.97 -0.43 6.74
CA VAL A 944 17.61 -1.73 6.59
C VAL A 944 16.75 -2.82 7.22
N LYS A 945 16.29 -2.59 8.44
CA LYS A 945 15.58 -3.63 9.16
C LYS A 945 14.26 -3.97 8.50
N GLN A 946 13.74 -3.08 7.65
CA GLN A 946 12.51 -3.42 6.94
C GLN A 946 12.71 -4.57 5.95
N LEU A 947 13.94 -4.96 5.67
CA LEU A 947 14.15 -6.10 4.79
C LEU A 947 13.88 -7.43 5.48
N SER A 948 13.79 -7.43 6.80
CA SER A 948 13.45 -8.64 7.53
C SER A 948 11.95 -8.87 7.62
N SER A 949 11.15 -7.96 7.09
CA SER A 949 9.70 -8.13 7.11
C SER A 949 9.25 -8.92 5.89
N ASN A 950 8.19 -9.70 6.07
CA ASN A 950 7.68 -10.55 5.01
C ASN A 950 6.45 -9.96 4.32
N PHE A 951 5.69 -9.13 5.03
CA PHE A 951 4.48 -8.50 4.49
C PHE A 951 3.48 -9.54 4.00
N GLY A 952 3.48 -10.72 4.60
CA GLY A 952 2.57 -11.78 4.23
C GLY A 952 3.13 -12.78 3.23
N ALA A 953 4.33 -12.57 2.73
CA ALA A 953 4.97 -13.57 1.90
C ALA A 953 5.37 -14.78 2.75
N ILE A 954 5.43 -15.95 2.10
CA ILE A 954 5.78 -17.16 2.82
C ILE A 954 7.17 -17.06 3.43
N SER A 955 8.03 -16.20 2.91
CA SER A 955 9.34 -15.99 3.47
C SER A 955 9.82 -14.59 3.08
N SER A 956 10.76 -14.06 3.84
CA SER A 956 11.26 -12.72 3.57
C SER A 956 12.49 -12.71 2.66
N VAL A 957 13.17 -13.84 2.51
CA VAL A 957 14.31 -13.91 1.59
C VAL A 957 13.76 -14.23 0.21
N LEU A 958 13.94 -13.28 -0.71
CA LEU A 958 13.42 -13.43 -2.06
C LEU A 958 14.01 -14.66 -2.75
N ASN A 959 15.28 -14.97 -2.46
CA ASN A 959 15.95 -16.06 -3.15
C ASN A 959 15.32 -17.41 -2.86
N ASP A 960 14.96 -17.70 -1.62
CA ASP A 960 14.42 -19.03 -1.35
C ASP A 960 13.02 -19.21 -1.92
N ILE A 961 12.19 -18.16 -1.92
CA ILE A 961 10.86 -18.32 -2.52
C ILE A 961 10.99 -18.47 -4.03
N LEU A 962 11.91 -17.74 -4.66
CA LEU A 962 12.15 -18.01 -6.08
C LEU A 962 12.72 -19.42 -6.29
N SER A 963 13.49 -19.91 -5.34
CA SER A 963 14.15 -21.20 -5.47
C SER A 963 13.31 -22.34 -4.93
N ARG A 964 12.05 -22.09 -4.57
CA ARG A 964 11.16 -23.20 -4.28
C ARG A 964 9.74 -23.07 -4.84
N LEU A 965 9.38 -21.95 -5.46
CA LEU A 965 8.08 -21.84 -6.10
C LEU A 965 8.23 -21.61 -7.60
N ASP A 966 7.43 -22.32 -8.39
CA ASP A 966 7.42 -22.07 -9.82
C ASP A 966 6.82 -20.70 -10.08
N PRO A 967 7.20 -20.05 -11.19
CA PRO A 967 6.85 -18.62 -11.39
C PRO A 967 5.37 -18.33 -11.28
N PRO A 968 4.46 -19.17 -11.81
CA PRO A 968 3.03 -18.84 -11.72
C PRO A 968 2.55 -18.57 -10.31
N GLU A 969 3.11 -19.24 -9.30
CA GLU A 969 2.78 -18.97 -7.91
C GLU A 969 3.76 -18.04 -7.23
N ALA A 970 5.02 -18.01 -7.67
CA ALA A 970 6.03 -17.19 -7.02
C ALA A 970 5.83 -15.71 -7.29
N GLU A 971 5.28 -15.36 -8.45
CA GLU A 971 4.97 -13.96 -8.75
C GLU A 971 4.05 -13.36 -7.69
N VAL A 972 3.04 -14.11 -7.27
CA VAL A 972 2.09 -13.62 -6.28
C VAL A 972 2.79 -13.28 -4.98
N GLN A 973 3.72 -14.13 -4.54
CA GLN A 973 4.46 -13.86 -3.31
C GLN A 973 5.40 -12.69 -3.47
N ILE A 974 6.08 -12.60 -4.62
CA ILE A 974 7.05 -11.53 -4.83
C ILE A 974 6.35 -10.17 -4.81
N ASP A 975 5.14 -10.11 -5.37
CA ASP A 975 4.43 -8.83 -5.44
C ASP A 975 4.23 -8.20 -4.06
N ARG A 976 3.93 -9.02 -3.05
CA ARG A 976 3.72 -8.50 -1.71
C ARG A 976 4.99 -7.84 -1.16
N LEU A 977 6.13 -8.51 -1.33
CA LEU A 977 7.40 -7.93 -0.89
C LEU A 977 7.71 -6.65 -1.65
N ILE A 978 7.46 -6.64 -2.96
CA ILE A 978 7.73 -5.43 -3.74
C ILE A 978 6.92 -4.28 -3.21
N THR A 979 5.63 -4.51 -2.99
CA THR A 979 4.76 -3.46 -2.46
C THR A 979 5.26 -2.95 -1.11
N GLY A 980 5.54 -3.86 -0.19
CA GLY A 980 5.96 -3.45 1.14
C GLY A 980 7.26 -2.67 1.15
N ARG A 981 8.29 -3.21 0.48
CA ARG A 981 9.57 -2.53 0.46
C ARG A 981 9.50 -1.20 -0.28
N LEU A 982 8.74 -1.13 -1.36
CA LEU A 982 8.61 0.14 -2.08
C LEU A 982 7.94 1.20 -1.21
N GLN A 983 6.89 0.82 -0.49
CA GLN A 983 6.22 1.81 0.36
C GLN A 983 7.11 2.22 1.53
N SER A 984 7.90 1.28 2.07
CA SER A 984 8.86 1.63 3.11
C SER A 984 9.88 2.64 2.59
N LEU A 985 10.38 2.43 1.37
CA LEU A 985 11.33 3.36 0.78
C LEU A 985 10.70 4.73 0.58
N GLN A 986 9.44 4.77 0.14
CA GLN A 986 8.77 6.05 -0.02
C GLN A 986 8.64 6.79 1.30
N THR A 987 8.29 6.07 2.37
CA THR A 987 8.22 6.70 3.68
C THR A 987 9.56 7.28 4.09
N TYR A 988 10.63 6.51 3.89
CA TYR A 988 11.96 7.01 4.22
C TYR A 988 12.29 8.28 3.45
N VAL A 989 12.02 8.27 2.14
CA VAL A 989 12.38 9.42 1.32
C VAL A 989 11.59 10.65 1.72
N THR A 990 10.30 10.47 2.04
CA THR A 990 9.49 11.61 2.47
C THR A 990 10.03 12.23 3.75
N GLN A 991 10.32 11.38 4.75
CA GLN A 991 10.85 11.95 5.99
C GLN A 991 12.21 12.58 5.78
N GLN A 992 13.02 12.03 4.88
CA GLN A 992 14.29 12.68 4.56
C GLN A 992 14.08 14.03 3.90
N LEU A 993 13.08 14.16 3.03
CA LEU A 993 12.77 15.45 2.42
C LEU A 993 12.42 16.48 3.48
N ILE A 994 11.56 16.10 4.43
CA ILE A 994 11.16 17.04 5.47
C ILE A 994 12.35 17.42 6.34
N ARG A 995 13.17 16.44 6.72
CA ARG A 995 14.35 16.74 7.53
C ARG A 995 15.33 17.60 6.77
N ALA A 996 15.45 17.39 5.46
CA ALA A 996 16.34 18.22 4.65
C ALA A 996 15.84 19.65 4.59
N ALA A 997 14.52 19.84 4.53
CA ALA A 997 13.98 21.19 4.58
C ALA A 997 14.32 21.86 5.91
N GLU A 998 14.21 21.12 7.01
CA GLU A 998 14.58 21.68 8.30
C GLU A 998 16.06 22.05 8.36
N ILE A 999 16.91 21.17 7.85
CA ILE A 999 18.35 21.46 7.84
C ILE A 999 18.64 22.66 6.92
N ARG A 1000 17.89 22.79 5.84
CA ARG A 1000 18.06 23.95 4.97
C ARG A 1000 17.70 25.24 5.68
N ALA A 1001 16.60 25.22 6.45
CA ALA A 1001 16.26 26.40 7.23
C ALA A 1001 17.37 26.74 8.21
N SER A 1002 17.93 25.73 8.87
CA SER A 1002 19.03 25.97 9.80
C SER A 1002 20.26 26.49 9.08
N ALA A 1003 20.54 25.99 7.88
CA ALA A 1003 21.70 26.43 7.12
C ALA A 1003 21.54 27.86 6.63
N ASN A 1004 20.32 28.23 6.25
CA ASN A 1004 20.06 29.62 5.88
C ASN A 1004 20.23 30.53 7.09
N LEU A 1005 19.77 30.08 8.26
CA LEU A 1005 20.01 30.86 9.47
C LEU A 1005 21.49 30.98 9.78
N ALA A 1006 22.26 29.92 9.52
CA ALA A 1006 23.69 29.96 9.77
C ALA A 1006 24.40 30.90 8.81
N ALA A 1007 23.98 30.92 7.55
CA ALA A 1007 24.54 31.86 6.59
C ALA A 1007 24.21 33.30 6.99
N THR A 1008 22.96 33.52 7.41
CA THR A 1008 22.57 34.85 7.87
C THR A 1008 23.38 35.26 9.09
N LYS A 1009 23.61 34.33 10.01
CA LYS A 1009 24.37 34.66 11.21
C LYS A 1009 25.82 34.94 10.89
N MET A 1010 26.41 34.19 9.96
CA MET A 1010 27.79 34.48 9.60
C MET A 1010 27.89 35.86 8.96
N SER A 1011 27.00 36.16 8.02
CA SER A 1011 26.99 37.51 7.45
C SER A 1011 26.87 38.56 8.55
N GLU A 1012 25.78 38.53 9.31
CA GLU A 1012 25.40 39.64 10.17
C GLU A 1012 26.14 39.69 11.50
N CYS A 1013 26.85 38.62 11.89
CA CYS A 1013 27.56 38.66 13.14
C CYS A 1013 29.06 38.59 12.89
N VAL A 1014 29.48 37.74 11.95
CA VAL A 1014 30.90 37.61 11.67
C VAL A 1014 31.39 38.74 10.78
N LEU A 1015 30.72 38.95 9.64
CA LEU A 1015 31.16 39.95 8.69
C LEU A 1015 30.73 41.34 9.06
N GLY A 1016 29.81 41.50 9.99
CA GLY A 1016 29.40 42.80 10.46
C GLY A 1016 29.31 42.84 11.96
N GLN A 1017 28.64 43.85 12.47
CA GLN A 1017 28.25 43.91 13.87
C GLN A 1017 26.77 44.19 13.90
N SER A 1018 26.01 43.33 14.56
CA SER A 1018 24.57 43.35 14.49
C SER A 1018 23.99 44.21 15.60
N LYS A 1019 23.25 45.24 15.22
CA LYS A 1019 22.48 46.04 16.17
C LYS A 1019 21.17 45.37 16.54
N ARG A 1020 21.05 44.08 16.28
CA ARG A 1020 19.77 43.39 16.37
C ARG A 1020 19.78 42.44 17.56
N VAL A 1021 18.96 42.74 18.57
CA VAL A 1021 19.17 42.21 19.91
C VAL A 1021 18.88 40.71 19.96
N ASP A 1022 19.70 40.00 20.72
CA ASP A 1022 19.63 38.56 20.96
C ASP A 1022 19.72 37.73 19.68
N PHE A 1023 20.21 38.31 18.59
CA PHE A 1023 20.44 37.53 17.39
C PHE A 1023 21.84 36.93 17.37
N CYS A 1024 22.82 37.67 17.88
CA CYS A 1024 24.17 37.13 18.00
C CYS A 1024 24.58 37.05 19.46
N GLY A 1025 23.70 36.53 20.30
CA GLY A 1025 24.03 36.24 21.67
C GLY A 1025 23.43 37.23 22.66
N LYS A 1026 23.52 36.87 23.93
CA LYS A 1026 23.01 37.74 24.99
C LYS A 1026 23.94 38.93 25.19
N GLY A 1027 23.36 40.11 25.25
CA GLY A 1027 24.12 41.32 25.46
C GLY A 1027 24.30 42.08 24.16
N TYR A 1028 24.90 43.25 24.28
CA TYR A 1028 25.18 44.09 23.13
C TYR A 1028 26.31 43.44 22.34
N HIS A 1029 26.06 43.15 21.08
CA HIS A 1029 26.96 42.32 20.30
C HIS A 1029 28.19 43.10 19.87
N LEU A 1030 29.36 42.55 20.17
CA LEU A 1030 30.63 43.15 19.77
C LEU A 1030 31.16 42.53 18.48
N MET A 1031 31.39 41.22 18.48
CA MET A 1031 31.94 40.54 17.32
C MET A 1031 31.77 39.05 17.55
N SER A 1032 31.92 38.27 16.48
CA SER A 1032 31.80 36.83 16.62
C SER A 1032 32.78 36.14 15.70
N PHE A 1033 33.17 34.94 16.10
CA PHE A 1033 34.15 34.13 15.40
C PHE A 1033 33.51 32.82 15.00
N PRO A 1034 33.59 32.40 13.74
CA PRO A 1034 33.09 31.08 13.37
C PRO A 1034 34.11 30.01 13.67
N GLN A 1035 33.61 28.84 14.05
CA GLN A 1035 34.43 27.65 14.16
C GLN A 1035 33.69 26.51 13.50
N SER A 1036 34.38 25.76 12.65
CA SER A 1036 33.75 24.65 11.97
C SER A 1036 33.60 23.46 12.92
N ALA A 1037 32.48 22.78 12.78
CA ALA A 1037 32.19 21.58 13.54
C ALA A 1037 31.69 20.54 12.55
N PRO A 1038 31.74 19.25 12.91
CA PRO A 1038 31.25 18.23 11.98
C PRO A 1038 29.78 18.45 11.67
N HIS A 1039 29.50 18.75 10.40
CA HIS A 1039 28.14 18.94 9.88
C HIS A 1039 27.48 20.20 10.44
N GLY A 1040 28.27 21.22 10.73
CA GLY A 1040 27.67 22.43 11.28
C GLY A 1040 28.75 23.45 11.59
N VAL A 1041 28.31 24.52 12.25
CA VAL A 1041 29.18 25.64 12.57
C VAL A 1041 28.91 26.07 13.99
N VAL A 1042 29.96 26.52 14.69
CA VAL A 1042 29.86 27.02 16.04
C VAL A 1042 30.30 28.48 16.02
N PHE A 1043 29.49 29.35 16.60
CA PHE A 1043 29.79 30.77 16.67
C PHE A 1043 30.20 31.13 18.08
N LEU A 1044 31.33 31.81 18.21
CA LEU A 1044 31.76 32.38 19.48
C LEU A 1044 31.37 33.84 19.47
N HIS A 1045 30.27 34.17 20.14
CA HIS A 1045 29.73 35.52 20.14
C HIS A 1045 30.35 36.30 21.29
N VAL A 1046 31.13 37.33 20.96
CA VAL A 1046 31.71 38.20 21.96
C VAL A 1046 30.74 39.37 22.15
N THR A 1047 30.21 39.51 23.36
CA THR A 1047 29.15 40.46 23.60
C THR A 1047 29.50 41.36 24.78
N TYR A 1048 28.70 42.40 24.93
CA TYR A 1048 28.89 43.41 25.94
C TYR A 1048 27.78 43.34 26.98
N VAL A 1049 28.15 43.21 28.25
CA VAL A 1049 27.18 43.04 29.33
C VAL A 1049 27.49 44.00 30.48
N PRO A 1050 26.52 44.77 30.97
CA PRO A 1050 26.77 45.74 32.06
C PRO A 1050 26.87 45.13 33.48
N ALA A 1051 27.22 45.99 34.48
CA ALA A 1051 27.59 45.63 35.88
C ALA A 1051 27.18 46.57 37.06
N GLN A 1052 27.88 46.48 38.23
CA GLN A 1052 27.54 46.81 39.67
C GLN A 1052 26.79 48.16 39.97
N GLU A 1053 25.98 48.29 41.14
CA GLU A 1053 24.86 49.33 41.48
C GLU A 1053 24.62 50.10 42.88
N LYS A 1054 23.98 51.49 42.91
CA LYS A 1054 23.95 52.68 43.94
C LYS A 1054 23.15 54.08 43.73
N ASN A 1055 22.01 54.72 44.52
CA ASN A 1055 21.17 55.98 43.95
C ASN A 1055 21.45 57.46 44.40
N PHE A 1056 22.01 58.21 43.33
CA PHE A 1056 21.78 59.44 42.51
C PHE A 1056 20.31 59.61 42.07
N THR A 1057 19.93 60.83 41.68
CA THR A 1057 18.62 61.10 41.05
C THR A 1057 18.78 61.61 39.60
N THR A 1058 17.65 61.75 38.87
CA THR A 1058 17.64 62.33 37.51
C THR A 1058 16.60 63.43 37.34
N ALA A 1059 16.61 64.03 36.13
CA ALA A 1059 15.65 65.02 35.64
C ALA A 1059 15.93 65.26 34.17
N PRO A 1060 14.91 65.36 33.32
CA PRO A 1060 15.17 65.45 31.87
C PRO A 1060 15.57 66.83 31.35
N ALA A 1061 15.72 67.86 32.19
CA ALA A 1061 16.08 69.17 31.68
C ALA A 1061 16.49 70.08 32.83
N ILE A 1062 17.21 71.15 32.49
CA ILE A 1062 17.73 72.09 33.47
C ILE A 1062 17.43 73.51 33.01
N CYS A 1063 16.98 74.35 33.94
CA CYS A 1063 16.47 75.68 33.64
C CYS A 1063 17.52 76.73 33.94
N HIS A 1064 17.74 77.67 33.01
CA HIS A 1064 18.74 78.71 33.16
C HIS A 1064 18.21 80.04 32.63
N ASP A 1065 18.13 81.04 33.51
CA ASP A 1065 17.70 82.39 33.11
C ASP A 1065 16.40 82.34 32.32
N GLY A 1066 15.62 81.28 32.55
CA GLY A 1066 14.41 80.99 31.80
C GLY A 1066 14.60 80.00 30.66
N LYS A 1067 15.82 79.51 30.45
CA LYS A 1067 16.15 78.74 29.26
C LYS A 1067 16.31 77.27 29.63
N ALA A 1068 15.79 76.38 28.79
CA ALA A 1068 15.65 74.96 29.12
C ALA A 1068 16.60 74.11 28.29
N HIS A 1069 17.53 73.42 28.97
CA HIS A 1069 18.58 72.65 28.32
C HIS A 1069 18.26 71.16 28.37
N PHE A 1070 18.53 70.46 27.27
CA PHE A 1070 18.38 69.01 27.09
C PHE A 1070 19.73 68.38 26.77
N PRO A 1071 19.91 67.09 27.07
CA PRO A 1071 21.23 66.48 26.83
C PRO A 1071 21.43 66.11 25.38
N ARG A 1072 22.57 66.50 24.82
CA ARG A 1072 22.87 66.12 23.44
C ARG A 1072 23.04 64.60 23.33
N GLU A 1073 23.75 64.00 24.29
CA GLU A 1073 23.88 62.55 24.39
C GLU A 1073 24.05 62.18 25.86
N GLY A 1074 23.29 61.19 26.29
CA GLY A 1074 23.35 60.77 27.68
C GLY A 1074 22.25 61.39 28.51
N VAL A 1075 22.40 61.23 29.82
CA VAL A 1075 21.35 61.58 30.77
C VAL A 1075 21.92 62.38 31.93
N PHE A 1076 21.02 63.05 32.64
CA PHE A 1076 21.38 63.83 33.81
C PHE A 1076 21.24 62.95 35.05
N VAL A 1077 22.18 63.08 35.98
CA VAL A 1077 22.24 62.23 37.17
C VAL A 1077 22.66 63.11 38.34
N SER A 1078 22.33 62.70 39.56
CA SER A 1078 22.58 63.68 40.61
C SER A 1078 23.08 63.11 41.92
N ASN A 1079 23.70 64.00 42.67
CA ASN A 1079 24.19 63.91 44.02
C ASN A 1079 23.14 63.93 45.10
N GLY A 1080 22.24 64.88 45.04
CA GLY A 1080 21.71 65.51 46.22
C GLY A 1080 22.37 66.86 46.48
N THR A 1081 23.50 67.16 45.84
CA THR A 1081 24.03 68.52 45.95
C THR A 1081 24.32 69.16 44.58
N HIS A 1082 24.78 68.42 43.56
CA HIS A 1082 24.99 69.02 42.23
C HIS A 1082 24.81 67.98 41.12
N TRP A 1083 24.85 68.47 39.87
CA TRP A 1083 24.31 67.75 38.71
C TRP A 1083 25.37 67.45 37.65
N PHE A 1084 25.35 66.21 37.16
CA PHE A 1084 26.30 65.71 36.18
C PHE A 1084 25.56 65.04 35.02
N VAL A 1085 26.15 65.16 33.82
CA VAL A 1085 25.67 64.48 32.62
C VAL A 1085 26.56 63.26 32.39
N THR A 1086 25.95 62.14 32.04
CA THR A 1086 26.75 60.97 31.70
C THR A 1086 26.13 60.27 30.51
N GLN A 1087 26.96 59.52 29.79
CA GLN A 1087 26.45 58.67 28.73
C GLN A 1087 25.68 57.50 29.35
N ARG A 1088 24.87 56.84 28.53
CA ARG A 1088 23.79 56.04 29.10
C ARG A 1088 24.28 54.74 29.71
N ASN A 1089 25.36 54.16 29.20
CA ASN A 1089 25.80 52.86 29.68
C ASN A 1089 26.92 52.96 30.72
N PHE A 1090 27.63 54.07 30.80
CA PHE A 1090 28.67 54.24 31.80
C PHE A 1090 28.50 55.45 32.69
N TYR A 1091 28.71 55.27 33.98
CA TYR A 1091 28.88 56.43 34.83
C TYR A 1091 30.14 57.16 34.39
N GLU A 1092 29.94 58.28 33.71
CA GLU A 1092 31.04 59.20 33.37
C GLU A 1092 30.53 60.61 33.57
N PRO A 1093 30.63 61.13 34.78
CA PRO A 1093 30.19 62.49 35.04
C PRO A 1093 30.95 63.52 34.22
N GLN A 1094 30.25 64.56 33.77
CA GLN A 1094 30.87 65.77 33.28
C GLN A 1094 30.08 66.97 33.74
N ILE A 1095 30.80 68.00 34.19
CA ILE A 1095 30.17 69.27 34.49
C ILE A 1095 29.37 69.71 33.27
N ILE A 1096 28.12 70.11 33.50
CA ILE A 1096 27.23 70.42 32.38
C ILE A 1096 27.67 71.72 31.75
N THR A 1097 27.87 71.70 30.43
CA THR A 1097 28.35 72.86 29.71
C THR A 1097 27.54 73.01 28.42
N THR A 1098 27.54 74.22 27.87
CA THR A 1098 26.76 74.49 26.67
C THR A 1098 27.22 73.68 25.48
N ASP A 1099 28.47 73.20 25.48
CA ASP A 1099 28.99 72.39 24.39
C ASP A 1099 28.57 70.92 24.50
N ASN A 1100 27.70 70.60 25.45
CA ASN A 1100 27.28 69.24 25.72
C ASN A 1100 25.77 69.09 25.76
N THR A 1101 25.04 70.15 26.05
CA THR A 1101 23.58 70.15 26.01
C THR A 1101 23.13 71.06 24.89
N PHE A 1102 21.81 71.17 24.74
CA PHE A 1102 21.23 72.14 23.82
C PHE A 1102 19.91 72.65 24.37
N VAL A 1103 19.55 73.86 23.94
CA VAL A 1103 18.36 74.54 24.42
C VAL A 1103 17.21 74.25 23.48
N SER A 1104 16.00 74.23 24.02
CA SER A 1104 14.78 74.26 23.22
C SER A 1104 13.63 74.66 24.13
N GLY A 1105 13.01 75.81 23.86
CA GLY A 1105 11.87 76.24 24.65
C GLY A 1105 12.29 76.95 25.92
N ASN A 1106 11.39 76.97 26.89
CA ASN A 1106 11.63 77.59 28.17
C ASN A 1106 11.14 76.67 29.27
N CYS A 1107 11.27 77.14 30.51
CA CYS A 1107 11.16 76.26 31.67
C CYS A 1107 9.72 75.88 32.00
N ASP A 1108 8.73 76.51 31.38
CA ASP A 1108 7.34 76.37 31.80
C ASP A 1108 6.62 75.18 31.16
N VAL A 1109 7.28 74.43 30.28
CA VAL A 1109 6.61 73.43 29.47
C VAL A 1109 6.90 72.01 29.95
N VAL A 1110 8.14 71.70 30.29
CA VAL A 1110 8.50 70.35 30.70
C VAL A 1110 8.09 70.15 32.15
N ILE A 1111 7.59 68.96 32.48
CA ILE A 1111 7.06 68.72 33.81
C ILE A 1111 8.16 68.49 34.86
N GLY A 1112 9.24 67.82 34.50
CA GLY A 1112 10.35 67.64 35.42
C GLY A 1112 11.54 68.52 35.07
N ILE A 1113 11.74 69.60 35.84
CA ILE A 1113 12.83 70.53 35.58
C ILE A 1113 13.55 70.79 36.88
N VAL A 1114 14.86 70.99 36.78
CA VAL A 1114 15.68 71.33 37.94
C VAL A 1114 16.51 72.55 37.58
N ASN A 1115 16.65 73.44 38.56
CA ASN A 1115 17.49 74.62 38.40
C ASN A 1115 18.94 74.26 38.70
N ASN A 1116 19.85 74.74 37.87
CA ASN A 1116 21.28 74.58 38.13
C ASN A 1116 21.99 75.77 37.49
N THR A 1117 23.31 75.66 37.38
CA THR A 1117 24.13 76.59 36.61
C THR A 1117 24.88 75.81 35.55
N VAL A 1118 25.03 76.43 34.37
CA VAL A 1118 25.82 75.88 33.27
C VAL A 1118 26.89 76.90 32.92
N TYR A 1119 28.12 76.43 32.72
CA TYR A 1119 29.26 77.30 32.49
C TYR A 1119 29.67 77.23 31.04
N ASP A 1120 29.99 78.40 30.48
CA ASP A 1120 30.52 78.51 29.13
C ASP A 1120 31.99 78.90 29.25
N PRO A 1121 32.88 78.29 28.48
CA PRO A 1121 34.31 78.66 28.57
C PRO A 1121 34.52 80.14 28.26
N LEU A 1122 33.59 80.69 27.48
CA LEU A 1122 33.78 82.02 26.92
C LEU A 1122 33.94 83.07 28.02
N GLN A 1123 33.17 82.98 29.10
CA GLN A 1123 33.34 83.93 30.20
C GLN A 1123 34.75 83.91 30.78
N PRO A 1124 35.28 82.76 31.24
CA PRO A 1124 36.65 82.78 31.77
C PRO A 1124 37.74 83.11 30.75
N GLU A 1125 37.65 82.69 29.48
CA GLU A 1125 38.75 83.11 28.61
C GLU A 1125 38.64 84.57 28.16
N LEU A 1126 37.43 85.14 28.08
CA LEU A 1126 37.36 86.55 27.76
C LEU A 1126 37.78 87.43 28.93
N ASP A 1127 37.44 87.04 30.16
CA ASP A 1127 37.82 87.85 31.31
C ASP A 1127 39.28 87.58 31.71
N GLN B 14 -67.14 -9.62 -5.64
CA GLN B 14 -67.34 -8.18 -5.55
C GLN B 14 -66.96 -7.54 -6.86
N CYS B 15 -66.01 -6.60 -6.80
CA CYS B 15 -65.38 -6.01 -7.97
C CYS B 15 -66.41 -5.27 -8.83
N VAL B 16 -67.01 -4.26 -8.23
CA VAL B 16 -67.79 -3.29 -8.99
C VAL B 16 -66.84 -2.22 -9.52
N ASN B 17 -66.88 -2.00 -10.82
CA ASN B 17 -65.96 -1.07 -11.47
C ASN B 17 -66.61 0.31 -11.61
N LEU B 18 -65.85 1.35 -11.25
CA LEU B 18 -66.34 2.71 -11.27
C LEU B 18 -65.69 3.58 -12.33
N THR B 19 -64.50 3.23 -12.79
CA THR B 19 -63.80 4.07 -13.76
C THR B 19 -64.50 3.98 -15.09
N THR B 20 -65.66 4.63 -15.19
CA THR B 20 -66.47 4.59 -16.40
C THR B 20 -65.73 5.21 -17.58
N ARG B 21 -65.48 6.51 -17.51
CA ARG B 21 -64.75 7.20 -18.57
C ARG B 21 -63.77 8.26 -18.09
N THR B 22 -63.81 8.67 -16.82
CA THR B 22 -63.05 9.82 -16.33
C THR B 22 -61.58 9.74 -16.73
N GLN B 23 -61.15 10.69 -17.56
CA GLN B 23 -59.80 10.67 -18.14
C GLN B 23 -59.19 12.07 -18.18
N LEU B 24 -59.31 12.82 -17.08
CA LEU B 24 -58.70 14.14 -17.01
C LEU B 24 -57.18 14.02 -16.99
N PRO B 25 -56.46 14.97 -17.58
CA PRO B 25 -54.99 14.94 -17.53
C PRO B 25 -54.48 15.24 -16.14
N PRO B 26 -53.35 14.66 -15.74
CA PRO B 26 -52.88 14.83 -14.36
C PRO B 26 -52.49 16.26 -14.05
N ALA B 27 -52.80 16.68 -12.83
CA ALA B 27 -52.40 17.98 -12.31
C ALA B 27 -51.24 17.81 -11.35
N TYR B 28 -50.36 18.82 -11.32
CA TYR B 28 -49.19 18.79 -10.47
C TYR B 28 -49.24 19.95 -9.49
N THR B 29 -49.08 19.64 -8.21
CA THR B 29 -48.77 20.64 -7.20
C THR B 29 -47.26 20.60 -6.95
N ASN B 30 -46.79 21.32 -5.93
CA ASN B 30 -45.36 21.43 -5.68
C ASN B 30 -45.05 21.00 -4.25
N SER B 31 -44.31 19.91 -4.11
CA SER B 31 -43.86 19.42 -2.82
C SER B 31 -42.65 20.23 -2.40
N PHE B 32 -42.89 21.27 -1.60
CA PHE B 32 -41.89 22.30 -1.36
C PHE B 32 -40.61 21.74 -0.75
N THR B 33 -40.69 21.29 0.49
CA THR B 33 -39.56 20.71 1.21
C THR B 33 -40.15 19.60 2.06
N ARG B 34 -40.18 18.39 1.51
CA ARG B 34 -41.13 17.42 1.96
C ARG B 34 -40.59 16.01 1.71
N GLY B 35 -41.10 15.06 2.50
CA GLY B 35 -40.68 13.68 2.35
C GLY B 35 -39.25 13.41 2.72
N VAL B 36 -38.77 14.03 3.79
CA VAL B 36 -37.45 13.78 4.33
C VAL B 36 -37.62 12.89 5.55
N TYR B 37 -37.22 11.64 5.43
CA TYR B 37 -37.37 10.68 6.51
C TYR B 37 -36.04 10.45 7.21
N TYR B 38 -36.10 9.69 8.31
CA TYR B 38 -34.89 9.29 9.03
C TYR B 38 -34.28 8.10 8.31
N PRO B 39 -33.25 8.29 7.49
CA PRO B 39 -32.80 7.19 6.64
C PRO B 39 -31.84 6.28 7.38
N ASP B 40 -32.13 6.02 8.65
CA ASP B 40 -31.11 5.49 9.53
C ASP B 40 -31.73 5.30 10.91
N LYS B 41 -31.06 4.51 11.73
CA LYS B 41 -31.48 4.30 13.11
C LYS B 41 -30.45 4.85 14.10
N VAL B 42 -29.63 5.78 13.63
CA VAL B 42 -28.49 6.30 14.39
C VAL B 42 -28.87 7.65 14.96
N PHE B 43 -29.02 7.71 16.28
CA PHE B 43 -29.16 8.98 16.95
C PHE B 43 -27.93 9.84 16.69
N ARG B 44 -28.14 11.14 16.50
CA ARG B 44 -27.04 12.05 16.20
C ARG B 44 -27.25 13.36 16.94
N SER B 45 -26.16 13.92 17.43
CA SER B 45 -26.18 15.20 18.12
C SER B 45 -26.26 16.33 17.10
N SER B 46 -26.01 17.57 17.53
CA SER B 46 -26.17 18.69 16.62
C SER B 46 -25.08 18.63 15.56
N VAL B 47 -25.32 17.85 14.51
CA VAL B 47 -24.35 17.65 13.45
C VAL B 47 -25.07 17.75 12.11
N LEU B 48 -24.34 18.19 11.10
CA LEU B 48 -24.85 18.29 9.74
C LEU B 48 -24.32 17.07 8.98
N HIS B 49 -25.13 16.01 8.94
CA HIS B 49 -24.71 14.73 8.40
C HIS B 49 -25.20 14.59 6.96
N SER B 50 -24.29 14.26 6.06
CA SER B 50 -24.59 14.15 4.64
C SER B 50 -24.96 12.70 4.33
N THR B 51 -26.20 12.49 3.90
CA THR B 51 -26.71 11.17 3.56
C THR B 51 -26.97 11.09 2.05
N GLN B 52 -26.70 9.92 1.49
CA GLN B 52 -26.96 9.64 0.07
C GLN B 52 -27.93 8.46 0.01
N ASP B 53 -29.22 8.76 -0.08
CA ASP B 53 -30.25 7.73 -0.11
C ASP B 53 -31.34 8.17 -1.08
N LEU B 54 -32.35 7.32 -1.23
CA LEU B 54 -33.50 7.65 -2.08
C LEU B 54 -34.37 8.69 -1.39
N PHE B 55 -34.60 9.80 -2.08
CA PHE B 55 -35.32 10.92 -1.49
C PHE B 55 -36.24 11.54 -2.52
N LEU B 56 -37.19 12.33 -2.04
CA LEU B 56 -38.04 13.12 -2.93
C LEU B 56 -37.40 14.48 -3.10
N PRO B 57 -36.85 14.81 -4.27
CA PRO B 57 -36.14 16.07 -4.43
C PRO B 57 -37.02 17.27 -4.11
N PHE B 58 -36.40 18.30 -3.55
CA PHE B 58 -37.13 19.49 -3.14
C PHE B 58 -37.76 20.18 -4.34
N PHE B 59 -38.92 20.77 -4.10
CA PHE B 59 -39.63 21.57 -5.10
C PHE B 59 -39.84 20.77 -6.40
N SER B 60 -40.29 19.54 -6.23
CA SER B 60 -40.62 18.68 -7.36
C SER B 60 -42.12 18.72 -7.63
N ASN B 61 -42.49 18.34 -8.85
CA ASN B 61 -43.88 18.23 -9.23
C ASN B 61 -44.42 16.88 -8.78
N VAL B 62 -45.33 16.90 -7.81
CA VAL B 62 -45.99 15.70 -7.33
C VAL B 62 -47.42 15.70 -7.82
N THR B 63 -47.84 14.60 -8.45
CA THR B 63 -49.17 14.54 -9.03
C THR B 63 -50.23 14.64 -7.94
N TRP B 64 -51.36 15.26 -8.29
CA TRP B 64 -52.41 15.55 -7.32
C TRP B 64 -53.68 14.81 -7.76
N PHE B 65 -53.96 13.70 -7.10
CA PHE B 65 -55.20 12.97 -7.31
C PHE B 65 -56.20 13.35 -6.23
N HIS B 66 -57.47 13.10 -6.51
CA HIS B 66 -58.58 13.59 -5.71
C HIS B 66 -59.50 12.46 -5.25
N ALA B 67 -60.04 12.62 -4.04
CA ALA B 67 -61.02 11.66 -3.56
C ALA B 67 -62.23 11.62 -4.48
N LYS B 68 -62.79 12.80 -4.78
CA LYS B 68 -63.78 12.90 -5.83
C LYS B 68 -63.11 12.61 -7.18
N ARG B 69 -63.94 12.50 -8.22
CA ARG B 69 -63.48 12.16 -9.58
C ARG B 69 -62.86 10.76 -9.63
N PHE B 70 -62.95 10.06 -8.50
CA PHE B 70 -62.68 8.65 -8.26
C PHE B 70 -61.21 8.25 -8.27
N ASP B 71 -60.38 8.91 -9.07
CA ASP B 71 -58.92 8.95 -8.97
C ASP B 71 -58.28 7.74 -8.26
N ASN B 72 -58.50 6.52 -8.75
CA ASN B 72 -57.79 5.35 -8.22
C ASN B 72 -56.92 4.68 -9.27
N PRO B 73 -55.98 5.38 -9.89
CA PRO B 73 -55.17 4.73 -10.92
C PRO B 73 -54.08 3.87 -10.31
N VAL B 74 -53.76 2.78 -11.02
CA VAL B 74 -52.60 2.01 -10.62
C VAL B 74 -51.36 2.73 -11.12
N LEU B 75 -50.48 3.09 -10.19
CA LEU B 75 -49.36 3.96 -10.48
C LEU B 75 -48.05 3.19 -10.40
N PRO B 76 -47.03 3.59 -11.14
CA PRO B 76 -45.74 2.89 -11.06
C PRO B 76 -45.06 3.13 -9.72
N PHE B 77 -44.50 2.06 -9.17
CA PHE B 77 -43.69 2.12 -7.96
C PHE B 77 -42.23 2.03 -8.40
N ASN B 78 -41.69 3.17 -8.84
CA ASN B 78 -40.40 3.20 -9.50
C ASN B 78 -39.27 2.75 -8.58
N ASP B 79 -39.01 3.52 -7.52
CA ASP B 79 -38.01 3.17 -6.53
C ASP B 79 -38.54 3.34 -5.11
N GLY B 80 -39.82 3.63 -4.96
CA GLY B 80 -40.36 4.06 -3.69
C GLY B 80 -41.14 5.32 -3.93
N VAL B 81 -42.22 5.52 -3.18
CA VAL B 81 -43.08 6.67 -3.43
C VAL B 81 -43.31 7.41 -2.13
N TYR B 82 -43.59 8.70 -2.27
CA TYR B 82 -44.03 9.52 -1.16
C TYR B 82 -45.52 9.74 -1.31
N PHE B 83 -46.28 9.42 -0.26
CA PHE B 83 -47.73 9.51 -0.29
C PHE B 83 -48.18 10.48 0.79
N ALA B 84 -49.02 11.43 0.41
CA ALA B 84 -49.61 12.37 1.34
C ALA B 84 -51.10 12.41 1.12
N SER B 85 -51.85 12.84 2.15
CA SER B 85 -53.29 12.94 2.04
C SER B 85 -53.79 14.01 2.99
N THR B 86 -54.79 14.76 2.56
CA THR B 86 -55.38 15.79 3.41
C THR B 86 -56.48 15.21 4.29
N GLU B 87 -57.56 14.73 3.67
CA GLU B 87 -58.40 13.67 4.21
C GLU B 87 -58.84 13.94 5.65
N LYS B 88 -59.66 14.97 5.81
CA LYS B 88 -60.16 15.30 7.14
C LYS B 88 -61.10 14.25 7.70
N SER B 89 -61.57 13.31 6.88
CA SER B 89 -62.33 12.16 7.33
C SER B 89 -61.68 10.91 6.78
N ASN B 90 -61.75 9.81 7.53
CA ASN B 90 -60.92 8.65 7.23
C ASN B 90 -61.38 7.99 5.93
N ILE B 91 -60.88 8.48 4.80
CA ILE B 91 -61.38 8.03 3.50
C ILE B 91 -60.29 7.34 2.71
N ILE B 92 -59.03 7.69 2.95
CA ILE B 92 -57.92 6.92 2.42
C ILE B 92 -57.67 5.76 3.38
N ARG B 93 -57.76 4.54 2.88
CA ARG B 93 -57.78 3.39 3.75
C ARG B 93 -56.68 2.38 3.49
N GLY B 94 -55.89 2.55 2.44
CA GLY B 94 -54.76 1.67 2.26
C GLY B 94 -54.32 1.59 0.82
N TRP B 95 -53.42 0.64 0.57
CA TRP B 95 -52.71 0.53 -0.69
C TRP B 95 -52.53 -0.94 -1.04
N ILE B 96 -52.34 -1.20 -2.32
CA ILE B 96 -52.29 -2.55 -2.84
C ILE B 96 -51.00 -2.86 -3.60
N PHE B 97 -49.87 -2.36 -3.09
CA PHE B 97 -48.56 -2.59 -3.72
C PHE B 97 -48.45 -4.02 -4.26
N GLY B 98 -47.92 -4.13 -5.47
CA GLY B 98 -47.75 -5.42 -6.09
C GLY B 98 -47.10 -5.27 -7.45
N THR B 99 -46.89 -6.42 -8.10
CA THR B 99 -46.29 -6.45 -9.44
C THR B 99 -47.36 -6.51 -10.53
N THR B 100 -48.16 -7.58 -10.53
CA THR B 100 -49.20 -7.78 -11.52
C THR B 100 -50.57 -7.40 -11.00
N LEU B 101 -50.76 -7.38 -9.68
CA LEU B 101 -52.06 -7.12 -9.06
C LEU B 101 -53.09 -8.14 -9.53
N ASP B 102 -52.67 -9.39 -9.65
CA ASP B 102 -53.51 -10.47 -10.13
C ASP B 102 -53.10 -11.74 -9.40
N SER B 103 -53.79 -12.83 -9.71
CA SER B 103 -53.36 -14.13 -9.21
C SER B 103 -51.98 -14.48 -9.76
N LYS B 104 -51.43 -15.58 -9.26
CA LYS B 104 -50.16 -16.15 -9.72
C LYS B 104 -48.97 -15.31 -9.29
N THR B 105 -49.22 -14.14 -8.68
CA THR B 105 -48.16 -13.27 -8.20
C THR B 105 -48.56 -12.70 -6.85
N GLN B 106 -47.72 -12.92 -5.85
CA GLN B 106 -48.00 -12.37 -4.52
C GLN B 106 -47.99 -10.86 -4.55
N SER B 107 -48.78 -10.25 -3.69
CA SER B 107 -48.95 -8.81 -3.63
C SER B 107 -49.25 -8.41 -2.20
N LEU B 108 -49.04 -7.13 -1.90
CA LEU B 108 -49.18 -6.61 -0.56
C LEU B 108 -50.47 -5.80 -0.46
N LEU B 109 -51.13 -5.88 0.69
CA LEU B 109 -52.38 -5.19 0.93
C LEU B 109 -52.35 -4.59 2.33
N ILE B 110 -52.53 -3.27 2.41
CA ILE B 110 -52.57 -2.56 3.68
C ILE B 110 -53.95 -1.93 3.82
N VAL B 111 -54.62 -2.19 4.94
CA VAL B 111 -55.94 -1.65 5.24
C VAL B 111 -56.03 -1.43 6.73
N ASN B 112 -56.56 -0.29 7.15
CA ASN B 112 -56.83 -0.02 8.56
C ASN B 112 -58.28 0.40 8.74
N ASN B 113 -58.95 -0.20 9.72
CA ASN B 113 -60.39 0.03 9.82
C ASN B 113 -60.73 1.30 10.59
N ALA B 114 -60.59 1.27 11.91
CA ALA B 114 -60.64 2.50 12.71
C ALA B 114 -59.70 2.40 13.90
N THR B 115 -59.36 1.15 14.26
CA THR B 115 -58.63 0.88 15.49
C THR B 115 -57.56 -0.19 15.27
N ASN B 116 -57.32 -0.60 14.02
CA ASN B 116 -56.45 -1.72 13.75
C ASN B 116 -56.14 -1.75 12.26
N VAL B 117 -54.87 -1.98 11.94
CA VAL B 117 -54.39 -2.04 10.56
C VAL B 117 -54.02 -3.49 10.26
N VAL B 118 -54.37 -3.95 9.07
CA VAL B 118 -54.09 -5.31 8.64
C VAL B 118 -53.19 -5.26 7.42
N ILE B 119 -52.12 -6.05 7.45
CA ILE B 119 -51.18 -6.16 6.34
C ILE B 119 -51.13 -7.62 5.92
N LYS B 120 -51.35 -7.86 4.63
CA LYS B 120 -51.38 -9.22 4.11
C LYS B 120 -50.58 -9.26 2.82
N VAL B 121 -49.94 -10.39 2.56
CA VAL B 121 -49.22 -10.62 1.30
C VAL B 121 -49.77 -11.91 0.72
N CYS B 122 -50.84 -11.81 -0.06
CA CYS B 122 -51.48 -12.97 -0.65
C CYS B 122 -51.53 -12.83 -2.17
N GLU B 123 -51.83 -13.94 -2.83
CA GLU B 123 -51.97 -13.93 -4.29
C GLU B 123 -53.37 -13.44 -4.64
N PHE B 124 -53.63 -12.19 -4.26
CA PHE B 124 -54.95 -11.62 -4.39
C PHE B 124 -55.42 -11.57 -5.84
N GLN B 125 -56.70 -11.30 -6.01
CA GLN B 125 -57.33 -11.19 -7.32
C GLN B 125 -58.04 -9.85 -7.41
N PHE B 126 -57.28 -8.78 -7.12
CA PHE B 126 -57.81 -7.42 -7.02
C PHE B 126 -58.82 -7.08 -8.11
N CYS B 127 -59.83 -6.32 -7.71
CA CYS B 127 -60.75 -5.71 -8.65
C CYS B 127 -60.03 -4.64 -9.46
N ASN B 128 -60.69 -4.21 -10.54
CA ASN B 128 -60.16 -3.09 -11.31
C ASN B 128 -60.27 -1.78 -10.54
N ASP B 129 -61.29 -1.65 -9.70
CA ASP B 129 -61.54 -0.43 -8.94
C ASP B 129 -61.70 -0.79 -7.47
N PRO B 130 -60.61 -1.18 -6.81
CA PRO B 130 -60.72 -1.63 -5.42
C PRO B 130 -61.01 -0.47 -4.48
N PHE B 131 -61.95 -0.69 -3.56
CA PHE B 131 -62.27 0.31 -2.56
C PHE B 131 -63.03 -0.36 -1.43
N LEU B 132 -63.48 0.44 -0.47
CA LEU B 132 -64.17 -0.05 0.70
C LEU B 132 -65.50 0.69 0.86
N GLY B 133 -66.60 -0.06 0.89
CA GLY B 133 -67.88 0.55 1.20
C GLY B 133 -67.99 0.85 2.68
N VAL B 134 -68.61 1.98 3.00
CA VAL B 134 -68.72 2.46 4.38
C VAL B 134 -70.18 2.74 4.68
N TYR B 135 -70.65 2.27 5.84
CA TYR B 135 -72.04 2.42 6.23
C TYR B 135 -72.13 2.67 7.72
N TYR B 136 -73.15 3.42 8.13
CA TYR B 136 -73.44 3.71 9.53
C TYR B 136 -74.80 3.14 9.88
N HIS B 137 -74.82 2.07 10.65
CA HIS B 137 -76.09 1.48 11.08
C HIS B 137 -76.77 2.42 12.07
N LYS B 138 -78.11 2.39 12.11
CA LYS B 138 -78.81 3.46 12.83
C LYS B 138 -78.87 3.23 14.33
N ASN B 139 -78.67 2.01 14.82
CA ASN B 139 -78.67 1.87 16.27
C ASN B 139 -77.49 2.62 16.87
N ASN B 140 -76.32 2.50 16.23
CA ASN B 140 -75.10 3.16 16.71
C ASN B 140 -74.51 3.90 15.51
N LYS B 141 -74.46 5.23 15.51
CA LYS B 141 -74.03 5.88 14.25
C LYS B 141 -72.50 5.96 14.05
N SER B 142 -71.67 5.41 14.94
CA SER B 142 -70.20 5.38 14.69
C SER B 142 -69.77 3.94 14.38
N TRP B 143 -70.60 3.22 13.62
CA TRP B 143 -70.35 1.79 13.31
C TRP B 143 -69.26 1.63 12.26
N MET B 144 -69.23 2.52 11.26
CA MET B 144 -68.25 2.42 10.15
C MET B 144 -68.19 0.98 9.66
N GLU B 145 -69.36 0.40 9.37
CA GLU B 145 -69.35 -0.98 8.90
C GLU B 145 -68.73 -1.00 7.51
N SER B 146 -67.50 -1.48 7.42
CA SER B 146 -66.73 -1.43 6.19
C SER B 146 -66.90 -2.72 5.41
N GLU B 147 -67.15 -2.60 4.11
CA GLU B 147 -67.25 -3.75 3.22
C GLU B 147 -66.10 -3.73 2.22
N PHE B 148 -65.54 -4.91 1.98
CA PHE B 148 -64.39 -5.03 1.10
C PHE B 148 -64.84 -5.28 -0.33
N ARG B 149 -64.41 -4.41 -1.24
CA ARG B 149 -64.59 -4.58 -2.67
C ARG B 149 -63.23 -4.53 -3.36
N VAL B 150 -62.22 -5.07 -2.70
CA VAL B 150 -60.84 -4.93 -3.12
C VAL B 150 -60.43 -6.13 -3.97
N TYR B 151 -60.61 -7.34 -3.43
CA TYR B 151 -60.26 -8.55 -4.14
C TYR B 151 -61.48 -9.48 -4.21
N SER B 152 -61.47 -10.37 -5.19
CA SER B 152 -62.47 -11.43 -5.27
C SER B 152 -61.97 -12.74 -4.69
N SER B 153 -60.70 -13.07 -4.90
CA SER B 153 -60.09 -14.26 -4.33
C SER B 153 -58.80 -13.86 -3.64
N ALA B 154 -58.58 -14.42 -2.44
CA ALA B 154 -57.42 -14.08 -1.63
C ALA B 154 -57.04 -15.32 -0.84
N ASN B 155 -56.00 -16.03 -1.30
CA ASN B 155 -55.65 -17.31 -0.72
C ASN B 155 -54.17 -17.57 -0.92
N ASN B 156 -53.66 -18.56 -0.17
CA ASN B 156 -52.31 -19.08 -0.36
C ASN B 156 -51.26 -18.01 -0.07
N CYS B 157 -51.24 -17.58 1.19
CA CYS B 157 -50.33 -16.51 1.55
C CYS B 157 -49.62 -16.76 2.87
N THR B 158 -48.53 -16.02 3.03
CA THR B 158 -47.46 -16.30 3.98
C THR B 158 -47.30 -15.26 5.08
N PHE B 159 -47.56 -14.00 4.79
CA PHE B 159 -47.32 -12.91 5.74
C PHE B 159 -48.66 -12.33 6.16
N GLU B 160 -48.79 -12.03 7.45
CA GLU B 160 -50.00 -11.43 7.98
C GLU B 160 -49.61 -10.71 9.27
N TYR B 161 -49.61 -9.38 9.24
CA TYR B 161 -49.20 -8.56 10.37
C TYR B 161 -50.36 -7.68 10.78
N VAL B 162 -50.47 -7.44 12.09
CA VAL B 162 -51.56 -6.66 12.66
C VAL B 162 -50.98 -5.73 13.70
N SER B 163 -51.41 -4.48 13.68
CA SER B 163 -50.93 -3.50 14.65
C SER B 163 -52.02 -2.44 14.83
N GLN B 164 -51.72 -1.45 15.64
CA GLN B 164 -52.60 -0.31 15.77
C GLN B 164 -52.61 0.47 14.45
N PRO B 165 -53.71 1.16 14.13
CA PRO B 165 -53.87 1.68 12.77
C PRO B 165 -52.79 2.69 12.42
N PHE B 166 -52.42 2.71 11.14
CA PHE B 166 -51.50 3.74 10.65
C PHE B 166 -52.10 5.13 10.80
N LEU B 167 -53.38 5.26 10.47
CA LEU B 167 -54.05 6.56 10.47
C LEU B 167 -54.95 6.74 11.68
N LYS B 178 -56.33 19.85 8.93
CA LYS B 178 -57.21 18.83 8.35
C LYS B 178 -56.60 17.44 8.46
N ASN B 179 -55.60 17.30 9.33
CA ASN B 179 -54.91 16.03 9.55
C ASN B 179 -54.25 15.53 8.25
N LEU B 180 -53.26 16.30 7.81
CA LEU B 180 -52.41 15.86 6.72
C LEU B 180 -51.54 14.68 7.18
N ARG B 181 -51.38 13.70 6.29
CA ARG B 181 -50.71 12.45 6.65
C ARG B 181 -49.77 12.01 5.53
N GLU B 182 -48.51 11.78 5.88
CA GLU B 182 -47.46 11.55 4.90
C GLU B 182 -46.92 10.14 5.04
N PHE B 183 -46.52 9.56 3.92
CA PHE B 183 -45.97 8.21 3.92
C PHE B 183 -44.83 8.13 2.92
N VAL B 184 -43.84 7.30 3.25
CA VAL B 184 -42.77 6.95 2.34
C VAL B 184 -42.66 5.44 2.33
N PHE B 185 -43.00 4.82 1.20
CA PHE B 185 -42.84 3.39 1.02
C PHE B 185 -41.63 3.13 0.16
N LYS B 186 -40.79 2.19 0.59
CA LYS B 186 -39.67 1.77 -0.25
C LYS B 186 -39.42 0.29 -0.03
N ASN B 187 -38.99 -0.37 -1.10
CA ASN B 187 -38.82 -1.82 -1.13
C ASN B 187 -37.35 -2.10 -1.40
N ILE B 188 -36.57 -2.28 -0.34
CA ILE B 188 -35.14 -2.49 -0.43
C ILE B 188 -34.80 -3.86 0.12
N ASP B 189 -33.98 -4.61 -0.63
CA ASP B 189 -33.47 -5.95 -0.29
C ASP B 189 -34.47 -6.81 0.47
N GLY B 190 -35.66 -6.98 -0.09
CA GLY B 190 -36.65 -7.86 0.49
C GLY B 190 -37.40 -7.30 1.67
N TYR B 191 -37.09 -6.09 2.10
CA TYR B 191 -37.80 -5.44 3.19
C TYR B 191 -38.69 -4.35 2.62
N PHE B 192 -39.92 -4.29 3.12
CA PHE B 192 -40.83 -3.21 2.79
C PHE B 192 -40.80 -2.23 3.94
N LYS B 193 -40.33 -1.02 3.67
CA LYS B 193 -40.12 0.00 4.69
C LYS B 193 -41.20 1.05 4.57
N ILE B 194 -41.79 1.42 5.70
CA ILE B 194 -42.82 2.46 5.76
C ILE B 194 -42.37 3.51 6.75
N TYR B 195 -42.35 4.76 6.31
CA TYR B 195 -42.12 5.90 7.17
C TYR B 195 -43.37 6.76 7.13
N SER B 196 -43.76 7.31 8.27
CA SER B 196 -45.00 8.07 8.32
C SER B 196 -44.83 9.27 9.25
N LYS B 197 -45.68 10.27 9.01
CA LYS B 197 -45.72 11.46 9.86
C LYS B 197 -47.11 12.06 9.73
N HIS B 198 -47.78 12.23 10.86
CA HIS B 198 -49.17 12.67 10.90
C HIS B 198 -49.23 14.08 11.45
N THR B 199 -49.79 15.00 10.68
CA THR B 199 -49.72 16.41 11.05
C THR B 199 -51.06 17.13 10.88
N PRO B 200 -51.53 17.80 11.92
CA PRO B 200 -52.69 18.69 11.74
C PRO B 200 -52.28 19.94 10.97
N ILE B 201 -53.07 20.27 9.96
CA ILE B 201 -52.70 21.32 9.00
C ILE B 201 -53.81 22.36 8.93
N ASN B 202 -53.41 23.61 8.74
CA ASN B 202 -54.35 24.72 8.53
C ASN B 202 -54.33 25.25 7.11
N LEU B 203 -53.30 24.95 6.32
CA LEU B 203 -53.17 25.51 4.98
C LEU B 203 -54.40 25.15 4.13
N VAL B 204 -54.65 25.99 3.13
CA VAL B 204 -55.91 25.93 2.40
C VAL B 204 -56.06 24.60 1.66
N ARG B 205 -55.18 24.33 0.70
CA ARG B 205 -55.42 23.16 -0.14
C ARG B 205 -54.22 22.24 -0.33
N ASP B 206 -53.01 22.77 -0.45
CA ASP B 206 -51.87 22.00 -0.91
C ASP B 206 -50.98 21.59 0.25
N LEU B 207 -49.81 21.04 -0.09
CA LEU B 207 -48.83 20.68 0.92
C LEU B 207 -48.37 21.93 1.65
N PRO B 208 -48.11 21.86 2.94
CA PRO B 208 -47.62 23.03 3.65
C PRO B 208 -46.15 23.30 3.34
N GLN B 209 -45.57 24.29 4.00
CA GLN B 209 -44.17 24.62 3.80
C GLN B 209 -43.26 24.19 4.93
N GLY B 210 -43.79 24.06 6.14
CA GLY B 210 -43.01 23.69 7.29
C GLY B 210 -42.29 22.37 7.12
N PHE B 211 -41.00 22.34 7.44
CA PHE B 211 -40.24 21.11 7.35
C PHE B 211 -40.68 20.13 8.43
N SER B 212 -40.94 18.89 8.02
CA SER B 212 -41.27 17.82 8.95
C SER B 212 -40.60 16.55 8.48
N ALA B 213 -40.04 15.79 9.41
CA ALA B 213 -39.24 14.62 9.11
C ALA B 213 -40.04 13.37 9.41
N LEU B 214 -40.22 12.53 8.39
CA LEU B 214 -40.93 11.27 8.57
C LEU B 214 -40.08 10.28 9.34
N GLU B 215 -40.72 9.48 10.17
CA GLU B 215 -39.99 8.52 10.97
C GLU B 215 -40.58 7.13 10.80
N PRO B 216 -39.74 6.09 10.86
CA PRO B 216 -40.20 4.76 10.44
C PRO B 216 -41.33 4.23 11.32
N LEU B 217 -42.27 3.53 10.68
CA LEU B 217 -43.29 2.76 11.38
C LEU B 217 -42.88 1.31 11.54
N VAL B 218 -42.70 0.61 10.41
CA VAL B 218 -42.48 -0.83 10.41
C VAL B 218 -41.45 -1.15 9.36
N ASP B 219 -40.94 -2.39 9.41
CA ASP B 219 -39.97 -2.88 8.44
C ASP B 219 -40.38 -4.34 8.18
N LEU B 220 -41.23 -4.53 7.19
CA LEU B 220 -41.83 -5.83 6.95
C LEU B 220 -40.91 -6.68 6.07
N PRO B 221 -40.54 -7.88 6.49
CA PRO B 221 -39.71 -8.74 5.64
C PRO B 221 -40.52 -9.38 4.53
N ILE B 222 -41.14 -8.56 3.68
CA ILE B 222 -42.10 -9.08 2.70
C ILE B 222 -41.38 -9.91 1.65
N GLY B 223 -40.30 -9.39 1.09
CA GLY B 223 -39.52 -10.15 0.13
C GLY B 223 -40.17 -10.39 -1.21
N ILE B 224 -41.14 -9.56 -1.60
CA ILE B 224 -41.78 -9.67 -2.90
C ILE B 224 -41.29 -8.53 -3.78
N ASN B 225 -41.56 -8.66 -5.08
CA ASN B 225 -41.23 -7.62 -6.04
C ASN B 225 -42.44 -6.72 -6.23
N ILE B 226 -42.22 -5.41 -6.10
CA ILE B 226 -43.28 -4.42 -6.21
C ILE B 226 -42.93 -3.46 -7.34
N THR B 227 -43.87 -3.28 -8.27
CA THR B 227 -43.67 -2.36 -9.39
C THR B 227 -44.84 -1.43 -9.62
N ARG B 228 -46.01 -1.67 -9.04
CA ARG B 228 -47.19 -0.85 -9.25
C ARG B 228 -47.96 -0.77 -7.95
N PHE B 229 -48.82 0.24 -7.83
CA PHE B 229 -49.58 0.40 -6.61
C PHE B 229 -50.82 1.25 -6.88
N GLN B 230 -51.75 1.21 -5.93
CA GLN B 230 -53.05 1.84 -6.06
C GLN B 230 -53.63 2.03 -4.68
N THR B 231 -54.20 3.21 -4.44
CA THR B 231 -54.75 3.54 -3.14
C THR B 231 -56.16 2.98 -2.98
N LEU B 232 -56.59 2.83 -1.73
CA LEU B 232 -57.89 2.28 -1.38
C LEU B 232 -58.72 3.37 -0.74
N LEU B 233 -59.86 3.68 -1.35
CA LEU B 233 -60.77 4.69 -0.83
C LEU B 233 -61.98 4.09 -0.14
N ALA B 234 -62.66 4.94 0.61
CA ALA B 234 -63.87 4.60 1.34
C ALA B 234 -65.00 5.43 0.76
N LEU B 235 -65.91 4.78 0.05
CA LEU B 235 -66.98 5.46 -0.66
C LEU B 235 -68.32 5.16 0.01
N HIS B 236 -69.18 6.16 0.07
CA HIS B 236 -70.53 5.98 0.57
C HIS B 236 -71.48 5.67 -0.58
N ARG B 237 -72.60 5.04 -0.24
CA ARG B 237 -73.66 4.75 -1.20
C ARG B 237 -74.76 5.79 -1.03
N SER B 238 -74.79 6.78 -1.93
CA SER B 238 -75.77 7.85 -1.83
C SER B 238 -77.16 7.40 -2.28
N TYR B 239 -77.25 6.58 -3.32
CA TYR B 239 -78.54 6.11 -3.81
C TYR B 239 -78.31 4.78 -4.53
N LEU B 240 -79.42 4.15 -4.91
CA LEU B 240 -79.39 2.81 -5.47
C LEU B 240 -80.33 2.74 -6.68
N THR B 241 -79.75 2.69 -7.88
CA THR B 241 -80.62 2.31 -8.98
C THR B 241 -80.69 0.78 -9.06
N PRO B 242 -81.81 0.22 -9.58
CA PRO B 242 -82.01 -1.22 -9.44
C PRO B 242 -80.90 -2.10 -9.98
N GLY B 243 -80.62 -2.09 -11.28
CA GLY B 243 -79.40 -2.76 -11.68
C GLY B 243 -78.33 -1.82 -12.18
N ASP B 244 -77.43 -1.39 -11.30
CA ASP B 244 -76.22 -0.74 -11.79
C ASP B 244 -74.98 -1.21 -11.03
N SER B 245 -75.13 -1.32 -9.70
CA SER B 245 -74.04 -1.60 -8.77
C SER B 245 -73.04 -0.44 -8.72
N SER B 246 -73.19 0.53 -9.62
CA SER B 246 -72.31 1.68 -9.74
C SER B 246 -73.12 2.97 -9.69
N SER B 247 -74.12 3.01 -8.82
CA SER B 247 -75.12 4.06 -8.85
C SER B 247 -74.71 5.28 -8.02
N GLY B 248 -74.55 5.08 -6.71
CA GLY B 248 -74.36 6.21 -5.81
C GLY B 248 -73.10 6.16 -4.98
N TRP B 249 -72.00 5.73 -5.58
CA TRP B 249 -70.73 5.61 -4.85
C TRP B 249 -70.08 7.00 -4.75
N THR B 250 -70.61 7.81 -3.83
CA THR B 250 -69.99 9.09 -3.53
C THR B 250 -68.67 8.88 -2.81
N ALA B 251 -67.72 9.78 -3.08
CA ALA B 251 -66.34 9.60 -2.64
C ALA B 251 -65.88 10.67 -1.68
N GLY B 252 -66.77 11.12 -0.79
CA GLY B 252 -66.37 12.04 0.27
C GLY B 252 -65.75 13.31 -0.29
N ALA B 253 -64.69 13.77 0.38
CA ALA B 253 -63.94 14.93 -0.09
C ALA B 253 -62.54 14.89 0.54
N ALA B 254 -61.54 14.64 -0.29
CA ALA B 254 -60.16 14.54 0.18
C ALA B 254 -59.24 14.64 -1.03
N ALA B 255 -57.94 14.54 -0.78
CA ALA B 255 -56.94 14.66 -1.83
C ALA B 255 -55.68 13.93 -1.40
N TYR B 256 -55.06 13.22 -2.33
CA TYR B 256 -53.82 12.51 -2.04
C TYR B 256 -52.83 12.74 -3.17
N TYR B 257 -51.55 12.88 -2.79
CA TYR B 257 -50.48 13.19 -3.72
C TYR B 257 -49.48 12.04 -3.69
N VAL B 258 -48.90 11.74 -4.85
CA VAL B 258 -47.85 10.73 -4.94
C VAL B 258 -46.63 11.34 -5.61
N GLY B 259 -45.52 11.36 -4.91
CA GLY B 259 -44.23 11.69 -5.49
C GLY B 259 -43.39 10.45 -5.63
N TYR B 260 -42.23 10.60 -6.25
CA TYR B 260 -41.34 9.49 -6.51
C TYR B 260 -39.96 9.78 -5.94
N LEU B 261 -39.44 8.82 -5.18
CA LEU B 261 -38.14 8.98 -4.56
C LEU B 261 -37.04 8.83 -5.60
N GLN B 262 -36.03 9.66 -5.51
CA GLN B 262 -34.88 9.52 -6.38
C GLN B 262 -33.62 9.44 -5.53
N PRO B 263 -32.60 8.75 -5.99
CA PRO B 263 -31.36 8.66 -5.21
C PRO B 263 -30.57 9.96 -5.23
N ARG B 264 -30.62 10.70 -4.12
CA ARG B 264 -29.95 12.00 -4.04
C ARG B 264 -29.17 12.07 -2.75
N THR B 265 -28.35 13.12 -2.63
CA THR B 265 -27.59 13.40 -1.43
C THR B 265 -28.29 14.52 -0.69
N PHE B 266 -28.51 14.32 0.60
CA PHE B 266 -29.05 15.37 1.47
C PHE B 266 -28.03 15.71 2.56
N LEU B 267 -28.32 16.80 3.27
CA LEU B 267 -27.52 17.22 4.41
C LEU B 267 -28.50 17.48 5.55
N LEU B 268 -28.71 16.47 6.38
CA LEU B 268 -29.76 16.48 7.38
C LEU B 268 -29.21 17.07 8.67
N LYS B 269 -29.75 18.20 9.09
CA LYS B 269 -29.37 18.78 10.36
C LYS B 269 -30.12 18.09 11.49
N TYR B 270 -29.38 17.40 12.35
CA TYR B 270 -29.96 16.80 13.52
C TYR B 270 -29.97 17.80 14.65
N ASN B 271 -31.01 17.73 15.47
CA ASN B 271 -31.14 18.61 16.61
C ASN B 271 -30.16 18.17 17.70
N GLU B 272 -30.25 18.78 18.88
CA GLU B 272 -29.51 18.23 20.02
C GLU B 272 -30.12 16.91 20.46
N ASN B 273 -31.40 16.71 20.16
CA ASN B 273 -32.11 15.50 20.56
C ASN B 273 -32.24 14.49 19.43
N GLY B 274 -31.66 14.75 18.27
CA GLY B 274 -31.69 13.80 17.18
C GLY B 274 -32.85 13.94 16.22
N THR B 275 -33.63 15.01 16.30
CA THR B 275 -34.68 15.26 15.33
C THR B 275 -34.12 16.03 14.15
N ILE B 276 -34.56 15.67 12.95
CA ILE B 276 -34.09 16.32 11.73
C ILE B 276 -34.87 17.61 11.57
N THR B 277 -34.25 18.73 11.95
CA THR B 277 -34.95 20.02 11.90
C THR B 277 -34.92 20.66 10.51
N ASP B 278 -34.06 20.18 9.61
CA ASP B 278 -33.87 20.86 8.33
C ASP B 278 -33.00 19.98 7.45
N ALA B 279 -32.97 20.32 6.16
CA ALA B 279 -32.16 19.59 5.19
C ALA B 279 -31.99 20.43 3.94
N VAL B 280 -30.99 20.08 3.13
CA VAL B 280 -30.74 20.72 1.84
C VAL B 280 -30.55 19.63 0.80
N ASP B 281 -31.07 19.86 -0.40
CA ASP B 281 -31.03 18.89 -1.49
C ASP B 281 -29.88 19.27 -2.42
N CYS B 282 -28.79 18.51 -2.36
CA CYS B 282 -27.55 18.94 -3.00
C CYS B 282 -27.70 19.17 -4.49
N ALA B 283 -28.47 18.33 -5.18
CA ALA B 283 -28.62 18.46 -6.62
C ALA B 283 -29.74 19.39 -7.02
N LEU B 284 -30.38 20.05 -6.05
CA LEU B 284 -31.45 20.98 -6.41
C LEU B 284 -30.92 22.20 -7.14
N ASP B 285 -29.89 22.84 -6.59
CA ASP B 285 -29.37 24.08 -7.15
C ASP B 285 -27.96 24.29 -6.63
N PRO B 286 -27.19 25.17 -7.27
CA PRO B 286 -25.78 25.36 -6.86
C PRO B 286 -25.62 25.76 -5.41
N LEU B 287 -26.51 26.59 -4.87
CA LEU B 287 -26.38 26.98 -3.48
C LEU B 287 -26.51 25.78 -2.54
N SER B 288 -27.47 24.89 -2.81
CA SER B 288 -27.61 23.69 -1.99
C SER B 288 -26.41 22.78 -2.17
N GLU B 289 -25.86 22.71 -3.38
CA GLU B 289 -24.65 21.92 -3.58
C GLU B 289 -23.51 22.45 -2.72
N THR B 290 -23.35 23.77 -2.67
CA THR B 290 -22.32 24.37 -1.83
C THR B 290 -22.57 24.09 -0.36
N LYS B 291 -23.83 24.20 0.08
CA LYS B 291 -24.16 23.90 1.46
C LYS B 291 -23.79 22.46 1.81
N CYS B 292 -24.11 21.51 0.93
CA CYS B 292 -23.72 20.13 1.17
C CYS B 292 -22.21 19.98 1.23
N THR B 293 -21.50 20.62 0.31
CA THR B 293 -20.05 20.47 0.26
C THR B 293 -19.39 20.98 1.54
N LEU B 294 -19.86 22.12 2.05
CA LEU B 294 -19.32 22.66 3.30
C LEU B 294 -19.90 22.01 4.53
N LYS B 295 -20.99 21.25 4.40
CA LYS B 295 -21.73 20.70 5.52
C LYS B 295 -22.14 21.80 6.49
N SER B 296 -22.91 22.75 5.97
CA SER B 296 -23.47 23.84 6.78
C SER B 296 -24.71 24.37 6.09
N PHE B 297 -25.59 24.98 6.88
CA PHE B 297 -26.76 25.62 6.34
C PHE B 297 -26.56 27.12 6.13
N THR B 298 -25.47 27.67 6.64
CA THR B 298 -25.07 29.04 6.36
C THR B 298 -23.69 29.00 5.73
N VAL B 299 -23.56 29.69 4.60
CA VAL B 299 -22.33 29.69 3.82
C VAL B 299 -21.76 31.10 3.83
N GLU B 300 -20.52 31.23 4.29
CA GLU B 300 -19.87 32.52 4.32
C GLU B 300 -19.41 32.92 2.92
N LYS B 301 -19.16 34.21 2.75
CA LYS B 301 -18.81 34.75 1.44
C LYS B 301 -17.52 34.11 0.93
N GLY B 302 -17.44 33.97 -0.38
CA GLY B 302 -16.23 33.46 -1.00
C GLY B 302 -16.57 32.65 -2.24
N ILE B 303 -15.56 31.93 -2.71
CA ILE B 303 -15.67 31.04 -3.86
C ILE B 303 -15.35 29.63 -3.41
N TYR B 304 -16.23 28.69 -3.75
CA TYR B 304 -16.09 27.30 -3.34
C TYR B 304 -16.17 26.41 -4.56
N GLN B 305 -15.47 25.29 -4.52
CA GLN B 305 -15.50 24.33 -5.60
C GLN B 305 -16.42 23.19 -5.20
N THR B 306 -17.46 22.94 -6.01
CA THR B 306 -18.54 22.04 -5.63
C THR B 306 -18.66 20.80 -6.49
N SER B 307 -18.44 20.90 -7.79
CA SER B 307 -18.64 19.75 -8.67
C SER B 307 -17.73 19.91 -9.88
N ASN B 308 -17.97 19.09 -10.91
CA ASN B 308 -17.16 19.10 -12.11
C ASN B 308 -18.08 19.03 -13.33
N PHE B 309 -17.88 19.94 -14.27
CA PHE B 309 -18.64 19.94 -15.51
C PHE B 309 -18.04 18.92 -16.46
N ARG B 310 -18.90 18.12 -17.09
CA ARG B 310 -18.45 17.16 -18.09
C ARG B 310 -19.50 17.04 -19.17
N VAL B 311 -19.12 17.38 -20.40
CA VAL B 311 -20.03 17.31 -21.54
C VAL B 311 -20.32 15.85 -21.84
N GLN B 312 -21.58 15.54 -21.98
CA GLN B 312 -21.93 14.15 -22.28
C GLN B 312 -22.06 13.93 -23.78
N PRO B 313 -21.78 12.72 -24.25
CA PRO B 313 -21.90 12.45 -25.68
C PRO B 313 -23.34 12.53 -26.16
N THR B 314 -23.50 12.95 -27.41
CA THR B 314 -24.82 13.08 -28.02
C THR B 314 -25.26 11.83 -28.76
N GLU B 315 -24.36 11.21 -29.51
CA GLU B 315 -24.69 10.03 -30.29
C GLU B 315 -23.53 9.04 -30.18
N SER B 316 -23.85 7.75 -30.32
CA SER B 316 -22.84 6.71 -30.36
C SER B 316 -22.57 6.30 -31.80
N ILE B 317 -21.31 6.01 -32.10
CA ILE B 317 -20.94 5.51 -33.41
C ILE B 317 -20.15 4.22 -33.21
N VAL B 318 -20.51 3.20 -33.98
CA VAL B 318 -19.90 1.88 -33.90
C VAL B 318 -19.45 1.51 -35.31
N ARG B 319 -18.16 1.25 -35.48
CA ARG B 319 -17.60 0.98 -36.80
C ARG B 319 -17.01 -0.42 -36.84
N PHE B 320 -17.45 -1.21 -37.81
CA PHE B 320 -17.04 -2.60 -38.00
C PHE B 320 -16.84 -2.86 -39.48
N PRO B 321 -15.92 -3.75 -39.84
CA PRO B 321 -15.78 -4.13 -41.24
C PRO B 321 -17.04 -4.79 -41.78
N ASN B 322 -17.30 -4.55 -43.06
CA ASN B 322 -18.51 -5.05 -43.71
C ASN B 322 -18.35 -6.46 -44.28
N ILE B 323 -17.28 -7.17 -43.91
CA ILE B 323 -17.18 -8.58 -44.26
C ILE B 323 -18.37 -9.32 -43.68
N THR B 324 -19.04 -10.10 -44.52
CA THR B 324 -20.20 -10.88 -44.10
C THR B 324 -19.90 -12.37 -44.05
N ASN B 325 -18.64 -12.78 -44.24
CA ASN B 325 -18.31 -14.19 -44.28
C ASN B 325 -18.50 -14.83 -42.90
N LEU B 326 -19.00 -16.06 -42.91
CA LEU B 326 -19.22 -16.82 -41.69
C LEU B 326 -18.11 -17.86 -41.53
N CYS B 327 -17.57 -17.94 -40.31
CA CYS B 327 -16.47 -18.83 -40.02
C CYS B 327 -17.00 -20.27 -39.94
N PRO B 328 -16.25 -21.27 -40.45
CA PRO B 328 -16.79 -22.64 -40.51
C PRO B 328 -16.66 -23.40 -39.20
N PHE B 329 -17.52 -23.06 -38.24
CA PHE B 329 -17.52 -23.75 -36.95
C PHE B 329 -18.21 -25.11 -37.05
N GLY B 330 -19.19 -25.25 -37.93
CA GLY B 330 -19.77 -26.56 -38.17
C GLY B 330 -18.74 -27.55 -38.69
N GLU B 331 -17.81 -27.07 -39.51
CA GLU B 331 -16.78 -27.94 -40.08
C GLU B 331 -15.75 -28.40 -39.07
N VAL B 332 -15.62 -27.71 -37.94
CA VAL B 332 -14.67 -28.12 -36.90
C VAL B 332 -15.36 -28.92 -35.80
N PHE B 333 -16.59 -28.56 -35.46
CA PHE B 333 -17.29 -29.27 -34.41
C PHE B 333 -17.96 -30.55 -34.92
N ASN B 334 -18.27 -30.60 -36.22
CA ASN B 334 -18.87 -31.75 -36.86
C ASN B 334 -17.88 -32.49 -37.76
N ALA B 335 -16.58 -32.30 -37.54
CA ALA B 335 -15.60 -32.85 -38.46
C ALA B 335 -15.59 -34.38 -38.39
N THR B 336 -15.36 -34.99 -39.56
CA THR B 336 -15.51 -36.45 -39.69
C THR B 336 -14.53 -37.19 -38.80
N ARG B 337 -13.29 -36.73 -38.75
CA ARG B 337 -12.26 -37.34 -37.91
C ARG B 337 -11.42 -36.24 -37.30
N PHE B 338 -11.24 -36.27 -35.99
CA PHE B 338 -10.36 -35.29 -35.37
C PHE B 338 -8.95 -35.85 -35.25
N ALA B 339 -8.01 -34.97 -35.00
CA ALA B 339 -6.61 -35.35 -34.87
C ALA B 339 -6.31 -35.92 -33.50
N SER B 340 -5.22 -36.68 -33.43
CA SER B 340 -4.73 -37.19 -32.16
C SER B 340 -4.14 -36.05 -31.33
N VAL B 341 -4.06 -36.28 -30.02
CA VAL B 341 -3.51 -35.26 -29.13
C VAL B 341 -2.03 -35.05 -29.39
N TYR B 342 -1.29 -36.11 -29.72
CA TYR B 342 0.14 -35.96 -29.98
C TYR B 342 0.42 -35.19 -31.27
N ALA B 343 -0.55 -35.13 -32.18
CA ALA B 343 -0.40 -34.44 -33.46
C ALA B 343 -1.64 -33.58 -33.73
N TRP B 344 -2.04 -32.82 -32.71
CA TRP B 344 -3.23 -31.98 -32.77
C TRP B 344 -3.19 -31.00 -33.94
N ASN B 345 -4.35 -30.82 -34.57
CA ASN B 345 -4.52 -29.86 -35.65
C ASN B 345 -4.66 -28.45 -35.09
N ARG B 346 -4.20 -27.47 -35.86
CA ARG B 346 -4.35 -26.06 -35.51
C ARG B 346 -4.65 -25.28 -36.78
N LYS B 347 -5.92 -24.93 -36.97
CA LYS B 347 -6.34 -24.13 -38.12
C LYS B 347 -6.52 -22.69 -37.70
N ARG B 348 -5.96 -21.78 -38.48
CA ARG B 348 -6.01 -20.34 -38.19
C ARG B 348 -7.18 -19.73 -38.94
N ILE B 349 -8.06 -19.04 -38.21
CA ILE B 349 -9.29 -18.51 -38.76
C ILE B 349 -9.22 -16.98 -38.72
N SER B 350 -9.60 -16.35 -39.84
CA SER B 350 -9.56 -14.91 -39.95
C SER B 350 -10.52 -14.47 -41.06
N ASN B 351 -10.77 -13.17 -41.11
CA ASN B 351 -11.55 -12.53 -42.16
C ASN B 351 -12.95 -13.16 -42.29
N CYS B 352 -13.62 -13.30 -41.15
CA CYS B 352 -14.99 -13.81 -41.13
C CYS B 352 -15.67 -13.33 -39.86
N VAL B 353 -16.98 -13.51 -39.83
CA VAL B 353 -17.82 -13.13 -38.69
C VAL B 353 -18.09 -14.38 -37.87
N ALA B 354 -17.73 -14.34 -36.59
CA ALA B 354 -17.83 -15.49 -35.71
C ALA B 354 -18.97 -15.27 -34.72
N ASP B 355 -20.06 -16.00 -34.90
CA ASP B 355 -21.20 -15.94 -33.98
C ASP B 355 -20.97 -16.99 -32.89
N TYR B 356 -20.58 -16.53 -31.70
CA TYR B 356 -20.32 -17.40 -30.57
C TYR B 356 -21.54 -17.65 -29.71
N SER B 357 -22.65 -16.96 -29.99
CA SER B 357 -23.86 -17.14 -29.18
C SER B 357 -24.43 -18.54 -29.31
N VAL B 358 -24.44 -19.10 -30.52
CA VAL B 358 -24.94 -20.46 -30.71
C VAL B 358 -24.08 -21.45 -29.93
N LEU B 359 -22.76 -21.27 -29.96
CA LEU B 359 -21.87 -22.15 -29.22
C LEU B 359 -22.07 -22.03 -27.72
N TYR B 360 -22.22 -20.79 -27.23
CA TYR B 360 -22.43 -20.58 -25.80
C TYR B 360 -23.74 -21.20 -25.34
N ASN B 361 -24.80 -21.06 -26.14
CA ASN B 361 -26.11 -21.57 -25.75
C ASN B 361 -26.25 -23.06 -25.98
N SER B 362 -25.40 -23.66 -26.81
CA SER B 362 -25.54 -25.07 -27.12
C SER B 362 -25.25 -25.93 -25.90
N ALA B 363 -26.17 -26.83 -25.58
CA ALA B 363 -26.06 -27.70 -24.41
C ALA B 363 -25.36 -29.01 -24.71
N SER B 364 -25.04 -29.28 -25.98
CA SER B 364 -24.33 -30.51 -26.31
C SER B 364 -22.89 -30.52 -25.80
N PHE B 365 -22.38 -29.37 -25.39
CA PHE B 365 -21.03 -29.28 -24.87
C PHE B 365 -21.01 -29.61 -23.38
N SER B 366 -20.13 -30.54 -23.00
CA SER B 366 -19.97 -30.87 -21.60
C SER B 366 -19.42 -29.70 -20.81
N THR B 367 -18.38 -29.04 -21.34
CA THR B 367 -17.69 -27.99 -20.60
C THR B 367 -17.32 -26.85 -21.52
N PHE B 368 -17.32 -25.63 -20.97
CA PHE B 368 -16.91 -24.43 -21.70
C PHE B 368 -16.37 -23.44 -20.67
N LYS B 369 -15.06 -23.46 -20.45
CA LYS B 369 -14.40 -22.53 -19.55
C LYS B 369 -13.50 -21.64 -20.38
N CYS B 370 -13.37 -20.37 -20.01
CA CYS B 370 -12.32 -19.58 -20.63
C CYS B 370 -11.75 -18.46 -19.80
N TYR B 371 -10.54 -18.08 -20.17
CA TYR B 371 -9.66 -17.23 -19.42
C TYR B 371 -9.37 -16.00 -20.25
N GLY B 372 -9.29 -14.85 -19.60
CA GLY B 372 -9.04 -13.63 -20.32
C GLY B 372 -10.28 -12.87 -20.72
N VAL B 373 -11.28 -13.55 -21.27
CA VAL B 373 -12.48 -12.88 -21.76
C VAL B 373 -13.73 -13.65 -21.33
N SER B 374 -14.82 -12.90 -21.10
CA SER B 374 -16.10 -13.52 -20.76
C SER B 374 -16.79 -14.05 -22.02
N PRO B 375 -17.41 -15.22 -21.94
CA PRO B 375 -17.98 -15.83 -23.16
C PRO B 375 -19.12 -15.02 -23.78
N THR B 376 -19.75 -14.11 -23.05
CA THR B 376 -20.92 -13.41 -23.56
C THR B 376 -20.59 -12.12 -24.29
N LYS B 377 -19.40 -11.55 -24.09
CA LYS B 377 -19.00 -10.34 -24.78
C LYS B 377 -18.17 -10.61 -26.03
N LEU B 378 -17.95 -11.88 -26.38
CA LEU B 378 -17.19 -12.21 -27.57
C LEU B 378 -17.91 -11.79 -28.85
N ASN B 379 -19.23 -11.70 -28.82
CA ASN B 379 -19.97 -11.21 -29.99
C ASN B 379 -19.69 -9.75 -30.27
N ASP B 380 -19.04 -9.05 -29.34
CA ASP B 380 -18.79 -7.62 -29.50
C ASP B 380 -17.34 -7.31 -29.88
N LEU B 381 -16.39 -8.03 -29.30
CA LEU B 381 -14.98 -7.71 -29.50
C LEU B 381 -14.51 -8.15 -30.89
N CYS B 382 -13.32 -7.67 -31.26
CA CYS B 382 -12.65 -8.06 -32.49
C CYS B 382 -11.24 -8.53 -32.16
N PHE B 383 -10.72 -9.42 -33.00
CA PHE B 383 -9.41 -10.00 -32.79
C PHE B 383 -8.62 -10.01 -34.08
N THR B 384 -7.30 -10.07 -33.94
CA THR B 384 -6.40 -10.14 -35.08
C THR B 384 -6.46 -11.49 -35.77
N ASN B 385 -6.44 -12.57 -34.99
CA ASN B 385 -6.55 -13.93 -35.52
C ASN B 385 -7.02 -14.84 -34.39
N VAL B 386 -7.44 -16.04 -34.78
CA VAL B 386 -7.92 -17.03 -33.81
C VAL B 386 -7.48 -18.41 -34.27
N TYR B 387 -7.09 -19.25 -33.32
CA TYR B 387 -6.61 -20.60 -33.58
C TYR B 387 -7.53 -21.61 -32.93
N ALA B 388 -7.94 -22.61 -33.70
CA ALA B 388 -8.76 -23.72 -33.21
C ALA B 388 -7.89 -24.96 -33.14
N ASP B 389 -7.50 -25.33 -31.92
CA ASP B 389 -6.69 -26.53 -31.70
C ASP B 389 -7.60 -27.70 -31.38
N SER B 390 -7.69 -28.64 -32.31
CA SER B 390 -8.61 -29.78 -32.19
C SER B 390 -7.82 -31.04 -31.90
N PHE B 391 -8.22 -31.75 -30.85
CA PHE B 391 -7.62 -33.05 -30.54
C PHE B 391 -8.58 -33.83 -29.65
N VAL B 392 -8.29 -35.12 -29.51
CA VAL B 392 -9.07 -36.04 -28.70
C VAL B 392 -8.22 -36.41 -27.49
N ILE B 393 -8.86 -36.45 -26.32
CA ILE B 393 -8.23 -36.95 -25.11
C ILE B 393 -9.19 -37.91 -24.42
N ARG B 394 -8.67 -39.07 -24.02
CA ARG B 394 -9.44 -40.09 -23.33
C ARG B 394 -8.81 -40.41 -21.99
N GLY B 395 -9.64 -40.86 -21.06
CA GLY B 395 -9.15 -41.17 -19.73
C GLY B 395 -9.12 -39.96 -18.82
N ASP B 396 -8.36 -40.10 -17.73
CA ASP B 396 -8.26 -39.05 -16.72
C ASP B 396 -7.41 -37.89 -17.22
N GLU B 397 -7.13 -36.94 -16.33
CA GLU B 397 -6.32 -35.75 -16.58
C GLU B 397 -6.94 -34.83 -17.63
N VAL B 398 -8.21 -35.00 -17.96
CA VAL B 398 -8.86 -34.13 -18.94
C VAL B 398 -8.90 -32.69 -18.42
N ARG B 399 -8.93 -32.51 -17.10
CA ARG B 399 -8.98 -31.16 -16.53
C ARG B 399 -7.63 -30.46 -16.61
N GLN B 400 -6.56 -31.17 -16.96
CA GLN B 400 -5.24 -30.54 -17.00
C GLN B 400 -5.08 -29.56 -18.15
N ILE B 401 -6.01 -29.53 -19.10
CA ILE B 401 -5.89 -28.61 -20.22
C ILE B 401 -6.31 -27.23 -19.74
N ALA B 402 -5.33 -26.47 -19.25
CA ALA B 402 -5.55 -25.17 -18.62
C ALA B 402 -4.19 -24.56 -18.35
N PRO B 403 -4.09 -23.22 -18.33
CA PRO B 403 -2.79 -22.59 -18.13
C PRO B 403 -2.26 -22.79 -16.73
N GLY B 404 -0.94 -22.94 -16.63
CA GLY B 404 -0.29 -23.13 -15.34
C GLY B 404 -0.69 -24.41 -14.64
N GLN B 405 -0.91 -25.48 -15.40
CA GLN B 405 -1.26 -26.77 -14.85
C GLN B 405 -0.11 -27.75 -15.04
N THR B 406 -0.02 -28.72 -14.15
CA THR B 406 1.05 -29.70 -14.16
C THR B 406 0.47 -31.11 -14.28
N GLY B 407 1.31 -32.03 -14.71
CA GLY B 407 0.91 -33.40 -14.92
C GLY B 407 1.56 -34.00 -16.15
N LYS B 408 1.34 -35.30 -16.39
CA LYS B 408 1.92 -35.92 -17.58
C LYS B 408 1.38 -35.30 -18.86
N ILE B 409 0.07 -35.07 -18.93
CA ILE B 409 -0.53 -34.47 -20.12
C ILE B 409 -0.01 -33.07 -20.33
N ALA B 410 -0.04 -32.25 -19.28
CA ALA B 410 0.40 -30.86 -19.40
C ALA B 410 1.90 -30.75 -19.71
N ASP B 411 2.69 -31.74 -19.26
CA ASP B 411 4.13 -31.65 -19.39
C ASP B 411 4.66 -32.27 -20.68
N TYR B 412 4.01 -33.30 -21.21
CA TYR B 412 4.51 -34.00 -22.38
C TYR B 412 3.59 -33.97 -23.59
N ASN B 413 2.32 -33.59 -23.43
CA ASN B 413 1.32 -33.73 -24.48
C ASN B 413 0.78 -32.40 -24.99
N TYR B 414 0.39 -31.50 -24.08
CA TYR B 414 -0.22 -30.24 -24.47
C TYR B 414 0.00 -29.23 -23.35
N LYS B 415 0.76 -28.18 -23.64
CA LYS B 415 1.15 -27.19 -22.64
C LYS B 415 0.60 -25.82 -23.06
N LEU B 416 -0.15 -25.17 -22.13
CA LEU B 416 -0.71 -23.85 -22.38
C LEU B 416 0.25 -22.77 -21.87
N PRO B 417 0.27 -21.61 -22.54
CA PRO B 417 1.10 -20.51 -22.07
C PRO B 417 0.53 -19.90 -20.79
N ASP B 418 1.39 -19.14 -20.10
CA ASP B 418 1.00 -18.57 -18.83
C ASP B 418 -0.05 -17.48 -18.99
N ASP B 419 0.06 -16.67 -20.04
CA ASP B 419 -0.88 -15.58 -20.30
C ASP B 419 -1.90 -15.93 -21.36
N PHE B 420 -2.30 -17.20 -21.44
CA PHE B 420 -3.24 -17.62 -22.47
C PHE B 420 -4.54 -16.85 -22.35
N THR B 421 -5.05 -16.36 -23.47
CA THR B 421 -6.31 -15.63 -23.53
C THR B 421 -7.20 -16.34 -24.54
N GLY B 422 -8.12 -17.17 -24.03
CA GLY B 422 -8.99 -17.91 -24.91
C GLY B 422 -9.88 -18.85 -24.12
N CYS B 423 -10.57 -19.72 -24.85
CA CYS B 423 -11.58 -20.59 -24.27
C CYS B 423 -11.28 -22.05 -24.56
N VAL B 424 -11.63 -22.91 -23.59
CA VAL B 424 -11.46 -24.35 -23.71
C VAL B 424 -12.83 -25.00 -23.70
N ILE B 425 -13.05 -25.94 -24.63
CA ILE B 425 -14.34 -26.59 -24.82
C ILE B 425 -14.13 -28.09 -24.89
N ALA B 426 -14.98 -28.84 -24.22
CA ALA B 426 -14.87 -30.29 -24.20
C ALA B 426 -16.25 -30.92 -24.13
N TRP B 427 -16.38 -32.11 -24.70
CA TRP B 427 -17.63 -32.87 -24.64
C TRP B 427 -17.31 -34.33 -24.91
N ASN B 428 -18.10 -35.21 -24.29
CA ASN B 428 -17.92 -36.64 -24.53
C ASN B 428 -18.29 -36.97 -25.96
N SER B 429 -17.53 -37.88 -26.57
CA SER B 429 -17.77 -38.31 -27.94
C SER B 429 -17.65 -39.81 -28.09
N ASN B 430 -18.06 -40.56 -27.07
CA ASN B 430 -18.01 -42.01 -27.17
C ASN B 430 -18.66 -42.51 -28.45
N ASN B 431 -19.80 -41.90 -28.83
CA ASN B 431 -20.51 -42.29 -30.03
C ASN B 431 -19.68 -42.16 -31.30
N LEU B 432 -18.70 -41.26 -31.33
CA LEU B 432 -17.91 -41.02 -32.54
C LEU B 432 -16.50 -41.58 -32.47
N ASP B 433 -15.84 -41.51 -31.31
CA ASP B 433 -14.46 -41.94 -31.16
C ASP B 433 -14.31 -43.30 -30.48
N SER B 434 -15.40 -43.93 -30.09
CA SER B 434 -15.30 -45.25 -29.48
C SER B 434 -15.71 -46.32 -30.48
N TYR B 440 -7.70 -48.42 -30.92
CA TYR B 440 -6.32 -48.05 -30.59
C TYR B 440 -5.79 -47.00 -31.56
N ASN B 441 -6.71 -46.38 -32.31
CA ASN B 441 -6.31 -45.37 -33.29
C ASN B 441 -5.65 -44.17 -32.64
N TYR B 442 -6.09 -43.80 -31.44
CA TYR B 442 -5.60 -42.62 -30.76
C TYR B 442 -4.44 -42.98 -29.84
N LEU B 443 -3.37 -42.19 -29.92
CA LEU B 443 -2.15 -42.43 -29.17
C LEU B 443 -1.67 -41.12 -28.57
N TYR B 444 -0.80 -41.23 -27.57
CA TYR B 444 -0.27 -40.05 -26.89
C TYR B 444 1.15 -40.33 -26.43
N ARG B 445 1.89 -39.25 -26.19
CA ARG B 445 3.27 -39.36 -25.72
C ARG B 445 3.34 -39.42 -24.20
N ASN B 451 9.49 -31.05 -19.73
CA ASN B 451 8.29 -30.39 -20.26
C ASN B 451 8.58 -29.78 -21.63
N LEU B 452 7.54 -29.26 -22.28
CA LEU B 452 7.68 -28.64 -23.59
C LEU B 452 7.13 -27.22 -23.53
N LYS B 453 7.72 -26.35 -24.35
CA LYS B 453 7.29 -24.97 -24.42
C LYS B 453 5.91 -24.87 -25.05
N PRO B 454 5.13 -23.86 -24.69
CA PRO B 454 3.76 -23.76 -25.22
C PRO B 454 3.73 -23.71 -26.74
N PHE B 455 2.74 -24.40 -27.31
CA PHE B 455 2.52 -24.44 -28.76
C PHE B 455 3.73 -25.01 -29.48
N GLU B 456 4.07 -26.25 -29.09
CA GLU B 456 5.10 -27.03 -29.75
C GLU B 456 4.54 -28.43 -30.00
N ARG B 457 5.06 -29.09 -31.04
CA ARG B 457 4.56 -30.39 -31.45
C ARG B 457 5.67 -31.43 -31.37
N ASP B 458 5.29 -32.67 -31.06
CA ASP B 458 6.21 -33.80 -31.01
C ASP B 458 5.56 -34.96 -31.77
N ILE B 459 6.04 -35.21 -32.98
CA ILE B 459 5.47 -36.23 -33.85
C ILE B 459 6.53 -37.28 -34.17
N SER B 460 7.44 -37.52 -33.24
CA SER B 460 8.51 -38.49 -33.42
C SER B 460 8.23 -39.74 -32.59
N THR B 461 8.71 -40.87 -33.09
CA THR B 461 8.54 -42.17 -32.44
C THR B 461 9.86 -42.69 -31.85
N GLU B 462 10.76 -41.78 -31.50
CA GLU B 462 12.07 -42.17 -31.02
C GLU B 462 11.97 -42.86 -29.66
N ILE B 463 12.95 -43.71 -29.37
CA ILE B 463 13.02 -44.43 -28.11
C ILE B 463 13.81 -43.59 -27.11
N TYR B 464 13.21 -43.33 -25.96
CA TYR B 464 13.86 -42.56 -24.91
C TYR B 464 15.02 -43.34 -24.30
N ASN B 478 17.79 -50.29 -22.92
CA ASN B 478 17.39 -49.08 -22.21
C ASN B 478 16.50 -48.21 -23.08
N CYS B 479 15.57 -48.85 -23.79
CA CYS B 479 14.67 -48.15 -24.71
C CYS B 479 13.24 -48.58 -24.44
N TYR B 480 12.33 -47.61 -24.50
CA TYR B 480 10.90 -47.84 -24.29
C TYR B 480 10.12 -47.19 -25.42
N PHE B 481 8.92 -47.71 -25.66
CA PHE B 481 8.06 -47.15 -26.68
C PHE B 481 7.53 -45.78 -26.24
N PRO B 482 7.45 -44.81 -27.13
CA PRO B 482 7.04 -43.46 -26.72
C PRO B 482 5.52 -43.25 -26.77
N LEU B 483 4.81 -44.14 -27.44
CA LEU B 483 3.39 -43.97 -27.74
C LEU B 483 2.57 -44.95 -26.92
N GLN B 484 1.45 -44.48 -26.37
CA GLN B 484 0.53 -45.30 -25.62
C GLN B 484 -0.89 -45.08 -26.16
N SER B 485 -1.66 -46.16 -26.21
CA SER B 485 -3.01 -46.12 -26.76
C SER B 485 -4.05 -45.96 -25.65
N TYR B 486 -5.18 -45.37 -26.02
CA TYR B 486 -6.28 -45.18 -25.08
C TYR B 486 -7.17 -46.41 -25.03
N GLY B 487 -7.49 -46.84 -23.82
CA GLY B 487 -8.36 -47.98 -23.62
C GLY B 487 -9.83 -47.60 -23.65
N PHE B 488 -10.35 -47.30 -24.84
CA PHE B 488 -11.75 -46.88 -24.97
C PHE B 488 -12.63 -48.07 -24.60
N GLN B 489 -13.33 -47.93 -23.48
CA GLN B 489 -14.27 -48.96 -23.08
C GLN B 489 -15.64 -48.35 -22.88
N PRO B 490 -16.70 -49.07 -23.22
CA PRO B 490 -18.07 -48.56 -23.05
C PRO B 490 -18.52 -48.57 -21.58
N THR B 491 -17.65 -48.09 -20.71
CA THR B 491 -17.92 -48.03 -19.27
C THR B 491 -17.50 -46.69 -18.71
N VAL B 494 -17.07 -43.81 -17.57
CA VAL B 494 -16.99 -42.36 -17.49
C VAL B 494 -15.52 -41.94 -17.45
N GLY B 495 -14.74 -42.62 -16.62
CA GLY B 495 -13.35 -42.25 -16.47
C GLY B 495 -12.50 -42.59 -17.67
N TYR B 496 -12.97 -43.49 -18.53
CA TYR B 496 -12.21 -43.95 -19.68
C TYR B 496 -12.75 -43.49 -21.02
N GLN B 497 -13.96 -42.94 -21.07
CA GLN B 497 -14.56 -42.58 -22.34
C GLN B 497 -13.82 -41.40 -22.98
N PRO B 498 -13.82 -41.32 -24.31
CA PRO B 498 -13.07 -40.24 -24.98
C PRO B 498 -13.84 -38.92 -24.95
N TYR B 499 -13.07 -37.83 -24.89
CA TYR B 499 -13.61 -36.48 -24.92
C TYR B 499 -12.94 -35.68 -26.02
N ARG B 500 -13.73 -34.87 -26.72
CA ARG B 500 -13.25 -34.07 -27.84
C ARG B 500 -13.03 -32.65 -27.35
N VAL B 501 -11.79 -32.16 -27.46
CA VAL B 501 -11.40 -30.89 -26.88
C VAL B 501 -10.92 -29.96 -27.98
N VAL B 502 -11.44 -28.73 -27.98
CA VAL B 502 -11.01 -27.68 -28.89
C VAL B 502 -10.65 -26.45 -28.04
N VAL B 503 -9.52 -25.84 -28.35
CA VAL B 503 -9.03 -24.66 -27.64
C VAL B 503 -8.98 -23.51 -28.62
N LEU B 504 -9.65 -22.41 -28.27
CA LEU B 504 -9.67 -21.21 -29.09
C LEU B 504 -8.69 -20.22 -28.48
N SER B 505 -7.67 -19.85 -29.24
CA SER B 505 -6.68 -18.87 -28.81
C SER B 505 -6.94 -17.55 -29.51
N PHE B 506 -7.07 -16.48 -28.74
CA PHE B 506 -7.36 -15.16 -29.27
C PHE B 506 -6.11 -14.29 -29.16
N GLU B 507 -5.73 -13.66 -30.27
CA GLU B 507 -4.65 -12.67 -30.29
C GLU B 507 -5.29 -11.32 -30.62
N LEU B 508 -5.28 -10.41 -29.64
CA LEU B 508 -6.09 -9.20 -29.70
C LEU B 508 -5.27 -7.93 -29.92
N LEU B 509 -3.95 -8.04 -30.11
CA LEU B 509 -3.14 -6.83 -30.14
C LEU B 509 -2.15 -6.78 -31.29
N HIS B 510 -1.77 -7.94 -31.81
CA HIS B 510 -0.60 -8.03 -32.67
C HIS B 510 -0.78 -7.38 -34.04
N ALA B 511 -2.01 -7.07 -34.44
CA ALA B 511 -2.26 -6.62 -35.81
C ALA B 511 -3.62 -5.94 -35.85
N PRO B 512 -3.99 -5.36 -36.99
CA PRO B 512 -5.39 -4.95 -37.16
C PRO B 512 -6.33 -6.13 -37.03
N ALA B 513 -7.46 -5.88 -36.39
CA ALA B 513 -8.46 -6.93 -36.19
C ALA B 513 -9.15 -7.24 -37.50
N THR B 514 -9.39 -8.53 -37.75
CA THR B 514 -10.10 -8.94 -38.96
C THR B 514 -11.28 -9.87 -38.69
N VAL B 515 -11.41 -10.43 -37.49
CA VAL B 515 -12.55 -11.26 -37.13
C VAL B 515 -13.35 -10.48 -36.09
N CYS B 516 -14.61 -10.19 -36.42
CA CYS B 516 -15.45 -9.34 -35.59
C CYS B 516 -16.80 -10.01 -35.37
N GLY B 517 -17.43 -9.69 -34.24
CA GLY B 517 -18.72 -10.23 -33.92
C GLY B 517 -19.82 -9.59 -34.74
N PRO B 518 -20.99 -10.22 -34.74
CA PRO B 518 -22.11 -9.74 -35.59
C PRO B 518 -22.73 -8.46 -35.05
N LYS B 519 -22.11 -7.34 -35.38
CA LYS B 519 -22.57 -6.04 -34.93
C LYS B 519 -22.71 -5.11 -36.13
N LYS B 520 -23.91 -4.57 -36.33
CA LYS B 520 -24.14 -3.61 -37.38
C LYS B 520 -23.41 -2.30 -37.05
N SER B 521 -22.91 -1.64 -38.08
CA SER B 521 -22.26 -0.36 -37.91
C SER B 521 -23.26 0.78 -38.12
N THR B 522 -22.86 1.96 -37.69
CA THR B 522 -23.68 3.16 -37.86
C THR B 522 -22.83 4.25 -38.50
N ASN B 523 -23.51 5.24 -39.08
CA ASN B 523 -22.81 6.38 -39.65
C ASN B 523 -22.07 7.12 -38.54
N LEU B 524 -21.04 7.85 -38.95
CA LEU B 524 -20.21 8.59 -38.01
C LEU B 524 -20.52 10.08 -38.14
N VAL B 525 -20.53 10.78 -37.01
CA VAL B 525 -20.78 12.21 -36.95
C VAL B 525 -19.55 12.90 -36.37
N LYS B 526 -19.06 13.92 -37.06
CA LYS B 526 -17.82 14.59 -36.73
C LYS B 526 -18.10 15.94 -36.07
N ASN B 527 -17.07 16.48 -35.43
CA ASN B 527 -17.12 17.82 -34.81
C ASN B 527 -18.11 17.87 -33.65
N LYS B 528 -18.22 16.80 -32.88
CA LYS B 528 -19.18 16.73 -31.79
C LYS B 528 -18.79 15.61 -30.84
N CYS B 529 -18.89 15.89 -29.53
CA CYS B 529 -18.53 14.90 -28.53
C CYS B 529 -19.42 13.67 -28.65
N VAL B 530 -18.83 12.56 -29.07
CA VAL B 530 -19.53 11.30 -29.25
C VAL B 530 -18.74 10.22 -28.55
N ASN B 531 -19.43 9.15 -28.15
CA ASN B 531 -18.76 7.96 -27.64
C ASN B 531 -18.64 6.96 -28.78
N PHE B 532 -17.40 6.65 -29.16
CA PHE B 532 -17.13 5.84 -30.34
C PHE B 532 -16.71 4.43 -29.94
N ASN B 533 -16.71 3.56 -30.94
CA ASN B 533 -16.28 2.16 -30.76
C ASN B 533 -15.70 1.71 -32.09
N PHE B 534 -14.38 1.73 -32.20
CA PHE B 534 -13.68 1.34 -33.42
C PHE B 534 -13.13 -0.06 -33.22
N ASN B 535 -13.78 -1.04 -33.87
CA ASN B 535 -13.43 -2.47 -33.78
C ASN B 535 -13.00 -2.86 -32.36
N GLY B 536 -13.83 -2.52 -31.38
CA GLY B 536 -13.58 -2.83 -29.99
C GLY B 536 -12.86 -1.74 -29.22
N LEU B 537 -12.32 -0.74 -29.89
CA LEU B 537 -11.65 0.38 -29.24
C LEU B 537 -12.70 1.44 -28.90
N THR B 538 -12.88 1.70 -27.60
CA THR B 538 -13.95 2.55 -27.13
C THR B 538 -13.40 3.81 -26.46
N GLY B 539 -14.24 4.83 -26.39
CA GLY B 539 -13.87 6.09 -25.80
C GLY B 539 -14.81 7.19 -26.24
N THR B 540 -14.61 8.36 -25.65
CA THR B 540 -15.45 9.52 -25.92
C THR B 540 -14.59 10.71 -26.30
N GLY B 541 -15.12 11.56 -27.17
CA GLY B 541 -14.40 12.75 -27.59
C GLY B 541 -15.01 13.31 -28.85
N VAL B 542 -14.36 14.34 -29.38
CA VAL B 542 -14.76 14.97 -30.63
C VAL B 542 -13.88 14.45 -31.75
N LEU B 543 -14.47 14.17 -32.89
CA LEU B 543 -13.80 13.50 -33.99
C LEU B 543 -13.69 14.48 -35.15
N THR B 544 -12.46 14.74 -35.59
CA THR B 544 -12.20 15.82 -36.53
C THR B 544 -11.25 15.35 -37.63
N GLU B 545 -11.36 16.00 -38.78
CA GLU B 545 -10.40 15.78 -39.86
C GLU B 545 -9.00 16.11 -39.38
N SER B 546 -8.03 15.33 -39.84
CA SER B 546 -6.66 15.47 -39.40
C SER B 546 -5.73 15.44 -40.60
N ASN B 547 -4.55 16.05 -40.43
CA ASN B 547 -3.52 16.08 -41.45
C ASN B 547 -2.31 15.25 -41.07
N LYS B 548 -2.48 14.31 -40.13
CA LYS B 548 -1.39 13.46 -39.68
C LYS B 548 -1.25 12.28 -40.64
N LYS B 549 -0.17 12.28 -41.42
CA LYS B 549 0.01 11.26 -42.45
C LYS B 549 0.36 9.93 -41.79
N PHE B 550 -0.68 9.19 -41.45
CA PHE B 550 -0.48 7.81 -41.05
C PHE B 550 0.15 7.02 -42.19
N LEU B 551 1.24 6.32 -41.87
CA LEU B 551 1.86 5.46 -42.86
C LEU B 551 1.05 4.18 -43.02
N PRO B 552 1.14 3.54 -44.19
CA PRO B 552 0.20 2.45 -44.51
C PRO B 552 0.10 1.36 -43.46
N PHE B 553 1.05 1.29 -42.51
CA PHE B 553 1.08 0.16 -41.60
C PHE B 553 0.46 0.43 -40.24
N GLN B 554 0.53 1.65 -39.72
CA GLN B 554 -0.14 1.98 -38.47
C GLN B 554 -1.64 2.04 -38.64
N GLN B 555 -2.36 1.53 -37.64
CA GLN B 555 -3.82 1.53 -37.61
C GLN B 555 -4.42 2.40 -36.53
N PHE B 556 -3.72 2.65 -35.43
CA PHE B 556 -4.19 3.60 -34.44
C PHE B 556 -3.03 4.15 -33.64
N GLY B 557 -3.04 5.47 -33.44
CA GLY B 557 -2.02 6.16 -32.68
C GLY B 557 -2.45 6.32 -31.23
N ARG B 558 -1.47 6.43 -30.34
CA ARG B 558 -1.70 6.51 -28.91
C ARG B 558 -0.90 7.66 -28.31
N ASP B 559 -1.44 8.22 -27.23
CA ASP B 559 -0.83 9.35 -26.55
C ASP B 559 0.37 8.90 -25.71
N ILE B 560 0.96 9.86 -24.99
CA ILE B 560 2.01 9.54 -24.03
C ILE B 560 1.45 8.69 -22.90
N ALA B 561 0.16 8.82 -22.62
CA ALA B 561 -0.55 7.88 -21.78
C ALA B 561 -1.24 6.84 -22.66
N ASP B 562 -1.68 5.75 -22.03
CA ASP B 562 -2.18 4.62 -22.81
C ASP B 562 -3.59 4.88 -23.32
N THR B 563 -3.77 5.98 -24.07
CA THR B 563 -5.05 6.35 -24.64
C THR B 563 -4.86 6.77 -26.08
N THR B 564 -5.82 6.41 -26.92
CA THR B 564 -5.76 6.71 -28.34
C THR B 564 -5.87 8.21 -28.58
N ASP B 565 -5.19 8.69 -29.62
CA ASP B 565 -5.27 10.07 -30.05
C ASP B 565 -5.87 10.21 -31.45
N ALA B 566 -5.70 9.20 -32.29
CA ALA B 566 -6.32 9.19 -33.61
C ALA B 566 -6.54 7.74 -34.01
N VAL B 567 -7.47 7.53 -34.93
CA VAL B 567 -7.83 6.19 -35.39
C VAL B 567 -8.07 6.21 -36.89
N ARG B 568 -8.08 5.02 -37.48
CA ARG B 568 -8.48 4.83 -38.87
C ARG B 568 -9.84 4.14 -38.91
N ASP B 569 -10.77 4.73 -39.63
CA ASP B 569 -12.13 4.20 -39.69
C ASP B 569 -12.17 2.95 -40.59
N PRO B 570 -12.86 1.90 -40.15
CA PRO B 570 -13.18 0.79 -41.04
C PRO B 570 -14.23 1.17 -42.07
N GLN B 571 -14.30 0.35 -43.12
CA GLN B 571 -15.25 0.42 -44.24
C GLN B 571 -14.95 1.59 -45.17
N THR B 572 -14.11 2.53 -44.72
CA THR B 572 -13.75 3.69 -45.52
C THR B 572 -12.30 4.08 -45.41
N LEU B 573 -11.57 3.56 -44.41
CA LEU B 573 -10.14 3.74 -44.29
C LEU B 573 -9.74 5.21 -44.28
N GLU B 574 -10.17 5.93 -43.25
CA GLU B 574 -9.92 7.36 -43.16
C GLU B 574 -9.32 7.67 -41.79
N ILE B 575 -8.49 8.70 -41.75
CA ILE B 575 -7.78 9.11 -40.53
C ILE B 575 -8.65 10.13 -39.82
N LEU B 576 -8.75 9.98 -38.50
CA LEU B 576 -9.73 10.70 -37.70
C LEU B 576 -9.11 11.13 -36.38
N ASP B 577 -9.14 12.43 -36.12
CA ASP B 577 -8.48 12.99 -34.95
C ASP B 577 -9.43 12.96 -33.75
N ILE B 578 -8.89 12.60 -32.59
CA ILE B 578 -9.66 12.51 -31.35
C ILE B 578 -9.15 13.57 -30.40
N THR B 579 -10.03 14.48 -30.01
CA THR B 579 -9.72 15.51 -29.02
C THR B 579 -10.71 15.36 -27.87
N PRO B 580 -10.27 15.26 -26.63
CA PRO B 580 -11.22 15.04 -25.53
C PRO B 580 -12.22 16.17 -25.44
N CYS B 581 -13.50 15.83 -25.27
CA CYS B 581 -14.52 16.88 -25.23
C CYS B 581 -14.58 17.51 -23.85
N SER B 582 -15.00 18.77 -23.82
CA SER B 582 -14.60 19.69 -22.77
C SER B 582 -15.09 19.26 -21.39
N PHE B 583 -14.34 19.67 -20.37
CA PHE B 583 -14.69 19.44 -18.98
C PHE B 583 -13.96 20.48 -18.15
N GLY B 584 -14.40 20.63 -16.90
CA GLY B 584 -13.75 21.56 -16.00
C GLY B 584 -14.46 21.60 -14.67
N GLY B 585 -13.80 22.26 -13.72
CA GLY B 585 -14.39 22.41 -12.40
C GLY B 585 -15.49 23.45 -12.37
N VAL B 586 -16.29 23.40 -11.32
CA VAL B 586 -17.43 24.29 -11.13
C VAL B 586 -17.27 24.95 -9.77
N SER B 587 -17.35 26.28 -9.75
CA SER B 587 -17.21 27.04 -8.51
C SER B 587 -18.40 27.96 -8.32
N VAL B 588 -18.75 28.21 -7.07
CA VAL B 588 -19.94 28.98 -6.71
C VAL B 588 -19.53 30.25 -6.01
N ILE B 589 -19.95 31.39 -6.55
CA ILE B 589 -19.71 32.69 -5.96
C ILE B 589 -20.93 33.05 -5.13
N THR B 590 -20.75 33.20 -3.81
CA THR B 590 -21.88 33.55 -3.00
C THR B 590 -21.55 34.73 -2.09
N PRO B 591 -22.46 35.70 -1.99
CA PRO B 591 -22.24 36.78 -1.02
C PRO B 591 -22.35 36.32 0.42
N GLY B 592 -23.18 35.33 0.69
CA GLY B 592 -23.38 34.83 2.03
C GLY B 592 -24.86 34.66 2.31
N THR B 593 -25.20 33.60 3.04
CA THR B 593 -26.59 33.32 3.36
C THR B 593 -27.22 34.40 4.23
N ASN B 594 -26.42 35.23 4.90
CA ASN B 594 -26.95 36.36 5.64
C ASN B 594 -27.30 37.53 4.75
N THR B 595 -26.96 37.47 3.46
CA THR B 595 -27.26 38.58 2.57
C THR B 595 -28.28 38.21 1.51
N SER B 596 -28.02 37.16 0.73
CA SER B 596 -28.99 36.70 -0.25
C SER B 596 -28.68 35.26 -0.59
N ASN B 597 -29.71 34.55 -1.05
CA ASN B 597 -29.56 33.20 -1.57
C ASN B 597 -29.22 33.20 -3.05
N GLN B 598 -29.01 34.38 -3.62
CA GLN B 598 -28.60 34.52 -5.01
C GLN B 598 -27.11 34.25 -5.13
N VAL B 599 -26.75 33.41 -6.10
CA VAL B 599 -25.35 33.05 -6.33
C VAL B 599 -25.04 33.13 -7.82
N ALA B 600 -23.75 33.23 -8.11
CA ALA B 600 -23.24 33.10 -9.46
C ALA B 600 -22.26 31.93 -9.49
N VAL B 601 -22.29 31.18 -10.57
CA VAL B 601 -21.53 29.95 -10.69
C VAL B 601 -20.52 30.12 -11.81
N LEU B 602 -19.29 29.69 -11.58
CA LEU B 602 -18.22 29.83 -12.53
C LEU B 602 -17.84 28.48 -13.10
N TYR B 603 -17.94 28.34 -14.42
CA TYR B 603 -17.52 27.14 -15.13
C TYR B 603 -16.10 27.37 -15.63
N GLN B 604 -15.15 26.66 -15.03
CA GLN B 604 -13.74 26.96 -15.26
C GLN B 604 -13.28 26.42 -16.62
N ASP B 605 -12.60 27.28 -17.38
CA ASP B 605 -11.88 26.89 -18.58
C ASP B 605 -12.79 26.21 -19.59
N VAL B 606 -14.01 26.73 -19.72
CA VAL B 606 -14.91 26.30 -20.77
C VAL B 606 -15.44 27.55 -21.46
N ASN B 607 -15.85 27.38 -22.71
CA ASN B 607 -16.39 28.51 -23.45
C ASN B 607 -17.88 28.64 -23.17
N CYS B 608 -18.38 29.86 -23.39
CA CYS B 608 -19.80 30.13 -23.15
C CYS B 608 -20.70 29.59 -24.24
N THR B 609 -20.14 29.11 -25.35
CA THR B 609 -20.94 28.54 -26.43
C THR B 609 -21.55 27.20 -26.08
N GLU B 610 -21.22 26.66 -24.90
CA GLU B 610 -21.87 25.47 -24.39
C GLU B 610 -22.24 25.70 -22.93
N VAL B 611 -23.25 24.96 -22.47
CA VAL B 611 -23.76 25.09 -21.12
C VAL B 611 -22.66 24.82 -20.09
N THR B 629 -27.88 29.27 -13.20
CA THR B 629 -29.31 29.12 -13.35
C THR B 629 -29.76 29.55 -14.74
N GLY B 630 -28.81 30.06 -15.53
CA GLY B 630 -29.07 30.41 -16.91
C GLY B 630 -29.81 31.72 -17.12
N SER B 631 -29.20 32.84 -16.70
CA SER B 631 -29.76 34.16 -16.93
C SER B 631 -28.89 34.98 -17.87
N ASN B 632 -27.62 35.20 -17.52
CA ASN B 632 -26.68 35.94 -18.35
C ASN B 632 -25.33 35.24 -18.36
N VAL B 633 -24.79 35.09 -19.56
CA VAL B 633 -23.51 34.40 -19.77
C VAL B 633 -22.46 35.46 -20.03
N PHE B 634 -21.34 35.38 -19.34
CA PHE B 634 -20.27 36.37 -19.48
C PHE B 634 -18.93 35.67 -19.52
N GLN B 635 -18.22 35.81 -20.64
CA GLN B 635 -16.99 35.09 -20.89
C GLN B 635 -15.81 35.83 -20.27
N THR B 636 -15.04 35.13 -19.45
CA THR B 636 -13.82 35.66 -18.87
C THR B 636 -12.66 34.74 -19.20
N ARG B 637 -11.47 35.13 -18.74
CA ARG B 637 -10.28 34.31 -18.93
C ARG B 637 -10.19 33.16 -17.93
N ALA B 638 -10.98 33.20 -16.85
CA ALA B 638 -11.04 32.09 -15.91
C ALA B 638 -12.13 31.09 -16.24
N GLY B 639 -13.02 31.41 -17.19
CA GLY B 639 -14.08 30.52 -17.61
C GLY B 639 -15.34 31.31 -17.88
N CYS B 640 -16.41 30.59 -18.17
CA CYS B 640 -17.72 31.20 -18.38
C CYS B 640 -18.36 31.41 -17.02
N LEU B 641 -18.72 32.66 -16.74
CA LEU B 641 -19.33 33.04 -15.47
C LEU B 641 -20.79 33.42 -15.74
N ILE B 642 -21.71 32.70 -15.12
CA ILE B 642 -23.14 32.93 -15.30
C ILE B 642 -23.73 33.36 -13.97
N GLY B 643 -24.59 34.38 -14.02
CA GLY B 643 -25.25 34.89 -12.84
C GLY B 643 -24.80 36.26 -12.39
N ALA B 644 -23.63 36.70 -12.84
CA ALA B 644 -23.07 37.99 -12.43
C ALA B 644 -23.05 38.94 -13.61
N GLU B 645 -23.61 40.13 -13.42
CA GLU B 645 -23.57 41.15 -14.47
C GLU B 645 -22.22 41.85 -14.45
N HIS B 646 -21.71 42.13 -15.64
CA HIS B 646 -20.41 42.76 -15.80
C HIS B 646 -20.57 44.27 -15.70
N VAL B 647 -19.80 44.89 -14.81
CA VAL B 647 -19.88 46.34 -14.58
C VAL B 647 -18.54 46.95 -14.98
N ASN B 648 -18.60 48.11 -15.64
CA ASN B 648 -17.40 48.74 -16.17
C ASN B 648 -16.54 49.34 -15.06
N ASN B 649 -17.16 50.07 -14.13
CA ASN B 649 -16.38 50.78 -13.12
C ASN B 649 -15.78 49.81 -12.12
N SER B 650 -14.57 50.11 -11.67
CA SER B 650 -13.81 49.21 -10.83
C SER B 650 -14.02 49.53 -9.35
N TYR B 651 -13.82 48.51 -8.52
CA TYR B 651 -13.85 48.67 -7.07
C TYR B 651 -12.69 47.88 -6.50
N GLU B 652 -12.53 47.94 -5.18
CA GLU B 652 -11.58 47.07 -4.51
C GLU B 652 -12.08 45.63 -4.56
N CYS B 653 -11.15 44.69 -4.65
CA CYS B 653 -11.53 43.29 -4.83
C CYS B 653 -12.14 42.72 -3.55
N ASP B 654 -13.23 41.96 -3.71
CA ASP B 654 -13.92 41.35 -2.57
C ASP B 654 -13.85 39.83 -2.64
N ILE B 655 -14.36 39.23 -3.71
CA ILE B 655 -14.29 37.78 -3.90
C ILE B 655 -13.44 37.51 -5.12
N PRO B 656 -12.26 36.90 -4.98
CA PRO B 656 -11.38 36.74 -6.14
C PRO B 656 -11.87 35.66 -7.08
N ILE B 657 -11.93 36.00 -8.36
CA ILE B 657 -12.27 35.06 -9.42
C ILE B 657 -11.02 34.50 -10.07
N GLY B 658 -10.09 35.36 -10.44
CA GLY B 658 -8.88 34.97 -11.13
C GLY B 658 -8.66 35.88 -12.32
N ALA B 659 -7.41 35.95 -12.76
CA ALA B 659 -7.03 36.74 -13.93
C ALA B 659 -7.37 38.22 -13.75
N GLY B 660 -7.40 38.66 -12.50
CA GLY B 660 -7.67 40.05 -12.18
C GLY B 660 -9.12 40.41 -12.03
N ILE B 661 -10.04 39.47 -12.21
CA ILE B 661 -11.47 39.72 -12.09
C ILE B 661 -11.91 39.35 -10.69
N CYS B 662 -12.73 40.19 -10.08
CA CYS B 662 -13.32 39.90 -8.77
C CYS B 662 -14.82 40.13 -8.83
N ALA B 663 -15.51 39.57 -7.84
CA ALA B 663 -16.96 39.70 -7.75
C ALA B 663 -17.32 40.10 -6.33
N SER B 664 -18.52 40.65 -6.17
CA SER B 664 -19.08 40.92 -4.85
C SER B 664 -20.57 41.17 -4.99
N TYR B 665 -21.23 41.34 -3.86
CA TYR B 665 -22.63 41.73 -3.82
C TYR B 665 -22.70 43.23 -3.58
N GLN B 666 -23.30 43.94 -4.53
CA GLN B 666 -23.27 45.40 -4.52
C GLN B 666 -23.92 45.95 -3.25
N THR B 667 -25.15 45.52 -2.97
CA THR B 667 -25.92 45.73 -1.75
C THR B 667 -26.43 47.16 -1.61
N GLN B 668 -25.81 48.11 -2.29
CA GLN B 668 -26.09 49.50 -1.97
C GLN B 668 -26.73 50.16 -3.18
N THR B 669 -26.05 50.08 -4.31
CA THR B 669 -26.59 50.57 -5.57
C THR B 669 -27.65 49.60 -6.05
N SER B 670 -27.31 48.32 -6.09
CA SER B 670 -28.22 47.29 -6.56
C SER B 670 -28.07 46.03 -5.73
N GLN B 671 -29.16 45.27 -5.63
CA GLN B 671 -29.16 43.97 -4.97
C GLN B 671 -28.92 42.89 -6.03
N SER B 672 -27.66 42.77 -6.42
CA SER B 672 -27.25 41.80 -7.43
C SER B 672 -25.77 41.54 -7.28
N ILE B 673 -25.28 40.58 -8.06
CA ILE B 673 -23.87 40.19 -8.03
C ILE B 673 -23.19 40.74 -9.28
N ILE B 674 -22.09 41.44 -9.08
CA ILE B 674 -21.38 42.09 -10.17
C ILE B 674 -19.95 41.56 -10.21
N ALA B 675 -19.37 41.57 -11.41
CA ALA B 675 -17.97 41.19 -11.62
C ALA B 675 -17.28 42.29 -12.39
N TYR B 676 -16.01 42.51 -12.06
CA TYR B 676 -15.30 43.68 -12.56
C TYR B 676 -13.81 43.41 -12.48
N THR B 677 -13.04 44.27 -13.13
CA THR B 677 -11.59 44.24 -12.96
C THR B 677 -11.22 44.98 -11.69
N MET B 678 -10.49 44.30 -10.81
CA MET B 678 -10.17 44.87 -9.51
C MET B 678 -9.27 46.08 -9.63
N SER B 679 -9.49 47.06 -8.75
CA SER B 679 -8.66 48.24 -8.69
C SER B 679 -7.52 48.03 -7.71
N LEU B 680 -6.42 48.72 -7.95
CA LEU B 680 -5.19 48.51 -7.19
C LEU B 680 -5.04 49.49 -6.04
N GLY B 681 -5.87 50.51 -5.99
CA GLY B 681 -5.72 51.60 -5.04
C GLY B 681 -5.81 52.95 -5.74
N ALA B 682 -5.96 53.97 -4.92
CA ALA B 682 -6.15 55.32 -5.45
C ALA B 682 -4.90 55.80 -6.16
N GLU B 683 -5.09 56.36 -7.35
CA GLU B 683 -4.00 56.97 -8.11
C GLU B 683 -3.64 58.29 -7.48
N ASN B 684 -2.35 58.49 -7.20
CA ASN B 684 -1.90 59.80 -6.78
C ASN B 684 -0.51 60.06 -7.34
N SER B 685 -0.20 61.33 -7.54
CA SER B 685 1.12 61.77 -7.93
C SER B 685 1.65 62.69 -6.84
N VAL B 686 2.96 62.62 -6.64
CA VAL B 686 3.62 63.38 -5.59
C VAL B 686 4.30 64.58 -6.23
N ALA B 687 4.16 65.74 -5.61
CA ALA B 687 4.68 66.97 -6.20
C ALA B 687 6.20 66.97 -6.16
N TYR B 688 6.81 66.05 -6.91
CA TYR B 688 8.26 66.01 -7.01
C TYR B 688 8.78 67.28 -7.65
N SER B 689 9.93 67.75 -7.16
CA SER B 689 10.66 68.77 -7.88
C SER B 689 12.07 68.87 -7.34
N ASN B 690 12.90 69.51 -8.16
CA ASN B 690 14.23 70.02 -7.86
C ASN B 690 14.38 70.54 -6.45
N ASN B 691 13.48 71.42 -6.00
CA ASN B 691 13.77 72.24 -4.82
C ASN B 691 12.58 72.30 -3.87
N SER B 692 11.83 71.21 -3.71
CA SER B 692 10.72 71.20 -2.77
C SER B 692 10.73 69.93 -1.95
N ILE B 693 10.68 70.10 -0.63
CA ILE B 693 10.68 68.99 0.32
C ILE B 693 9.40 69.07 1.13
N ALA B 694 8.98 67.93 1.68
CA ALA B 694 7.79 67.86 2.52
C ALA B 694 8.16 67.28 3.87
N ILE B 695 8.03 68.08 4.92
CA ILE B 695 8.38 67.68 6.28
C ILE B 695 7.13 67.77 7.14
N PRO B 696 6.78 66.73 7.88
CA PRO B 696 5.57 66.78 8.72
C PRO B 696 5.72 67.77 9.87
N THR B 697 4.59 68.36 10.26
CA THR B 697 4.55 69.28 11.40
C THR B 697 3.90 68.66 12.61
N ASN B 698 3.39 67.45 12.49
CA ASN B 698 2.69 66.79 13.57
C ASN B 698 2.81 65.30 13.34
N PHE B 699 2.37 64.51 14.29
CA PHE B 699 2.50 63.07 14.20
C PHE B 699 1.31 62.41 14.84
N THR B 700 1.26 61.10 14.70
CA THR B 700 0.29 60.28 15.40
C THR B 700 0.97 58.99 15.82
N ILE B 701 0.64 58.52 17.01
CA ILE B 701 1.15 57.25 17.51
C ILE B 701 0.07 56.20 17.34
N SER B 702 0.40 55.12 16.66
CA SER B 702 -0.55 54.09 16.33
C SER B 702 -0.11 52.78 16.96
N VAL B 703 -1.08 51.96 17.31
CA VAL B 703 -0.85 50.62 17.84
C VAL B 703 -1.53 49.62 16.91
N THR B 704 -0.73 48.71 16.36
CA THR B 704 -1.23 47.65 15.52
C THR B 704 -1.05 46.32 16.24
N THR B 705 -1.85 45.34 15.87
CA THR B 705 -1.79 44.02 16.47
C THR B 705 -1.32 43.02 15.44
N GLU B 706 -0.38 42.17 15.83
CA GLU B 706 0.10 41.08 14.99
C GLU B 706 -0.10 39.77 15.73
N ILE B 707 -0.75 38.82 15.08
CA ILE B 707 -1.09 37.54 15.69
C ILE B 707 -0.29 36.45 15.00
N LEU B 708 0.47 35.69 15.78
CA LEU B 708 1.28 34.61 15.26
C LEU B 708 0.99 33.33 16.04
N PRO B 709 0.78 32.21 15.37
CA PRO B 709 0.68 30.93 16.08
C PRO B 709 2.05 30.41 16.47
N VAL B 710 2.08 29.65 17.56
CA VAL B 710 3.33 29.16 18.15
C VAL B 710 3.35 27.63 18.22
N SER B 711 2.26 27.01 18.64
CA SER B 711 2.26 25.58 18.90
C SER B 711 0.95 24.96 18.43
N MET B 712 0.92 23.63 18.47
CA MET B 712 -0.25 22.85 18.13
C MET B 712 -0.63 21.99 19.32
N THR B 713 -1.73 21.26 19.19
CA THR B 713 -2.06 20.25 20.18
C THR B 713 -1.15 19.05 20.02
N LYS B 714 -0.58 18.58 21.13
CA LYS B 714 0.36 17.48 21.11
C LYS B 714 -0.43 16.17 21.11
N THR B 715 -0.84 15.77 19.92
CA THR B 715 -1.62 14.55 19.79
C THR B 715 -0.70 13.33 19.76
N SER B 716 -1.31 12.16 19.92
CA SER B 716 -0.59 10.89 19.81
C SER B 716 -1.60 9.82 19.49
N VAL B 717 -1.21 8.88 18.63
CA VAL B 717 -2.08 7.79 18.22
C VAL B 717 -1.37 6.48 18.52
N ASP B 718 -2.10 5.54 19.11
CA ASP B 718 -1.58 4.18 19.31
C ASP B 718 -1.97 3.37 18.08
N CYS B 719 -0.99 3.15 17.18
CA CYS B 719 -1.27 2.36 15.99
C CYS B 719 -2.02 1.08 16.27
N THR B 720 -1.44 0.22 17.12
CA THR B 720 -1.97 -1.14 17.23
C THR B 720 -3.45 -1.09 17.55
N MET B 721 -3.84 -0.18 18.43
CA MET B 721 -5.24 -0.01 18.78
C MET B 721 -6.02 0.58 17.62
N TYR B 722 -5.45 1.59 16.96
CA TYR B 722 -6.19 2.33 15.94
C TYR B 722 -6.54 1.43 14.76
N ILE B 723 -5.54 0.75 14.20
CA ILE B 723 -5.81 -0.07 13.02
C ILE B 723 -6.33 -1.43 13.43
N CYS B 724 -6.02 -1.88 14.63
CA CYS B 724 -6.20 -3.29 14.93
C CYS B 724 -6.83 -3.48 16.30
N GLY B 725 -7.91 -2.75 16.56
CA GLY B 725 -8.50 -2.73 17.89
C GLY B 725 -9.01 -4.05 18.41
N ASP B 726 -8.40 -4.52 19.50
CA ASP B 726 -8.92 -5.64 20.30
C ASP B 726 -9.11 -6.90 19.47
N SER B 727 -8.14 -7.20 18.61
CA SER B 727 -8.19 -8.41 17.80
C SER B 727 -6.79 -9.03 17.78
N THR B 728 -6.62 -10.14 18.51
CA THR B 728 -5.32 -10.79 18.56
C THR B 728 -4.92 -11.37 17.20
N GLU B 729 -5.86 -11.95 16.48
CA GLU B 729 -5.54 -12.47 15.14
C GLU B 729 -5.11 -11.34 14.21
N CYS B 730 -5.83 -10.22 14.27
CA CYS B 730 -5.44 -9.03 13.52
C CYS B 730 -4.04 -8.57 13.90
N SER B 731 -3.73 -8.51 15.20
CA SER B 731 -2.40 -8.05 15.61
C SER B 731 -1.32 -9.00 15.13
N ASN B 732 -1.56 -10.32 15.23
CA ASN B 732 -0.61 -11.28 14.72
C ASN B 732 -0.38 -11.08 13.24
N LEU B 733 -1.42 -10.69 12.49
CA LEU B 733 -1.22 -10.32 11.10
C LEU B 733 -0.39 -9.04 10.97
N LEU B 734 -0.63 -8.08 11.86
CA LEU B 734 0.04 -6.77 11.76
C LEU B 734 1.53 -6.88 12.04
N LEU B 735 1.94 -7.81 12.90
CA LEU B 735 3.37 -7.97 13.18
C LEU B 735 4.17 -8.20 11.90
N GLN B 736 3.53 -8.67 10.84
CA GLN B 736 4.22 -8.96 9.59
C GLN B 736 4.66 -7.70 8.86
N TYR B 737 4.20 -6.53 9.29
CA TYR B 737 4.52 -5.27 8.64
C TYR B 737 5.72 -4.56 9.24
N GLY B 738 6.36 -5.14 10.25
CA GLY B 738 7.60 -4.57 10.74
C GLY B 738 7.37 -3.36 11.62
N SER B 739 8.21 -2.35 11.43
CA SER B 739 8.38 -1.25 12.37
C SER B 739 7.56 -0.02 12.01
N PHE B 740 6.49 -0.17 11.24
CA PHE B 740 5.74 1.00 10.79
C PHE B 740 5.20 1.80 11.96
N CYS B 741 4.86 1.13 13.05
CA CYS B 741 4.17 1.84 14.11
C CYS B 741 5.11 2.36 15.17
N THR B 742 6.21 1.68 15.44
CA THR B 742 7.23 2.38 16.19
C THR B 742 7.69 3.62 15.43
N GLN B 743 7.68 3.56 14.09
CA GLN B 743 8.09 4.72 13.30
C GLN B 743 7.06 5.86 13.38
N LEU B 744 5.78 5.57 13.19
CA LEU B 744 4.77 6.61 13.29
C LEU B 744 4.69 7.20 14.70
N ASN B 745 4.76 6.35 15.72
CA ASN B 745 4.76 6.85 17.09
C ASN B 745 5.96 7.75 17.33
N ARG B 746 7.12 7.38 16.79
CA ARG B 746 8.31 8.21 16.93
C ARG B 746 8.12 9.57 16.27
N ALA B 747 7.53 9.60 15.07
CA ALA B 747 7.32 10.87 14.39
C ALA B 747 6.39 11.79 15.18
N LEU B 748 5.26 11.24 15.65
CA LEU B 748 4.34 12.07 16.41
C LEU B 748 4.95 12.51 17.75
N THR B 749 5.74 11.65 18.38
CA THR B 749 6.44 12.06 19.59
C THR B 749 7.41 13.20 19.30
N GLY B 750 8.09 13.15 18.16
CA GLY B 750 8.95 14.26 17.79
C GLY B 750 8.20 15.56 17.67
N ILE B 751 7.05 15.54 16.99
CA ILE B 751 6.24 16.76 16.88
C ILE B 751 5.80 17.24 18.25
N ALA B 752 5.32 16.33 19.10
CA ALA B 752 4.80 16.72 20.40
C ALA B 752 5.88 17.32 21.26
N VAL B 753 7.08 16.76 21.22
CA VAL B 753 8.19 17.33 21.99
C VAL B 753 8.57 18.69 21.43
N GLU B 754 8.53 18.84 20.11
CA GLU B 754 8.93 20.10 19.48
C GLU B 754 7.98 21.25 19.80
N GLN B 755 6.69 20.95 20.02
CA GLN B 755 5.77 22.03 20.35
C GLN B 755 6.14 22.76 21.64
N ASP B 756 6.54 22.01 22.66
CA ASP B 756 6.98 22.64 23.90
C ASP B 756 8.25 23.44 23.70
N LYS B 757 9.14 22.97 22.82
CA LYS B 757 10.32 23.75 22.46
C LYS B 757 9.93 25.07 21.80
N ASN B 758 8.93 25.03 20.92
CA ASN B 758 8.42 26.26 20.31
C ASN B 758 7.96 27.25 21.37
N THR B 759 7.10 26.79 22.28
CA THR B 759 6.57 27.70 23.30
C THR B 759 7.68 28.23 24.20
N GLN B 760 8.61 27.35 24.59
CA GLN B 760 9.68 27.75 25.49
C GLN B 760 10.58 28.79 24.83
N GLU B 761 10.83 28.65 23.52
CA GLU B 761 11.68 29.65 22.87
C GLU B 761 10.95 30.96 22.62
N VAL B 762 9.65 30.91 22.34
CA VAL B 762 8.94 32.18 22.18
C VAL B 762 8.92 32.93 23.50
N PHE B 763 8.59 32.26 24.60
CA PHE B 763 8.25 33.00 25.81
C PHE B 763 9.37 33.06 26.84
N ALA B 764 10.14 31.99 27.02
CA ALA B 764 11.16 31.95 28.07
C ALA B 764 12.42 32.68 27.62
N GLN B 765 12.31 34.00 27.52
CA GLN B 765 13.43 34.85 27.15
C GLN B 765 13.89 35.74 28.30
N VAL B 766 13.31 35.57 29.49
CA VAL B 766 13.67 36.36 30.66
C VAL B 766 14.23 35.43 31.71
N LYS B 767 15.37 35.80 32.28
CA LYS B 767 15.99 35.00 33.33
C LYS B 767 15.21 35.10 34.62
N GLN B 768 14.64 36.25 34.92
CA GLN B 768 13.95 36.51 36.17
C GLN B 768 12.54 36.98 35.88
N ILE B 769 11.68 36.85 36.88
CA ILE B 769 10.29 37.28 36.77
C ILE B 769 10.20 38.68 37.37
N TYR B 770 9.76 39.64 36.56
CA TYR B 770 9.74 41.02 37.01
C TYR B 770 8.34 41.42 37.44
N LYS B 771 8.28 42.46 38.28
CA LYS B 771 7.03 42.90 38.87
C LYS B 771 6.91 44.41 38.73
N THR B 772 5.70 44.87 38.50
CA THR B 772 5.43 46.29 38.42
C THR B 772 5.17 46.87 39.80
N PRO B 773 5.51 48.14 40.03
CA PRO B 773 5.25 48.75 41.34
C PRO B 773 3.77 48.89 41.61
N PRO B 774 3.37 48.99 42.88
CA PRO B 774 1.94 49.17 43.19
C PRO B 774 1.39 50.52 42.74
N ILE B 775 2.22 51.53 42.53
CA ILE B 775 1.76 52.86 42.14
C ILE B 775 2.06 53.05 40.66
N LYS B 776 1.04 53.41 39.89
CA LYS B 776 1.14 53.52 38.43
C LYS B 776 1.33 54.97 37.99
N ASP B 777 2.45 55.56 38.40
CA ASP B 777 2.74 56.93 38.01
C ASP B 777 3.77 56.96 36.88
N PHE B 778 3.27 56.59 35.69
CA PHE B 778 4.06 56.44 34.48
C PHE B 778 4.07 57.71 33.62
N GLY B 779 3.98 58.87 34.25
CA GLY B 779 3.98 60.10 33.47
C GLY B 779 2.79 60.23 32.56
N GLY B 780 1.66 59.62 32.89
CA GLY B 780 0.43 59.78 32.14
C GLY B 780 0.04 58.62 31.26
N PHE B 781 0.92 57.64 31.06
CA PHE B 781 0.60 56.49 30.23
C PHE B 781 -0.28 55.51 31.00
N ASN B 782 -1.35 55.03 30.37
CA ASN B 782 -2.18 53.97 30.97
C ASN B 782 -1.74 52.65 30.37
N PHE B 783 -1.38 51.71 31.23
CA PHE B 783 -1.04 50.35 30.83
C PHE B 783 -2.05 49.33 31.31
N SER B 784 -3.05 49.74 32.10
CA SER B 784 -3.88 48.77 32.80
C SER B 784 -4.61 47.85 31.85
N GLN B 785 -4.82 48.26 30.60
CA GLN B 785 -5.40 47.39 29.60
C GLN B 785 -4.44 46.28 29.20
N ILE B 786 -3.18 46.36 29.60
CA ILE B 786 -2.18 45.37 29.23
C ILE B 786 -1.63 44.59 30.42
N LEU B 787 -1.54 45.19 31.60
CA LEU B 787 -1.06 44.48 32.77
C LEU B 787 -2.16 43.60 33.34
N PRO B 788 -1.78 42.51 34.01
CA PRO B 788 -2.80 41.63 34.60
C PRO B 788 -3.65 42.34 35.63
N ASP B 789 -4.94 41.98 35.67
CA ASP B 789 -5.87 42.52 36.63
C ASP B 789 -6.03 41.52 37.77
N PRO B 790 -5.64 41.86 39.00
CA PRO B 790 -5.77 40.89 40.10
C PRO B 790 -7.21 40.50 40.40
N SER B 791 -8.19 41.30 39.98
CA SER B 791 -9.59 41.00 40.26
C SER B 791 -10.14 39.87 39.41
N LYS B 792 -9.45 39.47 38.40
CA LYS B 792 -9.96 38.36 37.61
C LYS B 792 -9.22 37.08 37.95
N PRO B 793 -9.81 35.92 37.69
CA PRO B 793 -9.10 34.66 37.93
C PRO B 793 -7.92 34.52 36.97
N SER B 794 -6.88 33.82 37.44
CA SER B 794 -5.69 33.46 36.68
C SER B 794 -4.83 34.66 36.29
N LYS B 795 -5.22 35.87 36.68
CA LYS B 795 -4.41 37.08 36.50
C LYS B 795 -4.03 37.28 35.03
N ARG B 796 -5.06 37.47 34.22
CA ARG B 796 -4.89 37.88 32.83
C ARG B 796 -5.25 39.34 32.70
N SER B 797 -4.76 39.96 31.64
CA SER B 797 -5.14 41.34 31.36
C SER B 797 -6.42 41.35 30.54
N PRO B 798 -7.10 42.50 30.45
CA PRO B 798 -8.35 42.55 29.69
C PRO B 798 -8.24 42.05 28.26
N ILE B 799 -7.18 42.45 27.54
CA ILE B 799 -7.00 42.01 26.16
C ILE B 799 -6.77 40.50 26.13
N GLU B 800 -5.97 40.00 27.06
CA GLU B 800 -5.80 38.55 27.23
C GLU B 800 -7.14 37.85 27.36
N ASP B 801 -7.99 38.35 28.26
CA ASP B 801 -9.27 37.70 28.52
C ASP B 801 -10.12 37.70 27.27
N LEU B 802 -10.11 38.80 26.52
CA LEU B 802 -10.91 38.83 25.31
C LEU B 802 -10.39 37.83 24.27
N LEU B 803 -9.06 37.72 24.14
CA LEU B 803 -8.52 36.73 23.21
C LEU B 803 -8.92 35.32 23.61
N PHE B 804 -8.81 35.00 24.89
CA PHE B 804 -9.19 33.66 25.36
C PHE B 804 -10.67 33.40 25.18
N ASN B 805 -11.51 34.41 25.33
CA ASN B 805 -12.95 34.26 25.14
C ASN B 805 -13.34 34.24 23.68
N LYS B 806 -12.45 34.70 22.78
CA LYS B 806 -12.77 34.69 21.35
C LYS B 806 -12.22 33.49 20.60
N VAL B 807 -11.15 32.86 21.06
CA VAL B 807 -10.68 31.63 20.43
C VAL B 807 -11.30 30.44 21.16
N THR B 808 -12.02 29.61 20.42
CA THR B 808 -12.78 28.49 20.99
C THR B 808 -12.14 27.16 20.61
N LEU B 809 -11.99 26.29 21.60
CA LEU B 809 -11.44 24.96 21.38
C LEU B 809 -12.56 23.95 21.17
N GLN B 834 -12.99 15.13 23.97
CA GLN B 834 -13.41 13.87 23.38
C GLN B 834 -12.29 12.85 23.45
N LYS B 835 -12.65 11.56 23.54
CA LYS B 835 -11.67 10.50 23.64
C LYS B 835 -12.16 9.31 22.83
N PHE B 836 -11.24 8.67 22.11
CA PHE B 836 -11.60 7.66 21.13
C PHE B 836 -10.64 6.49 21.17
N ASN B 837 -10.66 5.68 20.11
CA ASN B 837 -9.77 4.53 19.96
C ASN B 837 -8.34 4.96 19.63
N GLY B 838 -7.49 5.00 20.65
CA GLY B 838 -6.08 5.24 20.45
C GLY B 838 -5.69 6.67 20.22
N LEU B 839 -6.65 7.58 20.18
CA LEU B 839 -6.39 8.99 20.03
C LEU B 839 -6.25 9.60 21.40
N THR B 840 -5.11 10.22 21.67
CA THR B 840 -4.92 10.92 22.93
C THR B 840 -4.27 12.26 22.64
N VAL B 841 -4.52 13.21 23.54
CA VAL B 841 -3.96 14.55 23.46
C VAL B 841 -3.14 14.78 24.72
N LEU B 842 -1.95 15.14 24.54
CA LEU B 842 -1.02 15.34 25.64
C LEU B 842 -1.09 16.78 26.12
N PRO B 843 -0.99 17.00 27.43
CA PRO B 843 -1.02 18.36 27.94
C PRO B 843 0.27 19.08 27.63
N PRO B 844 0.20 20.36 27.28
CA PRO B 844 1.43 21.13 27.07
C PRO B 844 2.18 21.31 28.38
N LEU B 845 3.50 21.40 28.27
CA LEU B 845 4.33 21.50 29.48
C LEU B 845 4.07 22.82 30.21
N LEU B 846 3.90 23.90 29.48
CA LEU B 846 3.62 25.22 30.07
C LEU B 846 2.13 25.46 30.02
N THR B 847 1.51 25.61 31.18
CA THR B 847 0.09 25.91 31.23
C THR B 847 -0.16 27.38 30.93
N ASP B 848 -1.38 27.65 30.48
CA ASP B 848 -1.76 29.01 30.14
C ASP B 848 -1.62 29.94 31.33
N GLU B 849 -1.74 29.41 32.55
CA GLU B 849 -1.52 30.23 33.73
C GLU B 849 -0.05 30.56 33.93
N MET B 850 0.86 29.70 33.42
CA MET B 850 2.27 30.01 33.57
C MET B 850 2.80 30.86 32.43
N ILE B 851 2.20 30.78 31.25
CA ILE B 851 2.63 31.64 30.16
C ILE B 851 2.27 33.10 30.44
N ALA B 852 1.11 33.31 31.05
CA ALA B 852 0.74 34.66 31.46
C ALA B 852 1.76 35.25 32.41
N GLN B 853 2.40 34.42 33.22
CA GLN B 853 3.44 34.91 34.12
C GLN B 853 4.65 35.39 33.32
N TYR B 854 5.04 34.65 32.28
CA TYR B 854 6.10 35.12 31.39
C TYR B 854 5.75 36.45 30.75
N THR B 855 4.55 36.58 30.21
CA THR B 855 4.22 37.82 29.53
C THR B 855 4.10 38.97 30.51
N SER B 856 3.66 38.71 31.74
CA SER B 856 3.71 39.76 32.75
C SER B 856 5.15 40.14 33.07
N ALA B 857 6.05 39.16 33.10
CA ALA B 857 7.47 39.47 33.32
C ALA B 857 8.02 40.32 32.20
N LEU B 858 7.68 39.99 30.96
CA LEU B 858 8.15 40.77 29.82
C LEU B 858 7.58 42.18 29.86
N LEU B 859 6.30 42.32 30.19
CA LEU B 859 5.72 43.65 30.29
C LEU B 859 6.34 44.46 31.42
N ALA B 860 6.55 43.83 32.59
CA ALA B 860 7.16 44.56 33.69
C ALA B 860 8.58 44.98 33.35
N GLY B 861 9.35 44.07 32.76
CA GLY B 861 10.70 44.41 32.35
C GLY B 861 10.73 45.54 31.36
N THR B 862 9.87 45.48 30.34
CA THR B 862 9.81 46.56 29.37
C THR B 862 9.46 47.87 30.06
N ILE B 863 8.33 47.90 30.75
CA ILE B 863 7.81 49.13 31.32
C ILE B 863 8.84 49.77 32.25
N THR B 864 9.46 48.97 33.09
CA THR B 864 10.32 49.53 34.12
C THR B 864 11.76 49.74 33.67
N SER B 865 12.25 49.00 32.66
CA SER B 865 13.67 49.06 32.37
C SER B 865 14.02 49.21 30.90
N GLY B 866 13.06 49.53 30.03
CA GLY B 866 13.41 49.68 28.62
C GLY B 866 13.91 48.37 28.04
N TRP B 867 14.94 48.46 27.21
CA TRP B 867 15.58 47.29 26.64
C TRP B 867 16.70 46.73 27.50
N THR B 868 17.08 47.45 28.56
CA THR B 868 18.28 47.12 29.30
C THR B 868 18.24 45.70 29.87
N PHE B 869 17.05 45.22 30.22
CA PHE B 869 16.93 43.90 30.81
C PHE B 869 17.09 42.79 29.80
N GLY B 870 17.12 43.12 28.51
CA GLY B 870 17.39 42.12 27.50
C GLY B 870 18.86 41.85 27.38
N ALA B 871 19.69 42.87 27.62
CA ALA B 871 21.12 42.70 27.50
C ALA B 871 21.75 42.25 28.82
N GLY B 872 21.34 42.85 29.94
CA GLY B 872 21.96 42.50 31.19
C GLY B 872 21.02 42.54 32.37
N PRO B 873 21.48 43.10 33.48
CA PRO B 873 20.56 43.39 34.58
C PRO B 873 19.54 44.40 34.14
N ALA B 874 18.37 44.36 34.78
CA ALA B 874 17.31 45.31 34.46
C ALA B 874 17.71 46.67 35.00
N LEU B 875 17.90 47.63 34.11
CA LEU B 875 18.28 48.98 34.51
C LEU B 875 17.07 49.89 34.29
N GLN B 876 16.39 50.21 35.39
CA GLN B 876 15.22 51.07 35.36
C GLN B 876 15.53 52.43 34.76
N ILE B 877 14.50 53.04 34.17
CA ILE B 877 14.52 54.44 33.75
C ILE B 877 13.10 54.97 33.88
N PRO B 878 12.90 56.22 34.25
CA PRO B 878 11.54 56.78 34.22
C PRO B 878 10.96 56.60 32.84
N PHE B 879 9.71 56.15 32.78
CA PHE B 879 9.15 55.74 31.50
C PHE B 879 9.06 56.86 30.47
N PRO B 880 8.65 58.08 30.80
CA PRO B 880 8.74 59.15 29.81
C PRO B 880 10.16 59.38 29.31
N MET B 881 11.16 59.24 30.18
CA MET B 881 12.55 59.33 29.75
C MET B 881 12.88 58.20 28.78
N GLN B 882 12.32 57.02 29.02
CA GLN B 882 12.53 55.90 28.12
C GLN B 882 11.96 56.18 26.74
N MET B 883 10.73 56.64 26.70
CA MET B 883 10.13 57.01 25.42
C MET B 883 10.93 58.11 24.75
N ALA B 884 11.52 59.00 25.54
CA ALA B 884 12.39 60.02 24.95
C ALA B 884 13.56 59.38 24.24
N TYR B 885 14.13 58.33 24.83
CA TYR B 885 15.28 57.73 24.17
C TYR B 885 14.86 56.88 22.98
N ARG B 886 13.67 56.29 23.01
CA ARG B 886 13.21 55.57 21.81
C ARG B 886 12.84 56.53 20.69
N PHE B 887 12.31 57.69 21.02
CA PHE B 887 12.18 58.75 20.04
C PHE B 887 13.55 59.13 19.49
N ASN B 888 14.52 59.31 20.36
CA ASN B 888 15.89 59.59 19.93
C ASN B 888 16.42 58.48 19.04
N GLY B 889 15.83 57.29 19.15
CA GLY B 889 16.24 56.17 18.31
C GLY B 889 15.65 56.17 16.92
N ILE B 890 14.91 57.21 16.55
CA ILE B 890 14.37 57.35 15.21
C ILE B 890 14.74 58.71 14.61
N GLY B 891 15.72 59.38 15.20
CA GLY B 891 16.08 60.70 14.72
C GLY B 891 15.05 61.76 14.98
N VAL B 892 14.44 61.77 16.17
CA VAL B 892 13.57 62.85 16.59
C VAL B 892 14.04 63.30 17.97
N THR B 893 14.36 64.59 18.08
CA THR B 893 14.99 65.08 19.30
C THR B 893 14.04 64.93 20.49
N GLN B 894 14.61 64.54 21.62
CA GLN B 894 13.83 64.25 22.81
C GLN B 894 12.94 65.41 23.23
N ASN B 895 13.37 66.65 22.97
CA ASN B 895 12.59 67.79 23.41
C ASN B 895 11.18 67.73 22.86
N VAL B 896 10.99 67.04 21.73
CA VAL B 896 9.65 66.81 21.18
C VAL B 896 8.75 66.15 22.21
N LEU B 897 9.14 64.94 22.65
CA LEU B 897 8.31 64.18 23.58
C LEU B 897 8.02 64.96 24.85
N TYR B 898 9.02 65.62 25.40
CA TYR B 898 8.79 66.37 26.63
C TYR B 898 7.83 67.53 26.40
N GLU B 899 7.95 68.21 25.26
CA GLU B 899 7.11 69.38 25.03
C GLU B 899 5.67 68.97 24.74
N ASN B 900 5.45 67.76 24.24
CA ASN B 900 4.08 67.28 24.02
C ASN B 900 3.79 65.97 24.76
N GLN B 901 4.31 65.84 25.97
CA GLN B 901 4.09 64.67 26.82
C GLN B 901 2.62 64.35 26.99
N LYS B 902 1.82 65.33 27.41
CA LYS B 902 0.41 65.10 27.68
C LYS B 902 -0.31 64.60 26.44
N LEU B 903 -0.07 65.25 25.30
CA LEU B 903 -0.71 64.86 24.05
C LEU B 903 -0.33 63.44 23.66
N ILE B 904 0.95 63.10 23.77
CA ILE B 904 1.39 61.77 23.38
C ILE B 904 0.80 60.70 24.30
N ALA B 905 0.75 60.97 25.60
CA ALA B 905 0.15 60.00 26.51
C ALA B 905 -1.32 59.79 26.19
N ASN B 906 -2.05 60.87 25.90
CA ASN B 906 -3.46 60.73 25.53
C ASN B 906 -3.61 59.91 24.25
N GLN B 907 -2.78 60.18 23.24
CA GLN B 907 -2.85 59.43 21.99
C GLN B 907 -2.58 57.96 22.22
N PHE B 908 -1.58 57.64 23.04
CA PHE B 908 -1.25 56.25 23.33
C PHE B 908 -2.39 55.56 24.06
N ASN B 909 -2.98 56.23 25.05
CA ASN B 909 -4.09 55.63 25.78
C ASN B 909 -5.27 55.34 24.86
N SER B 910 -5.62 56.31 24.01
CA SER B 910 -6.75 56.10 23.11
C SER B 910 -6.46 55.00 22.11
N ALA B 911 -5.23 54.92 21.60
CA ALA B 911 -4.86 53.87 20.68
C ALA B 911 -4.95 52.50 21.33
N ILE B 912 -4.53 52.39 22.58
CA ILE B 912 -4.66 51.13 23.31
C ILE B 912 -6.13 50.78 23.49
N GLY B 913 -6.94 51.77 23.85
CA GLY B 913 -8.37 51.52 24.03
C GLY B 913 -9.03 51.02 22.76
N LYS B 914 -8.63 51.57 21.60
CA LYS B 914 -9.26 51.18 20.35
C LYS B 914 -8.97 49.72 19.99
N ILE B 915 -7.88 49.15 20.52
CA ILE B 915 -7.50 47.78 20.16
C ILE B 915 -8.58 46.81 20.62
N GLN B 916 -9.06 46.98 21.85
CA GLN B 916 -10.07 46.08 22.39
C GLN B 916 -11.30 46.05 21.50
N ASP B 917 -11.85 47.23 21.19
CA ASP B 917 -13.03 47.30 20.34
C ASP B 917 -12.74 46.75 18.95
N SER B 918 -11.57 47.07 18.40
CA SER B 918 -11.25 46.65 17.04
C SER B 918 -11.27 45.13 16.91
N LEU B 919 -10.53 44.44 17.77
CA LEU B 919 -10.49 42.99 17.61
C LEU B 919 -11.70 42.31 18.25
N SER B 920 -12.49 43.05 19.02
CA SER B 920 -13.75 42.49 19.50
C SER B 920 -14.89 42.66 18.51
N SER B 921 -14.75 43.56 17.54
CA SER B 921 -15.81 43.83 16.58
C SER B 921 -15.50 43.35 15.17
N THR B 922 -14.23 43.15 14.81
CA THR B 922 -13.94 42.64 13.49
C THR B 922 -13.76 41.13 13.56
N PRO B 923 -14.63 40.32 12.97
CA PRO B 923 -14.43 38.88 12.95
C PRO B 923 -13.25 38.51 12.06
N SER B 924 -12.80 37.26 12.21
CA SER B 924 -11.68 36.72 11.45
C SER B 924 -10.38 37.44 11.77
N ALA B 925 -10.41 38.30 12.79
CA ALA B 925 -9.18 38.94 13.24
C ALA B 925 -8.21 37.93 13.83
N LEU B 926 -8.72 36.97 14.59
CA LEU B 926 -7.94 35.87 15.14
C LEU B 926 -7.97 34.64 14.24
N GLY B 927 -8.18 34.84 12.94
CA GLY B 927 -8.29 33.71 12.03
C GLY B 927 -7.03 32.87 11.99
N LYS B 928 -5.86 33.49 12.11
CA LYS B 928 -4.61 32.74 12.08
C LYS B 928 -4.52 31.75 13.22
N LEU B 929 -5.02 32.10 14.39
CA LEU B 929 -5.05 31.16 15.51
C LEU B 929 -6.20 30.18 15.43
N GLN B 930 -7.38 30.64 14.99
CA GLN B 930 -8.52 29.74 14.89
C GLN B 930 -8.28 28.66 13.84
N ASP B 931 -7.48 28.96 12.82
CA ASP B 931 -7.27 28.00 11.74
C ASP B 931 -6.44 26.81 12.20
N VAL B 932 -5.51 27.01 13.14
CA VAL B 932 -4.75 25.88 13.65
C VAL B 932 -5.68 24.90 14.36
N VAL B 933 -6.54 25.41 15.24
CA VAL B 933 -7.50 24.55 15.92
C VAL B 933 -8.41 23.86 14.91
N ASN B 934 -8.91 24.62 13.93
CA ASN B 934 -9.81 24.04 12.95
C ASN B 934 -9.14 22.94 12.15
N GLN B 935 -7.91 23.17 11.71
CA GLN B 935 -7.21 22.18 10.88
C GLN B 935 -6.87 20.94 11.68
N ASN B 936 -6.42 21.09 12.92
CA ASN B 936 -6.13 19.91 13.72
C ASN B 936 -7.40 19.10 13.98
N ALA B 937 -8.49 19.78 14.36
CA ALA B 937 -9.73 19.06 14.62
C ALA B 937 -10.22 18.36 13.36
N GLN B 938 -10.09 19.02 12.20
CA GLN B 938 -10.56 18.42 10.96
C GLN B 938 -9.73 17.21 10.56
N ALA B 939 -8.40 17.31 10.66
CA ALA B 939 -7.56 16.17 10.32
C ALA B 939 -7.86 15.01 11.25
N LEU B 940 -8.07 15.29 12.53
CA LEU B 940 -8.34 14.21 13.48
C LEU B 940 -9.69 13.57 13.20
N ASN B 941 -10.69 14.38 12.86
CA ASN B 941 -12.01 13.86 12.51
C ASN B 941 -11.94 13.00 11.25
N THR B 942 -11.17 13.42 10.27
CA THR B 942 -10.99 12.58 9.08
C THR B 942 -10.31 11.27 9.44
N LEU B 943 -9.32 11.32 10.32
CA LEU B 943 -8.61 10.11 10.71
C LEU B 943 -9.56 9.11 11.36
N VAL B 944 -10.44 9.59 12.24
CA VAL B 944 -11.38 8.65 12.86
C VAL B 944 -12.45 8.21 11.87
N LYS B 945 -12.88 9.10 10.97
CA LYS B 945 -13.93 8.74 10.03
C LYS B 945 -13.45 7.70 9.04
N GLN B 946 -12.13 7.56 8.88
CA GLN B 946 -11.62 6.54 7.98
C GLN B 946 -11.90 5.13 8.47
N LEU B 947 -12.29 4.97 9.73
CA LEU B 947 -12.57 3.63 10.25
C LEU B 947 -13.88 3.07 9.72
N SER B 948 -14.71 3.89 9.07
CA SER B 948 -15.95 3.39 8.51
C SER B 948 -15.80 2.89 7.07
N SER B 949 -14.60 2.96 6.51
CA SER B 949 -14.39 2.54 5.13
C SER B 949 -14.06 1.06 5.06
N ASN B 950 -14.60 0.39 4.04
CA ASN B 950 -14.44 -1.05 3.94
C ASN B 950 -13.15 -1.45 3.22
N PHE B 951 -12.68 -0.61 2.29
CA PHE B 951 -11.48 -0.89 1.49
C PHE B 951 -11.61 -2.18 0.69
N GLY B 952 -12.84 -2.65 0.47
CA GLY B 952 -13.08 -3.85 -0.27
C GLY B 952 -13.43 -5.05 0.58
N ALA B 953 -13.26 -4.92 1.90
CA ALA B 953 -13.72 -5.95 2.80
C ALA B 953 -15.23 -6.07 2.71
N ILE B 954 -15.72 -7.29 2.96
CA ILE B 954 -17.15 -7.55 2.97
C ILE B 954 -17.86 -6.60 3.93
N SER B 955 -17.17 -6.17 4.99
CA SER B 955 -17.74 -5.29 5.98
C SER B 955 -16.60 -4.60 6.71
N SER B 956 -16.86 -3.41 7.22
CA SER B 956 -15.82 -2.63 7.89
C SER B 956 -15.65 -3.02 9.36
N VAL B 957 -16.54 -3.85 9.91
CA VAL B 957 -16.44 -4.24 11.30
C VAL B 957 -15.62 -5.52 11.40
N LEU B 958 -14.48 -5.42 12.07
CA LEU B 958 -13.56 -6.55 12.17
C LEU B 958 -14.23 -7.75 12.82
N ASN B 959 -14.94 -7.52 13.92
CA ASN B 959 -15.60 -8.63 14.59
C ASN B 959 -16.71 -9.22 13.74
N ASP B 960 -17.42 -8.38 12.99
CA ASP B 960 -18.47 -8.91 12.12
C ASP B 960 -17.90 -9.81 11.04
N ILE B 961 -16.81 -9.39 10.39
CA ILE B 961 -16.25 -10.24 9.35
C ILE B 961 -15.62 -11.49 9.95
N LEU B 962 -14.98 -11.35 11.11
CA LEU B 962 -14.32 -12.49 11.72
C LEU B 962 -15.33 -13.50 12.25
N SER B 963 -16.52 -13.04 12.63
CA SER B 963 -17.50 -13.91 13.27
C SER B 963 -18.22 -14.82 12.29
N ARG B 964 -18.17 -14.53 10.99
CA ARG B 964 -18.89 -15.36 10.02
C ARG B 964 -18.02 -15.93 8.92
N LEU B 965 -16.73 -15.62 8.90
CA LEU B 965 -15.84 -16.06 7.84
C LEU B 965 -14.67 -16.88 8.39
N ASP B 966 -14.41 -18.01 7.74
CA ASP B 966 -13.40 -18.94 8.24
C ASP B 966 -12.00 -18.31 8.13
N PRO B 967 -11.12 -18.63 9.07
CA PRO B 967 -9.83 -17.90 9.18
C PRO B 967 -9.02 -17.89 7.89
N PRO B 968 -8.92 -19.00 7.13
CA PRO B 968 -8.04 -18.99 5.95
C PRO B 968 -8.37 -17.91 4.94
N GLU B 969 -9.59 -17.40 4.91
CA GLU B 969 -9.96 -16.30 4.03
C GLU B 969 -10.39 -15.03 4.77
N ALA B 970 -10.75 -15.14 6.04
CA ALA B 970 -10.89 -13.94 6.86
C ALA B 970 -9.56 -13.22 6.98
N GLU B 971 -8.45 -13.95 6.92
CA GLU B 971 -7.14 -13.30 6.84
C GLU B 971 -7.04 -12.41 5.61
N VAL B 972 -7.48 -12.93 4.46
CA VAL B 972 -7.44 -12.14 3.22
C VAL B 972 -8.31 -10.91 3.36
N GLN B 973 -9.51 -11.07 3.93
CA GLN B 973 -10.40 -9.93 4.10
C GLN B 973 -9.81 -8.88 5.04
N ILE B 974 -9.22 -9.32 6.14
CA ILE B 974 -8.74 -8.40 7.17
C ILE B 974 -7.48 -7.68 6.71
N ASP B 975 -6.72 -8.30 5.80
CA ASP B 975 -5.50 -7.66 5.32
C ASP B 975 -5.78 -6.36 4.58
N ARG B 976 -6.84 -6.34 3.75
CA ARG B 976 -7.21 -5.12 3.06
C ARG B 976 -7.46 -3.99 4.04
N LEU B 977 -8.21 -4.27 5.09
CA LEU B 977 -8.56 -3.25 6.07
C LEU B 977 -7.32 -2.77 6.83
N ILE B 978 -6.43 -3.70 7.19
CA ILE B 978 -5.19 -3.31 7.83
C ILE B 978 -4.39 -2.36 6.94
N THR B 979 -4.26 -2.72 5.66
CA THR B 979 -3.48 -1.90 4.75
C THR B 979 -4.09 -0.52 4.61
N GLY B 980 -5.40 -0.44 4.43
CA GLY B 980 -6.04 0.86 4.26
C GLY B 980 -5.92 1.74 5.48
N ARG B 981 -6.19 1.18 6.67
CA ARG B 981 -6.10 1.98 7.88
C ARG B 981 -4.67 2.43 8.15
N LEU B 982 -3.69 1.55 7.91
CA LEU B 982 -2.30 1.94 8.11
C LEU B 982 -1.90 3.06 7.16
N GLN B 983 -2.34 2.97 5.90
CA GLN B 983 -2.02 4.03 4.94
C GLN B 983 -2.68 5.34 5.33
N SER B 984 -3.91 5.29 5.85
CA SER B 984 -4.58 6.50 6.30
C SER B 984 -3.85 7.14 7.48
N LEU B 985 -3.42 6.32 8.44
CA LEU B 985 -2.63 6.83 9.55
C LEU B 985 -1.34 7.46 9.06
N GLN B 986 -0.68 6.82 8.11
CA GLN B 986 0.57 7.35 7.57
C GLN B 986 0.35 8.71 6.90
N THR B 987 -0.74 8.84 6.14
CA THR B 987 -1.05 10.12 5.52
C THR B 987 -1.28 11.19 6.57
N TYR B 988 -2.01 10.85 7.63
CA TYR B 988 -2.23 11.82 8.71
C TYR B 988 -0.91 12.27 9.30
N VAL B 989 -0.01 11.33 9.56
CA VAL B 989 1.26 11.67 10.20
C VAL B 989 2.09 12.57 9.28
N THR B 990 2.12 12.28 7.99
CA THR B 990 2.88 13.12 7.07
C THR B 990 2.31 14.53 7.01
N GLN B 991 0.98 14.65 6.94
CA GLN B 991 0.37 15.97 6.95
C GLN B 991 0.70 16.72 8.23
N GLN B 992 0.70 16.03 9.37
CA GLN B 992 1.07 16.66 10.63
C GLN B 992 2.53 17.10 10.62
N LEU B 993 3.42 16.32 10.02
CA LEU B 993 4.81 16.72 9.91
C LEU B 993 4.95 18.03 9.16
N ILE B 994 4.27 18.14 8.02
CA ILE B 994 4.37 19.37 7.22
C ILE B 994 3.76 20.55 7.96
N ARG B 995 2.60 20.35 8.59
CA ARG B 995 1.97 21.42 9.33
C ARG B 995 2.82 21.85 10.52
N ALA B 996 3.50 20.89 11.16
CA ALA B 996 4.39 21.22 12.26
C ALA B 996 5.59 22.01 11.78
N ALA B 997 6.09 21.71 10.59
CA ALA B 997 7.15 22.52 10.02
C ALA B 997 6.69 23.96 9.82
N GLU B 998 5.46 24.12 9.31
CA GLU B 998 4.93 25.48 9.15
C GLU B 998 4.80 26.20 10.49
N ILE B 999 4.27 25.52 11.50
CA ILE B 999 4.11 26.13 12.81
C ILE B 999 5.47 26.45 13.41
N ARG B 1000 6.47 25.64 13.16
CA ARG B 1000 7.82 25.92 13.65
C ARG B 1000 8.39 27.15 12.98
N ALA B 1001 8.16 27.32 11.68
CA ALA B 1001 8.59 28.55 11.02
C ALA B 1001 7.91 29.76 11.65
N SER B 1002 6.61 29.64 11.93
CA SER B 1002 5.91 30.75 12.57
C SER B 1002 6.41 31.01 13.98
N ALA B 1003 6.76 29.94 14.71
CA ALA B 1003 7.24 30.11 16.09
C ALA B 1003 8.63 30.72 16.11
N ASN B 1004 9.47 30.38 15.14
CA ASN B 1004 10.77 31.03 15.02
C ASN B 1004 10.60 32.49 14.67
N LEU B 1005 9.65 32.82 13.79
CA LEU B 1005 9.38 34.22 13.52
C LEU B 1005 8.88 34.93 14.77
N ALA B 1006 8.05 34.26 15.57
CA ALA B 1006 7.54 34.88 16.79
C ALA B 1006 8.65 35.10 17.80
N ALA B 1007 9.57 34.15 17.93
CA ALA B 1007 10.70 34.34 18.84
C ALA B 1007 11.59 35.49 18.37
N THR B 1008 11.83 35.57 17.06
CA THR B 1008 12.57 36.69 16.51
C THR B 1008 11.87 38.01 16.79
N LYS B 1009 10.55 38.05 16.58
CA LYS B 1009 9.80 39.27 16.80
C LYS B 1009 9.82 39.67 18.27
N MET B 1010 9.71 38.71 19.17
CA MET B 1010 9.79 39.06 20.58
C MET B 1010 11.15 39.63 20.93
N SER B 1011 12.22 38.94 20.51
CA SER B 1011 13.55 39.44 20.79
C SER B 1011 13.75 40.85 20.25
N GLU B 1012 13.38 41.09 19.00
CA GLU B 1012 13.77 42.30 18.30
C GLU B 1012 12.74 43.41 18.36
N CYS B 1013 11.53 43.15 18.84
CA CYS B 1013 10.53 44.19 18.97
C CYS B 1013 10.28 44.44 20.44
N VAL B 1014 10.20 43.37 21.23
CA VAL B 1014 9.88 43.51 22.64
C VAL B 1014 11.11 43.89 23.45
N LEU B 1015 12.19 43.12 23.30
CA LEU B 1015 13.40 43.37 24.07
C LEU B 1015 14.28 44.44 23.45
N GLY B 1016 13.95 44.93 22.27
CA GLY B 1016 14.71 45.97 21.65
C GLY B 1016 13.81 46.97 20.95
N GLN B 1017 14.42 47.76 20.08
CA GLN B 1017 13.72 48.68 19.21
C GLN B 1017 14.32 48.50 17.84
N SER B 1018 13.49 48.12 16.86
CA SER B 1018 13.98 47.69 15.56
C SER B 1018 14.16 48.88 14.63
N LYS B 1019 15.36 48.99 14.07
CA LYS B 1019 15.61 49.92 12.99
C LYS B 1019 15.23 49.33 11.65
N ARG B 1020 14.51 48.22 11.66
CA ARG B 1020 14.28 47.43 10.47
C ARG B 1020 12.85 47.58 10.01
N VAL B 1021 12.66 48.18 8.84
CA VAL B 1021 11.37 48.75 8.47
C VAL B 1021 10.33 47.66 8.25
N ASP B 1022 9.11 47.93 8.70
CA ASP B 1022 7.92 47.11 8.53
C ASP B 1022 8.07 45.71 9.13
N PHE B 1023 8.98 45.54 10.07
CA PHE B 1023 9.09 44.26 10.76
C PHE B 1023 8.30 44.25 12.05
N CYS B 1024 8.13 45.41 12.67
CA CYS B 1024 7.38 45.50 13.92
C CYS B 1024 6.21 46.45 13.71
N GLY B 1025 5.55 46.35 12.55
CA GLY B 1025 4.40 47.17 12.24
C GLY B 1025 4.71 48.34 11.31
N LYS B 1026 3.63 48.95 10.80
CA LYS B 1026 3.77 50.09 9.91
C LYS B 1026 4.22 51.33 10.68
N GLY B 1027 5.17 52.04 10.12
CA GLY B 1027 5.72 53.23 10.73
C GLY B 1027 7.01 52.93 11.45
N TYR B 1028 7.60 54.00 11.98
CA TYR B 1028 8.84 53.87 12.74
C TYR B 1028 8.52 53.24 14.08
N HIS B 1029 9.24 52.16 14.41
CA HIS B 1029 8.91 51.34 15.55
C HIS B 1029 9.39 51.98 16.84
N LEU B 1030 8.49 52.09 17.81
CA LEU B 1030 8.83 52.60 19.14
C LEU B 1030 9.02 51.46 20.13
N MET B 1031 8.05 50.56 20.20
CA MET B 1031 7.99 49.56 21.26
C MET B 1031 6.86 48.60 20.93
N SER B 1032 6.97 47.38 21.47
CA SER B 1032 5.92 46.40 21.29
C SER B 1032 5.71 45.64 22.59
N PHE B 1033 4.47 45.22 22.81
CA PHE B 1033 4.03 44.54 24.02
C PHE B 1033 3.56 43.14 23.64
N PRO B 1034 4.14 42.09 24.20
CA PRO B 1034 3.61 40.75 23.96
C PRO B 1034 2.32 40.52 24.74
N GLN B 1035 1.41 39.82 24.12
CA GLN B 1035 0.20 39.37 24.79
C GLN B 1035 -0.06 37.94 24.38
N SER B 1036 -0.20 37.06 25.37
CA SER B 1036 -0.39 35.65 25.09
C SER B 1036 -1.77 35.40 24.51
N ALA B 1037 -1.90 34.32 23.76
CA ALA B 1037 -3.16 33.92 23.17
C ALA B 1037 -3.18 32.41 23.13
N PRO B 1038 -4.36 31.81 23.02
CA PRO B 1038 -4.41 30.34 22.90
C PRO B 1038 -3.60 29.85 21.70
N HIS B 1039 -2.51 29.15 21.98
CA HIS B 1039 -1.65 28.56 20.95
C HIS B 1039 -0.93 29.61 20.12
N GLY B 1040 -0.68 30.78 20.69
CA GLY B 1040 -0.01 31.81 19.91
C GLY B 1040 0.33 33.00 20.78
N VAL B 1041 0.78 34.05 20.12
CA VAL B 1041 1.16 35.28 20.78
C VAL B 1041 0.66 36.45 19.93
N VAL B 1042 0.26 37.53 20.60
CA VAL B 1042 -0.22 38.74 19.95
C VAL B 1042 0.71 39.86 20.35
N PHE B 1043 1.15 40.65 19.37
CA PHE B 1043 2.05 41.76 19.61
C PHE B 1043 1.31 43.07 19.40
N LEU B 1044 1.45 43.97 20.36
CA LEU B 1044 0.92 45.33 20.23
C LEU B 1044 2.09 46.23 19.86
N HIS B 1045 2.13 46.65 18.61
CA HIS B 1045 3.26 47.42 18.09
C HIS B 1045 2.94 48.91 18.18
N VAL B 1046 3.68 49.62 19.03
CA VAL B 1046 3.55 51.06 19.13
C VAL B 1046 4.52 51.68 18.15
N THR B 1047 3.98 52.40 17.16
CA THR B 1047 4.79 52.97 16.09
C THR B 1047 4.56 54.46 16.00
N TYR B 1048 5.50 55.14 15.37
CA TYR B 1048 5.43 56.58 15.15
C TYR B 1048 5.11 56.82 13.68
N VAL B 1049 4.12 57.66 13.42
CA VAL B 1049 3.65 57.92 12.05
C VAL B 1049 3.55 59.43 11.85
N PRO B 1050 4.15 59.99 10.80
CA PRO B 1050 4.00 61.42 10.54
C PRO B 1050 2.62 61.76 10.02
N ALA B 1051 2.27 63.05 10.11
CA ALA B 1051 1.02 63.57 9.59
C ALA B 1051 1.11 65.07 9.47
N GLN B 1052 0.15 65.66 8.75
CA GLN B 1052 -0.02 67.10 8.68
C GLN B 1052 1.27 67.78 8.23
N GLU B 1053 1.70 67.42 7.02
CA GLU B 1053 2.96 67.94 6.52
C GLU B 1053 2.74 69.26 5.81
N LYS B 1054 3.82 70.01 5.68
CA LYS B 1054 3.80 71.26 4.97
C LYS B 1054 4.83 71.22 3.86
N ASN B 1055 4.93 72.34 3.18
CA ASN B 1055 5.86 72.54 2.09
C ASN B 1055 6.99 73.47 2.40
N PHE B 1056 8.14 73.12 1.87
CA PHE B 1056 9.32 73.94 2.04
C PHE B 1056 10.18 73.81 0.81
N THR B 1057 10.49 74.95 0.22
CA THR B 1057 11.56 75.05 -0.74
C THR B 1057 12.85 74.72 0.00
N THR B 1058 13.77 74.05 -0.69
CA THR B 1058 14.98 73.59 -0.04
C THR B 1058 16.19 73.86 -0.93
N ALA B 1059 17.36 73.55 -0.38
CA ALA B 1059 18.64 73.68 -1.04
C ALA B 1059 19.66 72.97 -0.19
N PRO B 1060 20.63 72.26 -0.78
CA PRO B 1060 21.54 71.44 0.03
C PRO B 1060 22.74 72.17 0.61
N ALA B 1061 22.86 73.49 0.46
CA ALA B 1061 24.03 74.16 0.99
C ALA B 1061 23.79 75.66 1.01
N ILE B 1062 24.71 76.38 1.66
CA ILE B 1062 24.62 77.83 1.78
C ILE B 1062 26.01 78.42 1.64
N CYS B 1063 26.09 79.52 0.89
CA CYS B 1063 27.34 80.25 0.72
C CYS B 1063 27.45 81.34 1.76
N HIS B 1064 28.59 81.42 2.43
CA HIS B 1064 28.88 82.55 3.28
C HIS B 1064 30.32 82.95 3.08
N ASP B 1065 30.53 84.20 2.68
CA ASP B 1065 31.86 84.76 2.42
C ASP B 1065 32.69 83.86 1.49
N GLY B 1066 32.01 83.12 0.61
CA GLY B 1066 32.65 82.23 -0.33
C GLY B 1066 32.72 80.78 0.13
N LYS B 1067 32.36 80.50 1.37
CA LYS B 1067 32.47 79.17 1.95
C LYS B 1067 31.11 78.48 1.92
N ALA B 1068 31.12 77.16 1.77
CA ALA B 1068 29.90 76.39 1.53
C ALA B 1068 29.55 75.55 2.75
N HIS B 1069 28.38 75.82 3.35
CA HIS B 1069 27.96 75.20 4.59
C HIS B 1069 26.97 74.06 4.29
N PHE B 1070 27.11 72.94 5.00
CA PHE B 1070 26.24 71.78 4.93
C PHE B 1070 25.59 71.51 6.27
N PRO B 1071 24.42 70.88 6.31
CA PRO B 1071 23.74 70.66 7.60
C PRO B 1071 24.44 69.58 8.40
N ARG B 1072 24.75 69.88 9.66
CA ARG B 1072 25.26 68.83 10.52
C ARG B 1072 24.21 67.75 10.73
N GLU B 1073 22.95 68.16 10.88
CA GLU B 1073 21.84 67.24 11.05
C GLU B 1073 20.56 67.93 10.60
N GLY B 1074 19.75 67.21 9.85
CA GLY B 1074 18.54 67.80 9.30
C GLY B 1074 18.76 68.40 7.93
N VAL B 1075 17.76 69.16 7.49
CA VAL B 1075 17.73 69.73 6.14
C VAL B 1075 17.49 71.23 6.21
N PHE B 1076 17.90 71.90 5.14
CA PHE B 1076 17.69 73.34 5.00
C PHE B 1076 16.33 73.57 4.35
N VAL B 1077 15.54 74.48 4.92
CA VAL B 1077 14.22 74.82 4.39
C VAL B 1077 14.01 76.32 4.48
N SER B 1078 13.03 76.81 3.73
CA SER B 1078 12.68 78.22 3.74
C SER B 1078 11.17 78.38 3.72
N ASN B 1079 10.67 79.41 4.38
CA ASN B 1079 9.27 79.78 4.28
C ASN B 1079 9.02 80.82 3.19
N GLY B 1080 10.05 81.18 2.42
CA GLY B 1080 9.92 82.10 1.31
C GLY B 1080 10.69 83.38 1.46
N THR B 1081 11.05 83.76 2.68
CA THR B 1081 11.85 84.97 2.88
C THR B 1081 13.05 84.68 3.75
N HIS B 1082 12.95 83.65 4.60
CA HIS B 1082 13.98 83.35 5.58
C HIS B 1082 14.29 81.87 5.56
N TRP B 1083 15.56 81.53 5.79
CA TRP B 1083 16.05 80.16 5.70
C TRP B 1083 16.23 79.56 7.09
N PHE B 1084 15.75 78.34 7.25
CA PHE B 1084 15.75 77.69 8.55
C PHE B 1084 16.23 76.25 8.41
N VAL B 1085 16.95 75.78 9.42
CA VAL B 1085 17.38 74.39 9.52
C VAL B 1085 16.36 73.64 10.36
N THR B 1086 16.00 72.44 9.94
CA THR B 1086 15.12 71.61 10.74
C THR B 1086 15.55 70.17 10.64
N GLN B 1087 15.18 69.39 11.65
CA GLN B 1087 15.35 67.95 11.59
C GLN B 1087 14.37 67.36 10.60
N ARG B 1088 14.60 66.08 10.25
CA ARG B 1088 14.00 65.57 9.03
C ARG B 1088 12.56 65.11 9.22
N ASN B 1089 12.12 64.90 10.46
CA ASN B 1089 10.78 64.39 10.71
C ASN B 1089 9.90 65.37 11.47
N PHE B 1090 10.39 66.57 11.74
CA PHE B 1090 9.58 67.63 12.33
C PHE B 1090 9.91 68.98 11.73
N TYR B 1091 8.89 69.78 11.49
CA TYR B 1091 9.15 71.19 11.28
C TYR B 1091 9.61 71.79 12.60
N GLU B 1092 10.90 72.07 12.70
CA GLU B 1092 11.44 72.84 13.81
C GLU B 1092 12.49 73.80 13.26
N PRO B 1093 12.06 74.97 12.81
CA PRO B 1093 13.01 75.95 12.28
C PRO B 1093 14.00 76.38 13.36
N GLN B 1094 15.25 76.53 12.95
CA GLN B 1094 16.28 77.10 13.81
C GLN B 1094 17.20 77.98 13.00
N ILE B 1095 17.49 79.17 13.54
CA ILE B 1095 18.43 80.06 12.89
C ILE B 1095 19.73 79.32 12.62
N ILE B 1096 20.27 79.53 11.43
CA ILE B 1096 21.45 78.77 11.01
C ILE B 1096 22.67 79.39 11.68
N THR B 1097 23.44 78.56 12.38
CA THR B 1097 24.58 79.03 13.14
C THR B 1097 25.79 78.17 12.79
N THR B 1098 26.97 78.69 13.12
CA THR B 1098 28.20 77.92 12.91
C THR B 1098 28.20 76.62 13.68
N ASP B 1099 27.41 76.52 14.74
CA ASP B 1099 27.36 75.34 15.60
C ASP B 1099 26.39 74.28 15.08
N ASN B 1100 25.67 74.55 14.00
CA ASN B 1100 24.66 73.66 13.47
C ASN B 1100 24.98 73.16 12.07
N THR B 1101 25.85 73.84 11.34
CA THR B 1101 26.30 73.43 10.03
C THR B 1101 27.80 73.22 10.06
N PHE B 1102 28.34 72.70 8.97
CA PHE B 1102 29.79 72.55 8.86
C PHE B 1102 30.25 72.89 7.45
N VAL B 1103 31.55 73.18 7.34
CA VAL B 1103 32.14 73.81 6.17
C VAL B 1103 32.85 72.73 5.37
N SER B 1104 32.80 72.82 4.04
CA SER B 1104 33.62 71.94 3.21
C SER B 1104 33.67 72.48 1.79
N GLY B 1105 34.88 72.79 1.33
CA GLY B 1105 35.05 73.28 -0.02
C GLY B 1105 34.64 74.74 -0.14
N ASN B 1106 34.26 75.12 -1.35
CA ASN B 1106 33.72 76.44 -1.64
C ASN B 1106 32.47 76.27 -2.48
N CYS B 1107 31.80 77.39 -2.76
CA CYS B 1107 30.50 77.35 -3.41
C CYS B 1107 30.52 77.03 -4.89
N ASP B 1108 31.68 76.98 -5.52
CA ASP B 1108 31.68 76.89 -6.96
C ASP B 1108 31.56 75.46 -7.46
N VAL B 1109 31.38 74.49 -6.57
CA VAL B 1109 31.42 73.08 -6.92
C VAL B 1109 30.06 72.41 -6.76
N VAL B 1110 29.30 72.77 -5.74
CA VAL B 1110 28.02 72.11 -5.46
C VAL B 1110 26.95 72.72 -6.36
N ILE B 1111 26.00 71.90 -6.79
CA ILE B 1111 24.91 72.38 -7.62
C ILE B 1111 23.66 72.53 -6.77
N GLY B 1112 23.02 73.69 -6.87
CA GLY B 1112 21.89 74.01 -6.02
C GLY B 1112 22.24 74.74 -4.74
N ILE B 1113 23.33 75.46 -4.70
CA ILE B 1113 23.74 76.19 -3.51
C ILE B 1113 23.09 77.58 -3.52
N VAL B 1114 22.75 78.09 -2.34
CA VAL B 1114 22.07 79.37 -2.22
C VAL B 1114 22.85 80.28 -1.29
N ASN B 1115 22.74 81.58 -1.56
CA ASN B 1115 23.39 82.60 -0.74
C ASN B 1115 22.52 82.95 0.46
N ASN B 1116 23.15 83.05 1.62
CA ASN B 1116 22.50 83.53 2.83
C ASN B 1116 23.59 84.00 3.79
N THR B 1117 23.17 84.44 4.97
CA THR B 1117 24.08 84.79 6.05
C THR B 1117 23.87 83.82 7.20
N VAL B 1118 24.93 83.59 7.96
CA VAL B 1118 24.92 82.68 9.10
C VAL B 1118 25.44 83.43 10.31
N TYR B 1119 24.82 83.21 11.47
CA TYR B 1119 25.09 84.01 12.65
C TYR B 1119 26.23 83.41 13.46
N ASP B 1120 27.19 84.27 13.82
CA ASP B 1120 28.32 83.88 14.65
C ASP B 1120 28.04 84.32 16.08
N PRO B 1121 27.99 83.39 17.03
CA PRO B 1121 27.71 83.77 18.43
C PRO B 1121 28.73 84.75 19.02
N LEU B 1122 29.87 84.93 18.35
CA LEU B 1122 30.91 85.81 18.89
C LEU B 1122 30.56 87.29 18.73
N GLN B 1123 29.77 87.64 17.69
CA GLN B 1123 29.47 89.01 17.32
C GLN B 1123 28.99 89.87 18.51
N PRO B 1124 27.95 89.45 19.24
CA PRO B 1124 27.52 90.26 20.39
C PRO B 1124 28.59 90.38 21.47
N GLU B 1125 29.43 89.36 21.62
CA GLU B 1125 30.50 89.42 22.61
C GLU B 1125 31.57 90.43 22.20
N LEU B 1126 31.89 90.50 20.91
CA LEU B 1126 32.87 91.46 20.45
C LEU B 1126 32.38 92.89 20.47
N ASP B 1127 31.12 93.13 20.09
CA ASP B 1127 30.61 94.49 20.13
C ASP B 1127 30.44 95.00 21.56
N GLN C 14 17.88 -29.02 -60.98
CA GLN C 14 18.83 -27.93 -61.22
C GLN C 14 20.08 -28.12 -60.38
N CYS C 15 20.40 -27.10 -59.57
CA CYS C 15 21.46 -27.17 -58.57
C CYS C 15 22.83 -27.39 -59.21
N VAL C 16 23.21 -26.43 -60.03
CA VAL C 16 24.59 -26.30 -60.45
C VAL C 16 25.35 -25.59 -59.33
N ASN C 17 26.46 -26.19 -58.89
CA ASN C 17 27.24 -25.63 -57.80
C ASN C 17 28.38 -24.78 -58.35
N LEU C 18 28.59 -23.61 -57.74
CA LEU C 18 29.65 -22.70 -58.15
C LEU C 18 30.75 -22.55 -57.11
N THR C 19 30.49 -22.84 -55.84
CA THR C 19 31.48 -22.59 -54.81
C THR C 19 32.61 -23.63 -54.94
N THR C 20 33.46 -23.42 -55.95
CA THR C 20 34.54 -24.34 -56.23
C THR C 20 35.54 -24.39 -55.08
N ARG C 21 36.25 -23.29 -54.85
CA ARG C 21 37.20 -23.22 -53.74
C ARG C 21 37.20 -21.90 -52.99
N THR C 22 36.60 -20.83 -53.51
CA THR C 22 36.78 -19.48 -52.97
C THR C 22 36.53 -19.44 -51.47
N GLN C 23 37.59 -19.11 -50.71
CA GLN C 23 37.56 -19.18 -49.25
C GLN C 23 38.27 -17.99 -48.63
N LEU C 24 38.00 -16.80 -49.15
CA LEU C 24 38.61 -15.59 -48.60
C LEU C 24 38.06 -15.29 -47.21
N PRO C 25 38.88 -14.78 -46.30
CA PRO C 25 38.38 -14.42 -44.97
C PRO C 25 37.41 -13.26 -45.05
N PRO C 26 36.37 -13.24 -44.21
CA PRO C 26 35.36 -12.20 -44.31
C PRO C 26 35.91 -10.82 -44.00
N ALA C 27 35.38 -9.83 -44.72
CA ALA C 27 35.77 -8.44 -44.55
C ALA C 27 34.64 -7.66 -43.89
N TYR C 28 35.01 -6.74 -43.01
CA TYR C 28 34.05 -5.95 -42.25
C TYR C 28 34.13 -4.49 -42.67
N THR C 29 32.98 -3.92 -43.00
CA THR C 29 32.83 -2.48 -43.09
C THR C 29 32.17 -2.00 -41.80
N ASN C 30 31.78 -0.72 -41.75
CA ASN C 30 31.24 -0.14 -40.53
C ASN C 30 29.86 0.45 -40.81
N SER C 31 28.83 -0.16 -40.24
CA SER C 31 27.47 0.38 -40.26
C SER C 31 27.42 1.52 -39.25
N PHE C 32 27.55 2.75 -39.77
CA PHE C 32 27.72 3.90 -38.89
C PHE C 32 26.54 4.08 -37.95
N THR C 33 25.38 4.43 -38.51
CA THR C 33 24.16 4.65 -37.73
C THR C 33 23.03 4.18 -38.65
N ARG C 34 22.65 2.92 -38.49
CA ARG C 34 21.95 2.24 -39.56
C ARG C 34 21.06 1.14 -38.98
N GLY C 35 20.07 0.75 -39.76
CA GLY C 35 19.15 -0.31 -39.33
C GLY C 35 18.28 0.07 -38.17
N VAL C 36 17.76 1.30 -38.16
CA VAL C 36 16.84 1.76 -37.13
C VAL C 36 15.45 1.76 -37.76
N TYR C 37 14.63 0.79 -37.37
CA TYR C 37 13.29 0.65 -37.91
C TYR C 37 12.25 1.21 -36.94
N TYR C 38 11.01 1.28 -37.41
CA TYR C 38 9.89 1.67 -36.55
C TYR C 38 9.45 0.46 -35.74
N PRO C 39 9.84 0.34 -34.49
CA PRO C 39 9.58 -0.90 -33.76
C PRO C 39 8.20 -0.93 -33.15
N ASP C 40 7.20 -0.44 -33.89
CA ASP C 40 5.91 -0.14 -33.29
C ASP C 40 4.98 0.36 -34.37
N LYS C 41 3.69 0.38 -34.04
CA LYS C 41 2.65 0.83 -34.96
C LYS C 41 1.91 2.06 -34.42
N VAL C 42 2.55 2.81 -33.53
CA VAL C 42 1.91 3.91 -32.83
C VAL C 42 2.51 5.22 -33.31
N PHE C 43 1.65 6.16 -33.67
CA PHE C 43 2.09 7.49 -34.05
C PHE C 43 2.61 8.24 -32.82
N ARG C 44 3.68 9.00 -32.99
CA ARG C 44 4.23 9.81 -31.91
C ARG C 44 4.54 11.20 -32.42
N SER C 45 4.28 12.20 -31.58
CA SER C 45 4.62 13.58 -31.86
C SER C 45 6.08 13.83 -31.50
N SER C 46 6.49 15.09 -31.41
CA SER C 46 7.90 15.37 -31.16
C SER C 46 8.25 14.96 -29.75
N VAL C 47 8.57 13.67 -29.57
CA VAL C 47 8.87 13.11 -28.26
C VAL C 47 10.09 12.20 -28.39
N LEU C 48 10.89 12.15 -27.34
CA LEU C 48 12.06 11.29 -27.27
C LEU C 48 11.63 10.02 -26.54
N HIS C 49 11.21 9.01 -27.29
CA HIS C 49 10.68 7.78 -26.74
C HIS C 49 11.77 6.72 -26.68
N SER C 50 11.89 6.05 -25.54
CA SER C 50 12.93 5.06 -25.30
C SER C 50 12.37 3.67 -25.55
N THR C 51 12.93 2.98 -26.53
CA THR C 51 12.48 1.64 -26.92
C THR C 51 13.57 0.63 -26.61
N GLN C 52 13.14 -0.56 -26.18
CA GLN C 52 14.05 -1.68 -25.94
C GLN C 52 13.62 -2.85 -26.85
N ASP C 53 14.26 -2.94 -28.01
CA ASP C 53 13.97 -4.00 -28.97
C ASP C 53 15.30 -4.47 -29.57
N LEU C 54 15.22 -5.46 -30.42
CA LEU C 54 16.41 -5.92 -31.14
C LEU C 54 16.79 -4.88 -32.20
N PHE C 55 18.05 -4.48 -32.20
CA PHE C 55 18.52 -3.45 -33.12
C PHE C 55 19.94 -3.78 -33.54
N LEU C 56 20.41 -3.05 -34.57
CA LEU C 56 21.76 -3.22 -35.07
C LEU C 56 22.66 -2.22 -34.35
N PRO C 57 23.82 -2.64 -33.82
CA PRO C 57 24.66 -1.71 -33.06
C PRO C 57 25.08 -0.53 -33.92
N PHE C 58 25.11 0.65 -33.29
CA PHE C 58 25.77 1.77 -33.93
C PHE C 58 27.26 1.49 -34.00
N PHE C 59 27.85 1.80 -35.16
CA PHE C 59 29.28 1.65 -35.38
C PHE C 59 29.73 0.21 -35.12
N SER C 60 28.95 -0.73 -35.64
CA SER C 60 29.29 -2.15 -35.55
C SER C 60 29.94 -2.62 -36.84
N ASN C 61 30.63 -3.74 -36.75
CA ASN C 61 31.30 -4.36 -37.89
C ASN C 61 30.29 -5.27 -38.58
N VAL C 62 29.85 -4.89 -39.77
CA VAL C 62 28.96 -5.70 -40.58
C VAL C 62 29.76 -6.30 -41.72
N THR C 63 29.65 -7.61 -41.89
CA THR C 63 30.46 -8.33 -42.87
C THR C 63 30.12 -7.89 -44.30
N TRP C 64 31.12 -7.97 -45.17
CA TRP C 64 31.01 -7.46 -46.54
C TRP C 64 31.15 -8.60 -47.53
N PHE C 65 30.02 -9.07 -48.06
CA PHE C 65 30.01 -10.03 -49.13
C PHE C 65 29.78 -9.33 -50.46
N HIS C 66 30.25 -9.95 -51.54
CA HIS C 66 30.31 -9.31 -52.84
C HIS C 66 29.49 -10.07 -53.87
N ALA C 67 28.95 -9.35 -54.86
CA ALA C 67 28.26 -10.02 -55.95
C ALA C 67 29.22 -10.95 -56.71
N LYS C 68 30.34 -10.40 -57.15
CA LYS C 68 31.43 -11.23 -57.66
C LYS C 68 32.01 -12.04 -56.50
N ARG C 69 32.94 -12.95 -56.82
CA ARG C 69 33.52 -13.88 -55.83
C ARG C 69 32.46 -14.88 -55.36
N PHE C 70 31.27 -14.72 -55.91
CA PHE C 70 30.06 -15.53 -55.80
C PHE C 70 29.38 -15.46 -54.44
N ASP C 71 30.17 -15.26 -53.37
CA ASP C 71 29.72 -14.83 -52.03
C ASP C 71 28.27 -15.16 -51.71
N ASN C 72 27.90 -16.44 -51.76
CA ASN C 72 26.57 -16.82 -51.31
C ASN C 72 26.60 -17.83 -50.17
N PRO C 73 27.22 -17.53 -49.02
CA PRO C 73 27.26 -18.52 -47.95
C PRO C 73 25.98 -18.53 -47.13
N VAL C 74 25.66 -19.72 -46.62
CA VAL C 74 24.60 -19.81 -45.63
C VAL C 74 25.06 -19.10 -44.36
N LEU C 75 24.29 -18.12 -43.93
CA LEU C 75 24.69 -17.33 -42.78
C LEU C 75 23.73 -17.53 -41.62
N PRO C 76 24.22 -17.51 -40.39
CA PRO C 76 23.35 -17.73 -39.24
C PRO C 76 22.36 -16.60 -39.05
N PHE C 77 21.10 -16.95 -38.79
CA PHE C 77 20.03 -16.01 -38.51
C PHE C 77 19.87 -15.95 -36.99
N ASN C 78 20.77 -15.21 -36.33
CA ASN C 78 20.90 -15.27 -34.88
C ASN C 78 19.62 -14.88 -34.17
N ASP C 79 19.23 -13.62 -34.29
CA ASP C 79 17.95 -13.15 -33.77
C ASP C 79 17.19 -12.34 -34.81
N GLY C 80 17.75 -12.17 -36.00
CA GLY C 80 17.25 -11.24 -36.97
C GLY C 80 18.42 -10.49 -37.54
N VAL C 81 18.37 -10.17 -38.83
CA VAL C 81 19.54 -9.61 -39.48
C VAL C 81 19.16 -8.30 -40.16
N TYR C 82 20.19 -7.50 -40.41
CA TYR C 82 20.08 -6.30 -41.22
C TYR C 82 20.76 -6.58 -42.55
N PHE C 83 20.04 -6.37 -43.65
CA PHE C 83 20.55 -6.66 -44.97
C PHE C 83 20.52 -5.39 -45.80
N ALA C 84 21.67 -5.05 -46.39
CA ALA C 84 21.77 -3.90 -47.28
C ALA C 84 22.49 -4.34 -48.55
N SER C 85 22.23 -3.62 -49.64
CA SER C 85 22.91 -3.92 -50.89
C SER C 85 22.99 -2.65 -51.74
N THR C 86 24.12 -2.49 -52.44
CA THR C 86 24.31 -1.34 -53.32
C THR C 86 23.56 -1.54 -54.63
N GLU C 87 23.95 -2.53 -55.41
CA GLU C 87 23.09 -3.19 -56.39
C GLU C 87 22.43 -2.17 -57.33
N LYS C 88 23.27 -1.52 -58.14
CA LYS C 88 22.73 -0.58 -59.12
C LYS C 88 21.97 -1.26 -60.25
N SER C 89 22.08 -2.58 -60.36
CA SER C 89 21.24 -3.38 -61.24
C SER C 89 20.65 -4.53 -60.45
N ASN C 90 19.45 -4.97 -60.85
CA ASN C 90 18.68 -5.87 -60.01
C ASN C 90 19.31 -7.26 -59.96
N ILE C 91 20.31 -7.42 -59.10
CA ILE C 91 21.07 -8.67 -59.03
C ILE C 91 20.80 -9.39 -57.73
N ILE C 92 20.44 -8.65 -56.68
CA ILE C 92 19.96 -9.28 -55.45
C ILE C 92 18.47 -9.58 -55.66
N ARG C 93 18.11 -10.85 -55.55
CA ARG C 93 16.78 -11.29 -55.94
C ARG C 93 15.99 -11.96 -54.83
N GLY C 94 16.59 -12.21 -53.68
CA GLY C 94 15.83 -12.74 -52.56
C GLY C 94 16.70 -13.50 -51.58
N TRP C 95 16.01 -14.21 -50.69
CA TRP C 95 16.63 -14.89 -49.55
C TRP C 95 15.92 -16.20 -49.33
N ILE C 96 16.62 -17.14 -48.69
CA ILE C 96 16.10 -18.50 -48.53
C ILE C 96 16.02 -18.91 -47.06
N PHE C 97 15.63 -17.97 -46.19
CA PHE C 97 15.56 -18.23 -44.75
C PHE C 97 15.02 -19.63 -44.44
N GLY C 98 15.70 -20.31 -43.52
CA GLY C 98 15.25 -21.63 -43.12
C GLY C 98 16.12 -22.16 -42.01
N THR C 99 15.76 -23.37 -41.56
CA THR C 99 16.49 -24.06 -40.50
C THR C 99 17.53 -25.01 -41.07
N THR C 100 17.10 -25.98 -41.87
CA THR C 100 18.00 -26.94 -42.49
C THR C 100 18.20 -26.69 -43.97
N LEU C 101 17.33 -25.91 -44.61
CA LEU C 101 17.40 -25.62 -46.04
C LEU C 101 17.39 -26.92 -46.84
N ASP C 102 16.64 -27.90 -46.34
CA ASP C 102 16.57 -29.22 -46.94
C ASP C 102 15.13 -29.69 -46.83
N SER C 103 14.88 -30.91 -47.30
CA SER C 103 13.55 -31.47 -47.15
C SER C 103 13.29 -31.82 -45.68
N LYS C 104 12.05 -32.22 -45.41
CA LYS C 104 11.58 -32.63 -44.09
C LYS C 104 11.45 -31.44 -43.14
N THR C 105 11.86 -30.26 -43.58
CA THR C 105 11.73 -29.05 -42.79
C THR C 105 11.26 -27.92 -43.68
N GLN C 106 10.23 -27.20 -43.26
CA GLN C 106 9.74 -26.06 -44.02
C GLN C 106 10.75 -24.92 -44.01
N SER C 107 10.89 -24.26 -45.15
CA SER C 107 11.81 -23.15 -45.30
C SER C 107 11.14 -22.03 -46.07
N LEU C 108 11.69 -20.82 -45.93
CA LEU C 108 11.07 -19.62 -46.45
C LEU C 108 11.84 -19.12 -47.67
N LEU C 109 11.11 -18.80 -48.74
CA LEU C 109 11.71 -18.38 -50.00
C LEU C 109 11.08 -17.07 -50.45
N ILE C 110 11.90 -16.03 -50.61
CA ILE C 110 11.46 -14.73 -51.11
C ILE C 110 12.16 -14.50 -52.44
N VAL C 111 11.39 -14.20 -53.47
CA VAL C 111 11.90 -13.91 -54.80
C VAL C 111 11.01 -12.85 -55.44
N ASN C 112 11.61 -11.89 -56.12
CA ASN C 112 10.87 -10.91 -56.91
C ASN C 112 11.44 -10.84 -58.32
N ASN C 113 10.57 -10.84 -59.32
CA ASN C 113 11.09 -10.93 -60.68
C ASN C 113 11.47 -9.57 -61.25
N ALA C 114 10.49 -8.76 -61.64
CA ALA C 114 10.72 -7.36 -61.95
C ALA C 114 9.51 -6.52 -61.56
N THR C 115 8.36 -7.18 -61.41
CA THR C 115 7.09 -6.51 -61.20
C THR C 115 6.22 -7.23 -60.18
N ASN C 116 6.76 -8.23 -59.49
CA ASN C 116 6.00 -9.00 -58.51
C ASN C 116 6.99 -9.67 -57.58
N VAL C 117 6.59 -9.87 -56.33
CA VAL C 117 7.37 -10.61 -55.36
C VAL C 117 6.59 -11.85 -54.97
N VAL C 118 7.26 -13.00 -54.94
CA VAL C 118 6.65 -14.26 -54.57
C VAL C 118 7.30 -14.74 -53.29
N ILE C 119 6.47 -15.14 -52.33
CA ILE C 119 6.94 -15.63 -51.03
C ILE C 119 6.29 -16.98 -50.78
N LYS C 120 7.11 -17.98 -50.45
CA LYS C 120 6.63 -19.33 -50.29
C LYS C 120 7.30 -19.93 -49.06
N VAL C 121 6.58 -20.82 -48.36
CA VAL C 121 7.17 -21.63 -47.30
C VAL C 121 6.84 -23.08 -47.59
N CYS C 122 7.72 -23.74 -48.33
CA CYS C 122 7.54 -25.15 -48.63
C CYS C 122 8.69 -25.92 -48.02
N GLU C 123 8.62 -27.24 -48.11
CA GLU C 123 9.75 -28.09 -47.73
C GLU C 123 10.70 -28.19 -48.92
N PHE C 124 11.39 -27.08 -49.18
CA PHE C 124 12.22 -27.00 -50.37
C PHE C 124 13.42 -27.93 -50.26
N GLN C 125 14.04 -28.18 -51.41
CA GLN C 125 15.25 -28.99 -51.51
C GLN C 125 16.35 -28.13 -52.09
N PHE C 126 16.56 -26.96 -51.49
CA PHE C 126 17.47 -25.94 -52.03
C PHE C 126 18.77 -26.52 -52.52
N CYS C 127 19.27 -25.94 -53.60
CA CYS C 127 20.61 -26.26 -54.08
C CYS C 127 21.65 -25.78 -53.09
N ASN C 128 22.89 -26.26 -53.28
CA ASN C 128 23.98 -25.76 -52.45
C ASN C 128 24.38 -24.35 -52.84
N ASP C 129 24.18 -23.98 -54.10
CA ASP C 129 24.46 -22.64 -54.60
C ASP C 129 23.22 -22.12 -55.30
N PRO C 130 22.17 -21.81 -54.55
CA PRO C 130 20.92 -21.35 -55.18
C PRO C 130 21.06 -19.93 -55.74
N PHE C 131 20.46 -19.70 -56.90
CA PHE C 131 20.55 -18.40 -57.56
C PHE C 131 19.63 -18.43 -58.77
N LEU C 132 19.67 -17.35 -59.56
CA LEU C 132 18.75 -17.16 -60.67
C LEU C 132 19.54 -16.89 -61.94
N GLY C 133 19.26 -17.68 -62.98
CA GLY C 133 19.81 -17.37 -64.29
C GLY C 133 19.01 -16.28 -64.99
N VAL C 134 19.74 -15.40 -65.67
CA VAL C 134 19.14 -14.22 -66.30
C VAL C 134 19.52 -14.21 -67.77
N TYR C 135 18.54 -13.97 -68.64
CA TYR C 135 18.76 -13.96 -70.08
C TYR C 135 17.92 -12.87 -70.73
N TYR C 136 18.48 -12.24 -71.76
CA TYR C 136 17.77 -11.24 -72.56
C TYR C 136 17.57 -11.80 -73.96
N HIS C 137 16.32 -12.02 -74.35
CA HIS C 137 16.04 -12.43 -75.71
C HIS C 137 16.24 -11.26 -76.66
N LYS C 138 16.80 -11.55 -77.84
CA LYS C 138 17.14 -10.49 -78.78
C LYS C 138 15.91 -9.85 -79.40
N ASN C 139 14.78 -10.56 -79.46
CA ASN C 139 13.57 -9.97 -80.01
C ASN C 139 13.11 -8.78 -79.17
N ASN C 140 13.14 -8.92 -77.85
CA ASN C 140 12.80 -7.84 -76.93
C ASN C 140 13.88 -7.84 -75.85
N LYS C 141 14.90 -7.00 -75.98
CA LYS C 141 16.06 -7.12 -75.05
C LYS C 141 15.74 -6.59 -73.64
N SER C 142 14.51 -6.79 -73.16
CA SER C 142 14.15 -6.41 -71.77
C SER C 142 13.25 -7.49 -71.18
N TRP C 143 13.64 -8.76 -71.34
CA TRP C 143 12.78 -9.87 -70.88
C TRP C 143 13.19 -10.36 -69.49
N MET C 144 14.46 -10.17 -69.12
CA MET C 144 14.96 -10.69 -67.82
C MET C 144 14.42 -12.10 -67.66
N GLU C 145 14.59 -12.92 -68.70
CA GLU C 145 14.03 -14.27 -68.60
C GLU C 145 14.75 -15.02 -67.49
N SER C 146 14.12 -15.07 -66.32
CA SER C 146 14.75 -15.61 -65.13
C SER C 146 14.51 -17.11 -65.02
N GLU C 147 15.56 -17.86 -64.72
CA GLU C 147 15.47 -19.28 -64.50
C GLU C 147 15.80 -19.58 -63.04
N PHE C 148 15.08 -20.54 -62.46
CA PHE C 148 15.27 -20.89 -61.07
C PHE C 148 16.31 -22.00 -60.95
N ARG C 149 17.40 -21.72 -60.23
CA ARG C 149 18.39 -22.71 -59.86
C ARG C 149 18.53 -22.75 -58.35
N VAL C 150 17.39 -22.65 -57.68
CA VAL C 150 17.34 -22.48 -56.23
C VAL C 150 17.06 -23.82 -55.55
N TYR C 151 16.01 -24.50 -56.00
CA TYR C 151 15.59 -25.76 -55.41
C TYR C 151 15.38 -26.79 -56.51
N SER C 152 15.55 -28.05 -56.14
CA SER C 152 15.23 -29.17 -57.03
C SER C 152 13.83 -29.71 -56.80
N SER C 153 13.33 -29.66 -55.57
CA SER C 153 11.98 -30.11 -55.25
C SER C 153 11.35 -29.14 -54.26
N ALA C 154 10.08 -28.81 -54.49
CA ALA C 154 9.33 -27.96 -53.56
C ALA C 154 7.87 -28.41 -53.64
N ASN C 155 7.37 -28.99 -52.56
CA ASN C 155 6.01 -29.51 -52.51
C ASN C 155 5.56 -29.53 -51.06
N ASN C 156 4.25 -29.76 -50.87
CA ASN C 156 3.65 -29.92 -49.55
C ASN C 156 3.85 -28.67 -48.70
N CYS C 157 3.20 -27.58 -49.13
CA CYS C 157 3.33 -26.32 -48.43
C CYS C 157 2.02 -25.56 -48.30
N THR C 158 2.08 -24.55 -47.44
CA THR C 158 0.91 -23.92 -46.82
C THR C 158 0.77 -22.44 -47.10
N PHE C 159 1.85 -21.68 -47.14
CA PHE C 159 1.78 -20.23 -47.28
C PHE C 159 2.31 -19.81 -48.64
N GLU C 160 1.63 -18.84 -49.25
CA GLU C 160 2.00 -18.33 -50.55
C GLU C 160 1.43 -16.93 -50.66
N TYR C 161 2.32 -15.93 -50.69
CA TYR C 161 1.92 -14.53 -50.72
C TYR C 161 2.54 -13.87 -51.94
N VAL C 162 1.76 -13.02 -52.61
CA VAL C 162 2.22 -12.29 -53.78
C VAL C 162 1.86 -10.83 -53.60
N SER C 163 2.81 -9.95 -53.90
CA SER C 163 2.58 -8.52 -53.80
C SER C 163 3.44 -7.82 -54.84
N GLN C 164 3.41 -6.49 -54.81
CA GLN C 164 4.32 -5.66 -55.57
C GLN C 164 5.75 -5.93 -55.11
N PRO C 165 6.72 -5.96 -56.03
CA PRO C 165 8.06 -6.39 -55.66
C PRO C 165 8.68 -5.51 -54.59
N PHE C 166 9.48 -6.12 -53.72
CA PHE C 166 10.21 -5.36 -52.72
C PHE C 166 11.17 -4.38 -53.37
N LEU C 167 11.82 -4.81 -54.45
CA LEU C 167 12.93 -4.06 -55.02
C LEU C 167 12.53 -3.39 -56.32
N LYS C 178 23.19 4.79 -56.14
CA LYS C 178 23.19 3.50 -56.80
C LYS C 178 22.04 2.64 -56.33
N ASN C 179 21.02 3.28 -55.75
CA ASN C 179 19.82 2.60 -55.25
C ASN C 179 20.18 1.57 -54.17
N LEU C 180 20.74 2.11 -53.08
CA LEU C 180 20.95 1.30 -51.89
C LEU C 180 19.61 0.88 -51.30
N ARG C 181 19.51 -0.39 -50.92
CA ARG C 181 18.30 -0.94 -50.33
C ARG C 181 18.67 -1.64 -49.03
N GLU C 182 17.81 -1.50 -48.02
CA GLU C 182 18.10 -2.00 -46.69
C GLU C 182 16.93 -2.85 -46.21
N PHE C 183 17.25 -3.83 -45.37
CA PHE C 183 16.24 -4.78 -44.89
C PHE C 183 16.53 -5.16 -43.46
N VAL C 184 15.47 -5.40 -42.71
CA VAL C 184 15.54 -5.94 -41.36
C VAL C 184 14.57 -7.10 -41.30
N PHE C 185 15.09 -8.30 -41.17
CA PHE C 185 14.28 -9.49 -41.02
C PHE C 185 14.35 -9.96 -39.57
N LYS C 186 13.18 -10.20 -38.97
CA LYS C 186 13.14 -10.73 -37.62
C LYS C 186 11.96 -11.69 -37.50
N ASN C 187 12.19 -12.79 -36.80
CA ASN C 187 11.21 -13.86 -36.65
C ASN C 187 10.78 -13.87 -35.18
N ILE C 188 9.67 -13.20 -34.90
CA ILE C 188 9.14 -13.08 -33.55
C ILE C 188 7.80 -13.81 -33.48
N ASP C 189 7.61 -14.62 -32.44
CA ASP C 189 6.37 -15.28 -32.05
C ASP C 189 5.49 -15.68 -33.24
N GLY C 190 6.05 -16.48 -34.13
CA GLY C 190 5.29 -17.00 -35.26
C GLY C 190 5.10 -16.02 -36.39
N TYR C 191 5.61 -14.80 -36.28
CA TYR C 191 5.53 -13.80 -37.33
C TYR C 191 6.92 -13.60 -37.92
N PHE C 192 6.95 -13.42 -39.24
CA PHE C 192 8.15 -13.00 -39.94
C PHE C 192 7.96 -11.55 -40.36
N LYS C 193 8.79 -10.67 -39.82
CA LYS C 193 8.64 -9.24 -39.98
C LYS C 193 9.72 -8.68 -40.89
N ILE C 194 9.32 -7.93 -41.90
CA ILE C 194 10.24 -7.34 -42.87
C ILE C 194 10.11 -5.82 -42.79
N TYR C 195 11.21 -5.14 -42.52
CA TYR C 195 11.28 -3.70 -42.59
C TYR C 195 12.25 -3.34 -43.71
N SER C 196 11.89 -2.34 -44.50
CA SER C 196 12.70 -2.00 -45.66
C SER C 196 12.77 -0.49 -45.82
N LYS C 197 13.76 -0.07 -46.62
CA LYS C 197 13.91 1.33 -47.00
C LYS C 197 14.83 1.36 -48.20
N HIS C 198 14.39 1.98 -49.28
CA HIS C 198 15.13 2.01 -50.54
C HIS C 198 15.60 3.43 -50.79
N THR C 199 16.91 3.60 -50.96
CA THR C 199 17.48 4.93 -51.04
C THR C 199 18.45 5.04 -52.20
N PRO C 200 18.31 6.07 -53.03
CA PRO C 200 19.37 6.37 -54.02
C PRO C 200 20.58 6.95 -53.32
N ILE C 201 21.75 6.40 -53.62
CA ILE C 201 22.96 6.74 -52.88
C ILE C 201 24.04 7.19 -53.86
N ASN C 202 24.83 8.18 -53.43
CA ASN C 202 25.95 8.68 -54.20
C ASN C 202 27.31 8.32 -53.62
N LEU C 203 27.36 7.90 -52.36
CA LEU C 203 28.63 7.59 -51.72
C LEU C 203 29.36 6.50 -52.50
N VAL C 204 30.67 6.44 -52.31
CA VAL C 204 31.54 5.70 -53.23
C VAL C 204 31.27 4.19 -53.13
N ARG C 205 31.51 3.60 -51.96
CA ARG C 205 31.44 2.14 -51.91
C ARG C 205 30.61 1.61 -50.76
N ASP C 206 30.65 2.23 -49.58
CA ASP C 206 30.15 1.64 -48.35
C ASP C 206 28.82 2.26 -47.95
N LEU C 207 28.34 1.90 -46.76
CA LEU C 207 27.09 2.47 -46.28
C LEU C 207 27.24 3.97 -46.11
N PRO C 208 26.22 4.74 -46.38
CA PRO C 208 26.29 6.17 -46.12
C PRO C 208 26.27 6.47 -44.64
N GLN C 209 26.27 7.76 -44.31
CA GLN C 209 26.23 8.22 -42.93
C GLN C 209 24.87 8.73 -42.51
N GLY C 210 24.11 9.32 -43.44
CA GLY C 210 22.83 9.91 -43.13
C GLY C 210 21.88 8.94 -42.47
N PHE C 211 21.23 9.39 -41.39
CA PHE C 211 20.29 8.56 -40.68
C PHE C 211 19.05 8.32 -41.53
N SER C 212 18.60 7.07 -41.58
CA SER C 212 17.37 6.72 -42.27
C SER C 212 16.66 5.63 -41.48
N ALA C 213 15.33 5.72 -41.45
CA ALA C 213 14.51 4.87 -40.58
C ALA C 213 13.74 3.88 -41.44
N LEU C 214 13.95 2.59 -41.18
CA LEU C 214 13.23 1.56 -41.91
C LEU C 214 11.80 1.48 -41.42
N GLU C 215 10.89 1.22 -42.36
CA GLU C 215 9.48 1.06 -42.02
C GLU C 215 8.97 -0.27 -42.55
N PRO C 216 8.07 -0.92 -41.83
CA PRO C 216 7.70 -2.30 -42.17
C PRO C 216 7.03 -2.41 -43.53
N LEU C 217 7.29 -3.53 -44.20
CA LEU C 217 6.56 -3.91 -45.41
C LEU C 217 5.40 -4.83 -45.08
N VAL C 218 5.72 -6.01 -44.52
CA VAL C 218 4.75 -7.06 -44.30
C VAL C 218 5.05 -7.74 -42.98
N ASP C 219 4.04 -8.45 -42.44
CA ASP C 219 4.19 -9.27 -41.24
C ASP C 219 3.56 -10.61 -41.57
N LEU C 220 4.38 -11.54 -42.03
CA LEU C 220 3.90 -12.81 -42.55
C LEU C 220 3.68 -13.79 -41.42
N PRO C 221 2.49 -14.39 -41.29
CA PRO C 221 2.29 -15.39 -40.23
C PRO C 221 2.91 -16.73 -40.59
N ILE C 222 4.23 -16.74 -40.80
CA ILE C 222 4.90 -17.97 -41.24
C ILE C 222 4.90 -19.01 -40.13
N GLY C 223 5.34 -18.62 -38.94
CA GLY C 223 5.31 -19.53 -37.81
C GLY C 223 6.31 -20.67 -37.86
N ILE C 224 7.38 -20.53 -38.64
CA ILE C 224 8.40 -21.57 -38.72
C ILE C 224 9.63 -21.14 -37.94
N ASN C 225 10.53 -22.08 -37.73
CA ASN C 225 11.81 -21.81 -37.09
C ASN C 225 12.85 -21.48 -38.16
N ILE C 226 13.58 -20.38 -37.95
CA ILE C 226 14.61 -19.94 -38.88
C ILE C 226 15.92 -19.83 -38.10
N THR C 227 16.97 -20.48 -38.59
CA THR C 227 18.27 -20.41 -37.96
C THR C 227 19.41 -20.11 -38.93
N ARG C 228 19.17 -20.17 -40.24
CA ARG C 228 20.21 -19.93 -41.23
C ARG C 228 19.60 -19.20 -42.41
N PHE C 229 20.45 -18.61 -43.25
CA PHE C 229 19.93 -17.94 -44.43
C PHE C 229 21.01 -17.72 -45.46
N GLN C 230 20.55 -17.35 -46.66
CA GLN C 230 21.40 -17.22 -47.83
C GLN C 230 20.68 -16.37 -48.86
N THR C 231 21.41 -15.48 -49.50
CA THR C 231 20.84 -14.59 -50.50
C THR C 231 20.81 -15.26 -51.87
N LEU C 232 19.90 -14.77 -52.72
CA LEU C 232 19.70 -15.32 -54.06
C LEU C 232 20.20 -14.30 -55.08
N LEU C 233 21.23 -14.67 -55.83
CA LEU C 233 21.81 -13.78 -56.83
C LEU C 233 21.27 -14.09 -58.21
N ALA C 234 21.56 -13.17 -59.14
CA ALA C 234 21.19 -13.27 -60.53
C ALA C 234 22.46 -13.25 -61.37
N LEU C 235 22.77 -14.37 -62.02
CA LEU C 235 24.01 -14.54 -62.74
C LEU C 235 23.74 -14.68 -64.23
N HIS C 236 24.56 -14.03 -65.04
CA HIS C 236 24.48 -14.14 -66.49
C HIS C 236 25.28 -15.34 -66.97
N ARG C 237 25.17 -15.61 -68.27
CA ARG C 237 26.06 -16.53 -68.97
C ARG C 237 26.97 -15.79 -69.94
N SER C 238 28.27 -15.80 -69.63
CA SER C 238 29.29 -15.27 -70.52
C SER C 238 29.76 -16.27 -71.56
N TYR C 239 29.77 -17.57 -71.24
CA TYR C 239 30.21 -18.58 -72.19
C TYR C 239 29.78 -19.96 -71.69
N LEU C 240 30.03 -20.97 -72.51
CA LEU C 240 29.55 -22.32 -72.26
C LEU C 240 30.61 -23.33 -72.70
N THR C 241 31.32 -23.90 -71.74
CA THR C 241 32.04 -25.06 -72.23
C THR C 241 31.09 -26.27 -72.25
N PRO C 242 31.32 -27.26 -73.14
CA PRO C 242 30.33 -28.33 -73.31
C PRO C 242 29.89 -29.03 -72.03
N GLY C 243 30.77 -29.73 -71.32
CA GLY C 243 30.31 -30.22 -70.04
C GLY C 243 31.00 -29.60 -68.85
N ASP C 244 30.41 -28.55 -68.28
CA ASP C 244 30.80 -28.10 -66.94
C ASP C 244 29.59 -27.66 -66.13
N SER C 245 28.66 -26.97 -66.79
CA SER C 245 27.48 -26.33 -66.21
C SER C 245 27.85 -25.14 -65.33
N SER C 246 29.14 -24.92 -65.08
CA SER C 246 29.62 -23.89 -64.17
C SER C 246 30.67 -23.01 -64.82
N SER C 247 30.56 -22.82 -66.13
CA SER C 247 31.65 -22.23 -66.91
C SER C 247 31.67 -20.71 -66.84
N GLY C 248 30.59 -20.06 -67.31
CA GLY C 248 30.62 -18.63 -67.48
C GLY C 248 29.57 -17.89 -66.69
N TRP C 249 29.38 -18.29 -65.43
CA TRP C 249 28.35 -17.68 -64.58
C TRP C 249 28.88 -16.37 -63.99
N THR C 250 28.90 -15.33 -64.82
CA THR C 250 29.33 -14.03 -64.32
C THR C 250 28.31 -13.47 -63.34
N ALA C 251 28.80 -12.73 -62.34
CA ALA C 251 27.99 -12.29 -61.22
C ALA C 251 27.84 -10.76 -61.17
N GLY C 252 27.76 -10.12 -62.32
CA GLY C 252 27.47 -8.69 -62.37
C GLY C 252 28.45 -7.87 -61.56
N ALA C 253 27.91 -6.90 -60.82
CA ALA C 253 28.73 -6.04 -59.97
C ALA C 253 27.83 -5.42 -58.90
N ALA C 254 28.01 -5.84 -57.65
CA ALA C 254 27.21 -5.33 -56.55
C ALA C 254 27.88 -5.73 -55.24
N ALA C 255 27.19 -5.49 -54.13
CA ALA C 255 27.71 -5.81 -52.81
C ALA C 255 26.55 -5.80 -51.83
N TYR C 256 26.57 -6.75 -50.90
CA TYR C 256 25.53 -6.84 -49.88
C TYR C 256 26.16 -7.11 -48.52
N TYR C 257 25.59 -6.50 -47.48
CA TYR C 257 26.12 -6.60 -46.12
C TYR C 257 25.07 -7.27 -45.26
N VAL C 258 25.53 -8.00 -44.25
CA VAL C 258 24.63 -8.60 -43.26
C VAL C 258 25.14 -8.22 -41.88
N GLY C 259 24.29 -7.50 -41.14
CA GLY C 259 24.52 -7.24 -39.73
C GLY C 259 23.48 -7.96 -38.88
N TYR C 260 23.78 -8.08 -37.60
CA TYR C 260 22.98 -8.88 -36.70
C TYR C 260 22.33 -8.00 -35.64
N LEU C 261 21.03 -8.23 -35.41
CA LEU C 261 20.29 -7.45 -34.43
C LEU C 261 20.56 -7.97 -33.03
N GLN C 262 20.81 -7.06 -32.10
CA GLN C 262 21.01 -7.47 -30.72
C GLN C 262 20.00 -6.72 -29.86
N PRO C 263 19.45 -7.34 -28.81
CA PRO C 263 18.49 -6.62 -27.96
C PRO C 263 19.12 -5.47 -27.17
N ARG C 264 18.73 -4.25 -27.50
CA ARG C 264 19.25 -3.07 -26.82
C ARG C 264 18.21 -1.97 -26.81
N THR C 265 18.46 -0.98 -25.97
CA THR C 265 17.57 0.14 -25.75
C THR C 265 18.00 1.31 -26.60
N PHE C 266 17.07 1.88 -27.37
CA PHE C 266 17.32 3.09 -28.11
C PHE C 266 16.47 4.22 -27.56
N LEU C 267 16.78 5.44 -28.00
CA LEU C 267 15.98 6.63 -27.73
C LEU C 267 15.66 7.19 -29.10
N LEU C 268 14.40 7.07 -29.51
CA LEU C 268 14.01 7.38 -30.88
C LEU C 268 13.35 8.75 -30.93
N LYS C 269 14.05 9.73 -31.50
CA LYS C 269 13.46 11.04 -31.68
C LYS C 269 12.46 11.01 -32.82
N TYR C 270 11.18 11.07 -32.49
CA TYR C 270 10.15 11.19 -33.50
C TYR C 270 10.05 12.64 -33.95
N ASN C 271 9.62 12.83 -35.17
CA ASN C 271 9.45 14.17 -35.71
C ASN C 271 8.09 14.72 -35.26
N GLU C 272 7.72 15.89 -35.78
CA GLU C 272 6.35 16.34 -35.65
C GLU C 272 5.41 15.43 -36.43
N ASN C 273 5.90 14.85 -37.53
CA ASN C 273 5.10 14.00 -38.39
C ASN C 273 5.31 12.51 -38.13
N GLY C 274 5.90 12.15 -37.01
CA GLY C 274 6.06 10.76 -36.65
C GLY C 274 7.18 10.03 -37.34
N THR C 275 8.09 10.74 -38.00
CA THR C 275 9.26 10.12 -38.61
C THR C 275 10.41 10.11 -37.62
N ILE C 276 11.15 9.00 -37.60
CA ILE C 276 12.30 8.86 -36.69
C ILE C 276 13.47 9.59 -37.33
N THR C 277 13.71 10.83 -36.89
CA THR C 277 14.77 11.64 -37.46
C THR C 277 16.15 11.33 -36.87
N ASP C 278 16.19 10.67 -35.73
CA ASP C 278 17.46 10.48 -35.02
C ASP C 278 17.28 9.36 -34.01
N ALA C 279 18.41 8.89 -33.48
CA ALA C 279 18.41 7.86 -32.46
C ALA C 279 19.75 7.86 -31.75
N VAL C 280 19.74 7.42 -30.49
CA VAL C 280 20.95 7.14 -29.76
C VAL C 280 20.84 5.76 -29.14
N ASP C 281 22.00 5.16 -28.86
CA ASP C 281 22.08 3.84 -28.26
C ASP C 281 22.05 3.97 -26.75
N CYS C 282 22.04 2.86 -26.03
CA CYS C 282 22.19 2.95 -24.58
C CYS C 282 23.38 2.14 -24.09
N ALA C 283 23.42 0.85 -24.42
CA ALA C 283 24.46 -0.02 -23.92
C ALA C 283 25.76 0.17 -24.68
N LEU C 284 25.76 1.12 -25.62
CA LEU C 284 26.94 1.32 -26.46
C LEU C 284 28.12 1.83 -25.66
N ASP C 285 27.94 2.89 -24.89
CA ASP C 285 29.06 3.61 -24.29
C ASP C 285 28.52 4.54 -23.21
N PRO C 286 29.41 5.15 -22.40
CA PRO C 286 28.93 5.97 -21.28
C PRO C 286 28.08 7.14 -21.70
N LEU C 287 28.50 7.87 -22.73
CA LEU C 287 27.72 9.01 -23.22
C LEU C 287 26.31 8.58 -23.62
N SER C 288 26.21 7.44 -24.30
CA SER C 288 24.88 7.00 -24.73
C SER C 288 24.02 6.56 -23.56
N GLU C 289 24.58 5.91 -22.53
CA GLU C 289 23.70 5.58 -21.42
C GLU C 289 23.31 6.83 -20.64
N THR C 290 24.14 7.88 -20.70
CA THR C 290 23.73 9.16 -20.12
C THR C 290 22.56 9.76 -20.89
N LYS C 291 22.67 9.85 -22.21
CA LYS C 291 21.54 10.32 -23.02
C LYS C 291 20.32 9.45 -22.79
N CYS C 292 20.55 8.15 -22.58
CA CYS C 292 19.46 7.21 -22.34
C CYS C 292 18.71 7.54 -21.06
N THR C 293 19.44 7.69 -19.95
CA THR C 293 18.78 7.92 -18.67
C THR C 293 18.20 9.32 -18.60
N LEU C 294 18.76 10.26 -19.34
CA LEU C 294 18.24 11.62 -19.33
C LEU C 294 17.08 11.83 -20.31
N LYS C 295 16.78 10.83 -21.13
CA LYS C 295 15.70 10.91 -22.11
C LYS C 295 15.84 12.13 -23.01
N SER C 296 17.07 12.37 -23.47
CA SER C 296 17.31 13.48 -24.38
C SER C 296 18.55 13.20 -25.19
N PHE C 297 18.67 13.90 -26.32
CA PHE C 297 19.85 13.81 -27.18
C PHE C 297 20.89 14.86 -26.87
N THR C 298 20.63 15.73 -25.90
CA THR C 298 21.58 16.77 -25.51
C THR C 298 21.71 16.75 -24.00
N VAL C 299 22.94 16.65 -23.51
CA VAL C 299 23.22 16.67 -22.09
C VAL C 299 24.11 17.88 -21.81
N GLU C 300 23.72 18.66 -20.81
CA GLU C 300 24.52 19.81 -20.40
C GLU C 300 25.65 19.36 -19.51
N LYS C 301 26.62 20.25 -19.32
CA LYS C 301 27.77 19.92 -18.48
C LYS C 301 27.31 19.57 -17.08
N GLY C 302 27.92 18.56 -16.49
CA GLY C 302 27.57 18.15 -15.15
C GLY C 302 27.99 16.72 -14.91
N ILE C 303 27.59 16.21 -13.75
CA ILE C 303 27.80 14.82 -13.37
C ILE C 303 26.43 14.17 -13.25
N TYR C 304 26.27 13.02 -13.90
CA TYR C 304 25.03 12.27 -13.87
C TYR C 304 25.31 10.84 -13.45
N GLN C 305 24.42 10.26 -12.67
CA GLN C 305 24.48 8.84 -12.35
C GLN C 305 23.60 8.11 -13.35
N THR C 306 24.14 7.06 -13.96
CA THR C 306 23.46 6.39 -15.06
C THR C 306 23.11 4.94 -14.78
N SER C 307 23.99 4.18 -14.15
CA SER C 307 23.75 2.77 -13.89
C SER C 307 24.60 2.35 -12.69
N ASN C 308 24.73 1.04 -12.51
CA ASN C 308 25.49 0.50 -11.39
C ASN C 308 26.36 -0.64 -11.89
N PHE C 309 27.62 -0.65 -11.46
CA PHE C 309 28.55 -1.72 -11.81
C PHE C 309 28.40 -2.85 -10.80
N ARG C 310 28.20 -4.06 -11.30
CA ARG C 310 28.16 -5.26 -10.46
C ARG C 310 28.85 -6.40 -11.19
N VAL C 311 29.85 -6.99 -10.54
CA VAL C 311 30.54 -8.12 -11.15
C VAL C 311 29.68 -9.37 -11.03
N GLN C 312 29.73 -10.20 -12.03
CA GLN C 312 28.88 -11.37 -12.10
C GLN C 312 29.66 -12.62 -11.64
N PRO C 313 28.95 -13.63 -11.17
CA PRO C 313 29.63 -14.88 -10.79
C PRO C 313 30.22 -15.59 -11.99
N THR C 314 31.23 -16.40 -11.73
CA THR C 314 31.92 -17.16 -12.76
C THR C 314 31.46 -18.61 -12.86
N GLU C 315 31.25 -19.27 -11.72
CA GLU C 315 30.77 -20.64 -11.74
C GLU C 315 29.96 -20.91 -10.47
N SER C 316 29.10 -21.92 -10.55
CA SER C 316 28.24 -22.31 -9.45
C SER C 316 28.86 -23.47 -8.68
N ILE C 317 28.72 -23.44 -7.36
CA ILE C 317 29.22 -24.48 -6.49
C ILE C 317 28.08 -24.97 -5.59
N VAL C 318 27.91 -26.29 -5.50
CA VAL C 318 26.87 -26.90 -4.70
C VAL C 318 27.54 -27.85 -3.71
N ARG C 319 27.29 -27.64 -2.42
CA ARG C 319 27.88 -28.45 -1.36
C ARG C 319 26.78 -29.11 -0.54
N PHE C 320 26.80 -30.43 -0.50
CA PHE C 320 25.78 -31.24 0.15
C PHE C 320 26.47 -32.29 1.01
N PRO C 321 25.77 -32.83 2.00
CA PRO C 321 26.37 -33.87 2.85
C PRO C 321 26.70 -35.13 2.05
N ASN C 322 27.73 -35.87 2.49
CA ASN C 322 28.07 -37.13 1.83
C ASN C 322 27.16 -38.31 2.14
N ILE C 323 26.05 -38.14 2.85
CA ILE C 323 25.22 -39.31 3.15
C ILE C 323 24.75 -39.94 1.86
N THR C 324 24.91 -41.27 1.75
CA THR C 324 24.50 -42.01 0.56
C THR C 324 23.28 -42.89 0.80
N ASN C 325 22.75 -42.92 2.02
CA ASN C 325 21.60 -43.75 2.32
C ASN C 325 20.35 -43.18 1.65
N LEU C 326 19.47 -44.07 1.21
CA LEU C 326 18.18 -43.70 0.64
C LEU C 326 17.08 -44.23 1.55
N CYS C 327 16.06 -43.41 1.77
CA CYS C 327 15.01 -43.79 2.70
C CYS C 327 14.04 -44.77 2.02
N PRO C 328 13.46 -45.71 2.78
CA PRO C 328 12.56 -46.69 2.17
C PRO C 328 11.17 -46.15 1.93
N PHE C 329 11.02 -45.27 0.94
CA PHE C 329 9.70 -44.79 0.58
C PHE C 329 8.82 -45.91 0.07
N GLY C 330 9.43 -46.92 -0.57
CA GLY C 330 8.68 -48.10 -0.95
C GLY C 330 8.09 -48.83 0.24
N GLU C 331 8.76 -48.76 1.40
CA GLU C 331 8.20 -49.33 2.62
C GLU C 331 6.95 -48.60 3.09
N VAL C 332 6.69 -47.40 2.57
CA VAL C 332 5.47 -46.66 2.88
C VAL C 332 4.42 -46.83 1.81
N PHE C 333 4.81 -46.69 0.54
CA PHE C 333 3.85 -46.73 -0.56
C PHE C 333 3.45 -48.16 -0.93
N ASN C 334 4.32 -49.13 -0.73
CA ASN C 334 4.04 -50.54 -0.97
C ASN C 334 3.78 -51.27 0.36
N ALA C 335 3.24 -50.56 1.34
CA ALA C 335 3.02 -51.13 2.65
C ALA C 335 1.99 -52.26 2.60
N THR C 336 2.21 -53.27 3.44
CA THR C 336 1.32 -54.44 3.46
C THR C 336 -0.09 -54.04 3.90
N ARG C 337 -0.18 -53.22 4.95
CA ARG C 337 -1.47 -52.80 5.48
C ARG C 337 -1.34 -51.39 6.03
N PHE C 338 -2.24 -50.51 5.60
CA PHE C 338 -2.27 -49.14 6.09
C PHE C 338 -3.13 -49.05 7.34
N ALA C 339 -2.85 -48.04 8.16
CA ALA C 339 -3.61 -47.86 9.38
C ALA C 339 -4.91 -47.12 9.12
N SER C 340 -5.87 -47.32 10.01
CA SER C 340 -7.14 -46.61 9.92
C SER C 340 -6.91 -45.12 10.13
N VAL C 341 -7.81 -44.32 9.56
CA VAL C 341 -7.67 -42.88 9.63
C VAL C 341 -7.88 -42.40 11.06
N TYR C 342 -8.59 -43.17 11.88
CA TYR C 342 -8.73 -42.86 13.30
C TYR C 342 -7.50 -43.25 14.10
N ALA C 343 -6.53 -43.95 13.48
CA ALA C 343 -5.25 -44.29 14.11
C ALA C 343 -4.12 -44.14 13.09
N TRP C 344 -4.14 -43.04 12.33
CA TRP C 344 -3.17 -42.84 11.27
C TRP C 344 -1.73 -42.92 11.78
N ASN C 345 -0.90 -43.61 11.01
CA ASN C 345 0.50 -43.83 11.31
C ASN C 345 1.32 -42.59 10.96
N ARG C 346 2.48 -42.46 11.60
CA ARG C 346 3.41 -41.37 11.34
C ARG C 346 4.82 -41.92 11.32
N LYS C 347 5.41 -42.01 10.14
CA LYS C 347 6.79 -42.45 9.98
C LYS C 347 7.66 -41.22 9.73
N ARG C 348 8.79 -41.15 10.40
CA ARG C 348 9.71 -40.02 10.29
C ARG C 348 10.83 -40.37 9.33
N ILE C 349 11.17 -39.43 8.45
CA ILE C 349 12.13 -39.65 7.38
C ILE C 349 13.24 -38.62 7.53
N SER C 350 14.49 -39.10 7.58
CA SER C 350 15.61 -38.21 7.85
C SER C 350 16.93 -38.90 7.52
N ASN C 351 17.99 -38.09 7.43
CA ASN C 351 19.36 -38.55 7.26
C ASN C 351 19.50 -39.51 6.09
N CYS C 352 18.98 -39.09 4.94
CA CYS C 352 19.07 -39.88 3.72
C CYS C 352 18.95 -38.94 2.53
N VAL C 353 19.18 -39.49 1.34
CA VAL C 353 18.94 -38.80 0.09
C VAL C 353 17.62 -39.29 -0.45
N ALA C 354 16.68 -38.37 -0.66
CA ALA C 354 15.32 -38.71 -1.07
C ALA C 354 15.12 -38.29 -2.52
N ASP C 355 14.95 -39.26 -3.40
CA ASP C 355 14.71 -38.99 -4.82
C ASP C 355 13.20 -38.90 -5.04
N TYR C 356 12.69 -37.67 -5.08
CA TYR C 356 11.27 -37.43 -5.29
C TYR C 356 10.86 -37.57 -6.74
N SER C 357 11.82 -37.59 -7.67
CA SER C 357 11.50 -37.68 -9.08
C SER C 357 10.76 -38.96 -9.42
N VAL C 358 11.08 -40.07 -8.76
CA VAL C 358 10.40 -41.32 -9.05
C VAL C 358 8.92 -41.21 -8.71
N LEU C 359 8.60 -40.62 -7.56
CA LEU C 359 7.19 -40.45 -7.19
C LEU C 359 6.50 -39.43 -8.08
N TYR C 360 7.19 -38.36 -8.45
CA TYR C 360 6.58 -37.36 -9.33
C TYR C 360 6.26 -37.96 -10.70
N ASN C 361 7.19 -38.71 -11.28
CA ASN C 361 7.01 -39.23 -12.63
C ASN C 361 6.12 -40.47 -12.67
N SER C 362 6.07 -41.23 -11.57
CA SER C 362 5.30 -42.47 -11.58
C SER C 362 3.81 -42.17 -11.73
N ALA C 363 3.18 -42.82 -12.70
CA ALA C 363 1.77 -42.63 -12.98
C ALA C 363 0.87 -43.47 -12.08
N SER C 364 1.45 -44.25 -11.18
CA SER C 364 0.67 -45.07 -10.26
C SER C 364 -0.16 -44.24 -9.29
N PHE C 365 0.20 -42.97 -9.10
CA PHE C 365 -0.51 -42.10 -8.17
C PHE C 365 -1.73 -41.50 -8.84
N SER C 366 -2.87 -41.59 -8.16
CA SER C 366 -4.11 -41.00 -8.65
C SER C 366 -4.13 -39.50 -8.45
N THR C 367 -3.48 -38.99 -7.41
CA THR C 367 -3.44 -37.57 -7.14
C THR C 367 -2.14 -37.23 -6.42
N PHE C 368 -1.50 -36.14 -6.85
CA PHE C 368 -0.27 -35.67 -6.22
C PHE C 368 -0.32 -34.13 -6.24
N LYS C 369 -0.89 -33.57 -5.17
CA LYS C 369 -1.12 -32.13 -5.07
C LYS C 369 -0.25 -31.61 -3.94
N CYS C 370 0.45 -30.51 -4.18
CA CYS C 370 1.46 -30.03 -3.24
C CYS C 370 1.20 -28.57 -2.91
N TYR C 371 1.27 -28.25 -1.61
CA TYR C 371 1.05 -26.90 -1.11
C TYR C 371 2.34 -26.37 -0.50
N GLY C 372 2.70 -25.15 -0.85
CA GLY C 372 3.87 -24.51 -0.28
C GLY C 372 5.12 -24.58 -1.13
N VAL C 373 5.35 -25.72 -1.78
CA VAL C 373 6.56 -25.92 -2.59
C VAL C 373 6.17 -26.63 -3.89
N SER C 374 6.98 -26.41 -4.94
CA SER C 374 6.72 -26.98 -6.26
C SER C 374 7.22 -28.42 -6.35
N PRO C 375 6.42 -29.33 -6.90
CA PRO C 375 6.84 -30.73 -7.00
C PRO C 375 8.06 -30.94 -7.88
N THR C 376 8.35 -30.04 -8.82
CA THR C 376 9.40 -30.27 -9.80
C THR C 376 10.79 -29.88 -9.30
N LYS C 377 10.90 -29.19 -8.16
CA LYS C 377 12.19 -28.76 -7.66
C LYS C 377 12.61 -29.50 -6.40
N LEU C 378 11.78 -30.40 -5.87
CA LEU C 378 12.09 -31.07 -4.63
C LEU C 378 13.42 -31.82 -4.67
N ASN C 379 13.87 -32.21 -5.87
CA ASN C 379 15.18 -32.84 -6.01
C ASN C 379 16.32 -31.87 -5.67
N ASP C 380 16.03 -30.57 -5.58
CA ASP C 380 17.07 -29.58 -5.35
C ASP C 380 17.14 -29.10 -3.90
N LEU C 381 15.98 -28.88 -3.27
CA LEU C 381 15.97 -28.33 -1.92
C LEU C 381 16.49 -29.34 -0.90
N CYS C 382 16.87 -28.83 0.27
CA CYS C 382 17.30 -29.65 1.40
C CYS C 382 16.48 -29.27 2.63
N PHE C 383 16.15 -30.29 3.43
CA PHE C 383 15.18 -30.13 4.50
C PHE C 383 15.74 -30.71 5.79
N THR C 384 15.07 -30.39 6.90
CA THR C 384 15.49 -30.89 8.21
C THR C 384 14.99 -32.31 8.45
N ASN C 385 13.67 -32.50 8.45
CA ASN C 385 13.09 -33.83 8.56
C ASN C 385 11.77 -33.87 7.81
N VAL C 386 11.30 -35.09 7.55
CA VAL C 386 10.11 -35.31 6.75
C VAL C 386 9.21 -36.30 7.49
N TYR C 387 7.93 -35.97 7.58
CA TYR C 387 6.94 -36.86 8.18
C TYR C 387 6.00 -37.39 7.11
N ALA C 388 5.71 -38.68 7.18
CA ALA C 388 4.74 -39.32 6.30
C ALA C 388 3.60 -39.83 7.18
N ASP C 389 2.47 -39.13 7.14
CA ASP C 389 1.27 -39.59 7.83
C ASP C 389 0.44 -40.41 6.84
N SER C 390 0.29 -41.69 7.14
CA SER C 390 -0.34 -42.64 6.22
C SER C 390 -1.65 -43.12 6.81
N PHE C 391 -2.70 -43.13 5.99
CA PHE C 391 -4.00 -43.62 6.45
C PHE C 391 -4.86 -43.94 5.24
N VAL C 392 -5.93 -44.68 5.49
CA VAL C 392 -6.91 -45.04 4.47
C VAL C 392 -8.10 -44.11 4.61
N ILE C 393 -8.56 -43.57 3.48
CA ILE C 393 -9.75 -42.73 3.45
C ILE C 393 -10.60 -43.14 2.26
N ARG C 394 -11.80 -42.58 2.18
CA ARG C 394 -12.73 -42.84 1.10
C ARG C 394 -12.79 -41.64 0.18
N GLY C 395 -12.95 -41.91 -1.12
CA GLY C 395 -12.99 -40.84 -2.10
C GLY C 395 -14.03 -39.80 -1.79
N ASP C 396 -15.20 -40.23 -1.30
CA ASP C 396 -16.16 -39.28 -0.75
C ASP C 396 -15.56 -38.59 0.47
N GLU C 397 -15.27 -37.30 0.31
CA GLU C 397 -14.61 -36.41 1.27
C GLU C 397 -13.12 -36.68 1.36
N VAL C 398 -12.51 -37.41 0.41
CA VAL C 398 -11.06 -37.57 0.40
C VAL C 398 -10.39 -36.24 0.10
N ARG C 399 -11.09 -35.32 -0.56
CA ARG C 399 -10.51 -34.02 -0.87
C ARG C 399 -10.34 -33.15 0.37
N GLN C 400 -10.91 -33.56 1.50
CA GLN C 400 -10.85 -32.74 2.72
C GLN C 400 -9.45 -32.67 3.32
N ILE C 401 -8.50 -33.50 2.88
CA ILE C 401 -7.16 -33.46 3.47
C ILE C 401 -6.41 -32.31 2.81
N ALA C 402 -6.60 -31.12 3.34
CA ALA C 402 -6.10 -29.89 2.71
C ALA C 402 -6.29 -28.75 3.69
N PRO C 403 -5.45 -27.72 3.62
CA PRO C 403 -5.58 -26.59 4.56
C PRO C 403 -6.93 -25.91 4.42
N GLY C 404 -7.48 -25.49 5.56
CA GLY C 404 -8.71 -24.72 5.57
C GLY C 404 -9.91 -25.42 4.97
N GLN C 405 -10.07 -26.72 5.26
CA GLN C 405 -11.24 -27.47 4.84
C GLN C 405 -12.08 -27.84 6.05
N THR C 406 -13.36 -28.08 5.82
CA THR C 406 -14.29 -28.45 6.88
C THR C 406 -14.88 -29.82 6.59
N GLY C 407 -15.43 -30.43 7.63
CA GLY C 407 -16.09 -31.71 7.49
C GLY C 407 -15.73 -32.67 8.60
N LYS C 408 -16.31 -33.88 8.55
CA LYS C 408 -16.06 -34.86 9.61
C LYS C 408 -14.57 -35.16 9.73
N ILE C 409 -13.91 -35.47 8.61
CA ILE C 409 -12.51 -35.85 8.65
C ILE C 409 -11.66 -34.69 9.17
N ALA C 410 -11.83 -33.51 8.57
CA ALA C 410 -10.95 -32.39 8.88
C ALA C 410 -11.23 -31.81 10.26
N ASP C 411 -12.39 -32.12 10.84
CA ASP C 411 -12.76 -31.50 12.11
C ASP C 411 -12.73 -32.46 13.29
N TYR C 412 -12.71 -33.78 13.04
CA TYR C 412 -12.68 -34.75 14.12
C TYR C 412 -11.57 -35.77 14.00
N ASN C 413 -10.97 -35.94 12.82
CA ASN C 413 -10.03 -37.03 12.62
C ASN C 413 -8.62 -36.54 12.34
N TYR C 414 -8.43 -35.70 11.33
CA TYR C 414 -7.10 -35.27 10.92
C TYR C 414 -7.19 -33.87 10.36
N LYS C 415 -6.57 -32.92 11.06
CA LYS C 415 -6.62 -31.51 10.68
C LYS C 415 -5.22 -31.02 10.35
N LEU C 416 -5.10 -30.36 9.26
CA LEU C 416 -3.89 -29.78 8.72
C LEU C 416 -3.79 -28.31 9.10
N PRO C 417 -2.59 -27.81 9.41
CA PRO C 417 -2.44 -26.39 9.72
C PRO C 417 -2.59 -25.54 8.47
N ASP C 418 -2.86 -24.25 8.70
CA ASP C 418 -3.14 -23.34 7.59
C ASP C 418 -1.90 -23.06 6.76
N ASP C 419 -0.70 -23.11 7.36
CA ASP C 419 0.54 -22.82 6.66
C ASP C 419 1.33 -24.09 6.32
N PHE C 420 0.63 -25.20 6.08
CA PHE C 420 1.30 -26.45 5.78
C PHE C 420 2.17 -26.29 4.55
N THR C 421 3.36 -26.89 4.58
CA THR C 421 4.27 -26.91 3.44
C THR C 421 4.64 -28.36 3.14
N GLY C 422 4.17 -28.85 1.99
CA GLY C 422 4.38 -30.24 1.64
C GLY C 422 3.30 -30.69 0.66
N CYS C 423 3.34 -31.97 0.31
CA CYS C 423 2.51 -32.49 -0.76
C CYS C 423 1.61 -33.61 -0.24
N VAL C 424 0.42 -33.73 -0.82
CA VAL C 424 -0.53 -34.77 -0.45
C VAL C 424 -0.66 -35.74 -1.62
N ILE C 425 -0.60 -37.03 -1.32
CA ILE C 425 -0.60 -38.09 -2.32
C ILE C 425 -1.71 -39.08 -2.01
N ALA C 426 -2.39 -39.54 -3.06
CA ALA C 426 -3.46 -40.51 -2.90
C ALA C 426 -3.52 -41.41 -4.12
N TRP C 427 -4.04 -42.62 -3.92
CA TRP C 427 -4.27 -43.54 -5.02
C TRP C 427 -5.38 -44.51 -4.64
N ASN C 428 -6.13 -44.95 -5.64
CA ASN C 428 -7.17 -45.95 -5.41
C ASN C 428 -6.54 -47.26 -4.98
N SER C 429 -7.11 -47.88 -3.96
CA SER C 429 -6.67 -49.18 -3.48
C SER C 429 -7.82 -50.18 -3.43
N ASN C 430 -8.65 -50.21 -4.48
CA ASN C 430 -9.72 -51.19 -4.53
C ASN C 430 -9.18 -52.61 -4.56
N ASN C 431 -8.16 -52.85 -5.38
CA ASN C 431 -7.61 -54.20 -5.54
C ASN C 431 -7.03 -54.76 -4.26
N LEU C 432 -6.64 -53.90 -3.31
CA LEU C 432 -6.04 -54.35 -2.06
C LEU C 432 -7.00 -54.29 -0.89
N ASP C 433 -7.83 -53.24 -0.80
CA ASP C 433 -8.67 -53.01 0.36
C ASP C 433 -10.16 -53.32 0.11
N SER C 434 -10.51 -53.83 -1.06
CA SER C 434 -11.91 -54.13 -1.36
C SER C 434 -12.02 -55.01 -2.60
N TYR C 440 -15.45 -53.82 6.34
CA TYR C 440 -15.71 -53.02 7.53
C TYR C 440 -14.50 -53.03 8.47
N ASN C 441 -13.33 -53.32 7.92
CA ASN C 441 -12.12 -53.37 8.75
C ASN C 441 -11.66 -51.98 9.16
N TYR C 442 -11.97 -50.96 8.35
CA TYR C 442 -11.55 -49.59 8.63
C TYR C 442 -12.70 -48.84 9.30
N LEU C 443 -12.35 -48.02 10.28
CA LEU C 443 -13.31 -47.23 11.04
C LEU C 443 -12.81 -45.81 11.15
N TYR C 444 -13.74 -44.88 11.37
CA TYR C 444 -13.39 -43.47 11.55
C TYR C 444 -14.33 -42.87 12.59
N ARG C 445 -13.90 -41.74 13.14
CA ARG C 445 -14.68 -41.05 14.16
C ARG C 445 -15.67 -40.09 13.52
N ASN C 451 -13.90 -29.92 16.61
CA ASN C 451 -12.67 -29.30 16.14
C ASN C 451 -11.48 -29.75 16.99
N LEU C 452 -10.44 -30.25 16.34
CA LEU C 452 -9.23 -30.68 17.01
C LEU C 452 -8.04 -29.89 16.49
N LYS C 453 -6.99 -29.83 17.30
CA LYS C 453 -5.80 -29.07 16.97
C LYS C 453 -5.08 -29.68 15.77
N PRO C 454 -4.26 -28.90 15.07
CA PRO C 454 -3.51 -29.44 13.94
C PRO C 454 -2.61 -30.60 14.35
N PHE C 455 -2.60 -31.63 13.51
CA PHE C 455 -1.73 -32.79 13.69
C PHE C 455 -2.00 -33.53 14.99
N GLU C 456 -3.20 -33.37 15.54
CA GLU C 456 -3.54 -33.97 16.82
C GLU C 456 -3.73 -35.49 16.64
N ARG C 457 -4.10 -36.16 17.73
CA ARG C 457 -4.20 -37.61 17.73
C ARG C 457 -5.14 -38.03 18.86
N ASP C 458 -6.32 -38.54 18.50
CA ASP C 458 -7.32 -38.95 19.48
C ASP C 458 -7.73 -40.39 19.23
N ILE C 459 -7.42 -41.27 20.17
CA ILE C 459 -7.86 -42.67 20.12
C ILE C 459 -8.63 -42.91 21.42
N SER C 460 -9.93 -42.72 21.37
CA SER C 460 -10.81 -42.87 22.52
C SER C 460 -11.93 -43.86 22.21
N THR C 461 -12.79 -44.09 23.21
CA THR C 461 -13.96 -44.93 23.05
C THR C 461 -14.92 -44.63 24.20
N GLU C 462 -16.19 -44.43 23.88
CA GLU C 462 -17.19 -44.12 24.89
C GLU C 462 -18.57 -44.62 24.47
N ASN C 478 -29.60 -42.37 24.45
CA ASN C 478 -28.51 -41.77 23.69
C ASN C 478 -27.14 -42.24 24.18
N CYS C 479 -26.98 -43.56 24.35
CA CYS C 479 -25.68 -44.13 24.68
C CYS C 479 -24.90 -44.30 23.38
N TYR C 480 -23.88 -43.45 23.19
CA TYR C 480 -23.16 -43.37 21.94
C TYR C 480 -21.73 -43.85 22.12
N PHE C 481 -21.22 -44.55 21.11
CA PHE C 481 -19.79 -44.82 20.99
C PHE C 481 -19.27 -44.12 19.74
N PRO C 482 -18.18 -43.36 19.85
CA PRO C 482 -17.88 -42.33 18.83
C PRO C 482 -17.26 -42.86 17.55
N LEU C 483 -17.00 -44.16 17.45
CA LEU C 483 -16.32 -44.73 16.30
C LEU C 483 -17.31 -45.50 15.43
N GLN C 484 -17.34 -45.19 14.13
CA GLN C 484 -18.19 -45.86 13.17
C GLN C 484 -17.35 -46.43 12.05
N SER C 485 -17.68 -47.67 11.66
CA SER C 485 -16.93 -48.40 10.65
C SER C 485 -17.33 -47.94 9.25
N TYR C 486 -16.36 -47.93 8.35
CA TYR C 486 -16.61 -47.56 6.97
C TYR C 486 -16.85 -48.79 6.11
N GLY C 487 -17.77 -48.68 5.16
CA GLY C 487 -18.21 -49.82 4.37
C GLY C 487 -17.49 -50.07 3.06
N PHE C 488 -16.23 -50.53 3.14
CA PHE C 488 -15.47 -50.88 1.94
C PHE C 488 -15.94 -52.25 1.45
N GLN C 489 -16.66 -52.27 0.34
CA GLN C 489 -17.16 -53.52 -0.22
C GLN C 489 -16.54 -53.80 -1.59
N VAL C 494 -18.00 -45.85 -6.85
CA VAL C 494 -16.56 -45.61 -6.89
C VAL C 494 -16.20 -44.44 -5.98
N GLY C 495 -17.15 -43.52 -5.79
CA GLY C 495 -16.93 -42.42 -4.86
C GLY C 495 -16.77 -42.90 -3.43
N TYR C 496 -17.26 -44.09 -3.12
CA TYR C 496 -17.08 -44.70 -1.81
C TYR C 496 -16.00 -45.77 -1.80
N GLN C 497 -15.24 -45.91 -2.89
CA GLN C 497 -14.15 -46.87 -2.93
C GLN C 497 -13.02 -46.40 -2.03
N PRO C 498 -12.36 -47.31 -1.31
CA PRO C 498 -11.23 -46.89 -0.45
C PRO C 498 -10.08 -46.32 -1.25
N TYR C 499 -9.42 -45.33 -0.66
CA TYR C 499 -8.22 -44.71 -1.22
C TYR C 499 -7.14 -44.63 -0.15
N ARG C 500 -5.93 -45.04 -0.51
CA ARG C 500 -4.78 -44.92 0.38
C ARG C 500 -4.17 -43.55 0.21
N VAL C 501 -4.08 -42.80 1.31
CA VAL C 501 -3.61 -41.42 1.30
C VAL C 501 -2.39 -41.30 2.19
N VAL C 502 -1.34 -40.68 1.68
CA VAL C 502 -0.16 -40.34 2.47
C VAL C 502 0.11 -38.85 2.28
N VAL C 503 0.31 -38.14 3.39
CA VAL C 503 0.68 -36.73 3.36
C VAL C 503 2.15 -36.63 3.75
N LEU C 504 2.89 -35.80 3.03
CA LEU C 504 4.33 -35.71 3.18
C LEU C 504 4.67 -34.30 3.68
N SER C 505 4.76 -34.15 4.99
CA SER C 505 4.95 -32.85 5.62
C SER C 505 6.43 -32.50 5.66
N PHE C 506 6.73 -31.24 5.37
CA PHE C 506 8.09 -30.77 5.17
C PHE C 506 8.45 -29.72 6.21
N GLU C 507 9.53 -29.96 6.94
CA GLU C 507 10.00 -29.04 7.96
C GLU C 507 11.17 -28.25 7.40
N LEU C 508 10.91 -27.00 7.02
CA LEU C 508 11.93 -26.14 6.44
C LEU C 508 12.47 -25.19 7.50
N LEU C 509 13.79 -25.03 7.51
CA LEU C 509 14.45 -23.97 8.26
C LEU C 509 14.26 -24.13 9.77
N HIS C 510 13.64 -25.24 10.19
CA HIS C 510 13.43 -25.48 11.60
C HIS C 510 14.69 -26.02 12.29
N ALA C 511 15.69 -26.41 11.51
CA ALA C 511 16.92 -27.01 12.04
C ALA C 511 17.97 -27.05 10.93
N PRO C 512 19.21 -27.43 11.22
CA PRO C 512 20.15 -27.73 10.13
C PRO C 512 19.62 -28.86 9.25
N ALA C 513 19.84 -28.71 7.94
CA ALA C 513 19.30 -29.65 6.99
C ALA C 513 19.98 -31.01 7.11
N THR C 514 19.18 -32.07 7.01
CA THR C 514 19.70 -33.44 7.06
C THR C 514 19.28 -34.31 5.89
N VAL C 515 18.28 -33.91 5.10
CA VAL C 515 17.89 -34.64 3.90
C VAL C 515 18.15 -33.73 2.70
N CYS C 516 18.63 -34.33 1.61
CA CYS C 516 19.01 -33.56 0.43
C CYS C 516 18.73 -34.37 -0.82
N GLY C 517 18.62 -33.67 -1.94
CA GLY C 517 18.39 -34.29 -3.22
C GLY C 517 19.66 -34.90 -3.79
N PRO C 518 19.52 -35.66 -4.87
CA PRO C 518 20.67 -36.42 -5.40
C PRO C 518 21.62 -35.56 -6.22
N LYS C 519 21.51 -34.24 -6.08
CA LYS C 519 22.39 -33.33 -6.82
C LYS C 519 23.84 -33.55 -6.43
N LYS C 520 24.68 -33.77 -7.43
CA LYS C 520 26.10 -33.99 -7.20
C LYS C 520 26.76 -32.72 -6.67
N SER C 521 27.79 -32.91 -5.85
CA SER C 521 28.51 -31.79 -5.26
C SER C 521 29.66 -31.35 -6.16
N THR C 522 30.20 -30.18 -5.85
CA THR C 522 31.25 -29.54 -6.64
C THR C 522 32.36 -29.09 -5.72
N ASN C 523 33.58 -29.01 -6.26
CA ASN C 523 34.71 -28.48 -5.52
C ASN C 523 34.46 -27.02 -5.15
N LEU C 524 35.21 -26.55 -4.15
CA LEU C 524 35.06 -25.21 -3.61
C LEU C 524 36.18 -24.32 -4.13
N VAL C 525 35.84 -23.07 -4.44
CA VAL C 525 36.80 -22.09 -4.93
C VAL C 525 36.78 -20.88 -4.00
N LYS C 526 37.96 -20.35 -3.70
CA LYS C 526 38.14 -19.29 -2.74
C LYS C 526 38.38 -17.95 -3.43
N ASN C 527 37.91 -16.88 -2.79
CA ASN C 527 38.23 -15.51 -3.19
C ASN C 527 37.80 -15.18 -4.61
N LYS C 528 36.74 -15.82 -5.09
CA LYS C 528 36.21 -15.54 -6.42
C LYS C 528 34.70 -15.39 -6.33
N CYS C 529 34.16 -14.45 -7.11
CA CYS C 529 32.73 -14.20 -7.12
C CYS C 529 32.00 -15.40 -7.70
N VAL C 530 31.25 -16.10 -6.85
CA VAL C 530 30.54 -17.31 -7.25
C VAL C 530 29.12 -17.25 -6.73
N ASN C 531 28.24 -17.98 -7.41
CA ASN C 531 26.86 -18.19 -6.97
C ASN C 531 26.82 -19.58 -6.34
N PHE C 532 26.55 -19.64 -5.05
CA PHE C 532 26.66 -20.87 -4.30
C PHE C 532 25.30 -21.37 -3.83
N ASN C 533 25.30 -22.61 -3.32
CA ASN C 533 24.10 -23.23 -2.78
C ASN C 533 24.57 -24.17 -1.66
N PHE C 534 24.41 -23.72 -0.42
CA PHE C 534 24.88 -24.45 0.75
C PHE C 534 23.71 -25.14 1.43
N ASN C 535 23.51 -26.43 1.13
CA ASN C 535 22.46 -27.23 1.75
C ASN C 535 21.09 -26.60 1.56
N GLY C 536 20.85 -26.06 0.36
CA GLY C 536 19.63 -25.35 0.06
C GLY C 536 19.70 -23.85 0.28
N LEU C 537 20.74 -23.36 0.95
CA LEU C 537 20.96 -21.94 1.13
C LEU C 537 21.67 -21.39 -0.11
N THR C 538 21.02 -20.47 -0.81
CA THR C 538 21.54 -19.92 -2.05
C THR C 538 22.01 -18.48 -1.87
N GLY C 539 22.89 -18.06 -2.76
CA GLY C 539 23.40 -16.70 -2.69
C GLY C 539 24.56 -16.51 -3.65
N THR C 540 25.03 -15.27 -3.72
CA THR C 540 26.14 -14.87 -4.56
C THR C 540 27.13 -14.07 -3.75
N GLY C 541 28.42 -14.32 -3.97
CA GLY C 541 29.45 -13.60 -3.24
C GLY C 541 30.80 -14.26 -3.42
N VAL C 542 31.76 -13.76 -2.66
CA VAL C 542 33.11 -14.30 -2.63
C VAL C 542 33.32 -15.02 -1.30
N LEU C 543 33.88 -16.23 -1.37
CA LEU C 543 34.07 -17.06 -0.18
C LEU C 543 35.54 -16.96 0.23
N THR C 544 35.77 -16.52 1.46
CA THR C 544 37.11 -16.26 1.94
C THR C 544 37.33 -16.96 3.27
N GLU C 545 38.61 -17.10 3.63
CA GLU C 545 38.96 -17.57 4.96
C GLU C 545 38.48 -16.56 6.00
N SER C 546 38.17 -17.05 7.19
CA SER C 546 37.66 -16.20 8.26
C SER C 546 38.34 -16.57 9.56
N ASN C 547 38.26 -15.65 10.52
CA ASN C 547 38.84 -15.84 11.84
C ASN C 547 37.77 -15.81 12.94
N LYS C 548 36.53 -16.13 12.59
CA LYS C 548 35.42 -16.11 13.52
C LYS C 548 35.34 -17.44 14.25
N LYS C 549 35.52 -17.42 15.57
CA LYS C 549 35.55 -18.65 16.35
C LYS C 549 34.12 -19.16 16.52
N PHE C 550 33.66 -19.90 15.51
CA PHE C 550 32.38 -20.57 15.64
C PHE C 550 32.47 -21.68 16.68
N LEU C 551 31.48 -21.72 17.56
CA LEU C 551 31.42 -22.82 18.51
C LEU C 551 30.94 -24.07 17.80
N PRO C 552 31.25 -25.25 18.34
CA PRO C 552 30.97 -26.50 17.60
C PRO C 552 29.53 -26.67 17.13
N PHE C 553 28.62 -25.81 17.57
CA PHE C 553 27.20 -26.05 17.30
C PHE C 553 26.57 -25.08 16.31
N GLN C 554 27.17 -23.91 16.05
CA GLN C 554 26.66 -23.05 14.98
C GLN C 554 27.05 -23.64 13.63
N GLN C 555 26.10 -23.61 12.70
CA GLN C 555 26.41 -23.99 11.33
C GLN C 555 26.72 -22.79 10.46
N PHE C 556 26.02 -21.68 10.64
CA PHE C 556 26.25 -20.49 9.84
C PHE C 556 26.07 -19.24 10.70
N GLY C 557 26.84 -18.21 10.39
CA GLY C 557 26.66 -16.90 10.97
C GLY C 557 25.71 -16.10 10.10
N ARG C 558 25.24 -14.97 10.62
CA ARG C 558 24.29 -14.13 9.90
C ARG C 558 24.56 -12.67 10.19
N ASP C 559 24.17 -11.82 9.25
CA ASP C 559 24.28 -10.38 9.39
C ASP C 559 22.90 -9.74 9.40
N ILE C 560 22.86 -8.48 9.82
CA ILE C 560 21.65 -7.70 10.00
C ILE C 560 20.76 -7.76 8.77
N ALA C 561 19.44 -7.76 9.01
CA ALA C 561 18.44 -7.69 7.95
C ALA C 561 18.47 -8.92 7.05
N ASP C 562 18.50 -10.09 7.68
CA ASP C 562 18.18 -11.36 7.01
C ASP C 562 19.15 -11.63 5.85
N THR C 563 20.44 -11.66 6.21
CA THR C 563 21.49 -11.94 5.24
C THR C 563 22.56 -12.80 5.90
N THR C 564 22.94 -13.88 5.21
CA THR C 564 24.02 -14.73 5.67
C THR C 564 25.33 -13.95 5.62
N ASP C 565 26.15 -14.14 6.65
CA ASP C 565 27.50 -13.57 6.69
C ASP C 565 28.58 -14.63 6.57
N ALA C 566 28.44 -15.73 7.31
CA ALA C 566 29.41 -16.80 7.27
C ALA C 566 28.66 -18.12 7.25
N VAL C 567 29.37 -19.19 6.92
CA VAL C 567 28.80 -20.54 6.91
C VAL C 567 29.95 -21.53 7.01
N ARG C 568 29.67 -22.69 7.58
CA ARG C 568 30.61 -23.80 7.60
C ARG C 568 30.17 -24.81 6.55
N ASP C 569 31.10 -25.25 5.72
CA ASP C 569 30.74 -26.14 4.63
C ASP C 569 30.61 -27.58 5.11
N PRO C 570 29.81 -28.38 4.42
CA PRO C 570 29.78 -29.81 4.70
C PRO C 570 31.05 -30.50 4.20
N GLN C 571 31.28 -31.69 4.76
CA GLN C 571 32.34 -32.62 4.34
C GLN C 571 33.72 -32.14 4.74
N THR C 572 33.83 -30.89 5.19
CA THR C 572 35.11 -30.33 5.61
C THR C 572 34.98 -29.49 6.87
N LEU C 573 33.78 -29.07 7.24
CA LEU C 573 33.50 -28.35 8.48
C LEU C 573 34.25 -27.02 8.57
N GLU C 574 34.86 -26.57 7.48
CA GLU C 574 35.59 -25.32 7.51
C GLU C 574 34.62 -24.14 7.41
N ILE C 575 34.97 -23.06 8.09
CA ILE C 575 34.15 -21.85 8.16
C ILE C 575 34.59 -20.92 7.04
N LEU C 576 33.64 -20.56 6.17
CA LEU C 576 33.90 -19.65 5.07
C LEU C 576 33.11 -18.37 5.28
N ASP C 577 33.77 -17.25 5.13
CA ASP C 577 33.08 -15.96 5.15
C ASP C 577 32.47 -15.69 3.78
N ILE C 578 31.30 -15.04 3.79
CA ILE C 578 30.60 -14.67 2.58
C ILE C 578 30.61 -13.15 2.48
N THR C 579 31.31 -12.63 1.46
CA THR C 579 31.41 -11.21 1.22
C THR C 579 30.77 -10.88 -0.12
N PRO C 580 29.83 -9.94 -0.17
CA PRO C 580 29.14 -9.67 -1.44
C PRO C 580 30.11 -9.15 -2.50
N CYS C 581 29.86 -9.53 -3.75
CA CYS C 581 30.76 -9.17 -4.83
C CYS C 581 30.74 -7.67 -5.05
N SER C 582 31.89 -7.12 -5.45
CA SER C 582 32.07 -5.68 -5.52
C SER C 582 31.04 -5.03 -6.44
N PHE C 583 30.49 -3.91 -5.98
CA PHE C 583 29.43 -3.23 -6.69
C PHE C 583 29.46 -1.75 -6.33
N GLY C 584 28.77 -0.95 -7.13
CA GLY C 584 28.68 0.47 -6.86
C GLY C 584 28.08 1.20 -8.03
N GLY C 585 27.63 2.42 -7.76
CA GLY C 585 27.07 3.24 -8.80
C GLY C 585 28.13 3.81 -9.73
N VAL C 586 27.71 4.21 -10.92
CA VAL C 586 28.59 4.78 -11.92
C VAL C 586 28.05 6.15 -12.30
N SER C 587 28.95 7.12 -12.45
CA SER C 587 28.58 8.49 -12.76
C SER C 587 29.40 9.00 -13.93
N VAL C 588 28.80 9.90 -14.70
CA VAL C 588 29.34 10.32 -16.00
C VAL C 588 29.64 11.81 -15.95
N ILE C 589 30.91 12.16 -16.14
CA ILE C 589 31.36 13.54 -16.25
C ILE C 589 31.39 13.91 -17.71
N THR C 590 30.67 14.98 -18.09
CA THR C 590 30.68 15.37 -19.48
C THR C 590 30.88 16.88 -19.65
N PRO C 591 31.79 17.28 -20.54
CA PRO C 591 31.89 18.70 -20.88
C PRO C 591 30.59 19.26 -21.41
N GLY C 592 29.86 18.48 -22.18
CA GLY C 592 28.66 18.95 -22.85
C GLY C 592 28.64 18.54 -24.30
N THR C 593 27.50 18.05 -24.78
CA THR C 593 27.38 17.60 -26.15
C THR C 593 27.59 18.71 -27.16
N ASN C 594 27.53 19.96 -26.73
CA ASN C 594 27.83 21.09 -27.59
C ASN C 594 29.32 21.31 -27.78
N THR C 595 30.16 20.69 -26.96
CA THR C 595 31.59 20.91 -27.05
C THR C 595 32.34 19.66 -27.49
N SER C 596 32.11 18.52 -26.84
CA SER C 596 32.75 17.28 -27.27
C SER C 596 31.95 16.10 -26.74
N ASN C 597 32.16 14.94 -27.35
CA ASN C 597 31.56 13.70 -26.91
C ASN C 597 32.50 12.88 -26.02
N GLN C 598 33.68 13.40 -25.73
CA GLN C 598 34.57 12.73 -24.79
C GLN C 598 33.99 12.87 -23.39
N VAL C 599 34.19 11.84 -22.58
CA VAL C 599 33.51 11.70 -21.32
C VAL C 599 34.45 11.04 -20.32
N ALA C 600 34.31 11.43 -19.05
CA ALA C 600 34.94 10.73 -17.94
C ALA C 600 33.88 9.94 -17.20
N VAL C 601 34.28 8.78 -16.69
CA VAL C 601 33.38 7.90 -15.96
C VAL C 601 33.91 7.75 -14.56
N LEU C 602 33.04 7.88 -13.58
CA LEU C 602 33.40 7.74 -12.17
C LEU C 602 32.75 6.48 -11.61
N TYR C 603 33.57 5.60 -11.07
CA TYR C 603 33.09 4.42 -10.37
C TYR C 603 33.18 4.71 -8.88
N GLN C 604 32.03 4.68 -8.20
CA GLN C 604 31.94 5.22 -6.85
C GLN C 604 32.41 4.22 -5.81
N ASP C 605 33.30 4.67 -4.93
CA ASP C 605 33.71 3.90 -3.75
C ASP C 605 34.25 2.53 -4.13
N VAL C 606 35.07 2.50 -5.17
CA VAL C 606 35.70 1.26 -5.61
C VAL C 606 37.17 1.50 -5.86
N ASN C 607 37.97 0.47 -5.60
CA ASN C 607 39.38 0.49 -5.95
C ASN C 607 39.55 0.27 -7.45
N CYS C 608 40.70 0.68 -7.96
CA CYS C 608 41.00 0.51 -9.38
C CYS C 608 41.60 -0.89 -9.62
N THR C 609 40.79 -1.89 -9.35
CA THR C 609 41.17 -3.29 -9.57
C THR C 609 40.08 -4.08 -10.28
N GLU C 610 38.99 -3.44 -10.68
CA GLU C 610 37.95 -4.09 -11.48
C GLU C 610 37.64 -3.18 -12.67
N VAL C 611 37.74 -3.74 -13.86
CA VAL C 611 37.57 -2.97 -15.08
C VAL C 611 36.09 -2.79 -15.39
N ASN C 632 43.69 7.02 -18.85
CA ASN C 632 44.36 7.06 -17.55
C ASN C 632 43.41 6.73 -16.42
N VAL C 633 43.95 6.10 -15.39
CA VAL C 633 43.18 5.68 -14.22
C VAL C 633 43.66 6.50 -13.04
N PHE C 634 42.71 7.14 -12.34
CA PHE C 634 43.05 8.03 -11.24
C PHE C 634 42.20 7.70 -10.03
N GLN C 635 42.84 7.17 -8.98
CA GLN C 635 42.18 6.77 -7.76
C GLN C 635 41.93 7.99 -6.88
N THR C 636 40.68 8.15 -6.44
CA THR C 636 40.29 9.29 -5.61
C THR C 636 39.64 8.79 -4.32
N ARG C 637 39.33 9.74 -3.44
CA ARG C 637 38.54 9.47 -2.25
C ARG C 637 37.06 9.33 -2.57
N ALA C 638 36.62 9.70 -3.77
CA ALA C 638 35.24 9.51 -4.18
C ALA C 638 35.05 8.25 -5.03
N GLY C 639 36.12 7.68 -5.55
CA GLY C 639 36.05 6.45 -6.31
C GLY C 639 37.13 6.41 -7.36
N CYS C 640 37.12 5.35 -8.15
CA CYS C 640 38.07 5.18 -9.24
C CYS C 640 37.53 5.94 -10.45
N LEU C 641 38.23 6.98 -10.85
CA LEU C 641 37.85 7.81 -11.99
C LEU C 641 38.72 7.44 -13.17
N ILE C 642 38.10 7.09 -14.29
CA ILE C 642 38.80 6.72 -15.51
C ILE C 642 38.41 7.70 -16.61
N GLY C 643 39.39 8.23 -17.32
CA GLY C 643 39.16 9.09 -18.46
C GLY C 643 39.74 10.47 -18.34
N ALA C 644 40.10 10.92 -17.14
CA ALA C 644 40.59 12.26 -16.93
C ALA C 644 42.02 12.24 -16.42
N GLU C 645 42.88 13.08 -16.99
CA GLU C 645 44.26 13.17 -16.50
C GLU C 645 44.31 14.03 -15.24
N HIS C 646 45.11 13.59 -14.29
CA HIS C 646 45.34 14.32 -13.05
C HIS C 646 46.35 15.42 -13.32
N VAL C 647 46.02 16.65 -12.92
CA VAL C 647 46.89 17.80 -13.12
C VAL C 647 47.34 18.31 -11.77
N ASN C 648 48.65 18.54 -11.64
CA ASN C 648 49.21 18.97 -10.36
C ASN C 648 48.65 20.31 -9.92
N ASN C 649 48.55 21.27 -10.84
CA ASN C 649 48.13 22.62 -10.47
C ASN C 649 46.64 22.68 -10.22
N SER C 650 46.22 23.69 -9.46
CA SER C 650 44.82 23.83 -9.06
C SER C 650 44.13 24.88 -9.90
N TYR C 651 42.83 24.69 -10.10
CA TYR C 651 41.99 25.67 -10.74
C TYR C 651 40.72 25.84 -9.92
N GLU C 652 39.87 26.75 -10.36
CA GLU C 652 38.55 26.91 -9.77
C GLU C 652 37.68 25.73 -10.17
N CYS C 653 36.70 25.41 -9.33
CA CYS C 653 35.92 24.19 -9.55
C CYS C 653 34.83 24.39 -10.60
N ASP C 654 34.70 23.41 -11.49
CA ASP C 654 33.74 23.50 -12.58
C ASP C 654 32.66 22.42 -12.49
N ILE C 655 33.07 21.15 -12.49
CA ILE C 655 32.16 20.02 -12.34
C ILE C 655 32.56 19.26 -11.08
N PRO C 656 31.75 19.30 -10.03
CA PRO C 656 32.18 18.70 -8.77
C PRO C 656 32.21 17.18 -8.82
N ILE C 657 33.22 16.61 -8.20
CA ILE C 657 33.37 15.16 -8.06
C ILE C 657 33.07 14.73 -6.63
N GLY C 658 33.65 15.40 -5.66
CA GLY C 658 33.53 15.05 -4.26
C GLY C 658 34.91 14.97 -3.63
N ALA C 659 34.94 15.11 -2.31
CA ALA C 659 36.17 15.08 -1.54
C ALA C 659 37.16 16.14 -2.03
N GLY C 660 36.62 17.22 -2.58
CA GLY C 660 37.43 18.35 -2.99
C GLY C 660 37.95 18.31 -4.41
N ILE C 661 37.70 17.24 -5.15
CA ILE C 661 38.17 17.11 -6.52
C ILE C 661 37.06 17.56 -7.46
N CYS C 662 37.43 18.37 -8.46
CA CYS C 662 36.53 18.72 -9.54
C CYS C 662 37.17 18.40 -10.87
N ALA C 663 36.34 18.39 -11.91
CA ALA C 663 36.82 18.14 -13.26
C ALA C 663 36.23 19.20 -14.18
N SER C 664 36.82 19.36 -15.36
CA SER C 664 36.29 20.25 -16.37
C SER C 664 36.96 19.95 -17.70
N TYR C 665 36.57 20.68 -18.72
CA TYR C 665 37.15 20.58 -20.05
C TYR C 665 37.98 21.84 -20.29
N GLN C 666 39.29 21.67 -20.41
CA GLN C 666 40.22 22.80 -20.40
C GLN C 666 40.11 23.65 -21.66
N THR C 667 40.35 23.03 -22.82
CA THR C 667 40.29 23.58 -24.17
C THR C 667 41.43 24.53 -24.50
N GLN C 668 42.19 24.97 -23.50
CA GLN C 668 43.27 25.92 -23.77
C GLN C 668 44.60 25.21 -23.73
N THR C 669 44.91 24.57 -22.59
CA THR C 669 46.05 23.68 -22.52
C THR C 669 45.63 22.30 -23.00
N SER C 670 44.65 21.71 -22.33
CA SER C 670 44.25 20.33 -22.60
C SER C 670 42.92 20.32 -23.36
N GLN C 671 42.91 19.65 -24.50
CA GLN C 671 41.66 19.41 -25.22
C GLN C 671 41.08 18.09 -24.76
N SER C 672 41.38 17.73 -23.52
CA SER C 672 40.89 16.53 -22.87
C SER C 672 40.24 16.91 -21.53
N ILE C 673 39.91 15.92 -20.71
CA ILE C 673 39.27 16.17 -19.42
C ILE C 673 40.31 16.07 -18.33
N ILE C 674 40.40 17.11 -17.50
CA ILE C 674 41.35 17.14 -16.39
C ILE C 674 40.58 17.12 -15.08
N ALA C 675 41.21 16.56 -14.06
CA ALA C 675 40.69 16.56 -12.71
C ALA C 675 41.78 17.07 -11.77
N TYR C 676 41.36 17.80 -10.74
CA TYR C 676 42.31 18.53 -9.90
C TYR C 676 41.69 18.79 -8.55
N THR C 677 42.55 19.13 -7.60
CA THR C 677 42.08 19.61 -6.30
C THR C 677 41.64 21.06 -6.43
N MET C 678 40.52 21.40 -5.82
CA MET C 678 39.99 22.75 -5.90
C MET C 678 40.96 23.76 -5.30
N SER C 679 40.95 24.96 -5.85
CA SER C 679 41.46 26.13 -5.15
C SER C 679 40.30 26.89 -4.55
N LEU C 680 40.49 27.33 -3.31
CA LEU C 680 39.47 28.08 -2.59
C LEU C 680 39.47 29.56 -2.94
N GLY C 681 40.50 30.04 -3.63
CA GLY C 681 40.65 31.45 -3.93
C GLY C 681 42.08 31.90 -3.78
N ALA C 682 42.31 33.14 -4.18
CA ALA C 682 43.65 33.70 -4.17
C ALA C 682 44.14 33.91 -2.74
N GLU C 683 45.43 33.70 -2.54
CA GLU C 683 46.08 34.00 -1.27
C GLU C 683 46.44 35.47 -1.23
N ASN C 684 46.12 36.12 -0.10
CA ASN C 684 46.62 37.49 0.11
C ASN C 684 46.81 37.67 1.62
N SER C 685 48.05 37.93 2.01
CA SER C 685 48.30 38.41 3.35
C SER C 685 47.84 39.84 3.47
N VAL C 686 47.35 40.21 4.65
CA VAL C 686 46.93 41.57 4.93
C VAL C 686 47.99 42.23 5.77
N ALA C 687 48.19 43.53 5.54
CA ALA C 687 49.31 44.29 6.07
C ALA C 687 49.06 44.70 7.51
N TYR C 688 48.90 43.71 8.37
CA TYR C 688 48.63 44.03 9.76
C TYR C 688 49.87 44.65 10.40
N SER C 689 49.64 45.70 11.18
CA SER C 689 50.65 46.27 12.06
C SER C 689 49.93 47.03 13.15
N ASN C 690 50.64 47.33 14.22
CA ASN C 690 50.00 47.98 15.35
C ASN C 690 49.75 49.47 15.12
N ASN C 691 50.28 50.04 14.03
CA ASN C 691 50.15 51.48 13.84
C ASN C 691 49.86 51.90 12.40
N SER C 692 49.11 51.10 11.64
CA SER C 692 48.82 51.46 10.26
C SER C 692 47.36 51.17 9.92
N ILE C 693 46.71 52.13 9.25
CA ILE C 693 45.33 52.03 8.80
C ILE C 693 45.33 52.09 7.28
N ALA C 694 44.27 51.56 6.68
CA ALA C 694 44.01 51.69 5.25
C ALA C 694 42.62 52.28 5.06
N ILE C 695 42.55 53.52 4.56
CA ILE C 695 41.30 54.23 4.37
C ILE C 695 41.14 54.51 2.89
N PRO C 696 40.01 54.16 2.28
CA PRO C 696 39.87 54.31 0.84
C PRO C 696 39.81 55.76 0.41
N THR C 697 40.42 56.04 -0.73
CA THR C 697 40.40 57.37 -1.32
C THR C 697 39.35 57.50 -2.40
N ASN C 698 38.85 56.39 -2.93
CA ASN C 698 37.73 56.52 -3.84
C ASN C 698 36.63 55.58 -3.39
N PHE C 699 35.61 55.49 -4.23
CA PHE C 699 34.54 54.53 -4.04
C PHE C 699 34.09 54.05 -5.40
N THR C 700 33.21 53.07 -5.39
CA THR C 700 32.48 52.69 -6.58
C THR C 700 31.07 52.31 -6.20
N ILE C 701 30.11 52.72 -7.03
CA ILE C 701 28.72 52.36 -6.85
C ILE C 701 28.45 51.18 -7.76
N SER C 702 28.00 50.08 -7.16
CA SER C 702 27.77 48.86 -7.92
C SER C 702 26.32 48.42 -7.75
N VAL C 703 25.74 47.93 -8.84
CA VAL C 703 24.39 47.40 -8.83
C VAL C 703 24.47 45.91 -9.10
N THR C 704 24.04 45.12 -8.12
CA THR C 704 23.96 43.68 -8.26
C THR C 704 22.49 43.28 -8.34
N THR C 705 22.25 42.09 -8.86
CA THR C 705 20.89 41.62 -9.09
C THR C 705 20.67 40.35 -8.28
N GLU C 706 19.46 40.20 -7.74
CA GLU C 706 19.11 39.04 -6.94
C GLU C 706 17.73 38.55 -7.34
N ILE C 707 17.61 37.26 -7.61
CA ILE C 707 16.42 36.66 -8.17
C ILE C 707 15.82 35.73 -7.13
N LEU C 708 14.54 35.92 -6.81
CA LEU C 708 13.86 35.13 -5.80
C LEU C 708 12.55 34.59 -6.37
N PRO C 709 12.28 33.30 -6.23
CA PRO C 709 10.95 32.80 -6.56
C PRO C 709 9.92 33.31 -5.56
N VAL C 710 8.69 33.46 -6.03
CA VAL C 710 7.58 33.90 -5.21
C VAL C 710 6.42 32.93 -5.24
N SER C 711 6.04 32.46 -6.43
CA SER C 711 4.89 31.58 -6.57
C SER C 711 5.21 30.52 -7.62
N MET C 712 4.31 29.56 -7.74
CA MET C 712 4.36 28.58 -8.81
C MET C 712 2.95 28.37 -9.34
N THR C 713 2.85 27.63 -10.44
CA THR C 713 1.56 27.48 -11.11
C THR C 713 0.57 26.78 -10.19
N LYS C 714 -0.65 27.31 -10.14
CA LYS C 714 -1.71 26.77 -9.29
C LYS C 714 -2.37 25.62 -10.03
N THR C 715 -1.80 24.43 -9.85
CA THR C 715 -2.37 23.25 -10.49
C THR C 715 -3.46 22.65 -9.63
N SER C 716 -4.26 21.80 -10.25
CA SER C 716 -5.37 21.15 -9.57
C SER C 716 -5.71 19.89 -10.36
N VAL C 717 -6.03 18.81 -9.65
CA VAL C 717 -6.34 17.54 -10.27
C VAL C 717 -7.54 16.93 -9.56
N ASP C 718 -8.43 16.31 -10.32
CA ASP C 718 -9.57 15.62 -9.72
C ASP C 718 -9.28 14.13 -9.64
N CYS C 719 -9.50 13.57 -8.46
CA CYS C 719 -9.47 12.12 -8.28
C CYS C 719 -10.27 11.41 -9.33
N THR C 720 -11.57 11.65 -9.28
CA THR C 720 -12.50 10.73 -9.88
C THR C 720 -12.20 10.56 -11.36
N MET C 721 -11.87 11.67 -12.03
CA MET C 721 -11.47 11.55 -13.42
C MET C 721 -10.05 11.03 -13.58
N TYR C 722 -9.12 11.46 -12.72
CA TYR C 722 -7.73 11.04 -12.88
C TYR C 722 -7.58 9.53 -12.73
N ILE C 723 -8.16 8.98 -11.67
CA ILE C 723 -8.03 7.55 -11.37
C ILE C 723 -9.06 6.74 -12.14
N CYS C 724 -10.30 7.23 -12.21
CA CYS C 724 -11.43 6.43 -12.63
C CYS C 724 -12.22 7.15 -13.72
N GLY C 725 -11.51 7.58 -14.77
CA GLY C 725 -12.13 8.31 -15.87
C GLY C 725 -13.42 7.73 -16.42
N ASP C 726 -14.48 8.52 -16.35
CA ASP C 726 -15.78 8.27 -17.00
C ASP C 726 -16.27 6.82 -16.86
N SER C 727 -16.04 6.21 -15.69
CA SER C 727 -16.49 4.86 -15.44
C SER C 727 -17.17 4.78 -14.08
N THR C 728 -18.50 4.76 -14.09
CA THR C 728 -19.27 4.59 -12.86
C THR C 728 -18.89 3.28 -12.17
N GLU C 729 -18.55 2.25 -12.96
CA GLU C 729 -18.26 0.95 -12.37
C GLU C 729 -17.02 1.00 -11.48
N CYS C 730 -16.04 1.82 -11.83
CA CYS C 730 -14.87 1.93 -10.95
C CYS C 730 -15.08 3.03 -9.91
N SER C 731 -15.90 4.04 -10.21
CA SER C 731 -16.14 5.07 -9.21
C SER C 731 -16.91 4.53 -8.02
N ASN C 732 -17.81 3.57 -8.26
CA ASN C 732 -18.54 2.96 -7.17
C ASN C 732 -17.61 2.30 -6.16
N LEU C 733 -16.48 1.76 -6.63
CA LEU C 733 -15.54 1.14 -5.72
C LEU C 733 -14.40 2.09 -5.34
N LEU C 734 -14.36 3.27 -5.95
CA LEU C 734 -13.50 4.31 -5.41
C LEU C 734 -14.16 4.96 -4.19
N LEU C 735 -15.50 5.05 -4.22
CA LEU C 735 -16.22 5.63 -3.09
C LEU C 735 -15.95 4.91 -1.78
N GLN C 736 -15.71 3.61 -1.83
CA GLN C 736 -15.43 2.80 -0.66
C GLN C 736 -14.05 3.03 -0.04
N TYR C 737 -13.25 3.96 -0.56
CA TYR C 737 -12.03 4.36 0.11
C TYR C 737 -12.23 5.58 1.00
N GLY C 738 -13.46 6.01 1.19
CA GLY C 738 -13.71 7.12 2.08
C GLY C 738 -13.19 8.43 1.52
N SER C 739 -12.57 9.22 2.39
CA SER C 739 -12.24 10.61 2.10
C SER C 739 -10.85 10.79 1.52
N PHE C 740 -10.18 9.72 1.09
CA PHE C 740 -8.80 9.83 0.62
C PHE C 740 -8.61 10.95 -0.36
N CYS C 741 -9.60 11.24 -1.17
CA CYS C 741 -9.17 12.24 -2.10
C CYS C 741 -10.19 13.35 -2.28
N THR C 742 -11.06 13.52 -1.31
CA THR C 742 -11.54 14.85 -0.99
C THR C 742 -10.37 15.52 -0.29
N GLN C 743 -9.60 14.71 0.44
CA GLN C 743 -8.44 15.23 1.16
C GLN C 743 -7.36 15.79 0.23
N LEU C 744 -7.06 15.11 -0.87
CA LEU C 744 -6.05 15.59 -1.81
C LEU C 744 -6.51 16.87 -2.52
N ASN C 745 -7.77 16.93 -2.89
CA ASN C 745 -8.30 18.16 -3.47
C ASN C 745 -8.18 19.31 -2.48
N ARG C 746 -8.44 19.04 -1.21
CA ARG C 746 -8.29 20.08 -0.19
C ARG C 746 -6.85 20.56 -0.11
N ALA C 747 -5.90 19.63 -0.14
CA ALA C 747 -4.49 20.02 -0.05
C ALA C 747 -4.06 20.87 -1.24
N LEU C 748 -4.40 20.44 -2.45
CA LEU C 748 -4.00 21.20 -3.63
C LEU C 748 -4.68 22.56 -3.68
N THR C 749 -5.95 22.63 -3.25
CA THR C 749 -6.62 23.92 -3.17
C THR C 749 -5.92 24.83 -2.16
N GLY C 750 -5.46 24.26 -1.04
CA GLY C 750 -4.71 25.07 -0.09
C GLY C 750 -3.45 25.64 -0.70
N ILE C 751 -2.70 24.83 -1.44
CA ILE C 751 -1.50 25.35 -2.10
C ILE C 751 -1.86 26.47 -3.08
N ALA C 752 -2.89 26.24 -3.90
CA ALA C 752 -3.25 27.22 -4.91
C ALA C 752 -3.67 28.54 -4.27
N VAL C 753 -4.44 28.47 -3.19
CA VAL C 753 -4.84 29.69 -2.49
C VAL C 753 -3.62 30.38 -1.89
N GLU C 754 -2.65 29.60 -1.43
CA GLU C 754 -1.47 30.18 -0.81
C GLU C 754 -0.57 30.90 -1.81
N GLN C 755 -0.56 30.47 -3.07
CA GLN C 755 0.25 31.17 -4.07
C GLN C 755 -0.16 32.62 -4.23
N ASP C 756 -1.47 32.89 -4.29
CA ASP C 756 -1.94 34.26 -4.39
C ASP C 756 -1.55 35.06 -3.16
N LYS C 757 -1.56 34.43 -1.98
CA LYS C 757 -1.09 35.12 -0.78
C LYS C 757 0.38 35.45 -0.87
N ASN C 758 1.19 34.54 -1.43
CA ASN C 758 2.60 34.83 -1.62
C ASN C 758 2.78 36.08 -2.47
N THR C 759 2.13 36.12 -3.63
CA THR C 759 2.28 37.28 -4.51
C THR C 759 1.76 38.55 -3.84
N GLN C 760 0.62 38.46 -3.15
CA GLN C 760 0.05 39.62 -2.51
C GLN C 760 0.96 40.16 -1.42
N GLU C 761 1.55 39.28 -0.62
CA GLU C 761 2.43 39.73 0.45
C GLU C 761 3.71 40.30 -0.08
N VAL C 762 4.25 39.75 -1.17
CA VAL C 762 5.48 40.32 -1.71
C VAL C 762 5.22 41.69 -2.31
N PHE C 763 4.20 41.83 -3.15
CA PHE C 763 4.08 43.02 -3.97
C PHE C 763 3.12 44.08 -3.41
N ALA C 764 2.01 43.67 -2.81
CA ALA C 764 0.99 44.60 -2.35
C ALA C 764 1.39 45.24 -1.02
N GLN C 765 2.46 46.02 -1.07
CA GLN C 765 2.97 46.72 0.10
C GLN C 765 2.67 48.20 0.10
N VAL C 766 1.97 48.70 -0.92
CA VAL C 766 1.68 50.12 -1.05
C VAL C 766 0.17 50.31 -1.07
N LYS C 767 -0.32 51.24 -0.25
CA LYS C 767 -1.75 51.50 -0.22
C LYS C 767 -2.22 52.34 -1.39
N GLN C 768 -1.34 53.13 -2.00
CA GLN C 768 -1.69 53.91 -3.18
C GLN C 768 -0.75 53.54 -4.32
N ILE C 769 -1.19 53.86 -5.53
CA ILE C 769 -0.37 53.68 -6.72
C ILE C 769 0.31 55.02 -7.00
N TYR C 770 1.62 55.04 -6.89
CA TYR C 770 2.36 56.27 -7.12
C TYR C 770 2.78 56.37 -8.58
N LYS C 771 2.97 57.60 -9.05
CA LYS C 771 3.33 57.84 -10.43
C LYS C 771 4.49 58.82 -10.48
N THR C 772 5.33 58.67 -11.47
CA THR C 772 6.46 59.55 -11.66
C THR C 772 6.07 60.78 -12.48
N PRO C 773 6.69 61.93 -12.23
CA PRO C 773 6.34 63.15 -12.96
C PRO C 773 6.76 63.05 -14.41
N PRO C 774 6.10 63.81 -15.30
CA PRO C 774 6.47 63.75 -16.72
C PRO C 774 7.89 64.20 -17.02
N ILE C 775 8.47 65.10 -16.23
CA ILE C 775 9.80 65.65 -16.49
C ILE C 775 10.80 64.94 -15.58
N LYS C 776 11.86 64.40 -16.17
CA LYS C 776 12.83 63.57 -15.45
C LYS C 776 14.07 64.36 -15.04
N ASP C 777 13.87 65.31 -14.13
CA ASP C 777 14.98 66.11 -13.62
C ASP C 777 15.46 65.52 -12.29
N PHE C 778 16.13 64.38 -12.39
CA PHE C 778 16.64 63.65 -11.23
C PHE C 778 18.10 63.96 -10.93
N GLY C 779 18.55 65.16 -11.24
CA GLY C 779 19.93 65.49 -10.95
C GLY C 779 20.94 64.62 -11.64
N GLY C 780 20.62 64.11 -12.83
CA GLY C 780 21.56 63.34 -13.61
C GLY C 780 21.38 61.83 -13.53
N PHE C 781 20.48 61.35 -12.69
CA PHE C 781 20.26 59.91 -12.58
C PHE C 781 19.31 59.43 -13.66
N ASN C 782 19.74 58.48 -14.44
CA ASN C 782 18.87 57.93 -15.48
C ASN C 782 18.21 56.70 -14.92
N PHE C 783 16.88 56.75 -14.82
CA PHE C 783 16.07 55.64 -14.37
C PHE C 783 15.32 54.97 -15.51
N SER C 784 15.49 55.45 -16.75
CA SER C 784 14.64 54.97 -17.83
C SER C 784 14.75 53.47 -18.04
N GLN C 785 15.84 52.85 -17.61
CA GLN C 785 16.03 51.42 -17.72
C GLN C 785 15.16 50.61 -16.77
N ILE C 786 14.56 51.22 -15.77
CA ILE C 786 13.69 50.51 -14.85
C ILE C 786 12.28 51.08 -14.82
N LEU C 787 12.06 52.29 -15.25
CA LEU C 787 10.70 52.79 -15.32
C LEU C 787 10.02 52.24 -16.57
N PRO C 788 8.70 52.08 -16.52
CA PRO C 788 7.98 51.53 -17.69
C PRO C 788 8.09 52.47 -18.89
N ASP C 789 8.04 51.87 -20.08
CA ASP C 789 8.10 52.63 -21.31
C ASP C 789 6.70 52.78 -21.91
N PRO C 790 6.20 54.01 -22.06
CA PRO C 790 4.82 54.16 -22.55
C PRO C 790 4.60 53.67 -23.98
N SER C 791 5.67 53.51 -24.76
CA SER C 791 5.52 53.11 -26.16
C SER C 791 5.24 51.63 -26.34
N LYS C 792 5.41 50.86 -25.34
CA LYS C 792 5.22 49.43 -25.51
C LYS C 792 3.77 49.04 -25.30
N PRO C 793 3.28 48.01 -25.99
CA PRO C 793 1.92 47.52 -25.72
C PRO C 793 1.69 47.12 -24.28
N SER C 794 2.70 46.61 -23.58
CA SER C 794 2.60 46.33 -22.16
C SER C 794 3.52 47.28 -21.41
N LYS C 795 3.00 47.85 -20.32
CA LYS C 795 3.78 48.84 -19.59
C LYS C 795 4.81 48.18 -18.69
N ARG C 796 5.81 47.55 -19.29
CA ARG C 796 6.92 46.95 -18.56
C ARG C 796 8.21 47.67 -18.93
N SER C 797 9.10 47.81 -17.96
CA SER C 797 10.37 48.44 -18.24
C SER C 797 11.24 47.54 -19.10
N PRO C 798 12.28 48.10 -19.74
CA PRO C 798 13.14 47.26 -20.59
C PRO C 798 13.70 46.04 -19.87
N ILE C 799 14.10 46.19 -18.61
CA ILE C 799 14.76 45.11 -17.91
C ILE C 799 13.80 43.96 -17.66
N GLU C 800 12.59 44.27 -17.17
CA GLU C 800 11.65 43.19 -16.91
C GLU C 800 11.08 42.62 -18.20
N ASP C 801 11.02 43.43 -19.26
CA ASP C 801 10.73 42.85 -20.57
C ASP C 801 11.77 41.82 -20.94
N LEU C 802 13.05 42.14 -20.73
CA LEU C 802 14.11 41.18 -20.99
C LEU C 802 13.92 39.92 -20.15
N LEU C 803 13.52 40.08 -18.89
CA LEU C 803 13.30 38.91 -18.04
C LEU C 803 12.20 38.02 -18.60
N PHE C 804 11.07 38.62 -18.97
CA PHE C 804 9.97 37.85 -19.55
C PHE C 804 10.35 37.21 -20.87
N ASN C 805 11.28 37.82 -21.62
CA ASN C 805 11.77 37.23 -22.86
C ASN C 805 12.84 36.18 -22.62
N LYS C 806 13.45 36.14 -21.44
CA LYS C 806 14.49 35.16 -21.15
C LYS C 806 13.98 33.91 -20.45
N VAL C 807 12.93 33.98 -19.65
CA VAL C 807 12.40 32.78 -19.02
C VAL C 807 11.19 32.28 -19.82
N THR C 808 11.22 31.01 -20.19
CA THR C 808 10.23 30.42 -21.08
C THR C 808 9.46 29.32 -20.36
N LEU C 809 8.15 29.31 -20.55
CA LEU C 809 7.26 28.41 -19.83
C LEU C 809 6.82 27.22 -20.69
N GLN C 834 -1.87 22.44 -23.94
CA GLN C 834 -2.04 21.08 -23.46
C GLN C 834 -3.40 20.87 -22.82
N LYS C 835 -3.93 19.67 -22.97
CA LYS C 835 -5.19 19.30 -22.33
C LYS C 835 -5.09 17.84 -21.93
N PHE C 836 -5.32 17.56 -20.64
CA PHE C 836 -5.15 16.22 -20.11
C PHE C 836 -6.44 15.73 -19.49
N ASN C 837 -6.36 14.58 -18.83
CA ASN C 837 -7.49 14.02 -18.11
C ASN C 837 -7.37 14.41 -16.63
N GLY C 838 -8.17 15.38 -16.23
CA GLY C 838 -8.30 15.74 -14.84
C GLY C 838 -7.30 16.75 -14.33
N LEU C 839 -6.30 17.12 -15.11
CA LEU C 839 -5.30 18.10 -14.71
C LEU C 839 -5.68 19.44 -15.30
N THR C 840 -5.86 20.44 -14.43
CA THR C 840 -6.16 21.79 -14.85
C THR C 840 -5.23 22.75 -14.13
N VAL C 841 -5.03 23.92 -14.73
CA VAL C 841 -4.13 24.93 -14.21
C VAL C 841 -4.93 26.21 -13.99
N LEU C 842 -4.91 26.70 -12.78
CA LEU C 842 -5.72 27.88 -12.52
C LEU C 842 -4.93 29.15 -12.74
N PRO C 843 -5.54 30.18 -13.33
CA PRO C 843 -4.83 31.42 -13.55
C PRO C 843 -4.57 32.13 -12.24
N PRO C 844 -3.44 32.82 -12.12
CA PRO C 844 -3.18 33.59 -10.91
C PRO C 844 -4.15 34.77 -10.80
N LEU C 845 -4.35 35.22 -9.57
CA LEU C 845 -5.30 36.31 -9.35
C LEU C 845 -4.76 37.64 -9.89
N LEU C 846 -3.47 37.86 -9.75
CA LEU C 846 -2.84 39.09 -10.19
C LEU C 846 -2.18 38.85 -11.54
N THR C 847 -2.64 39.55 -12.56
CA THR C 847 -2.02 39.41 -13.87
C THR C 847 -0.69 40.15 -13.90
N ASP C 848 0.12 39.80 -14.90
CA ASP C 848 1.44 40.40 -15.03
C ASP C 848 1.35 41.91 -15.17
N GLU C 849 0.32 42.42 -15.84
CA GLU C 849 0.14 43.86 -15.92
C GLU C 849 -0.05 44.47 -14.54
N MET C 850 -0.81 43.79 -13.69
CA MET C 850 -1.08 44.30 -12.35
C MET C 850 0.16 44.24 -11.48
N ILE C 851 0.94 43.17 -11.60
CA ILE C 851 2.19 43.08 -10.85
C ILE C 851 3.17 44.15 -11.32
N ALA C 852 3.25 44.38 -12.63
CA ALA C 852 4.10 45.43 -13.15
C ALA C 852 3.63 46.79 -12.64
N GLN C 853 2.33 46.97 -12.49
CA GLN C 853 1.81 48.23 -11.95
C GLN C 853 2.19 48.39 -10.48
N TYR C 854 2.15 47.30 -9.71
CA TYR C 854 2.67 47.34 -8.34
C TYR C 854 4.13 47.76 -8.29
N THR C 855 4.98 47.12 -9.10
CA THR C 855 6.38 47.47 -9.05
C THR C 855 6.61 48.88 -9.56
N SER C 856 5.80 49.35 -10.51
CA SER C 856 5.89 50.74 -10.92
C SER C 856 5.53 51.67 -9.77
N ALA C 857 4.49 51.31 -9.01
CA ALA C 857 4.14 52.11 -7.83
C ALA C 857 5.28 52.14 -6.83
N LEU C 858 5.89 50.98 -6.56
CA LEU C 858 6.99 50.92 -5.61
C LEU C 858 8.17 51.74 -6.09
N LEU C 859 8.53 51.62 -7.36
CA LEU C 859 9.66 52.37 -7.88
C LEU C 859 9.38 53.86 -7.86
N ALA C 860 8.20 54.28 -8.27
CA ALA C 860 7.88 55.72 -8.28
C ALA C 860 7.88 56.27 -6.86
N GLY C 861 7.30 55.52 -5.92
CA GLY C 861 7.33 55.96 -4.54
C GLY C 861 8.74 56.08 -4.00
N THR C 862 9.58 55.09 -4.31
CA THR C 862 10.97 55.16 -3.88
C THR C 862 11.65 56.39 -4.45
N ILE C 863 11.61 56.56 -5.77
CA ILE C 863 12.33 57.64 -6.43
C ILE C 863 11.87 58.99 -5.90
N THR C 864 10.56 59.17 -5.72
CA THR C 864 10.05 60.49 -5.39
C THR C 864 9.96 60.76 -3.90
N SER C 865 10.08 59.75 -3.03
CA SER C 865 9.87 60.01 -1.61
C SER C 865 10.81 59.27 -0.67
N GLY C 866 11.86 58.64 -1.16
CA GLY C 866 12.74 57.93 -0.24
C GLY C 866 12.02 56.78 0.42
N TRP C 867 12.26 56.61 1.72
CA TRP C 867 11.61 55.59 2.52
C TRP C 867 10.35 56.09 3.20
N THR C 868 10.08 57.40 3.15
CA THR C 868 9.00 57.98 3.92
C THR C 868 7.66 57.33 3.60
N PHE C 869 7.48 56.90 2.36
CA PHE C 869 6.21 56.31 1.95
C PHE C 869 6.01 54.91 2.50
N GLY C 870 7.04 54.32 3.09
CA GLY C 870 6.86 53.05 3.78
C GLY C 870 6.30 53.23 5.17
N ALA C 871 6.64 54.34 5.82
CA ALA C 871 6.16 54.59 7.17
C ALA C 871 4.82 55.29 7.17
N GLY C 872 4.68 56.35 6.37
CA GLY C 872 3.46 57.11 6.40
C GLY C 872 3.10 57.70 5.05
N PRO C 873 2.58 58.93 5.04
CA PRO C 873 2.36 59.62 3.78
C PRO C 873 3.66 59.82 3.04
N ALA C 874 3.60 59.70 1.72
CA ALA C 874 4.78 59.87 0.89
C ALA C 874 5.16 61.34 0.89
N LEU C 875 6.40 61.63 1.25
CA LEU C 875 6.91 62.99 1.33
C LEU C 875 7.94 63.18 0.24
N GLN C 876 7.64 64.07 -0.71
CA GLN C 876 8.59 64.31 -1.80
C GLN C 876 9.86 64.92 -1.25
N ILE C 877 11.00 64.40 -1.72
CA ILE C 877 12.29 65.01 -1.47
C ILE C 877 13.08 64.97 -2.78
N PRO C 878 13.90 65.98 -3.07
CA PRO C 878 14.72 65.91 -4.27
C PRO C 878 15.66 64.71 -4.20
N PHE C 879 15.84 64.05 -5.35
CA PHE C 879 16.61 62.81 -5.36
C PHE C 879 18.07 62.96 -4.96
N PRO C 880 18.82 63.95 -5.42
CA PRO C 880 20.18 64.11 -4.88
C PRO C 880 20.18 64.24 -3.37
N MET C 881 19.18 64.92 -2.80
CA MET C 881 19.11 65.04 -1.35
C MET C 881 18.81 63.70 -0.69
N GLN C 882 17.94 62.90 -1.29
CA GLN C 882 17.66 61.57 -0.75
C GLN C 882 18.90 60.71 -0.76
N MET C 883 19.62 60.70 -1.87
CA MET C 883 20.84 59.92 -1.94
C MET C 883 21.89 60.44 -0.98
N ALA C 884 21.91 61.76 -0.75
CA ALA C 884 22.80 62.32 0.25
C ALA C 884 22.48 61.77 1.63
N TYR C 885 21.19 61.65 1.93
CA TYR C 885 20.85 61.05 3.21
C TYR C 885 21.29 59.60 3.29
N ARG C 886 21.08 58.82 2.22
CA ARG C 886 21.49 57.42 2.29
C ARG C 886 23.00 57.29 2.41
N PHE C 887 23.76 58.20 1.80
CA PHE C 887 25.19 58.25 2.08
C PHE C 887 25.44 58.56 3.54
N ASN C 888 24.72 59.53 4.10
CA ASN C 888 24.85 59.82 5.52
C ASN C 888 24.50 58.60 6.36
N GLY C 889 23.75 57.67 5.78
CA GLY C 889 23.37 56.44 6.46
C GLY C 889 24.52 55.48 6.71
N ILE C 890 25.47 55.40 5.79
CA ILE C 890 26.55 54.43 5.89
C ILE C 890 27.85 55.07 6.37
N GLY C 891 27.79 56.29 6.90
CA GLY C 891 28.96 56.90 7.46
C GLY C 891 29.82 57.68 6.49
N VAL C 892 29.23 58.29 5.46
CA VAL C 892 29.94 59.21 4.59
C VAL C 892 29.19 60.53 4.57
N THR C 893 29.87 61.60 4.98
CA THR C 893 29.24 62.91 5.06
C THR C 893 28.71 63.33 3.69
N GLN C 894 27.53 63.96 3.70
CA GLN C 894 26.82 64.28 2.46
C GLN C 894 27.68 65.06 1.48
N ASN C 895 28.63 65.85 1.96
CA ASN C 895 29.48 66.57 1.04
C ASN C 895 30.20 65.62 0.10
N VAL C 896 30.40 64.37 0.49
CA VAL C 896 30.96 63.41 -0.46
C VAL C 896 30.08 63.34 -1.71
N LEU C 897 28.78 63.12 -1.52
CA LEU C 897 27.87 63.04 -2.66
C LEU C 897 27.79 64.38 -3.39
N TYR C 898 27.71 65.49 -2.66
CA TYR C 898 27.49 66.75 -3.36
C TYR C 898 28.70 67.14 -4.20
N GLU C 899 29.90 67.03 -3.66
CA GLU C 899 31.09 67.29 -4.46
C GLU C 899 31.31 66.25 -5.55
N ASN C 900 30.75 65.04 -5.43
CA ASN C 900 31.01 64.02 -6.45
C ASN C 900 29.74 63.58 -7.18
N GLN C 901 28.73 64.44 -7.26
CA GLN C 901 27.43 64.05 -7.80
C GLN C 901 27.49 63.67 -9.27
N LYS C 902 28.16 64.47 -10.09
CA LYS C 902 28.23 64.13 -11.52
C LYS C 902 28.86 62.76 -11.72
N LEU C 903 29.99 62.51 -11.05
CA LEU C 903 30.65 61.22 -11.14
C LEU C 903 29.75 60.10 -10.65
N ILE C 904 29.07 60.30 -9.54
CA ILE C 904 28.21 59.24 -8.99
C ILE C 904 27.07 58.92 -9.94
N ALA C 905 26.48 59.95 -10.55
CA ALA C 905 25.38 59.71 -11.47
C ALA C 905 25.86 58.98 -12.72
N ASN C 906 27.00 59.40 -13.29
CA ASN C 906 27.53 58.66 -14.43
C ASN C 906 27.77 57.20 -14.07
N GLN C 907 28.36 56.97 -12.89
CA GLN C 907 28.69 55.62 -12.48
C GLN C 907 27.46 54.77 -12.27
N PHE C 908 26.43 55.35 -11.64
CA PHE C 908 25.17 54.65 -11.44
C PHE C 908 24.52 54.31 -12.77
N ASN C 909 24.52 55.25 -13.71
CA ASN C 909 23.94 54.99 -15.02
C ASN C 909 24.67 53.86 -15.72
N SER C 910 26.00 53.87 -15.68
CA SER C 910 26.77 52.81 -16.32
C SER C 910 26.48 51.46 -15.67
N ALA C 911 26.42 51.43 -14.34
CA ALA C 911 26.14 50.18 -13.64
C ALA C 911 24.77 49.64 -13.97
N ILE C 912 23.77 50.53 -14.08
CA ILE C 912 22.43 50.10 -14.47
C ILE C 912 22.44 49.58 -15.90
N GLY C 913 23.14 50.26 -16.81
CA GLY C 913 23.20 49.80 -18.18
C GLY C 913 23.82 48.42 -18.29
N LYS C 914 24.85 48.15 -17.47
CA LYS C 914 25.50 46.86 -17.53
C LYS C 914 24.57 45.70 -17.19
N ILE C 915 23.52 45.96 -16.43
CA ILE C 915 22.66 44.88 -15.95
C ILE C 915 21.92 44.22 -17.09
N GLN C 916 21.34 45.01 -17.99
CA GLN C 916 20.58 44.43 -19.09
C GLN C 916 21.49 43.62 -20.00
N ASP C 917 22.68 44.13 -20.29
CA ASP C 917 23.63 43.38 -21.11
C ASP C 917 24.04 42.09 -20.41
N SER C 918 24.30 42.14 -19.11
CA SER C 918 24.68 40.95 -18.37
C SER C 918 23.59 39.90 -18.42
N LEU C 919 22.35 40.31 -18.21
CA LEU C 919 21.24 39.36 -18.23
C LEU C 919 21.02 38.79 -19.63
N SER C 920 21.18 39.62 -20.66
CA SER C 920 20.98 39.17 -22.03
C SER C 920 22.12 38.31 -22.55
N SER C 921 23.31 38.39 -21.96
CA SER C 921 24.47 37.69 -22.49
C SER C 921 24.95 36.53 -21.64
N THR C 922 24.64 36.48 -20.35
CA THR C 922 25.10 35.37 -19.52
C THR C 922 23.92 34.47 -19.19
N PRO C 923 23.79 33.30 -19.82
CA PRO C 923 22.69 32.40 -19.49
C PRO C 923 22.84 31.84 -18.08
N SER C 924 21.82 31.06 -17.69
CA SER C 924 21.73 30.44 -16.37
C SER C 924 21.59 31.48 -15.26
N ALA C 925 21.42 32.75 -15.65
CA ALA C 925 21.21 33.80 -14.66
C ALA C 925 19.85 33.67 -13.98
N LEU C 926 18.83 33.27 -14.74
CA LEU C 926 17.49 33.08 -14.21
C LEU C 926 17.19 31.62 -13.89
N GLY C 927 18.22 30.86 -13.55
CA GLY C 927 18.02 29.45 -13.28
C GLY C 927 17.11 29.21 -12.09
N LYS C 928 17.15 30.08 -11.09
CA LYS C 928 16.31 29.89 -9.91
C LYS C 928 14.84 29.99 -10.25
N LEU C 929 14.48 30.81 -11.24
CA LEU C 929 13.10 30.90 -11.69
C LEU C 929 12.76 29.82 -12.70
N GLN C 930 13.71 29.45 -13.56
CA GLN C 930 13.42 28.38 -14.52
C GLN C 930 13.28 27.03 -13.82
N ASP C 931 13.87 26.89 -12.63
CA ASP C 931 13.81 25.60 -11.94
C ASP C 931 12.42 25.28 -11.42
N VAL C 932 11.66 26.28 -10.98
CA VAL C 932 10.33 25.98 -10.46
C VAL C 932 9.42 25.49 -11.59
N VAL C 933 9.49 26.14 -12.76
CA VAL C 933 8.66 25.68 -13.87
C VAL C 933 9.13 24.32 -14.36
N ASN C 934 10.45 24.10 -14.38
CA ASN C 934 10.96 22.79 -14.79
C ASN C 934 10.48 21.70 -13.84
N GLN C 935 10.52 21.96 -12.54
CA GLN C 935 10.12 20.93 -11.57
C GLN C 935 8.63 20.67 -11.61
N ASN C 936 7.81 21.71 -11.73
CA ASN C 936 6.38 21.46 -11.85
C ASN C 936 6.07 20.69 -13.13
N ALA C 937 6.70 21.07 -14.24
CA ALA C 937 6.47 20.35 -15.48
C ALA C 937 6.89 18.89 -15.35
N GLN C 938 8.00 18.64 -14.65
CA GLN C 938 8.46 17.26 -14.53
C GLN C 938 7.53 16.44 -13.65
N ALA C 939 7.06 17.03 -12.54
CA ALA C 939 6.13 16.33 -11.67
C ALA C 939 4.83 16.01 -12.42
N LEU C 940 4.33 16.97 -13.19
CA LEU C 940 3.10 16.71 -13.94
C LEU C 940 3.32 15.66 -15.02
N ASN C 941 4.48 15.69 -15.69
CA ASN C 941 4.75 14.68 -16.71
C ASN C 941 4.82 13.30 -16.10
N THR C 942 5.46 13.17 -14.93
CA THR C 942 5.50 11.88 -14.26
C THR C 942 4.11 11.43 -13.83
N LEU C 943 3.30 12.36 -13.32
CA LEU C 943 1.96 12.01 -12.89
C LEU C 943 1.11 11.54 -14.07
N VAL C 944 1.32 12.13 -15.24
CA VAL C 944 0.62 11.67 -16.43
C VAL C 944 1.13 10.30 -16.85
N LYS C 945 2.45 10.11 -16.85
CA LYS C 945 3.02 8.86 -17.33
C LYS C 945 2.66 7.69 -16.42
N GLN C 946 2.32 7.96 -15.16
CA GLN C 946 1.90 6.88 -14.29
C GLN C 946 0.58 6.27 -14.73
N LEU C 947 -0.18 6.94 -15.60
CA LEU C 947 -1.44 6.40 -16.06
C LEU C 947 -1.24 5.22 -17.02
N SER C 948 -0.02 5.03 -17.52
CA SER C 948 0.26 3.96 -18.46
C SER C 948 0.73 2.69 -17.79
N SER C 949 0.81 2.66 -16.46
CA SER C 949 1.38 1.52 -15.77
C SER C 949 0.32 0.47 -15.45
N ASN C 950 0.72 -0.79 -15.60
CA ASN C 950 -0.20 -1.91 -15.34
C ASN C 950 -0.45 -2.14 -13.86
N PHE C 951 0.60 -2.06 -13.03
CA PHE C 951 0.53 -2.41 -11.61
C PHE C 951 0.15 -3.87 -11.41
N GLY C 952 0.13 -4.66 -12.48
CA GLY C 952 -0.37 -6.02 -12.44
C GLY C 952 -1.58 -6.27 -13.29
N ALA C 953 -2.20 -5.22 -13.83
CA ALA C 953 -3.40 -5.37 -14.62
C ALA C 953 -3.13 -6.13 -15.90
N ILE C 954 -4.12 -6.93 -16.32
CA ILE C 954 -4.05 -7.56 -17.63
C ILE C 954 -3.92 -6.52 -18.73
N SER C 955 -4.38 -5.30 -18.46
CA SER C 955 -4.25 -4.19 -19.39
C SER C 955 -4.31 -2.90 -18.61
N SER C 956 -3.50 -1.92 -19.01
CA SER C 956 -3.46 -0.65 -18.29
C SER C 956 -4.62 0.28 -18.64
N VAL C 957 -5.23 0.13 -19.80
CA VAL C 957 -6.32 1.01 -20.22
C VAL C 957 -7.61 0.46 -19.63
N LEU C 958 -8.46 1.36 -19.14
CA LEU C 958 -9.54 0.93 -18.28
C LEU C 958 -10.65 0.25 -19.07
N ASN C 959 -11.04 0.86 -20.18
CA ASN C 959 -12.21 0.41 -20.90
C ASN C 959 -11.99 -0.95 -21.54
N ASP C 960 -10.74 -1.33 -21.78
CA ASP C 960 -10.48 -2.62 -22.38
C ASP C 960 -10.66 -3.77 -21.38
N ILE C 961 -10.23 -3.59 -20.13
CA ILE C 961 -10.51 -4.62 -19.15
C ILE C 961 -11.99 -4.63 -18.80
N LEU C 962 -12.62 -3.46 -18.76
CA LEU C 962 -14.05 -3.42 -18.47
C LEU C 962 -14.87 -4.06 -19.58
N SER C 963 -14.45 -3.88 -20.83
CA SER C 963 -15.26 -4.24 -21.98
C SER C 963 -15.32 -5.74 -22.25
N ARG C 964 -14.39 -6.52 -21.72
CA ARG C 964 -14.40 -7.95 -22.00
C ARG C 964 -14.50 -8.83 -20.76
N LEU C 965 -14.39 -8.27 -19.56
CA LEU C 965 -14.40 -9.06 -18.34
C LEU C 965 -15.65 -8.74 -17.53
N ASP C 966 -16.38 -9.78 -17.16
CA ASP C 966 -17.59 -9.56 -16.36
C ASP C 966 -17.20 -9.00 -14.99
N PRO C 967 -18.04 -8.14 -14.41
CA PRO C 967 -17.67 -7.44 -13.17
C PRO C 967 -17.25 -8.36 -12.05
N PRO C 968 -17.92 -9.51 -11.82
CA PRO C 968 -17.58 -10.33 -10.65
C PRO C 968 -16.10 -10.67 -10.52
N GLU C 969 -15.34 -10.66 -11.61
CA GLU C 969 -13.90 -10.86 -11.55
C GLU C 969 -13.09 -9.75 -12.19
N ALA C 970 -13.73 -8.83 -12.92
CA ALA C 970 -13.04 -7.62 -13.35
C ALA C 970 -12.82 -6.67 -12.20
N GLU C 971 -13.54 -6.88 -11.09
CA GLU C 971 -13.40 -6.00 -9.93
C GLU C 971 -12.00 -6.06 -9.33
N VAL C 972 -11.41 -7.24 -9.19
CA VAL C 972 -10.05 -7.31 -8.65
C VAL C 972 -9.08 -6.59 -9.58
N GLN C 973 -9.27 -6.75 -10.88
CA GLN C 973 -8.40 -6.13 -11.86
C GLN C 973 -8.46 -4.62 -11.77
N ILE C 974 -9.68 -4.09 -11.63
CA ILE C 974 -9.86 -2.65 -11.46
C ILE C 974 -9.27 -2.17 -10.14
N ASP C 975 -9.40 -2.96 -9.08
CA ASP C 975 -8.96 -2.54 -7.76
C ASP C 975 -7.45 -2.34 -7.73
N ARG C 976 -6.72 -3.24 -8.40
CA ARG C 976 -5.27 -3.10 -8.47
C ARG C 976 -4.87 -1.75 -9.08
N LEU C 977 -5.51 -1.40 -10.19
CA LEU C 977 -5.25 -0.12 -10.84
C LEU C 977 -5.62 1.05 -9.93
N ILE C 978 -6.76 0.94 -9.24
CA ILE C 978 -7.21 2.02 -8.36
C ILE C 978 -6.15 2.30 -7.30
N THR C 979 -5.69 1.25 -6.62
CA THR C 979 -4.74 1.48 -5.54
C THR C 979 -3.43 2.04 -6.07
N GLY C 980 -2.96 1.55 -7.21
CA GLY C 980 -1.72 2.08 -7.76
C GLY C 980 -1.81 3.56 -8.12
N ARG C 981 -2.86 3.94 -8.86
CA ARG C 981 -2.99 5.33 -9.28
C ARG C 981 -3.21 6.25 -8.09
N LEU C 982 -4.01 5.81 -7.12
CA LEU C 982 -4.24 6.63 -5.93
C LEU C 982 -2.94 6.87 -5.18
N GLN C 983 -2.12 5.84 -5.05
CA GLN C 983 -0.84 6.01 -4.37
C GLN C 983 0.06 6.98 -5.13
N SER C 984 0.07 6.90 -6.46
CA SER C 984 0.89 7.82 -7.25
C SER C 984 0.43 9.27 -7.06
N LEU C 985 -0.89 9.49 -7.10
CA LEU C 985 -1.43 10.83 -6.88
C LEU C 985 -1.05 11.35 -5.50
N GLN C 986 -1.12 10.49 -4.49
CA GLN C 986 -0.75 10.88 -3.14
C GLN C 986 0.70 11.30 -3.06
N THR C 987 1.59 10.56 -3.71
CA THR C 987 3.00 10.95 -3.76
C THR C 987 3.16 12.33 -4.39
N TYR C 988 2.48 12.57 -5.51
CA TYR C 988 2.58 13.88 -6.15
C TYR C 988 2.14 14.99 -5.21
N VAL C 989 1.02 14.78 -4.52
CA VAL C 989 0.49 15.83 -3.64
C VAL C 989 1.47 16.12 -2.51
N THR C 990 2.07 15.09 -1.94
CA THR C 990 3.03 15.30 -0.86
C THR C 990 4.26 16.08 -1.35
N GLN C 991 4.79 15.69 -2.52
CA GLN C 991 5.92 16.42 -3.09
C GLN C 991 5.56 17.88 -3.27
N GLN C 992 4.36 18.15 -3.78
CA GLN C 992 3.95 19.53 -3.99
C GLN C 992 3.80 20.29 -2.67
N LEU C 993 3.34 19.61 -1.61
CA LEU C 993 3.25 20.28 -0.32
C LEU C 993 4.62 20.72 0.17
N ILE C 994 5.62 19.84 0.05
CA ILE C 994 6.97 20.21 0.49
C ILE C 994 7.53 21.34 -0.37
N ARG C 995 7.34 21.25 -1.69
CA ARG C 995 7.86 22.30 -2.56
C ARG C 995 7.14 23.62 -2.32
N ALA C 996 5.86 23.56 -1.96
CA ALA C 996 5.12 24.77 -1.61
C ALA C 996 5.66 25.39 -0.34
N ALA C 997 6.02 24.56 0.63
CA ALA C 997 6.66 25.10 1.83
C ALA C 997 7.96 25.82 1.47
N GLU C 998 8.75 25.23 0.57
CA GLU C 998 9.99 25.90 0.16
C GLU C 998 9.71 27.23 -0.54
N ILE C 999 8.76 27.24 -1.47
CA ILE C 999 8.45 28.47 -2.19
C ILE C 999 7.89 29.52 -1.24
N ARG C 1000 7.13 29.09 -0.23
CA ARG C 1000 6.63 30.05 0.75
C ARG C 1000 7.75 30.64 1.57
N ALA C 1001 8.75 29.83 1.91
CA ALA C 1001 9.93 30.38 2.60
C ALA C 1001 10.61 31.43 1.72
N SER C 1002 10.75 31.14 0.44
CA SER C 1002 11.37 32.10 -0.47
C SER C 1002 10.52 33.35 -0.63
N ALA C 1003 9.20 33.20 -0.62
CA ALA C 1003 8.31 34.35 -0.76
C ALA C 1003 8.34 35.22 0.49
N ASN C 1004 8.46 34.60 1.66
CA ASN C 1004 8.62 35.36 2.89
C ASN C 1004 9.94 36.11 2.88
N LEU C 1005 11.00 35.47 2.38
CA LEU C 1005 12.28 36.18 2.24
C LEU C 1005 12.16 37.33 1.26
N ALA C 1006 11.41 37.15 0.17
CA ALA C 1006 11.24 38.22 -0.80
C ALA C 1006 10.42 39.37 -0.23
N ALA C 1007 9.40 39.06 0.56
CA ALA C 1007 8.64 40.12 1.23
C ALA C 1007 9.51 40.88 2.21
N THR C 1008 10.31 40.16 3.00
CA THR C 1008 11.24 40.82 3.90
C THR C 1008 12.23 41.69 3.14
N LYS C 1009 12.73 41.19 2.02
CA LYS C 1009 13.71 41.95 1.27
C LYS C 1009 13.09 43.20 0.66
N MET C 1010 11.85 43.09 0.17
CA MET C 1010 11.20 44.30 -0.32
C MET C 1010 11.03 45.31 0.79
N SER C 1011 10.52 44.87 1.95
CA SER C 1011 10.35 45.80 3.05
C SER C 1011 11.66 46.48 3.41
N GLU C 1012 12.72 45.71 3.65
CA GLU C 1012 13.92 46.23 4.28
C GLU C 1012 14.99 46.69 3.30
N CYS C 1013 14.81 46.50 2.00
CA CYS C 1013 15.78 47.00 1.04
C CYS C 1013 15.12 48.02 0.13
N VAL C 1014 13.86 47.77 -0.25
CA VAL C 1014 13.16 48.72 -1.11
C VAL C 1014 12.55 49.84 -0.27
N LEU C 1015 11.80 49.48 0.77
CA LEU C 1015 11.10 50.48 1.56
C LEU C 1015 11.99 51.12 2.63
N GLY C 1016 13.21 50.63 2.80
CA GLY C 1016 14.12 51.18 3.77
C GLY C 1016 15.53 51.19 3.24
N GLN C 1017 16.47 51.42 4.15
CA GLN C 1017 17.89 51.31 3.86
C GLN C 1017 18.46 50.46 4.98
N SER C 1018 19.05 49.32 4.61
CA SER C 1018 19.31 48.26 5.57
C SER C 1018 20.74 48.31 6.08
N LYS C 1019 20.89 48.16 7.40
CA LYS C 1019 22.20 48.07 8.03
C LYS C 1019 22.68 46.64 8.19
N ARG C 1020 21.89 45.66 7.73
CA ARG C 1020 22.28 44.27 7.83
C ARG C 1020 23.26 43.93 6.72
N VAL C 1021 24.45 43.48 7.10
CA VAL C 1021 25.52 43.29 6.13
C VAL C 1021 25.19 42.12 5.21
N ASP C 1022 25.48 42.27 3.93
CA ASP C 1022 25.29 41.27 2.89
C ASP C 1022 23.86 40.76 2.80
N PHE C 1023 22.89 41.55 3.26
CA PHE C 1023 21.50 41.14 3.12
C PHE C 1023 20.88 41.71 1.84
N CYS C 1024 21.25 42.94 1.48
CA CYS C 1024 20.80 43.52 0.23
C CYS C 1024 22.01 43.73 -0.69
N GLY C 1025 22.85 42.71 -0.80
CA GLY C 1025 23.96 42.74 -1.72
C GLY C 1025 25.28 43.08 -1.05
N LYS C 1026 26.37 42.80 -1.76
CA LYS C 1026 27.70 43.09 -1.24
C LYS C 1026 27.95 44.58 -1.23
N GLY C 1027 28.56 45.06 -0.16
CA GLY C 1027 28.83 46.47 0.03
C GLY C 1027 27.79 47.11 0.91
N TYR C 1028 28.07 48.35 1.30
CA TYR C 1028 27.16 49.11 2.14
C TYR C 1028 25.93 49.46 1.31
N HIS C 1029 24.77 49.06 1.81
CA HIS C 1029 23.54 49.16 1.04
C HIS C 1029 23.09 50.60 0.91
N LEU C 1030 22.81 51.02 -0.32
CA LEU C 1030 22.25 52.34 -0.57
C LEU C 1030 20.75 52.28 -0.77
N MET C 1031 20.28 51.53 -1.76
CA MET C 1031 18.86 51.53 -2.10
C MET C 1031 18.62 50.39 -3.09
N SER C 1032 17.37 49.97 -3.19
CA SER C 1032 17.06 48.80 -3.99
C SER C 1032 15.83 49.03 -4.85
N PHE C 1033 15.82 48.37 -6.00
CA PHE C 1033 14.78 48.53 -7.02
C PHE C 1033 14.17 47.17 -7.30
N PRO C 1034 12.88 46.98 -7.07
CA PRO C 1034 12.24 45.73 -7.48
C PRO C 1034 11.94 45.71 -8.97
N GLN C 1035 12.06 44.54 -9.55
CA GLN C 1035 11.60 44.29 -10.90
C GLN C 1035 10.87 42.95 -10.92
N SER C 1036 9.69 42.95 -11.51
CA SER C 1036 8.91 41.72 -11.56
C SER C 1036 9.47 40.78 -12.61
N ALA C 1037 9.39 39.49 -12.31
CA ALA C 1037 9.78 38.45 -13.24
C ALA C 1037 8.69 37.39 -13.20
N PRO C 1038 8.58 36.56 -14.25
CA PRO C 1038 7.57 35.50 -14.22
C PRO C 1038 7.80 34.57 -13.04
N HIS C 1039 6.84 34.60 -12.11
CA HIS C 1039 6.83 33.74 -10.92
C HIS C 1039 7.91 34.11 -9.92
N GLY C 1040 8.28 35.39 -9.87
CA GLY C 1040 9.31 35.79 -8.93
C GLY C 1040 9.55 37.27 -9.01
N VAL C 1041 10.60 37.71 -8.33
CA VAL C 1041 10.98 39.11 -8.28
C VAL C 1041 12.49 39.21 -8.43
N VAL C 1042 12.94 40.29 -9.07
CA VAL C 1042 14.36 40.58 -9.23
C VAL C 1042 14.66 41.88 -8.52
N PHE C 1043 15.70 41.89 -7.69
CA PHE C 1043 16.09 43.07 -6.94
C PHE C 1043 17.37 43.63 -7.52
N LEU C 1044 17.37 44.93 -7.76
CA LEU C 1044 18.58 45.64 -8.17
C LEU C 1044 19.10 46.38 -6.95
N HIS C 1045 20.19 45.90 -6.38
CA HIS C 1045 20.74 46.43 -5.14
C HIS C 1045 21.87 47.40 -5.47
N VAL C 1046 21.70 48.65 -5.06
CA VAL C 1046 22.70 49.69 -5.29
C VAL C 1046 23.54 49.80 -4.02
N THR C 1047 24.85 49.64 -4.14
CA THR C 1047 25.73 49.55 -2.99
C THR C 1047 26.94 50.45 -3.18
N TYR C 1048 27.54 50.82 -2.05
CA TYR C 1048 28.74 51.64 -2.02
C TYR C 1048 29.92 50.72 -1.73
N VAL C 1049 30.95 50.78 -2.56
CA VAL C 1049 32.13 49.94 -2.41
C VAL C 1049 33.38 50.81 -2.45
N PRO C 1050 34.27 50.72 -1.47
CA PRO C 1050 35.54 51.45 -1.54
C PRO C 1050 36.41 50.96 -2.69
N ALA C 1051 37.25 51.86 -3.22
CA ALA C 1051 38.01 51.55 -4.42
C ALA C 1051 39.53 51.55 -4.24
N GLN C 1052 40.13 52.65 -3.77
CA GLN C 1052 41.57 52.75 -3.64
C GLN C 1052 41.95 53.33 -2.31
N GLU C 1053 42.94 52.72 -1.69
CA GLU C 1053 43.33 53.02 -0.33
C GLU C 1053 44.80 53.38 -0.31
N LYS C 1054 45.20 54.04 0.77
CA LYS C 1054 46.59 54.33 1.04
C LYS C 1054 46.86 53.89 2.47
N ASN C 1055 48.10 53.48 2.72
CA ASN C 1055 48.48 53.10 4.07
C ASN C 1055 48.90 54.34 4.84
N PHE C 1056 48.32 54.50 6.03
CA PHE C 1056 48.57 55.66 6.89
C PHE C 1056 48.98 55.21 8.28
N THR C 1057 49.92 55.92 8.86
CA THR C 1057 50.26 55.73 10.26
C THR C 1057 49.14 56.28 11.12
N THR C 1058 48.90 55.65 12.27
CA THR C 1058 47.81 56.03 13.15
C THR C 1058 48.30 56.18 14.58
N ALA C 1059 47.36 56.62 15.43
CA ALA C 1059 47.48 56.70 16.87
C ALA C 1059 46.09 57.02 17.38
N PRO C 1060 45.64 56.38 18.46
CA PRO C 1060 44.28 56.64 18.94
C PRO C 1060 44.13 57.88 19.82
N ALA C 1061 45.13 58.74 19.95
CA ALA C 1061 44.97 59.90 20.82
C ALA C 1061 46.10 60.90 20.57
N ILE C 1062 45.91 62.11 21.09
CA ILE C 1062 46.83 63.22 20.91
C ILE C 1062 47.08 63.85 22.27
N CYS C 1063 48.35 64.16 22.55
CA CYS C 1063 48.69 64.96 23.73
C CYS C 1063 48.64 66.44 23.38
N HIS C 1064 48.08 67.24 24.28
CA HIS C 1064 48.24 68.69 24.23
C HIS C 1064 48.36 69.20 25.66
N ASP C 1065 49.46 69.92 25.93
CA ASP C 1065 49.80 70.45 27.26
C ASP C 1065 49.44 69.48 28.38
N GLY C 1066 49.70 68.19 28.16
CA GLY C 1066 49.42 67.15 29.12
C GLY C 1066 48.04 66.55 28.99
N LYS C 1067 47.30 66.89 27.94
CA LYS C 1067 45.90 66.50 27.84
C LYS C 1067 45.71 65.57 26.64
N ALA C 1068 44.80 64.59 26.79
CA ALA C 1068 44.65 63.51 25.82
C ALA C 1068 43.33 63.63 25.07
N HIS C 1069 43.42 63.82 23.75
CA HIS C 1069 42.25 64.06 22.90
C HIS C 1069 41.94 62.83 22.07
N PHE C 1070 40.64 62.56 21.88
CA PHE C 1070 40.08 61.43 21.15
C PHE C 1070 39.16 61.92 20.04
N PRO C 1071 38.98 61.15 18.96
CA PRO C 1071 38.23 61.67 17.82
C PRO C 1071 36.73 61.61 18.07
N ARG C 1072 36.05 62.74 17.83
CA ARG C 1072 34.60 62.71 17.85
C ARG C 1072 34.06 61.80 16.76
N GLU C 1073 34.62 61.91 15.56
CA GLU C 1073 34.22 61.10 14.42
C GLU C 1073 35.43 60.84 13.54
N GLY C 1074 35.64 59.57 13.21
CA GLY C 1074 36.73 59.21 12.34
C GLY C 1074 37.98 58.79 13.09
N VAL C 1075 39.09 58.83 12.36
CA VAL C 1075 40.37 58.32 12.84
C VAL C 1075 41.47 59.34 12.58
N PHE C 1076 42.57 59.18 13.31
CA PHE C 1076 43.74 60.02 13.13
C PHE C 1076 44.69 59.37 12.14
N VAL C 1077 45.27 60.18 11.25
CA VAL C 1077 46.16 59.69 10.20
C VAL C 1077 47.26 60.70 9.96
N SER C 1078 48.32 60.25 9.28
CA SER C 1078 49.46 61.10 8.99
C SER C 1078 50.10 60.70 7.68
N ASN C 1079 50.65 61.69 6.96
CA ASN C 1079 51.58 61.44 5.88
C ASN C 1079 52.95 61.04 6.38
N GLY C 1080 53.28 61.38 7.62
CA GLY C 1080 54.61 61.25 8.17
C GLY C 1080 55.20 62.55 8.66
N THR C 1081 54.54 63.68 8.39
CA THR C 1081 54.99 64.96 8.92
C THR C 1081 53.86 65.62 9.71
N HIS C 1082 52.65 65.53 9.21
CA HIS C 1082 51.51 66.22 9.79
C HIS C 1082 50.36 65.25 10.03
N TRP C 1083 49.61 65.52 11.10
CA TRP C 1083 48.56 64.64 11.59
C TRP C 1083 47.19 65.19 11.24
N PHE C 1084 46.34 64.33 10.69
CA PHE C 1084 44.99 64.75 10.29
C PHE C 1084 43.97 63.77 10.86
N VAL C 1085 42.79 64.32 11.15
CA VAL C 1085 41.60 63.54 11.46
C VAL C 1085 40.85 63.33 10.16
N THR C 1086 40.27 62.15 9.99
CA THR C 1086 39.45 61.92 8.81
C THR C 1086 38.35 60.94 9.14
N GLN C 1087 37.27 61.00 8.36
CA GLN C 1087 36.21 60.03 8.49
C GLN C 1087 36.67 58.68 7.99
N ARG C 1088 35.90 57.64 8.29
CA ARG C 1088 36.48 56.29 8.29
C ARG C 1088 36.38 55.61 6.93
N ASN C 1089 35.50 56.06 6.04
CA ASN C 1089 35.32 55.40 4.76
C ASN C 1089 35.65 56.29 3.56
N PHE C 1090 36.31 57.41 3.78
CA PHE C 1090 36.64 58.30 2.68
C PHE C 1090 37.73 59.26 3.11
N TYR C 1091 38.91 59.18 2.50
CA TYR C 1091 40.01 60.02 2.94
C TYR C 1091 39.67 61.49 2.76
N GLU C 1092 39.45 62.18 3.87
CA GLU C 1092 39.31 63.62 3.95
C GLU C 1092 40.02 64.14 5.18
N PRO C 1093 41.27 64.55 5.07
CA PRO C 1093 41.98 65.10 6.24
C PRO C 1093 41.41 66.44 6.66
N GLN C 1094 41.46 66.71 7.96
CA GLN C 1094 41.27 68.06 8.48
C GLN C 1094 42.27 68.32 9.60
N ILE C 1095 42.69 69.58 9.70
CA ILE C 1095 43.46 70.01 10.85
C ILE C 1095 42.70 69.66 12.11
N ILE C 1096 43.41 69.12 13.10
CA ILE C 1096 42.78 68.68 14.33
C ILE C 1096 42.49 69.90 15.18
N THR C 1097 41.22 70.07 15.54
CA THR C 1097 40.80 71.23 16.31
C THR C 1097 40.03 70.74 17.53
N THR C 1098 39.81 71.65 18.48
CA THR C 1098 39.02 71.28 19.64
C THR C 1098 37.59 70.94 19.28
N ASP C 1099 37.15 71.31 18.08
CA ASP C 1099 35.75 71.15 17.69
C ASP C 1099 35.47 69.88 16.89
N ASN C 1100 36.47 69.05 16.60
CA ASN C 1100 36.20 67.75 16.01
C ASN C 1100 36.76 66.59 16.83
N THR C 1101 37.51 66.87 17.90
CA THR C 1101 37.91 65.87 18.87
C THR C 1101 37.39 66.28 20.24
N PHE C 1102 37.46 65.34 21.18
CA PHE C 1102 37.04 65.64 22.54
C PHE C 1102 38.09 65.13 23.52
N VAL C 1103 38.03 65.71 24.72
CA VAL C 1103 39.05 65.55 25.75
C VAL C 1103 38.63 64.47 26.73
N SER C 1104 39.60 63.70 27.22
CA SER C 1104 39.32 62.70 28.25
C SER C 1104 40.63 62.25 28.90
N GLY C 1105 40.71 62.39 30.23
CA GLY C 1105 41.86 61.88 30.94
C GLY C 1105 43.12 62.70 30.68
N ASN C 1106 44.26 62.03 30.81
CA ASN C 1106 45.55 62.65 30.54
C ASN C 1106 46.42 61.65 29.78
N CYS C 1107 47.59 62.14 29.35
CA CYS C 1107 48.44 61.38 28.45
C CYS C 1107 48.98 60.08 29.05
N ASP C 1108 49.11 59.99 30.37
CA ASP C 1108 49.90 58.93 30.95
C ASP C 1108 49.15 57.61 31.13
N VAL C 1109 47.96 57.47 30.54
CA VAL C 1109 47.15 56.27 30.75
C VAL C 1109 47.00 55.45 29.47
N VAL C 1110 46.68 56.08 28.35
CA VAL C 1110 46.43 55.35 27.11
C VAL C 1110 47.78 54.92 26.53
N ILE C 1111 47.77 53.79 25.82
CA ILE C 1111 49.01 53.24 25.29
C ILE C 1111 49.08 53.50 23.79
N GLY C 1112 50.21 54.02 23.33
CA GLY C 1112 50.35 54.35 21.93
C GLY C 1112 49.68 55.66 21.55
N ILE C 1113 50.18 56.76 22.09
CA ILE C 1113 49.66 58.09 21.83
C ILE C 1113 50.79 58.99 21.38
N VAL C 1114 50.47 59.97 20.53
CA VAL C 1114 51.47 60.82 19.91
C VAL C 1114 51.19 62.27 20.27
N ASN C 1115 52.27 63.05 20.32
CA ASN C 1115 52.19 64.47 20.63
C ASN C 1115 51.94 65.29 19.38
N ASN C 1116 50.93 66.15 19.44
CA ASN C 1116 50.69 67.16 18.41
C ASN C 1116 50.09 68.40 19.03
N THR C 1117 49.94 69.42 18.22
CA THR C 1117 49.27 70.65 18.61
C THR C 1117 47.87 70.64 18.01
N VAL C 1118 46.91 71.11 18.80
CA VAL C 1118 45.51 71.22 18.39
C VAL C 1118 45.12 72.68 18.49
N TYR C 1119 44.36 73.15 17.50
CA TYR C 1119 44.10 74.57 17.36
C TYR C 1119 42.74 74.94 17.93
N ASP C 1120 42.74 75.95 18.79
CA ASP C 1120 41.53 76.46 19.42
C ASP C 1120 41.13 77.72 18.68
N PRO C 1121 40.00 77.72 17.96
CA PRO C 1121 39.69 78.83 17.05
C PRO C 1121 39.57 80.20 17.71
N LEU C 1122 39.55 80.25 19.04
CA LEU C 1122 39.22 81.50 19.71
C LEU C 1122 40.39 82.50 19.70
N GLN C 1123 41.62 82.01 19.87
CA GLN C 1123 42.76 82.90 20.04
C GLN C 1123 43.03 83.77 18.81
N PRO C 1124 43.10 83.21 17.59
CA PRO C 1124 43.29 84.06 16.42
C PRO C 1124 42.20 85.09 16.26
N GLU C 1125 40.96 84.76 16.62
CA GLU C 1125 39.88 85.71 16.52
C GLU C 1125 39.99 86.81 17.57
N LEU C 1126 40.47 86.48 18.77
CA LEU C 1126 40.55 87.45 19.85
C LEU C 1126 41.77 88.36 19.76
N ASP C 1127 42.89 87.84 19.30
CA ASP C 1127 44.14 88.61 19.24
C ASP C 1127 44.11 89.61 18.10
N VAL D 2 13.09 -58.57 55.29
CA VAL D 2 12.09 -59.43 54.69
C VAL D 2 12.20 -60.81 55.33
N GLN D 3 11.17 -61.63 55.22
CA GLN D 3 11.19 -63.00 55.69
C GLN D 3 10.79 -63.92 54.55
N LEU D 4 11.58 -64.95 54.32
CA LEU D 4 11.39 -65.81 53.16
C LEU D 4 11.04 -67.20 53.67
N VAL D 5 10.14 -67.90 52.98
CA VAL D 5 9.79 -69.27 53.37
C VAL D 5 9.93 -70.15 52.12
N GLU D 6 10.67 -71.25 52.25
CA GLU D 6 10.80 -72.19 51.15
C GLU D 6 9.75 -73.31 51.24
N SER D 7 9.41 -73.86 50.08
CA SER D 7 8.45 -74.95 50.02
C SER D 7 8.60 -75.67 48.68
N GLY D 8 7.95 -76.81 48.57
CA GLY D 8 7.98 -77.59 47.34
C GLY D 8 9.01 -78.70 47.32
N GLY D 9 9.81 -78.85 48.37
CA GLY D 9 10.83 -79.89 48.40
C GLY D 9 10.26 -81.18 48.96
N GLY D 10 10.47 -82.27 48.24
CA GLY D 10 9.95 -83.56 48.64
C GLY D 10 10.70 -84.69 47.97
N LEU D 11 10.27 -85.91 48.30
CA LEU D 11 10.92 -87.10 47.77
C LEU D 11 10.58 -87.30 46.30
N VAL D 12 11.59 -87.61 45.50
CA VAL D 12 11.39 -87.90 44.09
C VAL D 12 12.54 -88.79 43.63
N LYS D 13 12.25 -89.65 42.65
CA LYS D 13 13.26 -90.55 42.13
C LYS D 13 14.20 -89.80 41.17
N PRO D 14 15.45 -90.25 41.05
CA PRO D 14 16.38 -89.55 40.15
C PRO D 14 15.86 -89.55 38.72
N GLY D 15 16.08 -88.42 38.04
CA GLY D 15 15.54 -88.19 36.73
C GLY D 15 14.18 -87.53 36.69
N GLY D 16 13.56 -87.30 37.85
CA GLY D 16 12.24 -86.73 37.92
C GLY D 16 12.24 -85.22 37.72
N SER D 17 11.33 -84.57 38.44
CA SER D 17 11.21 -83.12 38.40
C SER D 17 10.53 -82.62 39.67
N LEU D 18 10.69 -81.33 39.92
CA LEU D 18 10.16 -80.65 41.09
C LEU D 18 10.20 -79.15 40.81
N ARG D 19 9.64 -78.36 41.71
CA ARG D 19 9.68 -76.90 41.58
C ARG D 19 9.70 -76.30 42.97
N LEU D 20 10.84 -75.72 43.35
CA LEU D 20 10.93 -75.11 44.67
C LEU D 20 10.24 -73.75 44.68
N SER D 21 9.86 -73.33 45.89
CA SER D 21 9.11 -72.10 46.08
C SER D 21 9.78 -71.29 47.17
N CYS D 22 9.62 -69.97 47.10
CA CYS D 22 10.23 -69.06 48.07
C CYS D 22 9.43 -67.75 48.06
N ALA D 23 8.54 -67.60 49.03
CA ALA D 23 7.69 -66.43 49.13
C ALA D 23 8.28 -65.39 50.08
N ALA D 24 8.05 -64.12 49.81
CA ALA D 24 8.61 -63.04 50.59
C ALA D 24 7.62 -62.48 51.60
N SER D 25 8.10 -61.56 52.44
CA SER D 25 7.27 -61.04 53.52
C SER D 25 6.66 -59.69 53.16
N GLU D 26 7.48 -58.68 52.87
CA GLU D 26 6.97 -57.39 52.41
C GLU D 26 7.51 -57.10 51.01
N PHE D 27 6.89 -56.13 50.35
CA PHE D 27 7.13 -55.84 48.94
C PHE D 27 8.57 -55.41 48.63
N THR D 28 9.43 -55.30 49.65
CA THR D 28 10.85 -55.10 49.41
C THR D 28 11.53 -56.30 48.75
N PHE D 29 10.76 -57.34 48.41
CA PHE D 29 11.26 -58.44 47.60
C PHE D 29 11.94 -57.95 46.33
N SER D 30 11.37 -56.97 45.64
CA SER D 30 11.89 -56.55 44.34
C SER D 30 13.32 -56.03 44.45
N SER D 31 13.65 -55.35 45.54
CA SER D 31 14.96 -54.73 45.72
C SER D 31 16.03 -55.75 46.08
N TYR D 32 15.75 -57.04 45.95
CA TYR D 32 16.65 -58.10 46.36
C TYR D 32 16.93 -59.04 45.19
N SER D 33 18.20 -59.19 44.86
CA SER D 33 18.64 -60.34 44.07
C SER D 33 18.63 -61.59 44.95
N MET D 34 18.05 -62.67 44.42
CA MET D 34 17.94 -63.92 45.15
C MET D 34 19.01 -64.89 44.67
N ASN D 35 19.25 -65.89 45.52
CA ASN D 35 20.24 -66.93 45.30
C ASN D 35 19.72 -68.20 45.94
N TRP D 36 19.93 -69.32 45.26
CA TRP D 36 19.68 -70.63 45.82
C TRP D 36 21.01 -71.25 46.21
N VAL D 37 21.03 -71.92 47.37
CA VAL D 37 22.20 -72.67 47.83
C VAL D 37 21.70 -73.93 48.55
N ARG D 38 22.35 -75.06 48.29
CA ARG D 38 21.98 -76.32 48.91
C ARG D 38 22.70 -76.49 50.23
N GLN D 39 22.25 -77.50 50.98
CA GLN D 39 23.04 -78.17 52.02
C GLN D 39 22.94 -79.67 51.83
N ALA D 40 24.00 -80.27 51.28
CA ALA D 40 24.12 -81.71 51.36
C ALA D 40 24.10 -82.10 52.83
N PRO D 41 23.44 -83.22 53.17
CA PRO D 41 23.10 -83.49 54.58
C PRO D 41 24.27 -83.44 55.54
N GLY D 42 25.52 -83.49 55.06
CA GLY D 42 26.66 -83.37 55.95
C GLY D 42 27.79 -82.55 55.36
N LYS D 43 27.46 -81.64 54.43
CA LYS D 43 28.49 -80.86 53.74
C LYS D 43 28.20 -79.36 53.89
N GLY D 44 29.10 -78.55 53.32
CA GLY D 44 29.05 -77.12 53.52
C GLY D 44 28.20 -76.41 52.48
N LEU D 45 28.12 -75.09 52.63
CA LEU D 45 27.36 -74.24 51.73
C LEU D 45 28.04 -74.36 50.37
N GLU D 46 27.27 -74.50 49.29
CA GLU D 46 27.93 -74.59 47.98
C GLU D 46 26.92 -74.11 46.94
N TRP D 47 27.25 -73.01 46.26
CA TRP D 47 26.27 -72.15 45.60
C TRP D 47 25.55 -72.86 44.47
N VAL D 48 24.28 -72.55 44.28
CA VAL D 48 23.47 -73.11 43.20
C VAL D 48 23.36 -72.15 42.01
N SER D 49 22.72 -71.00 42.19
CA SER D 49 22.50 -70.11 41.06
C SER D 49 22.02 -68.75 41.57
N SER D 50 21.99 -67.78 40.66
CA SER D 50 21.64 -66.41 41.01
C SER D 50 20.82 -65.75 39.90
N ILE D 51 20.07 -64.74 40.31
CA ILE D 51 19.06 -64.05 39.51
C ILE D 51 18.84 -62.66 40.11
N SER D 52 18.82 -61.64 39.25
CA SER D 52 18.89 -60.25 39.71
C SER D 52 17.51 -59.68 40.02
N SER D 53 17.48 -58.42 40.45
CA SER D 53 16.21 -57.79 40.81
C SER D 53 15.26 -57.67 39.62
N SER D 54 15.80 -57.30 38.45
CA SER D 54 15.01 -57.25 37.23
C SER D 54 14.84 -58.62 36.62
N GLY D 55 15.62 -59.60 37.07
CA GLY D 55 15.57 -60.91 36.49
C GLY D 55 16.25 -61.04 35.15
N SER D 56 17.24 -60.19 34.86
CA SER D 56 17.84 -60.10 33.54
C SER D 56 19.27 -60.63 33.47
N GLN D 57 19.91 -60.89 34.62
CA GLN D 57 21.02 -61.83 34.71
C GLN D 57 20.40 -63.13 35.21
N ILE D 58 20.80 -64.27 34.64
CA ILE D 58 20.57 -65.56 35.29
C ILE D 58 21.86 -66.36 35.19
N TYR D 59 22.39 -66.76 36.35
CA TYR D 59 23.69 -67.43 36.42
C TYR D 59 23.56 -68.66 37.29
N TYR D 60 23.96 -69.81 36.76
CA TYR D 60 23.85 -71.09 37.47
C TYR D 60 25.25 -71.59 37.80
N ALA D 61 25.30 -72.57 38.70
CA ALA D 61 26.55 -73.27 38.94
C ALA D 61 26.82 -74.26 37.81
N ASP D 62 28.09 -74.63 37.65
CA ASP D 62 28.47 -75.54 36.57
C ASP D 62 27.83 -76.91 36.72
N SER D 63 27.76 -77.43 37.94
CA SER D 63 27.19 -78.75 38.20
C SER D 63 25.71 -78.81 37.87
N VAL D 64 25.08 -77.66 37.62
CA VAL D 64 23.63 -77.56 37.50
C VAL D 64 23.19 -76.87 36.22
N LYS D 65 24.12 -76.48 35.35
CA LYS D 65 23.74 -75.79 34.12
C LYS D 65 22.86 -76.68 33.27
N GLY D 66 21.90 -76.08 32.58
CA GLY D 66 21.06 -76.82 31.66
C GLY D 66 20.04 -77.72 32.31
N ARG D 67 20.11 -77.89 33.62
CA ARG D 67 19.02 -78.46 34.39
C ARG D 67 18.06 -77.39 34.87
N PHE D 68 18.57 -76.39 35.56
CA PHE D 68 17.76 -75.52 36.37
C PHE D 68 17.44 -74.23 35.64
N THR D 69 16.22 -73.73 35.84
CA THR D 69 15.78 -72.46 35.30
C THR D 69 15.16 -71.70 36.45
N ILE D 70 15.84 -70.69 36.93
CA ILE D 70 15.29 -69.89 38.01
C ILE D 70 14.44 -68.79 37.41
N SER D 71 13.25 -68.66 37.96
CA SER D 71 12.36 -67.61 37.50
C SER D 71 11.88 -66.86 38.73
N ARG D 72 11.56 -65.60 38.50
CA ARG D 72 11.19 -64.63 39.52
C ARG D 72 10.01 -63.79 39.04
N ASP D 73 9.01 -63.68 39.91
CA ASP D 73 7.84 -62.83 39.65
C ASP D 73 7.61 -61.92 40.86
N ASN D 74 7.97 -60.66 40.68
CA ASN D 74 7.84 -59.62 41.69
C ASN D 74 6.39 -59.29 42.01
N ALA D 75 5.49 -59.39 41.02
CA ALA D 75 4.08 -59.13 41.25
C ALA D 75 3.49 -60.14 42.23
N LYS D 76 3.69 -61.43 42.00
CA LYS D 76 3.37 -62.43 43.00
C LYS D 76 4.45 -62.55 44.05
N LYS D 77 5.58 -61.89 43.85
CA LYS D 77 6.47 -61.54 44.94
C LYS D 77 7.08 -62.80 45.56
N SER D 78 7.59 -63.65 44.67
CA SER D 78 8.10 -64.97 45.04
C SER D 78 9.21 -65.39 44.10
N LEU D 79 9.95 -66.42 44.50
CA LEU D 79 11.07 -66.94 43.76
C LEU D 79 10.85 -68.42 43.47
N TYR D 80 11.20 -68.85 42.25
CA TYR D 80 10.97 -70.21 41.82
C TYR D 80 12.27 -70.82 41.30
N LEU D 81 12.40 -72.13 41.47
CA LEU D 81 13.53 -72.91 40.96
C LEU D 81 13.01 -74.16 40.27
N GLN D 82 13.41 -74.36 39.01
CA GLN D 82 13.10 -75.57 38.27
C GLN D 82 13.94 -76.71 38.82
N MET D 83 13.33 -77.90 38.90
CA MET D 83 14.00 -79.19 39.04
C MET D 83 13.79 -79.91 37.73
N ASN D 84 14.83 -80.67 37.35
CA ASN D 84 14.91 -81.30 36.07
C ASN D 84 15.86 -82.50 36.23
N SER D 85 15.69 -83.56 35.44
CA SER D 85 16.77 -84.53 35.14
C SER D 85 17.73 -84.79 36.32
N LEU D 86 17.24 -85.37 37.42
CA LEU D 86 17.98 -85.35 38.68
C LEU D 86 19.21 -86.26 38.71
N ARG D 87 20.35 -85.69 39.16
CA ARG D 87 21.38 -86.33 39.98
C ARG D 87 20.72 -87.16 41.07
N VAL D 88 21.50 -87.97 41.79
CA VAL D 88 21.13 -88.33 43.17
C VAL D 88 21.66 -87.29 44.17
N GLU D 89 22.88 -86.79 43.96
CA GLU D 89 23.42 -85.80 44.89
C GLU D 89 22.83 -84.39 44.68
N ASP D 90 21.68 -84.27 44.02
CA ASP D 90 20.84 -83.09 44.21
C ASP D 90 20.11 -83.11 45.54
N THR D 91 20.15 -84.22 46.27
CA THR D 91 19.51 -84.29 47.57
C THR D 91 20.18 -83.33 48.54
N ALA D 92 19.38 -82.48 49.17
CA ALA D 92 19.91 -81.43 50.04
C ALA D 92 18.73 -80.67 50.64
N VAL D 93 19.06 -79.79 51.57
CA VAL D 93 18.16 -78.71 51.98
C VAL D 93 18.50 -77.47 51.16
N TYR D 94 17.48 -76.83 50.61
CA TYR D 94 17.68 -75.73 49.68
C TYR D 94 17.32 -74.40 50.35
N TYR D 95 18.22 -73.43 50.22
CA TYR D 95 18.06 -72.12 50.82
C TYR D 95 17.86 -71.08 49.74
N CYS D 96 16.89 -70.19 49.95
CA CYS D 96 16.72 -69.02 49.09
C CYS D 96 17.17 -67.78 49.86
N ALA D 97 18.12 -67.04 49.27
CA ALA D 97 18.94 -66.08 50.00
C ALA D 97 19.01 -64.73 49.28
N THR D 98 18.87 -63.65 50.04
CA THR D 98 18.78 -62.29 49.50
C THR D 98 20.17 -61.69 49.42
N ASN D 99 20.53 -61.16 48.25
CA ASN D 99 21.81 -60.46 48.14
C ASN D 99 21.66 -58.98 48.48
N GLY D 100 20.73 -58.29 47.82
CA GLY D 100 20.56 -56.87 48.02
C GLY D 100 21.14 -56.05 46.88
N GLY D 101 22.13 -56.60 46.19
CA GLY D 101 22.59 -55.98 44.96
C GLY D 101 21.56 -56.10 43.86
N ALA D 102 21.69 -55.26 42.84
CA ALA D 102 20.68 -55.22 41.79
C ALA D 102 21.09 -55.97 40.53
N HIS D 103 22.36 -55.88 40.13
CA HIS D 103 22.80 -56.40 38.85
C HIS D 103 24.07 -57.23 39.05
N SER D 104 24.65 -57.61 37.90
CA SER D 104 25.84 -58.44 37.88
C SER D 104 26.97 -57.84 38.69
N SER D 105 27.13 -56.53 38.61
CA SER D 105 28.35 -55.87 39.02
C SER D 105 28.37 -55.52 40.49
N THR D 106 27.27 -55.74 41.21
CA THR D 106 27.19 -55.33 42.60
C THR D 106 27.01 -56.49 43.55
N TRP D 107 26.93 -57.72 43.05
CA TRP D 107 26.74 -58.87 43.91
C TRP D 107 27.97 -59.10 44.79
N SER D 108 29.13 -58.64 44.33
CA SER D 108 30.36 -58.79 45.11
C SER D 108 30.47 -57.81 46.27
N PHE D 109 29.59 -56.80 46.33
CA PHE D 109 29.70 -55.78 47.37
C PHE D 109 28.84 -56.07 48.58
N TYR D 110 27.90 -57.01 48.49
CA TYR D 110 27.03 -57.33 49.60
C TYR D 110 27.18 -58.77 50.03
N GLY D 111 26.69 -59.03 51.23
CA GLY D 111 26.50 -60.38 51.71
C GLY D 111 25.08 -60.82 51.43
N MET D 112 24.93 -62.14 51.39
CA MET D 112 23.68 -62.83 51.08
C MET D 112 22.82 -62.79 52.33
N ASP D 113 21.97 -61.79 52.54
CA ASP D 113 21.81 -61.50 53.96
C ASP D 113 20.43 -61.86 54.56
N VAL D 114 19.36 -61.99 53.78
CA VAL D 114 18.10 -62.54 54.33
C VAL D 114 17.84 -63.92 53.74
N TRP D 115 17.44 -64.84 54.61
CA TRP D 115 17.55 -66.30 54.47
C TRP D 115 16.31 -67.01 55.00
N GLY D 116 15.54 -67.59 54.10
CA GLY D 116 14.42 -68.42 54.52
C GLY D 116 14.87 -69.76 55.05
N GLN D 117 14.08 -70.30 55.99
CA GLN D 117 14.34 -71.64 56.48
C GLN D 117 14.15 -72.66 55.36
N GLY D 118 15.20 -73.41 55.07
CA GLY D 118 15.26 -74.17 53.84
C GLY D 118 14.27 -75.31 53.77
N THR D 119 14.11 -75.82 52.54
CA THR D 119 13.28 -76.97 52.25
C THR D 119 14.17 -78.15 51.87
N THR D 120 13.85 -79.33 52.38
CA THR D 120 14.67 -80.52 52.17
C THR D 120 14.20 -81.24 50.92
N VAL D 121 15.13 -81.52 50.02
CA VAL D 121 14.86 -82.33 48.83
C VAL D 121 15.65 -83.62 48.96
N THR D 122 14.96 -84.74 48.93
CA THR D 122 15.58 -86.06 48.97
C THR D 122 15.35 -86.76 47.63
N VAL D 123 16.43 -87.28 47.06
CA VAL D 123 16.38 -87.86 45.72
C VAL D 123 16.82 -89.31 45.85
N SER D 124 15.85 -90.22 45.94
CA SER D 124 16.16 -91.63 46.16
C SER D 124 15.28 -92.49 45.26
N SER D 125 15.82 -93.63 44.86
CA SER D 125 15.09 -94.59 44.05
C SER D 125 14.06 -95.35 44.89
N TYR E 2 37.16 -71.99 41.12
CA TYR E 2 37.83 -71.24 42.18
C TYR E 2 37.67 -71.96 43.52
N GLU E 3 38.66 -71.83 44.39
CA GLU E 3 38.72 -72.61 45.62
C GLU E 3 38.89 -71.70 46.82
N LEU E 4 38.29 -72.10 47.94
CA LEU E 4 38.49 -71.47 49.22
C LEU E 4 38.90 -72.54 50.22
N THR E 5 40.06 -72.36 50.84
CA THR E 5 40.61 -73.37 51.74
C THR E 5 40.50 -72.85 53.17
N GLN E 6 39.86 -73.64 54.02
CA GLN E 6 39.64 -73.28 55.41
C GLN E 6 40.05 -74.43 56.30
N PRO E 7 40.63 -74.14 57.47
CA PRO E 7 40.98 -75.21 58.41
C PRO E 7 39.74 -75.95 58.85
N PRO E 8 39.81 -77.28 58.96
CA PRO E 8 38.61 -78.05 59.34
C PRO E 8 37.99 -77.60 60.65
N SER E 9 38.79 -77.32 61.68
CA SER E 9 38.25 -76.98 62.99
C SER E 9 39.22 -76.08 63.73
N VAL E 10 38.67 -75.22 64.58
CA VAL E 10 39.45 -74.38 65.49
C VAL E 10 38.81 -74.46 66.87
N SER E 11 39.64 -74.56 67.90
CA SER E 11 39.17 -74.69 69.28
C SER E 11 39.79 -73.59 70.13
N VAL E 12 38.94 -72.81 70.79
CA VAL E 12 39.37 -71.78 71.71
C VAL E 12 38.54 -71.86 72.99
N SER E 13 39.20 -71.68 74.13
CA SER E 13 38.50 -71.66 75.39
C SER E 13 37.68 -70.37 75.51
N PRO E 14 36.52 -70.42 76.18
CA PRO E 14 35.70 -69.22 76.32
C PRO E 14 36.44 -68.09 77.02
N GLY E 15 36.19 -66.87 76.57
CA GLY E 15 36.92 -65.71 77.01
C GLY E 15 38.20 -65.43 76.23
N GLN E 16 38.62 -66.33 75.35
CA GLN E 16 39.85 -66.16 74.58
C GLN E 16 39.58 -65.49 73.24
N THR E 17 40.56 -65.57 72.34
CA THR E 17 40.52 -64.95 71.03
C THR E 17 40.56 -66.01 69.93
N ALA E 18 39.54 -66.03 69.08
CA ALA E 18 39.47 -66.94 67.96
C ALA E 18 40.12 -66.31 66.73
N THR E 19 40.63 -67.16 65.84
CA THR E 19 41.27 -66.68 64.62
C THR E 19 41.03 -67.71 63.52
N ILE E 20 40.63 -67.25 62.34
CA ILE E 20 40.12 -68.10 61.27
C ILE E 20 40.53 -67.49 59.93
N THR E 21 41.17 -68.28 59.08
CA THR E 21 41.67 -67.80 57.79
C THR E 21 40.87 -68.40 56.64
N CYS E 22 41.24 -67.97 55.43
CA CYS E 22 40.63 -68.40 54.17
C CYS E 22 41.66 -68.22 53.06
N SER E 23 42.25 -69.32 52.60
CA SER E 23 43.35 -69.27 51.65
C SER E 23 42.88 -69.72 50.27
N GLY E 24 43.66 -69.34 49.26
CA GLY E 24 43.31 -69.56 47.87
C GLY E 24 44.06 -68.55 47.02
N ASP E 25 43.72 -68.52 45.74
CA ASP E 25 44.53 -67.80 44.75
C ASP E 25 44.22 -66.31 44.78
N LYS E 26 45.27 -65.48 44.88
CA LYS E 26 45.21 -64.03 44.66
C LYS E 26 43.97 -63.39 45.29
N LEU E 27 43.69 -63.80 46.54
CA LEU E 27 42.36 -63.60 47.13
C LEU E 27 42.02 -62.14 47.38
N GLY E 28 42.97 -61.37 47.93
CA GLY E 28 42.71 -60.04 48.43
C GLY E 28 42.26 -59.03 47.40
N ASP E 29 42.24 -59.43 46.14
CA ASP E 29 41.58 -58.65 45.10
C ASP E 29 40.09 -58.95 45.00
N LYS E 30 39.54 -59.70 45.97
CA LYS E 30 38.12 -60.01 46.03
C LYS E 30 37.58 -59.73 47.44
N TYR E 31 36.40 -59.10 47.47
CA TYR E 31 35.55 -59.07 48.65
C TYR E 31 35.12 -60.47 49.05
N ALA E 32 35.41 -60.80 50.30
CA ALA E 32 35.11 -62.10 50.88
C ALA E 32 34.12 -61.89 52.03
N CYS E 33 33.00 -62.57 51.97
CA CYS E 33 32.04 -62.53 53.07
C CYS E 33 32.33 -63.66 54.05
N TRP E 34 31.76 -63.53 55.24
CA TRP E 34 31.97 -64.47 56.33
C TRP E 34 30.62 -64.80 56.94
N TYR E 35 30.45 -66.09 57.31
CA TYR E 35 29.14 -66.67 57.53
C TYR E 35 29.16 -67.51 58.80
N GLN E 36 28.21 -67.22 59.68
CA GLN E 36 27.82 -68.12 60.75
C GLN E 36 26.77 -69.10 60.25
N GLN E 37 26.79 -70.32 60.78
CA GLN E 37 25.66 -71.24 60.77
C GLN E 37 25.83 -72.21 61.92
N ARG E 38 24.99 -72.10 62.94
CA ARG E 38 25.03 -73.05 64.04
C ARG E 38 24.31 -74.33 63.65
N PRO E 39 24.64 -75.45 64.30
CA PRO E 39 23.98 -76.73 63.99
C PRO E 39 22.47 -76.63 64.01
N GLY E 40 21.84 -77.10 62.94
CA GLY E 40 20.40 -77.14 62.88
C GLY E 40 19.72 -75.82 62.65
N GLN E 41 20.44 -74.80 62.17
CA GLN E 41 19.87 -73.49 61.94
C GLN E 41 20.28 -72.97 60.57
N SER E 42 19.43 -72.11 60.01
CA SER E 42 19.86 -71.33 58.88
C SER E 42 21.01 -70.41 59.29
N PRO E 43 21.96 -70.17 58.41
CA PRO E 43 23.13 -69.40 58.81
C PRO E 43 22.78 -67.92 59.02
N VAL E 44 23.78 -67.11 59.39
CA VAL E 44 23.64 -65.65 59.48
C VAL E 44 24.95 -65.01 59.06
N LEU E 45 24.87 -63.80 58.49
CA LEU E 45 26.05 -63.05 58.08
C LEU E 45 26.81 -62.65 59.32
N VAL E 46 28.13 -62.53 59.21
CA VAL E 46 28.89 -61.81 60.21
C VAL E 46 29.86 -60.79 59.62
N ILE E 47 30.34 -60.96 58.38
CA ILE E 47 31.25 -60.02 57.75
C ILE E 47 30.89 -59.93 56.28
N TYR E 48 30.98 -58.73 55.69
CA TYR E 48 30.94 -58.57 54.25
C TYR E 48 31.90 -57.45 53.87
N GLN E 49 32.34 -57.48 52.61
CA GLN E 49 33.32 -56.52 52.08
C GLN E 49 34.60 -56.51 52.91
N ASP E 50 34.84 -57.62 53.61
CA ASP E 50 36.10 -57.90 54.31
C ASP E 50 36.30 -57.09 55.58
N SER E 51 35.48 -56.05 55.78
CA SER E 51 35.53 -55.29 57.02
C SER E 51 34.15 -54.94 57.54
N LYS E 52 33.10 -54.99 56.73
CA LYS E 52 31.81 -54.61 57.22
C LYS E 52 31.09 -55.84 57.76
N ARG E 53 30.42 -55.62 58.73
CA ARG E 53 29.53 -55.98 59.81
C ARG E 53 28.16 -55.35 59.61
N PRO E 54 27.15 -56.14 59.29
CA PRO E 54 25.79 -55.61 59.24
C PRO E 54 25.35 -55.14 60.62
N SER E 55 24.25 -54.40 60.63
CA SER E 55 23.72 -53.87 61.90
C SER E 55 23.23 -55.02 62.76
N GLY E 56 23.48 -54.91 64.06
CA GLY E 56 23.21 -55.99 64.98
C GLY E 56 24.36 -56.94 65.18
N ILE E 57 25.41 -56.81 64.40
CA ILE E 57 26.59 -57.66 64.48
C ILE E 57 27.52 -57.07 65.52
N PRO E 58 27.88 -57.83 66.54
CA PRO E 58 28.72 -57.27 67.61
C PRO E 58 30.12 -56.96 67.12
N GLU E 59 30.76 -56.00 67.79
CA GLU E 59 32.01 -55.42 67.32
C GLU E 59 33.19 -56.39 67.41
N ARG E 60 33.01 -57.52 68.07
CA ARG E 60 34.04 -58.52 68.29
C ARG E 60 34.39 -59.25 67.01
N PHE E 61 33.43 -59.28 66.07
CA PHE E 61 33.49 -60.07 64.85
C PHE E 61 34.37 -59.30 63.89
N SER E 62 35.67 -59.40 64.12
CA SER E 62 36.67 -58.57 63.46
C SER E 62 37.35 -59.37 62.38
N GLY E 63 37.52 -58.75 61.21
CA GLY E 63 38.16 -59.40 60.09
C GLY E 63 38.64 -58.41 59.05
N SER E 64 39.60 -58.86 58.24
CA SER E 64 40.08 -58.08 57.12
C SER E 64 40.71 -59.03 56.10
N ASN E 65 40.96 -58.50 54.90
CA ASN E 65 41.52 -59.30 53.80
C ASN E 65 42.58 -58.50 53.05
N SER E 66 43.71 -59.14 52.79
CA SER E 66 44.70 -58.61 51.85
C SER E 66 45.70 -59.71 51.58
N GLY E 67 46.13 -59.82 50.32
CA GLY E 67 47.02 -60.89 49.92
C GLY E 67 46.34 -62.18 49.48
N ASN E 68 46.75 -63.33 50.04
CA ASN E 68 46.21 -64.63 49.61
C ASN E 68 45.47 -65.36 50.73
N THR E 69 45.16 -64.68 51.85
CA THR E 69 44.36 -65.26 52.93
C THR E 69 43.49 -64.16 53.52
N ALA E 70 42.26 -64.50 53.92
CA ALA E 70 41.33 -63.56 54.55
C ALA E 70 40.94 -64.11 55.91
N THR E 71 40.97 -63.26 56.94
CA THR E 71 40.93 -63.71 58.33
C THR E 71 39.66 -63.25 59.04
N LEU E 72 39.25 -64.06 60.01
CA LEU E 72 38.15 -63.76 60.92
C LEU E 72 38.64 -63.86 62.36
N THR E 73 38.38 -62.82 63.14
CA THR E 73 38.79 -62.78 64.54
C THR E 73 37.57 -62.49 65.42
N ILE E 74 37.37 -63.31 66.44
CA ILE E 74 36.37 -63.05 67.47
C ILE E 74 37.17 -62.77 68.74
N GLY E 75 37.25 -61.50 69.13
CA GLY E 75 37.82 -61.15 70.41
C GLY E 75 36.79 -61.33 71.52
N GLY E 76 37.25 -61.80 72.67
CA GLY E 76 36.36 -62.09 73.78
C GLY E 76 35.35 -63.19 73.48
N THR E 77 35.84 -64.36 73.08
CA THR E 77 34.96 -65.46 72.70
C THR E 77 34.10 -65.89 73.88
N GLN E 78 32.88 -66.32 73.59
CA GLN E 78 31.94 -66.77 74.61
C GLN E 78 31.22 -68.02 74.15
N ALA E 79 30.28 -68.47 75.00
CA ALA E 79 29.59 -69.73 74.77
C ALA E 79 28.65 -69.64 73.58
N MET E 80 28.20 -68.43 73.24
CA MET E 80 27.36 -68.20 72.10
C MET E 80 27.99 -68.62 70.79
N ASP E 81 29.32 -68.62 70.71
CA ASP E 81 30.09 -68.58 69.47
C ASP E 81 30.17 -69.92 68.75
N GLU E 82 29.93 -71.05 69.43
CA GLU E 82 30.23 -72.35 68.85
C GLU E 82 29.41 -72.60 67.59
N ALA E 83 30.05 -72.55 66.43
CA ALA E 83 29.31 -72.56 65.17
C ALA E 83 30.25 -72.90 64.02
N ALA E 84 29.64 -73.15 62.86
CA ALA E 84 30.38 -73.30 61.61
C ALA E 84 30.53 -71.94 60.93
N TYR E 85 31.71 -71.70 60.37
CA TYR E 85 32.03 -70.43 59.73
C TYR E 85 32.50 -70.70 58.31
N PHE E 86 31.89 -70.01 57.35
CA PHE E 86 32.13 -70.27 55.93
C PHE E 86 32.72 -69.03 55.27
N CYS E 87 33.85 -69.22 54.60
CA CYS E 87 34.39 -68.19 53.72
C CYS E 87 33.62 -68.16 52.40
N GLN E 88 33.43 -66.96 51.87
CA GLN E 88 32.73 -66.80 50.60
C GLN E 88 33.43 -65.77 49.75
N ALA E 89 33.24 -65.88 48.44
CA ALA E 89 33.77 -64.92 47.48
C ALA E 89 33.00 -65.09 46.18
N TRP E 90 33.24 -64.19 45.24
CA TRP E 90 32.66 -64.25 43.92
C TRP E 90 33.78 -64.33 42.87
N ASP E 91 33.63 -65.26 41.93
CA ASP E 91 34.59 -65.41 40.84
C ASP E 91 33.83 -65.31 39.52
N SER E 92 34.00 -64.18 38.83
CA SER E 92 33.36 -63.95 37.52
C SER E 92 31.89 -64.36 37.57
N ASN E 93 31.23 -63.93 38.62
CA ASN E 93 29.85 -64.27 38.93
C ASN E 93 29.64 -65.77 39.08
N THR E 94 30.50 -66.40 39.89
CA THR E 94 30.27 -67.73 40.44
C THR E 94 30.53 -67.63 41.94
N GLY E 95 29.47 -67.72 42.72
CA GLY E 95 29.62 -67.72 44.16
C GLY E 95 30.44 -68.91 44.62
N VAL E 96 31.49 -68.64 45.39
CA VAL E 96 32.40 -69.68 45.84
C VAL E 96 32.41 -69.73 47.36
N PHE E 97 32.09 -70.90 47.91
CA PHE E 97 32.06 -71.13 49.35
C PHE E 97 33.27 -71.94 49.79
N GLY E 98 33.76 -71.64 50.99
CA GLY E 98 34.84 -72.38 51.58
C GLY E 98 34.37 -73.68 52.21
N GLY E 99 35.36 -74.47 52.64
CA GLY E 99 35.04 -75.70 53.33
C GLY E 99 34.30 -75.45 54.63
N GLY E 100 34.77 -74.50 55.43
CA GLY E 100 34.07 -74.14 56.64
C GLY E 100 34.75 -74.63 57.91
N THR E 101 35.34 -73.71 58.67
CA THR E 101 35.97 -74.02 59.94
C THR E 101 34.88 -74.12 61.00
N LYS E 102 35.26 -74.63 62.14
CA LYS E 102 34.36 -75.30 63.01
C LYS E 102 34.64 -74.84 64.43
N LEU E 103 33.73 -74.08 65.07
CA LEU E 103 34.03 -73.70 66.46
C LEU E 103 33.75 -74.83 67.43
N THR E 104 34.51 -74.79 68.54
CA THR E 104 34.39 -75.66 69.71
C THR E 104 34.69 -74.78 70.92
N VAL E 105 33.65 -74.18 71.50
CA VAL E 105 33.82 -73.35 72.68
C VAL E 105 34.00 -74.32 73.83
N LEU E 106 35.25 -74.49 74.27
CA LEU E 106 35.57 -75.41 75.34
C LEU E 106 34.93 -74.97 76.65
N VAL F 2 -78.61 -5.51 -13.73
CA VAL F 2 -78.44 -6.86 -14.25
C VAL F 2 -79.83 -7.47 -14.46
N GLN F 3 -79.93 -8.50 -15.28
CA GLN F 3 -81.17 -9.23 -15.49
C GLN F 3 -80.91 -10.70 -15.21
N LEU F 4 -81.76 -11.31 -14.39
CA LEU F 4 -81.52 -12.68 -13.95
C LEU F 4 -82.67 -13.54 -14.47
N VAL F 5 -82.36 -14.77 -14.86
CA VAL F 5 -83.40 -15.68 -15.34
C VAL F 5 -83.27 -16.99 -14.57
N GLU F 6 -84.37 -17.46 -13.98
CA GLU F 6 -84.35 -18.73 -13.28
C GLU F 6 -84.78 -19.88 -14.20
N SER F 7 -84.29 -21.08 -13.87
CA SER F 7 -84.63 -22.27 -14.65
C SER F 7 -84.32 -23.49 -13.80
N GLY F 8 -84.78 -24.65 -14.28
CA GLY F 8 -84.54 -25.91 -13.61
C GLY F 8 -85.65 -26.37 -12.69
N GLY F 9 -86.73 -25.59 -12.54
CA GLY F 9 -87.83 -25.96 -11.68
C GLY F 9 -88.84 -26.80 -12.43
N GLY F 10 -89.20 -27.94 -11.84
CA GLY F 10 -90.13 -28.85 -12.48
C GLY F 10 -90.75 -29.78 -11.46
N LEU F 11 -91.62 -30.65 -11.98
CA LEU F 11 -92.33 -31.59 -11.13
C LEU F 11 -91.41 -32.71 -10.66
N VAL F 12 -91.48 -33.01 -9.37
CA VAL F 12 -90.71 -34.11 -8.80
C VAL F 12 -91.44 -34.61 -7.57
N LYS F 13 -91.29 -35.91 -7.29
CA LYS F 13 -91.94 -36.51 -6.13
C LYS F 13 -91.17 -36.16 -4.86
N PRO F 14 -91.85 -36.11 -3.71
CA PRO F 14 -91.16 -35.78 -2.46
C PRO F 14 -90.05 -36.78 -2.16
N GLY F 15 -88.94 -36.26 -1.65
CA GLY F 15 -87.75 -37.04 -1.43
C GLY F 15 -86.78 -37.06 -2.60
N GLY F 16 -87.13 -36.45 -3.72
CA GLY F 16 -86.30 -36.47 -4.91
C GLY F 16 -85.16 -35.47 -4.83
N SER F 17 -84.83 -34.92 -6.00
CA SER F 17 -83.79 -33.91 -6.11
C SER F 17 -84.01 -33.07 -7.36
N LEU F 18 -83.35 -31.92 -7.38
CA LEU F 18 -83.43 -30.94 -8.45
C LEU F 18 -82.26 -29.99 -8.30
N ARG F 19 -82.09 -29.08 -9.26
CA ARG F 19 -81.03 -28.09 -9.19
C ARG F 19 -81.52 -26.83 -9.90
N LEU F 20 -81.78 -25.78 -9.14
CA LEU F 20 -82.24 -24.54 -9.75
C LEU F 20 -81.08 -23.78 -10.39
N SER F 21 -81.42 -22.91 -11.34
CA SER F 21 -80.43 -22.18 -12.10
C SER F 21 -80.82 -20.72 -12.11
N CYS F 22 -79.83 -19.84 -12.23
CA CYS F 22 -80.05 -18.40 -12.23
C CYS F 22 -78.87 -17.73 -12.93
N ALA F 23 -79.06 -17.40 -14.21
CA ALA F 23 -78.01 -16.77 -15.01
C ALA F 23 -78.15 -15.26 -15.01
N ALA F 24 -77.02 -14.57 -15.10
CA ALA F 24 -76.99 -13.11 -15.04
C ALA F 24 -76.89 -12.49 -16.42
N SER F 25 -76.97 -11.15 -16.47
CA SER F 25 -77.00 -10.45 -17.75
C SER F 25 -75.63 -9.88 -18.11
N GLU F 26 -75.07 -9.01 -17.27
CA GLU F 26 -73.72 -8.52 -17.50
C GLU F 26 -72.83 -8.90 -16.32
N PHE F 27 -71.52 -8.79 -16.53
CA PHE F 27 -70.51 -9.30 -15.60
C PHE F 27 -70.56 -8.64 -14.23
N THR F 28 -71.46 -7.68 -14.01
CA THR F 28 -71.69 -7.13 -12.67
C THR F 28 -72.33 -8.15 -11.73
N PHE F 29 -72.54 -9.39 -12.20
CA PHE F 29 -72.95 -10.47 -11.32
C PHE F 29 -72.06 -10.60 -10.08
N SER F 30 -70.74 -10.48 -10.24
CA SER F 30 -69.84 -10.73 -9.14
C SER F 30 -70.06 -9.76 -7.98
N SER F 31 -70.43 -8.51 -8.27
CA SER F 31 -70.62 -7.49 -7.26
C SER F 31 -71.93 -7.64 -6.50
N TYR F 32 -72.61 -8.77 -6.66
CA TYR F 32 -73.92 -8.99 -6.07
C TYR F 32 -73.93 -10.25 -5.22
N SER F 33 -74.28 -10.09 -3.95
CA SER F 33 -74.72 -11.22 -3.15
C SER F 33 -76.12 -11.64 -3.57
N MET F 34 -76.29 -12.94 -3.79
CA MET F 34 -77.56 -13.49 -4.23
C MET F 34 -78.31 -14.09 -3.05
N ASN F 35 -79.62 -14.24 -3.26
CA ASN F 35 -80.54 -14.78 -2.28
C ASN F 35 -81.62 -15.54 -3.02
N TRP F 36 -82.03 -16.67 -2.47
CA TRP F 36 -83.18 -17.41 -2.96
C TRP F 36 -84.34 -17.17 -2.01
N VAL F 37 -85.53 -16.98 -2.56
CA VAL F 37 -86.77 -16.84 -1.80
C VAL F 37 -87.89 -17.55 -2.57
N ARG F 38 -88.74 -18.28 -1.85
CA ARG F 38 -89.84 -18.99 -2.47
C ARG F 38 -91.07 -18.11 -2.53
N GLN F 39 -92.06 -18.57 -3.29
CA GLN F 39 -93.47 -18.19 -3.13
C GLN F 39 -94.33 -19.44 -3.09
N ALA F 40 -94.77 -19.81 -1.90
CA ALA F 40 -95.84 -20.78 -1.79
C ALA F 40 -97.04 -20.24 -2.57
N PRO F 41 -97.77 -21.11 -3.28
CA PRO F 41 -98.72 -20.62 -4.30
C PRO F 41 -99.73 -19.61 -3.79
N GLY F 42 -99.92 -19.47 -2.48
CA GLY F 42 -100.83 -18.46 -1.97
C GLY F 42 -100.31 -17.78 -0.71
N LYS F 43 -98.99 -17.76 -0.53
CA LYS F 43 -98.40 -17.21 0.68
C LYS F 43 -97.37 -16.13 0.34
N GLY F 44 -96.79 -15.52 1.38
CA GLY F 44 -95.93 -14.38 1.22
C GLY F 44 -94.48 -14.77 1.00
N LEU F 45 -93.65 -13.72 0.84
CA LEU F 45 -92.22 -13.90 0.64
C LEU F 45 -91.69 -14.52 1.92
N GLU F 46 -90.80 -15.52 1.82
CA GLU F 46 -90.28 -16.10 3.07
C GLU F 46 -88.91 -16.70 2.72
N TRP F 47 -87.86 -16.16 3.35
CA TRP F 47 -86.50 -16.25 2.84
C TRP F 47 -85.99 -17.69 2.83
N VAL F 48 -85.19 -18.03 1.82
CA VAL F 48 -84.59 -19.36 1.70
C VAL F 48 -83.14 -19.38 2.20
N SER F 49 -82.24 -18.65 1.53
CA SER F 49 -80.84 -18.72 1.91
C SER F 49 -80.06 -17.60 1.22
N SER F 50 -78.81 -17.43 1.64
CA SER F 50 -77.98 -16.35 1.14
C SER F 50 -76.53 -16.79 0.99
N ILE F 51 -75.82 -16.09 0.11
CA ILE F 51 -74.48 -16.40 -0.35
C ILE F 51 -73.84 -15.12 -0.87
N SER F 52 -72.59 -14.86 -0.47
CA SER F 52 -71.97 -13.56 -0.67
C SER F 52 -71.26 -13.46 -2.03
N SER F 53 -70.66 -12.30 -2.30
CA SER F 53 -70.00 -12.08 -3.58
C SER F 53 -68.83 -13.03 -3.77
N SER F 54 -68.03 -13.22 -2.73
CA SER F 54 -66.93 -14.17 -2.77
C SER F 54 -67.40 -15.60 -2.57
N GLY F 55 -68.63 -15.78 -2.12
CA GLY F 55 -69.13 -17.09 -1.84
C GLY F 55 -68.63 -17.70 -0.55
N SER F 56 -68.23 -16.88 0.42
CA SER F 56 -67.55 -17.36 1.61
C SER F 56 -68.39 -17.27 2.88
N GLN F 57 -69.53 -16.56 2.84
CA GLN F 57 -70.64 -16.80 3.77
C GLN F 57 -71.61 -17.70 3.01
N ILE F 58 -72.17 -18.73 3.66
CA ILE F 58 -73.37 -19.38 3.15
C ILE F 58 -74.33 -19.56 4.32
N TYR F 59 -75.53 -18.99 4.19
CA TYR F 59 -76.50 -18.97 5.27
C TYR F 59 -77.85 -19.43 4.73
N TYR F 60 -78.43 -20.44 5.38
CA TYR F 60 -79.70 -21.01 4.96
C TYR F 60 -80.78 -20.68 5.98
N ALA F 61 -82.04 -20.86 5.57
CA ALA F 61 -83.13 -20.79 6.54
C ALA F 61 -83.16 -22.07 7.38
N ASP F 62 -83.78 -21.98 8.55
CA ASP F 62 -83.85 -23.13 9.45
C ASP F 62 -84.65 -24.29 8.85
N SER F 63 -85.75 -23.99 8.18
CA SER F 63 -86.59 -25.02 7.58
C SER F 63 -85.88 -25.79 6.48
N VAL F 64 -84.71 -25.31 6.05
CA VAL F 64 -84.03 -25.83 4.87
C VAL F 64 -82.58 -26.21 5.15
N LYS F 65 -82.11 -26.08 6.39
CA LYS F 65 -80.72 -26.42 6.69
C LYS F 65 -80.45 -27.89 6.38
N GLY F 66 -79.25 -28.18 5.90
CA GLY F 66 -78.86 -29.56 5.68
C GLY F 66 -79.51 -30.23 4.49
N ARG F 67 -80.48 -29.56 3.87
CA ARG F 67 -80.96 -29.96 2.55
C ARG F 67 -80.19 -29.24 1.46
N PHE F 68 -80.13 -27.92 1.53
CA PHE F 68 -79.76 -27.11 0.38
C PHE F 68 -78.30 -26.69 0.48
N THR F 69 -77.64 -26.67 -0.68
CA THR F 69 -76.27 -26.19 -0.81
C THR F 69 -76.27 -25.19 -1.95
N ILE F 70 -76.13 -23.93 -1.64
CA ILE F 70 -76.08 -22.92 -2.68
C ILE F 70 -74.64 -22.76 -3.12
N SER F 71 -74.46 -22.79 -4.42
CA SER F 71 -73.13 -22.60 -4.98
C SER F 71 -73.23 -21.52 -6.02
N ARG F 72 -72.10 -20.84 -6.20
CA ARG F 72 -71.98 -19.68 -7.07
C ARG F 72 -70.66 -19.77 -7.85
N ASP F 73 -70.78 -19.55 -9.17
CA ASP F 73 -69.61 -19.50 -10.04
C ASP F 73 -69.67 -18.23 -10.89
N ASN F 74 -68.83 -17.26 -10.52
CA ASN F 74 -68.72 -15.97 -11.17
C ASN F 74 -68.17 -16.07 -12.58
N ALA F 75 -67.27 -17.03 -12.82
CA ALA F 75 -66.73 -17.24 -14.16
C ALA F 75 -67.81 -17.61 -15.16
N LYS F 76 -68.61 -18.62 -14.84
CA LYS F 76 -69.81 -18.92 -15.61
C LYS F 76 -70.96 -18.01 -15.23
N LYS F 77 -70.81 -17.22 -14.16
CA LYS F 77 -71.59 -16.02 -13.97
C LYS F 77 -73.06 -16.37 -13.75
N SER F 78 -73.26 -17.33 -12.84
CA SER F 78 -74.58 -17.89 -12.57
C SER F 78 -74.67 -18.34 -11.12
N LEU F 79 -75.90 -18.59 -10.68
CA LEU F 79 -76.19 -19.00 -9.32
C LEU F 79 -76.92 -20.34 -9.33
N TYR F 80 -76.57 -21.22 -8.40
CA TYR F 80 -77.14 -22.55 -8.34
C TYR F 80 -77.68 -22.82 -6.94
N LEU F 81 -78.73 -23.65 -6.90
CA LEU F 81 -79.35 -24.10 -5.66
C LEU F 81 -79.57 -25.60 -5.72
N GLN F 82 -79.05 -26.32 -4.73
CA GLN F 82 -79.29 -27.75 -4.58
C GLN F 82 -80.71 -27.98 -4.11
N MET F 83 -81.35 -29.02 -4.67
CA MET F 83 -82.56 -29.65 -4.14
C MET F 83 -82.14 -31.00 -3.62
N ASN F 84 -82.79 -31.40 -2.53
CA ASN F 84 -82.43 -32.57 -1.76
C ASN F 84 -83.70 -33.01 -1.02
N SER F 85 -83.85 -34.30 -0.73
CA SER F 85 -84.72 -34.79 0.36
C SER F 85 -86.00 -33.97 0.59
N LEU F 86 -86.90 -33.95 -0.39
CA LEU F 86 -87.96 -32.94 -0.42
C LEU F 86 -89.06 -33.14 0.64
N ARG F 87 -89.37 -32.06 1.38
CA ARG F 87 -90.72 -31.69 1.84
C ARG F 87 -91.73 -31.91 0.72
N VAL F 88 -93.03 -31.82 1.04
CA VAL F 88 -94.00 -31.42 0.02
C VAL F 88 -94.13 -29.89 -0.06
N GLU F 89 -94.12 -29.20 1.07
CA GLU F 89 -94.22 -27.75 1.03
C GLU F 89 -92.94 -27.05 0.61
N ASP F 90 -92.00 -27.75 -0.04
CA ASP F 90 -91.01 -27.08 -0.88
C ASP F 90 -91.61 -26.59 -2.19
N THR F 91 -92.84 -26.98 -2.50
CA THR F 91 -93.48 -26.52 -3.74
C THR F 91 -93.69 -25.01 -3.68
N ALA F 92 -93.22 -24.32 -4.71
CA ALA F 92 -93.25 -22.86 -4.72
C ALA F 92 -92.70 -22.38 -6.05
N VAL F 93 -92.82 -21.09 -6.27
CA VAL F 93 -92.01 -20.38 -7.27
C VAL F 93 -90.78 -19.81 -6.58
N TYR F 94 -89.61 -20.04 -7.18
CA TYR F 94 -88.35 -19.68 -6.55
C TYR F 94 -87.74 -18.46 -7.24
N TYR F 95 -87.34 -17.49 -6.42
CA TYR F 95 -86.78 -16.23 -6.90
C TYR F 95 -85.30 -16.16 -6.53
N CYS F 96 -84.47 -15.74 -7.49
CA CYS F 96 -83.07 -15.43 -7.22
C CYS F 96 -82.90 -13.92 -7.24
N ALA F 97 -82.37 -13.37 -6.15
CA ALA F 97 -82.48 -11.94 -5.84
C ALA F 97 -81.14 -11.34 -5.43
N THR F 98 -80.84 -10.15 -5.97
CA THR F 98 -79.54 -9.49 -5.80
C THR F 98 -79.60 -8.60 -4.57
N ASN F 99 -78.62 -8.74 -3.68
CA ASN F 99 -78.56 -7.82 -2.54
C ASN F 99 -77.71 -6.60 -2.87
N GLY F 100 -76.48 -6.81 -3.33
CA GLY F 100 -75.59 -5.71 -3.60
C GLY F 100 -74.52 -5.54 -2.54
N GLY F 101 -74.82 -5.99 -1.32
CA GLY F 101 -73.79 -6.06 -0.30
C GLY F 101 -72.79 -7.16 -0.62
N ALA F 102 -71.61 -7.07 0.00
CA ALA F 102 -70.55 -8.02 -0.32
C ALA F 102 -70.40 -9.14 0.70
N HIS F 103 -70.56 -8.83 1.99
CA HIS F 103 -70.26 -9.80 3.04
C HIS F 103 -71.41 -9.83 4.04
N SER F 104 -71.16 -10.55 5.14
CA SER F 104 -72.16 -10.74 6.18
C SER F 104 -72.67 -9.43 6.72
N SER F 105 -71.78 -8.46 6.87
CA SER F 105 -72.06 -7.29 7.69
C SER F 105 -72.75 -6.19 6.93
N THR F 106 -72.96 -6.34 5.63
CA THR F 106 -73.53 -5.27 4.83
C THR F 106 -74.86 -5.64 4.21
N TRP F 107 -75.34 -6.86 4.43
CA TRP F 107 -76.61 -7.29 3.84
C TRP F 107 -77.78 -6.51 4.44
N SER F 108 -77.60 -6.00 5.66
CA SER F 108 -78.65 -5.23 6.32
C SER F 108 -78.76 -3.81 5.78
N PHE F 109 -77.80 -3.34 4.99
CA PHE F 109 -77.80 -1.96 4.52
C PHE F 109 -78.46 -1.80 3.16
N TYR F 110 -78.69 -2.88 2.43
CA TYR F 110 -79.29 -2.80 1.11
C TYR F 110 -80.59 -3.56 1.05
N GLY F 111 -81.36 -3.24 0.02
CA GLY F 111 -82.50 -4.02 -0.37
C GLY F 111 -82.10 -5.02 -1.43
N MET F 112 -82.90 -6.08 -1.52
CA MET F 112 -82.72 -7.21 -2.40
C MET F 112 -83.17 -6.78 -3.79
N ASP F 113 -82.31 -6.23 -4.64
CA ASP F 113 -82.97 -5.27 -5.52
C ASP F 113 -83.08 -5.69 -7.00
N VAL F 114 -82.28 -6.62 -7.52
CA VAL F 114 -82.53 -7.17 -8.86
C VAL F 114 -82.99 -8.62 -8.75
N TRP F 115 -84.03 -8.94 -9.53
CA TRP F 115 -84.96 -10.05 -9.34
C TRP F 115 -85.33 -10.72 -10.65
N GLY F 116 -84.87 -11.94 -10.84
CA GLY F 116 -85.27 -12.71 -12.00
C GLY F 116 -86.69 -13.23 -11.86
N GLN F 117 -87.36 -13.39 -13.00
CA GLN F 117 -88.69 -14.00 -13.02
C GLN F 117 -88.58 -15.46 -12.58
N GLY F 118 -89.30 -15.80 -11.52
CA GLY F 118 -89.04 -17.04 -10.82
C GLY F 118 -89.41 -18.28 -11.61
N THR F 119 -88.92 -19.40 -11.09
CA THR F 119 -89.20 -20.73 -11.63
C THR F 119 -90.08 -21.48 -10.64
N THR F 120 -91.10 -22.17 -11.16
CA THR F 120 -92.07 -22.86 -10.33
C THR F 120 -91.59 -24.29 -10.07
N VAL F 121 -91.54 -24.67 -8.79
CA VAL F 121 -91.23 -26.04 -8.40
C VAL F 121 -92.48 -26.63 -7.76
N THR F 122 -92.97 -27.73 -8.31
CA THR F 122 -94.11 -28.45 -7.78
C THR F 122 -93.65 -29.81 -7.27
N VAL F 123 -94.03 -30.14 -6.04
CA VAL F 123 -93.56 -31.34 -5.37
C VAL F 123 -94.80 -32.17 -5.04
N SER F 124 -95.11 -33.14 -5.90
CA SER F 124 -96.31 -33.94 -5.71
C SER F 124 -96.00 -35.41 -5.99
N SER F 125 -96.71 -36.29 -5.29
CA SER F 125 -96.57 -37.72 -5.49
C SER F 125 -97.24 -38.16 -6.78
N TYR G 2 -87.21 -14.55 14.84
CA TYR G 2 -87.65 -13.17 14.82
C TYR G 2 -88.96 -13.05 14.04
N GLU G 3 -89.81 -12.11 14.43
CA GLU G 3 -91.15 -12.00 13.88
C GLU G 3 -91.41 -10.59 13.36
N LEU G 4 -92.19 -10.51 12.28
CA LEU G 4 -92.69 -9.26 11.77
C LEU G 4 -94.21 -9.37 11.64
N THR G 5 -94.93 -8.47 12.31
CA THR G 5 -96.38 -8.54 12.37
C THR G 5 -96.95 -7.41 11.51
N GLN G 6 -97.79 -7.77 10.55
CA GLN G 6 -98.39 -6.82 9.63
C GLN G 6 -99.89 -7.05 9.57
N PRO G 7 -100.68 -5.98 9.45
CA PRO G 7 -102.13 -6.14 9.32
C PRO G 7 -102.45 -6.92 8.05
N PRO G 8 -103.42 -7.84 8.12
CA PRO G 8 -103.74 -8.64 6.92
C PRO G 8 -104.07 -7.82 5.69
N SER G 9 -104.87 -6.76 5.84
CA SER G 9 -105.31 -5.98 4.69
C SER G 9 -105.58 -4.55 5.10
N VAL G 10 -105.36 -3.63 4.15
CA VAL G 10 -105.69 -2.22 4.31
C VAL G 10 -106.42 -1.76 3.06
N SER G 11 -107.48 -0.97 3.24
CA SER G 11 -108.29 -0.49 2.13
C SER G 11 -108.36 1.03 2.17
N VAL G 12 -107.99 1.66 1.06
CA VAL G 12 -108.06 3.12 0.92
C VAL G 12 -108.65 3.43 -0.44
N SER G 13 -109.53 4.43 -0.47
CA SER G 13 -110.10 4.89 -1.73
C SER G 13 -109.03 5.62 -2.55
N PRO G 14 -109.09 5.53 -3.88
CA PRO G 14 -108.08 6.20 -4.71
C PRO G 14 -108.08 7.70 -4.49
N GLY G 15 -106.88 8.29 -4.52
CA GLY G 15 -106.69 9.67 -4.17
C GLY G 15 -106.45 9.93 -2.70
N GLN G 16 -106.61 8.92 -1.84
CA GLN G 16 -106.45 9.08 -0.40
C GLN G 16 -105.02 8.75 0.03
N THR G 17 -104.84 8.57 1.35
CA THR G 17 -103.55 8.30 1.95
C THR G 17 -103.54 6.92 2.60
N ALA G 18 -102.62 6.07 2.18
CA ALA G 18 -102.45 4.74 2.73
C ALA G 18 -101.46 4.78 3.89
N THR G 19 -101.62 3.84 4.83
CA THR G 19 -100.73 3.77 5.98
C THR G 19 -100.60 2.32 6.39
N ILE G 20 -99.37 1.86 6.64
CA ILE G 20 -99.03 0.45 6.80
C ILE G 20 -97.90 0.33 7.81
N THR G 21 -98.09 -0.50 8.83
CA THR G 21 -97.11 -0.65 9.89
C THR G 21 -96.44 -2.02 9.84
N CYS G 22 -95.50 -2.23 10.76
CA CYS G 22 -94.73 -3.46 10.90
C CYS G 22 -94.26 -3.56 12.35
N SER G 23 -94.89 -4.41 13.14
CA SER G 23 -94.63 -4.48 14.57
C SER G 23 -93.85 -5.75 14.90
N GLY G 24 -93.21 -5.73 16.07
CA GLY G 24 -92.31 -6.78 16.50
C GLY G 24 -91.37 -6.21 17.53
N ASP G 25 -90.38 -7.01 17.91
CA ASP G 25 -89.55 -6.71 19.08
C ASP G 25 -88.47 -5.69 18.73
N LYS G 26 -88.37 -4.63 19.55
CA LYS G 26 -87.25 -3.68 19.54
C LYS G 26 -86.80 -3.31 18.13
N LEU G 27 -87.79 -3.03 17.27
CA LEU G 27 -87.57 -3.06 15.82
C LEU G 27 -86.65 -1.94 15.33
N GLY G 28 -86.86 -0.72 15.83
CA GLY G 28 -86.21 0.47 15.29
C GLY G 28 -84.71 0.50 15.39
N ASP G 29 -84.12 -0.49 16.05
CA ASP G 29 -82.68 -0.71 15.98
C ASP G 29 -82.29 -1.54 14.77
N LYS G 30 -83.20 -1.77 13.84
CA LYS G 30 -82.93 -2.50 12.60
C LYS G 30 -83.48 -1.73 11.41
N TYR G 31 -82.66 -1.67 10.35
CA TYR G 31 -83.10 -1.32 9.01
C TYR G 31 -84.13 -2.30 8.50
N ALA G 32 -85.28 -1.77 8.11
CA ALA G 32 -86.41 -2.53 7.61
C ALA G 32 -86.67 -2.12 6.17
N CYS G 33 -86.66 -3.08 5.26
CA CYS G 33 -87.02 -2.80 3.88
C CYS G 33 -88.51 -3.01 3.66
N TRP G 34 -89.00 -2.47 2.55
CA TRP G 34 -90.41 -2.50 2.22
C TRP G 34 -90.54 -2.93 0.76
N TYR G 35 -91.57 -3.74 0.48
CA TYR G 35 -91.62 -4.55 -0.73
C TYR G 35 -93.01 -4.48 -1.34
N GLN G 36 -93.05 -4.13 -2.61
CA GLN G 36 -94.20 -4.37 -3.46
C GLN G 36 -94.13 -5.76 -4.05
N GLN G 37 -95.30 -6.38 -4.26
CA GLN G 37 -95.47 -7.51 -5.18
C GLN G 37 -96.94 -7.54 -5.58
N ARG G 38 -97.24 -7.21 -6.84
CA ARG G 38 -98.60 -7.31 -7.33
C ARG G 38 -98.91 -8.75 -7.70
N PRO G 39 -100.20 -9.11 -7.70
CA PRO G 39 -100.60 -10.49 -8.04
C PRO G 39 -100.00 -10.95 -9.35
N GLY G 40 -99.37 -12.13 -9.31
CA GLY G 40 -98.82 -12.73 -10.52
C GLY G 40 -97.55 -12.10 -11.04
N GLN G 41 -96.83 -11.35 -10.22
CA GLN G 41 -95.61 -10.68 -10.64
C GLN G 41 -94.52 -10.88 -9.61
N SER G 42 -93.28 -10.85 -10.08
CA SER G 42 -92.17 -10.73 -9.16
C SER G 42 -92.27 -9.39 -8.44
N PRO G 43 -91.87 -9.33 -7.17
CA PRO G 43 -92.06 -8.11 -6.41
C PRO G 43 -91.10 -7.01 -6.88
N VAL G 44 -91.18 -5.83 -6.25
CA VAL G 44 -90.22 -4.74 -6.49
C VAL G 44 -90.01 -4.00 -5.18
N LEU G 45 -88.80 -3.42 -5.01
CA LEU G 45 -88.47 -2.65 -3.82
C LEU G 45 -89.30 -1.39 -3.82
N VAL G 46 -89.64 -0.88 -2.64
CA VAL G 46 -90.11 0.49 -2.53
C VAL G 46 -89.39 1.28 -1.45
N ILE G 47 -88.87 0.66 -0.40
CA ILE G 47 -88.17 1.36 0.68
C ILE G 47 -87.00 0.48 1.12
N TYR G 48 -85.87 1.11 1.45
CA TYR G 48 -84.79 0.42 2.16
C TYR G 48 -84.16 1.41 3.13
N GLN G 49 -83.50 0.87 4.15
CA GLN G 49 -82.88 1.66 5.22
C GLN G 49 -83.89 2.58 5.89
N ASP G 50 -85.17 2.23 5.78
CA ASP G 50 -86.28 2.85 6.50
C ASP G 50 -86.66 4.23 5.98
N SER G 51 -85.81 4.83 5.14
CA SER G 51 -86.14 6.10 4.50
C SER G 51 -85.74 6.13 3.05
N LYS G 52 -84.87 5.27 2.57
CA LYS G 52 -84.47 5.34 1.19
C LYS G 52 -85.37 4.46 0.35
N ARG G 53 -85.63 4.90 -0.73
CA ARG G 53 -86.24 4.89 -2.04
C ARG G 53 -85.19 4.76 -3.13
N PRO G 54 -85.13 3.61 -3.80
CA PRO G 54 -84.26 3.49 -4.96
C PRO G 54 -84.70 4.44 -6.07
N SER G 55 -83.82 4.60 -7.05
CA SER G 55 -84.12 5.49 -8.17
C SER G 55 -85.26 4.90 -8.99
N GLY G 56 -86.14 5.80 -9.45
CA GLY G 56 -87.36 5.39 -10.11
C GLY G 56 -88.53 5.20 -9.19
N ILE G 57 -88.30 5.26 -7.89
CA ILE G 57 -89.35 5.10 -6.89
C ILE G 57 -89.99 6.45 -6.65
N PRO G 58 -91.30 6.57 -6.83
CA PRO G 58 -91.93 7.87 -6.70
C PRO G 58 -91.93 8.37 -5.25
N GLU G 59 -91.97 9.69 -5.10
CA GLU G 59 -91.74 10.33 -3.81
C GLU G 59 -92.86 10.08 -2.81
N ARG G 60 -93.97 9.52 -3.26
CA ARG G 60 -95.16 9.26 -2.45
C ARG G 60 -94.91 8.15 -1.46
N PHE G 61 -93.97 7.26 -1.79
CA PHE G 61 -93.70 6.02 -1.08
C PHE G 61 -92.88 6.38 0.15
N SER G 62 -93.58 6.93 1.14
CA SER G 62 -92.96 7.56 2.29
C SER G 62 -93.03 6.61 3.47
N GLY G 63 -91.91 6.50 4.20
CA GLY G 63 -91.83 5.64 5.34
C GLY G 63 -90.67 6.00 6.25
N SER G 64 -90.79 5.57 7.51
CA SER G 64 -89.70 5.71 8.47
C SER G 64 -89.87 4.68 9.57
N ASN G 65 -88.83 4.51 10.40
CA ASN G 65 -88.84 3.52 11.46
C ASN G 65 -88.21 4.11 12.72
N SER G 66 -88.87 3.90 13.85
CA SER G 66 -88.25 4.14 15.17
C SER G 66 -89.17 3.53 16.21
N GLY G 67 -88.56 2.92 17.23
CA GLY G 67 -89.34 2.22 18.25
C GLY G 67 -89.64 0.77 17.94
N ASN G 68 -90.91 0.34 18.06
CA ASN G 68 -91.29 -1.05 17.87
C ASN G 68 -92.23 -1.27 16.69
N THR G 69 -92.42 -0.26 15.83
CA THR G 69 -93.21 -0.39 14.61
C THR G 69 -92.56 0.43 13.50
N ALA G 70 -92.61 -0.06 12.26
CA ALA G 70 -92.07 0.66 11.11
C ALA G 70 -93.19 0.84 10.09
N THR G 71 -93.31 2.05 9.54
CA THR G 71 -94.50 2.45 8.82
C THR G 71 -94.21 2.72 7.34
N LEU G 72 -95.23 2.50 6.52
CA LEU G 72 -95.24 2.81 5.10
C LEU G 72 -96.43 3.70 4.78
N THR G 73 -96.17 4.82 4.12
CA THR G 73 -97.21 5.76 3.73
C THR G 73 -97.15 6.01 2.23
N ILE G 74 -98.29 5.87 1.56
CA ILE G 74 -98.44 6.26 0.17
C ILE G 74 -99.39 7.46 0.19
N GLY G 75 -98.83 8.66 -0.01
CA GLY G 75 -99.66 9.84 -0.20
C GLY G 75 -100.13 9.92 -1.64
N GLY G 76 -101.38 10.36 -1.82
CA GLY G 76 -101.97 10.42 -3.15
C GLY G 76 -102.12 9.06 -3.80
N THR G 77 -102.81 8.14 -3.12
CA THR G 77 -102.95 6.79 -3.63
C THR G 77 -103.71 6.78 -4.96
N GLN G 78 -103.34 5.85 -5.84
CA GLN G 78 -103.97 5.73 -7.15
C GLN G 78 -104.23 4.27 -7.47
N ALA G 79 -104.74 4.05 -8.69
CA ALA G 79 -105.16 2.72 -9.12
C ALA G 79 -103.98 1.80 -9.31
N MET G 80 -102.80 2.36 -9.57
CA MET G 80 -101.57 1.60 -9.71
C MET G 80 -101.22 0.79 -8.47
N ASP G 81 -101.66 1.25 -7.30
CA ASP G 81 -101.11 0.88 -6.01
C ASP G 81 -101.53 -0.50 -5.50
N GLU G 82 -102.62 -1.06 -6.01
CA GLU G 82 -103.21 -2.25 -5.39
C GLU G 82 -102.24 -3.42 -5.44
N ALA G 83 -101.68 -3.79 -4.29
CA ALA G 83 -100.59 -4.75 -4.26
C ALA G 83 -100.39 -5.29 -2.87
N ALA G 84 -99.57 -6.34 -2.77
CA ALA G 84 -99.11 -6.84 -1.50
C ALA G 84 -97.82 -6.14 -1.07
N TYR G 85 -97.74 -5.83 0.22
CA TYR G 85 -96.60 -5.10 0.77
C TYR G 85 -96.00 -5.91 1.92
N PHE G 86 -94.69 -6.15 1.86
CA PHE G 86 -94.01 -7.03 2.81
C PHE G 86 -92.98 -6.24 3.60
N CYS G 87 -93.07 -6.33 4.92
CA CYS G 87 -92.01 -5.84 5.79
C CYS G 87 -90.85 -6.82 5.80
N GLN G 88 -89.63 -6.27 5.87
CA GLN G 88 -88.43 -7.11 5.91
C GLN G 88 -87.45 -6.53 6.92
N ALA G 89 -86.59 -7.41 7.45
CA ALA G 89 -85.53 -7.01 8.35
C ALA G 89 -84.49 -8.13 8.36
N TRP G 90 -83.37 -7.87 9.01
CA TRP G 90 -82.33 -8.86 9.22
C TRP G 90 -82.09 -9.08 10.70
N ASP G 91 -82.03 -10.34 11.11
CA ASP G 91 -81.77 -10.71 12.49
C ASP G 91 -80.55 -11.63 12.52
N SER G 92 -79.41 -11.10 12.98
CA SER G 92 -78.17 -11.86 13.10
C SER G 92 -77.92 -12.68 11.84
N ASN G 93 -78.10 -12.03 10.70
CA ASN G 93 -78.03 -12.62 9.37
C ASN G 93 -79.04 -13.76 9.18
N THR G 94 -80.29 -13.47 9.53
CA THR G 94 -81.45 -14.25 9.10
C THR G 94 -82.46 -13.27 8.56
N GLY G 95 -82.65 -13.30 7.24
CA GLY G 95 -83.65 -12.45 6.63
C GLY G 95 -85.04 -12.81 7.14
N VAL G 96 -85.75 -11.79 7.63
CA VAL G 96 -87.06 -11.99 8.23
C VAL G 96 -88.11 -11.20 7.45
N PHE G 97 -89.12 -11.90 6.93
CA PHE G 97 -90.22 -11.29 6.18
C PHE G 97 -91.48 -11.22 7.03
N GLY G 98 -92.24 -10.16 6.81
CA GLY G 98 -93.52 -9.99 7.47
C GLY G 98 -94.62 -10.80 6.80
N GLY G 99 -95.78 -10.80 7.45
CA GLY G 99 -96.93 -11.46 6.88
C GLY G 99 -97.35 -10.85 5.56
N GLY G 100 -97.43 -9.52 5.51
CA GLY G 100 -97.74 -8.84 4.28
C GLY G 100 -99.15 -8.27 4.22
N THR G 101 -99.25 -6.95 4.29
CA THR G 101 -100.53 -6.25 4.18
C THR G 101 -100.90 -6.16 2.71
N LYS G 102 -102.12 -5.78 2.48
CA LYS G 102 -102.80 -6.13 1.27
C LYS G 102 -103.54 -4.90 0.76
N LEU G 103 -103.13 -4.32 -0.39
CA LEU G 103 -103.91 -3.18 -0.86
C LEU G 103 -105.19 -3.60 -1.55
N THR G 104 -106.17 -2.68 -1.47
CA THR G 104 -107.46 -2.74 -2.14
C THR G 104 -107.80 -1.31 -2.55
N VAL G 105 -107.41 -0.92 -3.76
CA VAL G 105 -107.70 0.41 -4.26
C VAL G 105 -109.18 0.37 -4.66
N LEU G 106 -110.02 0.95 -3.82
CA LEU G 106 -111.46 0.95 -4.05
C LEU G 106 -111.81 1.77 -5.29
N VAL H 2 29.36 -34.05 -68.63
CA VAL H 2 28.77 -35.32 -68.24
C VAL H 2 28.90 -36.28 -69.43
N GLN H 3 28.81 -37.57 -69.18
CA GLN H 3 28.81 -38.58 -70.23
C GLN H 3 27.57 -39.44 -70.08
N LEU H 4 26.83 -39.63 -71.17
CA LEU H 4 25.56 -40.31 -71.11
C LEU H 4 25.67 -41.58 -71.94
N VAL H 5 25.04 -42.66 -71.49
CA VAL H 5 25.04 -43.91 -72.25
C VAL H 5 23.60 -44.38 -72.41
N GLU H 6 23.19 -44.67 -73.64
CA GLU H 6 21.86 -45.19 -73.87
C GLU H 6 21.85 -46.72 -73.89
N SER H 7 20.69 -47.28 -73.55
CA SER H 7 20.53 -48.73 -73.54
C SER H 7 19.03 -49.05 -73.57
N GLY H 8 18.73 -50.33 -73.78
CA GLY H 8 17.36 -50.79 -73.82
C GLY H 8 16.73 -50.87 -75.19
N GLY H 9 17.46 -50.49 -76.24
CA GLY H 9 16.92 -50.54 -77.58
C GLY H 9 17.17 -51.90 -78.21
N GLY H 10 16.10 -52.49 -78.75
CA GLY H 10 16.19 -53.80 -79.35
C GLY H 10 15.05 -54.06 -80.31
N LEU H 11 15.06 -55.26 -80.88
CA LEU H 11 14.06 -55.63 -81.87
C LEU H 11 12.73 -55.93 -81.18
N VAL H 12 11.65 -55.40 -81.74
CA VAL H 12 10.31 -55.66 -81.24
C VAL H 12 9.33 -55.48 -82.38
N LYS H 13 8.23 -56.23 -82.34
CA LYS H 13 7.22 -56.15 -83.37
C LYS H 13 6.35 -54.91 -83.17
N PRO H 14 5.79 -54.36 -84.25
CA PRO H 14 4.95 -53.16 -84.11
C PRO H 14 3.77 -53.42 -83.19
N GLY H 15 3.46 -52.42 -82.37
CA GLY H 15 2.44 -52.55 -81.34
C GLY H 15 2.95 -53.01 -80.00
N GLY H 16 4.24 -53.35 -79.89
CA GLY H 16 4.81 -53.85 -78.67
C GLY H 16 5.10 -52.75 -77.66
N SER H 17 6.18 -52.95 -76.91
CA SER H 17 6.63 -51.99 -75.91
C SER H 17 8.12 -52.18 -75.64
N LEU H 18 8.71 -51.16 -75.05
CA LEU H 18 10.13 -51.10 -74.73
C LEU H 18 10.32 -49.97 -73.71
N ARG H 19 11.54 -49.84 -73.20
CA ARG H 19 11.87 -48.77 -72.27
C ARG H 19 13.33 -48.41 -72.46
N LEU H 20 13.58 -47.22 -73.02
CA LEU H 20 14.95 -46.80 -73.23
C LEU H 20 15.57 -46.30 -71.92
N SER H 21 16.90 -46.33 -71.88
CA SER H 21 17.64 -45.98 -70.67
C SER H 21 18.73 -44.99 -71.06
N CYS H 22 19.13 -44.15 -70.11
CA CYS H 22 20.15 -43.13 -70.34
C CYS H 22 20.74 -42.75 -68.98
N ALA H 23 21.90 -43.32 -68.67
CA ALA H 23 22.57 -43.06 -67.39
C ALA H 23 23.62 -41.97 -67.54
N ALA H 24 23.82 -41.19 -66.48
CA ALA H 24 24.74 -40.07 -66.50
C ALA H 24 26.08 -40.42 -65.88
N SER H 25 27.03 -39.47 -65.97
CA SER H 25 28.39 -39.74 -65.50
C SER H 25 28.63 -39.17 -64.11
N GLU H 26 28.47 -37.86 -63.93
CA GLU H 26 28.59 -37.26 -62.60
C GLU H 26 27.26 -36.59 -62.25
N PHE H 27 27.10 -36.27 -60.96
CA PHE H 27 25.84 -35.81 -60.39
C PHE H 27 25.35 -34.49 -60.97
N THR H 28 26.09 -33.89 -61.90
CA THR H 28 25.59 -32.74 -62.65
C THR H 28 24.45 -33.10 -63.59
N PHE H 29 24.00 -34.36 -63.58
CA PHE H 29 22.78 -34.75 -64.28
C PHE H 29 21.61 -33.84 -63.94
N SER H 30 21.43 -33.50 -62.67
CA SER H 30 20.24 -32.75 -62.26
C SER H 30 20.16 -31.40 -62.94
N SER H 31 21.28 -30.75 -63.18
CA SER H 31 21.32 -29.41 -63.77
C SER H 31 21.06 -29.42 -65.27
N TYR H 32 20.62 -30.55 -65.82
CA TYR H 32 20.43 -30.71 -67.25
C TYR H 32 19.00 -31.12 -67.57
N SER H 33 18.33 -30.32 -68.38
CA SER H 33 17.15 -30.80 -69.09
C SER H 33 17.56 -31.75 -70.21
N MET H 34 16.89 -32.90 -70.26
CA MET H 34 17.19 -33.93 -71.25
C MET H 34 16.19 -33.86 -72.39
N ASN H 35 16.60 -34.46 -73.51
CA ASN H 35 15.82 -34.51 -74.73
C ASN H 35 16.14 -35.83 -75.43
N TRP H 36 15.11 -36.45 -75.99
CA TRP H 36 15.29 -37.60 -76.85
C TRP H 36 15.11 -37.15 -78.29
N VAL H 37 15.96 -37.68 -79.18
CA VAL H 37 15.87 -37.46 -80.62
C VAL H 37 16.25 -38.74 -81.33
N ARG H 38 15.51 -39.09 -82.39
CA ARG H 38 15.77 -40.29 -83.15
C ARG H 38 16.75 -40.00 -84.27
N GLN H 39 17.24 -41.08 -84.89
CA GLN H 39 17.78 -41.08 -86.25
C GLN H 39 17.16 -42.23 -87.04
N ALA H 40 16.21 -41.89 -87.91
CA ALA H 40 15.81 -42.84 -88.92
C ALA H 40 17.04 -43.23 -89.72
N PRO H 41 17.15 -44.51 -90.10
CA PRO H 41 18.45 -45.02 -90.58
C PRO H 41 19.06 -44.23 -91.73
N GLY H 42 18.30 -43.38 -92.41
CA GLY H 42 18.87 -42.57 -93.46
C GLY H 42 18.31 -41.17 -93.49
N LYS H 43 17.82 -40.67 -92.36
CA LYS H 43 17.18 -39.36 -92.29
C LYS H 43 17.86 -38.49 -91.23
N GLY H 44 17.37 -37.26 -91.11
CA GLY H 44 18.01 -36.27 -90.26
C GLY H 44 17.49 -36.28 -88.84
N LEU H 45 18.07 -35.39 -88.03
CA LEU H 45 17.68 -35.25 -86.64
C LEU H 45 16.23 -34.78 -86.64
N GLU H 46 15.39 -35.35 -85.77
CA GLU H 46 13.99 -34.88 -85.76
C GLU H 46 13.44 -35.17 -84.36
N TRP H 47 13.08 -34.11 -83.65
CA TRP H 47 12.98 -34.12 -82.19
C TRP H 47 11.90 -35.06 -81.70
N VAL H 48 12.14 -35.70 -80.56
CA VAL H 48 11.16 -36.61 -79.93
C VAL H 48 10.40 -35.92 -78.80
N SER H 49 11.09 -35.54 -77.73
CA SER H 49 10.39 -34.99 -76.58
C SER H 49 11.39 -34.36 -75.62
N SER H 50 10.86 -33.63 -74.64
CA SER H 50 11.70 -32.91 -73.69
C SER H 50 11.09 -32.93 -72.29
N ILE H 51 11.97 -32.75 -71.30
CA ILE H 51 11.70 -32.90 -69.89
C ILE H 51 12.74 -32.08 -69.11
N SER H 52 12.28 -31.31 -68.12
CA SER H 52 13.11 -30.29 -67.49
C SER H 52 13.91 -30.86 -66.32
N SER H 53 14.71 -30.00 -65.67
CA SER H 53 15.56 -30.44 -64.57
C SER H 53 14.72 -30.93 -63.39
N SER H 54 13.64 -30.22 -63.07
CA SER H 54 12.73 -30.66 -62.02
C SER H 54 11.78 -31.73 -62.51
N GLY H 55 11.69 -31.92 -63.82
CA GLY H 55 10.76 -32.88 -64.37
C GLY H 55 9.32 -32.41 -64.39
N SER H 56 9.09 -31.10 -64.42
CA SER H 56 7.76 -30.54 -64.25
C SER H 56 7.17 -29.93 -65.53
N GLN H 57 7.99 -29.74 -66.58
CA GLN H 57 7.51 -29.65 -67.95
C GLN H 57 7.71 -31.05 -68.54
N ILE H 58 6.73 -31.57 -69.28
CA ILE H 58 6.98 -32.70 -70.18
C ILE H 58 6.34 -32.37 -71.52
N TYR H 59 7.14 -32.35 -72.57
CA TYR H 59 6.67 -31.95 -73.90
C TYR H 59 7.13 -32.98 -74.93
N TYR H 60 6.17 -33.49 -75.69
CA TYR H 60 6.44 -34.53 -76.69
C TYR H 60 6.25 -33.95 -78.09
N ALA H 61 6.77 -34.67 -79.09
CA ALA H 61 6.46 -34.33 -80.46
C ALA H 61 5.04 -34.78 -80.81
N ASP H 62 4.46 -34.16 -81.84
CA ASP H 62 3.10 -34.50 -82.23
C ASP H 62 2.96 -35.94 -82.72
N SER H 63 3.93 -36.43 -83.47
CA SER H 63 3.90 -37.79 -83.99
C SER H 63 3.94 -38.84 -82.90
N VAL H 64 4.23 -38.43 -81.66
CA VAL H 64 4.49 -39.35 -80.57
C VAL H 64 3.66 -39.07 -79.33
N LYS H 65 2.74 -38.09 -79.38
CA LYS H 65 1.93 -37.78 -78.21
C LYS H 65 1.08 -38.99 -77.83
N GLY H 66 0.88 -39.18 -76.53
CA GLY H 66 0.00 -40.24 -76.07
C GLY H 66 0.57 -41.62 -76.19
N ARG H 67 1.71 -41.78 -76.85
CA ARG H 67 2.50 -43.00 -76.77
C ARG H 67 3.51 -42.92 -75.64
N PHE H 68 4.33 -41.88 -75.64
CA PHE H 68 5.55 -41.87 -74.86
C PHE H 68 5.35 -41.11 -73.56
N THR H 69 5.99 -41.61 -72.51
CA THR H 69 6.00 -40.97 -71.20
C THR H 69 7.46 -40.92 -70.77
N ILE H 70 8.04 -39.74 -70.78
CA ILE H 70 9.42 -39.62 -70.35
C ILE H 70 9.41 -39.37 -68.85
N SER H 71 10.25 -40.14 -68.17
CA SER H 71 10.39 -39.97 -66.74
C SER H 71 11.86 -39.84 -66.44
N ARG H 72 12.11 -39.13 -65.34
CA ARG H 72 13.45 -38.76 -64.90
C ARG H 72 13.57 -38.94 -63.38
N ASP H 73 14.66 -39.60 -62.98
CA ASP H 73 14.96 -39.79 -61.56
C ASP H 73 16.40 -39.37 -61.31
N ASN H 74 16.56 -38.20 -60.70
CA ASN H 74 17.84 -37.60 -60.36
C ASN H 74 18.59 -38.39 -59.30
N ALA H 75 17.86 -39.01 -58.36
CA ALA H 75 18.51 -39.82 -57.34
C ALA H 75 19.24 -41.01 -57.94
N LYS H 76 18.57 -41.79 -58.78
CA LYS H 76 19.24 -42.81 -59.58
C LYS H 76 19.91 -42.20 -60.81
N LYS H 77 19.66 -40.93 -61.08
CA LYS H 77 20.55 -40.12 -61.90
C LYS H 77 20.57 -40.65 -63.35
N SER H 78 19.36 -40.86 -63.87
CA SER H 78 19.18 -41.48 -65.17
C SER H 78 17.90 -40.96 -65.81
N LEU H 79 17.77 -41.21 -67.11
CA LEU H 79 16.64 -40.77 -67.91
C LEU H 79 15.97 -41.97 -68.55
N TYR H 80 14.64 -41.95 -68.58
CA TYR H 80 13.87 -43.07 -69.11
C TYR H 80 12.89 -42.58 -70.16
N LEU H 81 12.59 -43.45 -71.12
CA LEU H 81 11.61 -43.20 -72.17
C LEU H 81 10.72 -44.42 -72.32
N GLN H 82 9.40 -44.20 -72.22
CA GLN H 82 8.42 -45.24 -72.46
C GLN H 82 8.34 -45.51 -73.97
N MET H 83 8.22 -46.79 -74.32
CA MET H 83 7.76 -47.27 -75.62
C MET H 83 6.39 -47.86 -75.42
N ASN H 84 5.56 -47.67 -76.44
CA ASN H 84 4.15 -47.98 -76.40
C ASN H 84 3.70 -48.19 -77.84
N SER H 85 2.68 -49.03 -78.07
CA SER H 85 1.84 -48.96 -79.28
C SER H 85 2.60 -48.55 -80.56
N LEU H 86 3.54 -49.38 -81.02
CA LEU H 86 4.53 -48.93 -82.01
C LEU H 86 3.97 -48.74 -83.42
N ARG H 87 4.27 -47.57 -84.02
CA ARG H 87 4.58 -47.38 -85.44
C ARG H 87 5.49 -48.50 -85.93
N VAL H 88 5.70 -48.59 -87.25
CA VAL H 88 6.94 -49.18 -87.76
C VAL H 88 8.05 -48.12 -87.86
N GLU H 89 7.73 -46.91 -88.31
CA GLU H 89 8.75 -45.88 -88.42
C GLU H 89 9.14 -45.25 -87.08
N ASP H 90 8.86 -45.93 -85.95
CA ASP H 90 9.61 -45.67 -84.73
C ASP H 90 11.00 -46.26 -84.76
N THR H 91 11.32 -47.09 -85.77
CA THR H 91 12.65 -47.67 -85.88
C THR H 91 13.67 -46.56 -86.13
N ALA H 92 14.72 -46.54 -85.30
CA ALA H 92 15.71 -45.48 -85.35
C ALA H 92 16.79 -45.78 -84.32
N VAL H 93 17.83 -44.97 -84.36
CA VAL H 93 18.77 -44.85 -83.26
C VAL H 93 18.32 -43.66 -82.40
N TYR H 94 18.26 -43.88 -81.08
CA TYR H 94 17.71 -42.88 -80.17
C TYR H 94 18.82 -42.22 -79.37
N TYR H 95 18.79 -40.90 -79.32
CA TYR H 95 19.79 -40.10 -78.65
C TYR H 95 19.18 -39.42 -77.43
N CYS H 96 19.88 -39.46 -76.31
CA CYS H 96 19.51 -38.69 -75.13
C CYS H 96 20.49 -37.52 -74.98
N ALA H 97 19.95 -36.31 -74.93
CA ALA H 97 20.71 -35.09 -75.18
C ALA H 97 20.45 -34.02 -74.11
N THR H 98 21.54 -33.38 -73.64
CA THR H 98 21.49 -32.44 -72.53
C THR H 98 21.26 -31.04 -73.06
N ASN H 99 20.27 -30.34 -72.52
CA ASN H 99 20.08 -28.95 -72.91
C ASN H 99 20.88 -28.00 -72.03
N GLY H 100 20.71 -28.11 -70.72
CA GLY H 100 21.39 -27.21 -69.80
C GLY H 100 20.45 -26.15 -69.24
N GLY H 101 19.40 -25.82 -69.99
CA GLY H 101 18.36 -24.98 -69.43
C GLY H 101 17.57 -25.71 -68.37
N ALA H 102 16.86 -24.96 -67.53
CA ALA H 102 16.16 -25.57 -66.41
C ALA H 102 14.67 -25.74 -66.66
N HIS H 103 14.02 -24.78 -67.31
CA HIS H 103 12.57 -24.77 -67.43
C HIS H 103 12.19 -24.50 -68.87
N SER H 104 10.88 -24.30 -69.06
CA SER H 104 10.30 -24.07 -70.39
C SER H 104 10.95 -22.91 -71.09
N SER H 105 11.25 -21.85 -70.35
CA SER H 105 11.53 -20.56 -70.95
C SER H 105 12.99 -20.38 -71.31
N THR H 106 13.85 -21.35 -70.98
CA THR H 106 15.27 -21.19 -71.22
C THR H 106 15.83 -22.21 -72.19
N TRP H 107 14.99 -23.11 -72.69
CA TRP H 107 15.47 -24.13 -73.63
C TRP H 107 15.91 -23.51 -74.94
N SER H 108 15.36 -22.34 -75.27
CA SER H 108 15.71 -21.65 -76.50
C SER H 108 17.05 -20.94 -76.42
N PHE H 109 17.64 -20.82 -75.24
CA PHE H 109 18.89 -20.08 -75.07
C PHE H 109 20.13 -20.96 -75.15
N TYR H 110 19.97 -22.27 -75.06
CA TYR H 110 21.11 -23.17 -75.10
C TYR H 110 21.01 -24.13 -76.27
N GLY H 111 22.15 -24.74 -76.56
CA GLY H 111 22.22 -25.86 -77.46
C GLY H 111 22.17 -27.15 -76.66
N MET H 112 21.76 -28.20 -77.35
CA MET H 112 21.56 -29.53 -76.81
C MET H 112 22.93 -30.18 -76.69
N ASP H 113 23.65 -30.06 -75.58
CA ASP H 113 25.08 -30.05 -75.85
C ASP H 113 25.86 -31.30 -75.38
N VAL H 114 25.37 -32.09 -74.42
CA VAL H 114 26.00 -33.38 -74.11
C VAL H 114 25.09 -34.52 -74.56
N TRP H 115 25.71 -35.52 -75.20
CA TRP H 115 25.10 -36.48 -76.12
C TRP H 115 25.66 -37.87 -75.93
N GLY H 116 24.84 -38.78 -75.41
CA GLY H 116 25.24 -40.17 -75.32
C GLY H 116 25.20 -40.85 -76.68
N GLN H 117 26.07 -41.85 -76.84
CA GLN H 117 26.05 -42.67 -78.04
C GLN H 117 24.75 -43.47 -78.10
N GLY H 118 23.99 -43.27 -79.16
CA GLY H 118 22.61 -43.70 -79.19
C GLY H 118 22.42 -45.20 -79.20
N THR H 119 21.18 -45.59 -78.93
CA THR H 119 20.75 -46.99 -78.96
C THR H 119 19.82 -47.19 -80.14
N THR H 120 20.01 -48.29 -80.85
CA THR H 120 19.24 -48.56 -82.07
C THR H 120 17.97 -49.34 -81.70
N VAL H 121 16.83 -48.84 -82.15
CA VAL H 121 15.56 -49.53 -81.99
C VAL H 121 15.08 -49.92 -83.39
N THR H 122 14.87 -51.22 -83.61
CA THR H 122 14.34 -51.73 -84.86
C THR H 122 12.95 -52.32 -84.61
N VAL H 123 11.99 -51.92 -85.44
CA VAL H 123 10.59 -52.27 -85.24
C VAL H 123 10.16 -53.03 -86.49
N SER H 124 10.19 -54.36 -86.44
CA SER H 124 9.87 -55.17 -87.60
C SER H 124 9.00 -56.35 -87.18
N SER H 125 8.14 -56.77 -88.09
CA SER H 125 7.27 -57.92 -87.87
C SER H 125 8.06 -59.22 -87.97
N TYR I 2 7.12 -25.20 -88.36
CA TYR I 2 8.21 -24.32 -88.73
C TYR I 2 9.25 -25.08 -89.56
N GLU I 3 9.90 -24.39 -90.49
CA GLU I 3 10.78 -25.02 -91.45
C GLU I 3 12.15 -24.38 -91.44
N LEU I 4 13.17 -25.19 -91.68
CA LEU I 4 14.53 -24.74 -91.89
C LEU I 4 15.03 -25.32 -93.20
N THR I 5 15.43 -24.45 -94.12
CA THR I 5 15.84 -24.88 -95.45
C THR I 5 17.35 -24.73 -95.58
N GLN I 6 18.01 -25.82 -95.93
CA GLN I 6 19.45 -25.86 -96.06
C GLN I 6 19.84 -26.48 -97.39
N PRO I 7 20.89 -25.99 -98.03
CA PRO I 7 21.35 -26.61 -99.28
C PRO I 7 21.75 -28.05 -99.04
N PRO I 8 21.42 -28.96 -99.96
CA PRO I 8 21.77 -30.38 -99.74
C PRO I 8 23.24 -30.61 -99.50
N SER I 9 24.13 -29.97 -100.26
CA SER I 9 25.56 -30.23 -100.14
C SER I 9 26.34 -28.99 -100.54
N VAL I 10 27.51 -28.85 -99.92
CA VAL I 10 28.47 -27.81 -100.26
C VAL I 10 29.85 -28.44 -100.37
N SER I 11 30.61 -28.05 -101.39
CA SER I 11 31.93 -28.60 -101.64
C SER I 11 32.96 -27.48 -101.69
N VAL I 12 34.00 -27.59 -100.86
CA VAL I 12 35.10 -26.63 -100.84
C VAL I 12 36.40 -27.40 -100.78
N SER I 13 37.39 -26.93 -101.54
CA SER I 13 38.72 -27.53 -101.50
C SER I 13 39.39 -27.19 -100.18
N PRO I 14 40.22 -28.09 -99.65
CA PRO I 14 40.91 -27.82 -98.37
C PRO I 14 41.77 -26.57 -98.44
N GLY I 15 41.79 -25.83 -97.34
CA GLY I 15 42.43 -24.54 -97.29
C GLY I 15 41.55 -23.38 -97.71
N GLN I 16 40.37 -23.64 -98.25
CA GLN I 16 39.47 -22.59 -98.72
C GLN I 16 38.49 -22.16 -97.63
N THR I 17 37.44 -21.44 -98.03
CA THR I 17 36.43 -20.90 -97.13
C THR I 17 35.07 -21.52 -97.43
N ALA I 18 34.48 -22.14 -96.42
CA ALA I 18 33.16 -22.74 -96.54
C ALA I 18 32.09 -21.71 -96.15
N THR I 19 30.89 -21.87 -96.72
CA THR I 19 29.79 -20.95 -96.42
C THR I 19 28.49 -21.74 -96.50
N ILE I 20 27.62 -21.58 -95.50
CA ILE I 20 26.45 -22.43 -95.29
C ILE I 20 25.33 -21.58 -94.71
N THR I 21 24.16 -21.61 -95.34
CA THR I 21 23.03 -20.79 -94.92
C THR I 21 21.92 -21.64 -94.31
N CYS I 22 20.86 -20.97 -93.87
CA CYS I 22 19.68 -21.57 -93.26
C CYS I 22 18.51 -20.61 -93.45
N SER I 23 17.62 -20.95 -94.39
CA SER I 23 16.54 -20.05 -94.77
C SER I 23 15.21 -20.55 -94.23
N GLY I 24 14.24 -19.64 -94.15
CA GLY I 24 12.95 -19.90 -93.55
C GLY I 24 12.35 -18.57 -93.14
N ASP I 25 11.23 -18.65 -92.43
CA ASP I 25 10.39 -17.48 -92.17
C ASP I 25 10.95 -16.63 -91.03
N LYS I 26 11.10 -15.32 -91.28
CA LYS I 26 11.38 -14.31 -90.25
C LYS I 26 12.42 -14.79 -89.23
N LEU I 27 13.50 -15.39 -89.75
CA LEU I 27 14.36 -16.23 -88.92
C LEU I 27 15.13 -15.44 -87.86
N GLY I 28 15.71 -14.30 -88.24
CA GLY I 28 16.66 -13.58 -87.41
C GLY I 28 16.11 -13.06 -86.10
N ASP I 29 14.82 -13.23 -85.87
CA ASP I 29 14.24 -13.03 -84.55
C ASP I 29 14.34 -14.28 -83.68
N LYS I 30 15.10 -15.28 -84.11
CA LYS I 30 15.34 -16.50 -83.35
C LYS I 30 16.83 -16.81 -83.30
N TYR I 31 17.29 -17.18 -82.11
CA TYR I 31 18.57 -17.87 -81.93
C TYR I 31 18.57 -19.22 -82.64
N ALA I 32 19.56 -19.37 -83.51
CA ALA I 32 19.74 -20.57 -84.31
C ALA I 32 21.06 -21.22 -83.92
N CYS I 33 21.01 -22.49 -83.54
CA CYS I 33 22.23 -23.23 -83.25
C CYS I 33 22.72 -23.93 -84.51
N TRP I 34 23.97 -24.36 -84.46
CA TRP I 34 24.63 -25.00 -85.59
C TRP I 34 25.35 -26.23 -85.08
N TYR I 35 25.33 -27.30 -85.90
CA TYR I 35 25.60 -28.65 -85.43
C TYR I 35 26.49 -29.37 -86.42
N GLN I 36 27.59 -29.90 -85.90
CA GLN I 36 28.37 -30.92 -86.58
C GLN I 36 27.80 -32.29 -86.27
N GLN I 37 27.89 -33.21 -87.25
CA GLN I 37 27.79 -34.65 -87.04
C GLN I 37 28.52 -35.34 -88.18
N ARG I 38 29.67 -35.96 -87.90
CA ARG I 38 30.37 -36.71 -88.92
C ARG I 38 29.74 -38.09 -89.07
N PRO I 39 29.92 -38.71 -90.23
CA PRO I 39 29.34 -40.05 -90.46
C PRO I 39 29.70 -41.03 -89.35
N GLY I 40 28.67 -41.69 -88.83
CA GLY I 40 28.88 -42.72 -87.83
C GLY I 40 29.23 -42.22 -86.45
N GLN I 41 28.97 -40.95 -86.14
CA GLN I 41 29.29 -40.39 -84.84
C GLN I 41 28.12 -39.59 -84.31
N SER I 42 28.05 -39.51 -82.98
CA SER I 42 27.15 -38.54 -82.38
C SER I 42 27.62 -37.14 -82.76
N PRO I 43 26.68 -36.21 -82.95
CA PRO I 43 27.07 -34.89 -83.44
C PRO I 43 27.81 -34.10 -82.34
N VAL I 44 28.22 -32.87 -82.66
CA VAL I 44 28.81 -31.94 -81.69
C VAL I 44 28.37 -30.52 -82.05
N LEU I 45 28.25 -29.66 -81.02
CA LEU I 45 27.87 -28.27 -81.23
C LEU I 45 29.01 -27.58 -81.95
N VAL I 46 28.68 -26.56 -82.76
CA VAL I 46 29.69 -25.62 -83.20
C VAL I 46 29.28 -24.16 -83.02
N ILE I 47 27.99 -23.83 -83.01
CA ILE I 47 27.52 -22.45 -82.83
C ILE I 47 26.25 -22.50 -81.99
N TYR I 48 26.10 -21.53 -81.10
CA TYR I 48 24.81 -21.29 -80.45
C TYR I 48 24.63 -19.78 -80.29
N GLN I 49 23.36 -19.37 -80.14
CA GLN I 49 23.00 -17.96 -80.03
C GLN I 49 23.52 -17.14 -81.22
N ASP I 50 23.77 -17.83 -82.32
CA ASP I 50 24.08 -17.25 -83.63
C ASP I 50 25.48 -16.66 -83.72
N SER I 51 26.16 -16.49 -82.59
CA SER I 51 27.55 -16.04 -82.58
C SER I 51 28.40 -16.81 -81.59
N LYS I 52 27.84 -17.49 -80.62
CA LYS I 52 28.67 -18.17 -79.67
C LYS I 52 28.92 -19.59 -80.12
N ARG I 53 30.02 -20.00 -79.87
CA ARG I 53 31.08 -20.98 -79.86
C ARG I 53 31.37 -21.46 -78.45
N PRO I 54 31.00 -22.70 -78.13
CA PRO I 54 31.40 -23.26 -76.84
C PRO I 54 32.92 -23.37 -76.74
N SER I 55 33.38 -23.60 -75.52
CA SER I 55 34.82 -23.73 -75.29
C SER I 55 35.35 -24.97 -75.97
N GLY I 56 36.53 -24.86 -76.55
CA GLY I 56 37.10 -25.90 -77.36
C GLY I 56 36.75 -25.81 -78.83
N ILE I 57 35.86 -24.90 -79.18
CA ILE I 57 35.43 -24.69 -80.57
C ILE I 57 36.41 -23.74 -81.23
N PRO I 58 37.03 -24.13 -82.32
CA PRO I 58 38.03 -23.26 -82.94
C PRO I 58 37.41 -22.01 -83.54
N GLU I 59 38.22 -20.96 -83.63
CA GLU I 59 37.73 -19.62 -83.97
C GLU I 59 37.27 -19.51 -85.42
N ARG I 60 37.54 -20.51 -86.24
CA ARG I 60 37.23 -20.53 -87.65
C ARG I 60 35.74 -20.68 -87.88
N PHE I 61 35.06 -21.27 -86.91
CA PHE I 61 33.65 -21.66 -86.99
C PHE I 61 32.83 -20.41 -86.78
N SER I 62 32.77 -19.60 -87.82
CA SER I 62 32.24 -18.26 -87.75
C SER I 62 30.83 -18.24 -88.34
N GLY I 63 29.92 -17.57 -87.64
CA GLY I 63 28.55 -17.47 -88.09
C GLY I 63 27.82 -16.32 -87.42
N SER I 64 26.73 -15.89 -88.08
CA SER I 64 25.84 -14.89 -87.52
C SER I 64 24.47 -15.03 -88.17
N ASN I 65 23.47 -14.35 -87.59
CA ASN I 65 22.10 -14.43 -88.07
C ASN I 65 21.46 -13.05 -88.03
N SER I 66 20.79 -12.68 -89.13
CA SER I 66 19.89 -11.53 -89.14
C SER I 66 19.09 -11.59 -90.42
N GLY I 67 17.80 -11.24 -90.34
CA GLY I 67 16.91 -11.35 -91.48
C GLY I 67 16.23 -12.69 -91.64
N ASN I 68 16.29 -13.29 -92.85
CA ASN I 68 15.59 -14.54 -93.12
C ASN I 68 16.54 -15.69 -93.48
N THR I 69 17.84 -15.54 -93.24
CA THR I 69 18.82 -16.60 -93.44
C THR I 69 19.90 -16.50 -92.36
N ALA I 70 20.39 -17.64 -91.87
CA ALA I 70 21.46 -17.66 -90.87
C ALA I 70 22.62 -18.47 -91.44
N THR I 71 23.84 -17.95 -91.30
CA THR I 71 24.98 -18.43 -92.05
C THR I 71 26.04 -19.06 -91.15
N LEU I 72 26.77 -20.03 -91.72
CA LEU I 72 27.92 -20.66 -91.09
C LEU I 72 29.12 -20.55 -92.02
N THR I 73 30.23 -20.06 -91.48
CA THR I 73 31.46 -19.89 -92.23
C THR I 73 32.60 -20.62 -91.54
N ILE I 74 33.32 -21.45 -92.27
CA ILE I 74 34.56 -22.06 -91.79
C ILE I 74 35.66 -21.43 -92.64
N GLY I 75 36.42 -20.52 -92.03
CA GLY I 75 37.61 -20.00 -92.68
C GLY I 75 38.78 -20.95 -92.47
N GLY I 76 39.61 -21.08 -93.51
CA GLY I 76 40.72 -22.03 -93.47
C GLY I 76 40.27 -23.48 -93.35
N THR I 77 39.44 -23.93 -94.28
CA THR I 77 38.90 -25.28 -94.21
C THR I 77 40.03 -26.32 -94.32
N GLN I 78 39.85 -27.43 -93.62
CA GLN I 78 40.84 -28.51 -93.62
C GLN I 78 40.15 -29.86 -93.74
N ALA I 79 40.97 -30.91 -93.67
CA ALA I 79 40.49 -32.28 -93.90
C ALA I 79 39.61 -32.74 -92.76
N MET I 80 39.76 -32.15 -91.58
CA MET I 80 38.94 -32.46 -90.42
C MET I 80 37.46 -32.18 -90.65
N ASP I 81 37.14 -31.25 -91.54
CA ASP I 81 35.87 -30.57 -91.61
C ASP I 81 34.74 -31.39 -92.23
N GLU I 82 35.05 -32.43 -93.01
CA GLU I 82 34.04 -33.10 -93.82
C GLU I 82 32.95 -33.71 -92.95
N ALA I 83 31.77 -33.11 -92.95
CA ALA I 83 30.73 -33.50 -91.99
C ALA I 83 29.38 -32.98 -92.43
N ALA I 84 28.35 -33.46 -91.75
CA ALA I 84 27.00 -32.93 -91.89
C ALA I 84 26.78 -31.79 -90.90
N TYR I 85 26.11 -30.74 -91.38
CA TYR I 85 25.86 -29.54 -90.58
C TYR I 85 24.36 -29.26 -90.55
N PHE I 86 23.81 -29.10 -89.34
CA PHE I 86 22.37 -28.97 -89.16
C PHE I 86 22.04 -27.62 -88.56
N CYS I 87 21.14 -26.89 -89.21
CA CYS I 87 20.55 -25.70 -88.63
C CYS I 87 19.50 -26.08 -87.60
N GLN I 88 19.42 -25.30 -86.53
CA GLN I 88 18.44 -25.54 -85.48
C GLN I 88 17.84 -24.23 -85.01
N ALA I 89 16.63 -24.31 -84.49
CA ALA I 89 15.95 -23.17 -83.91
C ALA I 89 14.84 -23.69 -83.01
N TRP I 90 14.22 -22.77 -82.27
CA TRP I 90 13.07 -23.09 -81.43
C TRP I 90 11.87 -22.26 -81.87
N ASP I 91 10.73 -22.94 -82.00
CA ASP I 91 9.47 -22.28 -82.38
C ASP I 91 8.44 -22.59 -81.31
N SER I 92 8.12 -21.60 -80.47
CA SER I 92 7.12 -21.74 -79.42
C SER I 92 7.30 -23.05 -78.66
N ASN I 93 8.56 -23.32 -78.32
CA ASN I 93 9.00 -24.55 -77.69
C ASN I 93 8.70 -25.78 -78.54
N THR I 94 9.08 -25.72 -79.82
CA THR I 94 9.20 -26.88 -80.68
C THR I 94 10.56 -26.78 -81.35
N GLY I 95 11.47 -27.66 -80.95
CA GLY I 95 12.77 -27.70 -81.57
C GLY I 95 12.66 -28.03 -83.05
N VAL I 96 13.25 -27.19 -83.88
CA VAL I 96 13.16 -27.35 -85.33
C VAL I 96 14.55 -27.53 -85.92
N PHE I 97 14.75 -28.65 -86.62
CA PHE I 97 16.01 -28.97 -87.27
C PHE I 97 15.92 -28.75 -88.78
N GLY I 98 17.04 -28.32 -89.35
CA GLY I 98 17.13 -28.15 -90.78
C GLY I 98 17.39 -29.47 -91.50
N GLY I 99 17.34 -29.39 -92.82
CA GLY I 99 17.64 -30.57 -93.63
C GLY I 99 19.07 -31.04 -93.43
N GLY I 100 20.03 -30.11 -93.45
CA GLY I 100 21.41 -30.45 -93.19
C GLY I 100 22.29 -30.48 -94.42
N THR I 101 23.17 -29.48 -94.53
CA THR I 101 24.13 -29.40 -95.61
C THR I 101 25.28 -30.33 -95.31
N LYS I 102 26.11 -30.54 -96.31
CA LYS I 102 26.88 -31.74 -96.41
C LYS I 102 28.29 -31.36 -96.82
N LEU I 103 29.30 -31.52 -95.97
CA LEU I 103 30.65 -31.18 -96.43
C LEU I 103 31.24 -32.28 -97.30
N THR I 104 32.13 -31.83 -98.20
CA THR I 104 32.96 -32.65 -99.08
C THR I 104 34.31 -31.94 -99.18
N VAL I 105 35.24 -32.30 -98.29
CA VAL I 105 36.56 -31.71 -98.32
C VAL I 105 37.29 -32.39 -99.48
N LEU I 106 37.40 -31.69 -100.60
CA LEU I 106 38.03 -32.24 -101.79
C LEU I 106 39.51 -32.49 -101.56
#